data_4M8N
#
_entry.id   4M8N
#
_cell.length_a   76.276
_cell.length_b   84.734
_cell.length_c   138.752
_cell.angle_alpha   91.09
_cell.angle_beta   95.15
_cell.angle_gamma   90.32
#
_symmetry.space_group_name_H-M   'P 1'
#
loop_
_entity.id
_entity.type
_entity.pdbx_description
1 polymer 'PlexinC1 Intracellular Region'
2 polymer 'Ras-related protein Rap-1b'
3 non-polymer 'MAGNESIUM ION'
4 non-polymer "GUANOSINE-5'-DIPHOSPHATE"
5 non-polymer 'ALUMINUM FLUORIDE'
6 water water
#
loop_
_entity_poly.entity_id
_entity_poly.type
_entity_poly.pdbx_seq_one_letter_code
_entity_poly.pdbx_strand_id
1 'polypeptide(L)'
;GGSSQKQMSKKMNDQLELMESNIRRDIRQGFVDLQTEKSDLIDNVGAIPFLDYKHFASRIFFPEAGTLTAVMIRDIGEDS
EQTTVDEKCLAFAELIRDKQFLSCFVHALEEQKNFSIKDKCTVASLLTLALHGDLLYLTEIMEDLLQSLMDQSSNANPKL
LLRRTESIVEKLLTNWMSICLYGFLRESVGQPLFLLVSALTQQISKGPVDSVTEKALYTLSEDWLLCQAQDFEPLKLKVV
FAVGTGEEISESLEVIALTCDTIQQVKEKILQTFQRKFGFRYTQQIRDIEIEYEKEGKFVMLQEVDDTSEIRGHVTMLNT
LKHYQVGDGACIKVITPKIHAPLKTQNSVKDDKNFSIKYFHLVDPDIDTDLSNHPEKKALKIKEMYLIKLLSTKVAVHSF
VENLFKSIWGLPNNKAPLAVKYFFDFLDEQAERKKITDPDVLHIWKTNSLPLRFWVNILKNPDFVFSDMEKSPHLDGCLS
VIAQAFMDSFSLTDTHLDKHSPTNKLLYGKDIPQYKQEVKSYYKLVKDQTSISSQELKTFLQEESKKHQNEFNESAALRE
LYKYMQRYFTEIFQKLEQTDAPSNLKENMHRVKELFDNM
;
A,B,C,D
2 'polypeptide(L)'
;GPHMREYKLVVLGSGGVGKSALTVQFVQGIFVEKYDPTIEDSYRKQVEVDAQQCMLEILDTAGTEQFTAMRDLYMKNGQG
FALVYSITAQSTFNDLQDLREQILRVKDTDDVPMILVGNKCDLEDERVVGKEQGQNLARQWNNCAFLESSAKSKINVNEI
FYDLVRQINSGGSGSGSSGGSGSGGGSGSGSSGLPETGG
;
E,F,G,H
#
# COMPACT_ATOMS: atom_id res chain seq x y z
N LYS A 6 -32.05 -21.91 -46.24
CA LYS A 6 -31.95 -21.62 -44.82
C LYS A 6 -30.49 -21.49 -44.38
N GLN A 7 -29.59 -21.96 -45.23
CA GLN A 7 -28.16 -21.94 -44.91
C GLN A 7 -27.57 -20.53 -44.96
N MET A 8 -28.16 -19.66 -45.78
CA MET A 8 -27.68 -18.29 -45.92
C MET A 8 -28.01 -17.45 -44.69
N SER A 9 -29.07 -17.83 -43.99
CA SER A 9 -29.52 -17.11 -42.80
C SER A 9 -28.44 -17.09 -41.72
N LYS A 10 -27.70 -18.18 -41.61
CA LYS A 10 -26.60 -18.29 -40.65
C LYS A 10 -25.54 -17.24 -40.94
N LYS A 11 -25.03 -17.24 -42.16
CA LYS A 11 -24.01 -16.29 -42.59
C LYS A 11 -24.48 -14.86 -42.43
N MET A 12 -25.75 -14.61 -42.77
CA MET A 12 -26.32 -13.26 -42.65
C MET A 12 -26.34 -12.80 -41.19
N ASN A 13 -26.87 -13.65 -40.32
CA ASN A 13 -26.94 -13.35 -38.90
C ASN A 13 -25.56 -13.10 -38.29
N ASP A 14 -24.63 -14.00 -38.59
CA ASP A 14 -23.25 -13.86 -38.09
C ASP A 14 -22.63 -12.56 -38.57
N GLN A 15 -22.82 -12.26 -39.85
CA GLN A 15 -22.30 -11.04 -40.45
C GLN A 15 -22.82 -9.81 -39.72
N LEU A 16 -24.14 -9.70 -39.63
CA LEU A 16 -24.76 -8.56 -38.97
C LEU A 16 -24.33 -8.45 -37.51
N GLU A 17 -24.09 -9.60 -36.88
CA GLU A 17 -23.62 -9.65 -35.50
C GLU A 17 -22.23 -9.03 -35.35
N LEU A 18 -21.26 -9.59 -36.07
CA LEU A 18 -19.88 -9.08 -36.04
C LEU A 18 -19.84 -7.61 -36.39
N MET A 19 -20.63 -7.23 -37.39
CA MET A 19 -20.70 -5.85 -37.82
C MET A 19 -21.19 -4.97 -36.68
N GLU A 20 -22.28 -5.41 -36.06
CA GLU A 20 -22.88 -4.67 -34.96
C GLU A 20 -21.88 -4.45 -33.83
N SER A 21 -21.26 -5.54 -33.37
CA SER A 21 -20.31 -5.46 -32.28
C SER A 21 -19.13 -4.57 -32.64
N ASN A 22 -18.75 -4.60 -33.92
CA ASN A 22 -17.69 -3.75 -34.41
C ASN A 22 -18.10 -2.29 -34.25
N ILE A 23 -19.31 -1.96 -34.68
CA ILE A 23 -19.81 -0.61 -34.56
C ILE A 23 -19.86 -0.19 -33.09
N ARG A 24 -20.16 -1.16 -32.23
CA ARG A 24 -20.16 -0.94 -30.80
C ARG A 24 -18.79 -0.48 -30.34
N ARG A 25 -17.78 -1.30 -30.62
CA ARG A 25 -16.40 -0.98 -30.26
C ARG A 25 -16.01 0.40 -30.79
N ASP A 26 -16.48 0.70 -32.00
CA ASP A 26 -16.14 1.95 -32.67
C ASP A 26 -16.70 3.18 -31.95
N ILE A 27 -18.03 3.28 -31.93
CA ILE A 27 -18.69 4.41 -31.31
C ILE A 27 -18.31 4.56 -29.84
N ARG A 28 -18.13 3.42 -29.18
CA ARG A 28 -17.71 3.41 -27.78
C ARG A 28 -16.35 4.08 -27.68
N GLN A 29 -15.42 3.65 -28.55
CA GLN A 29 -14.08 4.25 -28.57
C GLN A 29 -14.12 5.73 -28.90
N GLY A 30 -15.10 6.14 -29.71
CA GLY A 30 -15.29 7.53 -30.04
C GLY A 30 -15.68 8.37 -28.84
N PHE A 31 -16.67 7.90 -28.08
CA PHE A 31 -17.09 8.58 -26.86
C PHE A 31 -15.97 8.62 -25.82
N VAL A 32 -15.39 7.45 -25.54
CA VAL A 32 -14.27 7.36 -24.60
C VAL A 32 -13.17 8.34 -24.98
N ASP A 33 -12.83 8.37 -26.26
CA ASP A 33 -11.82 9.30 -26.78
C ASP A 33 -12.21 10.74 -26.50
N LEU A 34 -13.43 11.11 -26.90
CA LEU A 34 -13.90 12.48 -26.76
C LEU A 34 -13.84 12.94 -25.31
N GLN A 35 -14.06 12.02 -24.39
CA GLN A 35 -14.07 12.36 -22.98
C GLN A 35 -12.65 12.38 -22.38
N THR A 36 -11.76 11.55 -22.90
CA THR A 36 -10.43 11.40 -22.31
C THR A 36 -9.35 12.17 -23.06
N GLU A 37 -9.76 13.12 -23.90
CA GLU A 37 -8.81 13.93 -24.65
C GLU A 37 -8.24 15.07 -23.81
N LYS A 38 -6.96 14.95 -23.45
CA LYS A 38 -6.27 16.00 -22.70
C LYS A 38 -5.85 17.11 -23.65
N SER A 39 -5.36 18.22 -23.08
CA SER A 39 -4.89 19.34 -23.89
C SER A 39 -3.40 19.60 -23.64
N ASP A 40 -2.56 18.77 -24.24
CA ASP A 40 -1.11 18.87 -24.08
C ASP A 40 -0.49 19.70 -25.21
N LEU A 41 -1.22 20.73 -25.65
CA LEU A 41 -0.75 21.60 -26.72
C LEU A 41 0.29 22.59 -26.21
N ILE A 42 0.89 23.34 -27.14
CA ILE A 42 1.94 24.31 -26.83
C ILE A 42 3.17 23.70 -26.17
N VAL A 45 6.41 28.11 -26.61
CA VAL A 45 6.49 28.68 -27.95
C VAL A 45 7.46 29.87 -27.98
N GLY A 46 7.19 30.87 -27.15
CA GLY A 46 8.11 31.98 -26.99
C GLY A 46 8.04 33.07 -28.06
N ALA A 47 9.18 33.32 -28.70
CA ALA A 47 9.30 34.40 -29.69
C ALA A 47 8.58 34.09 -31.00
N ILE A 48 7.54 34.87 -31.30
CA ILE A 48 6.75 34.66 -32.50
C ILE A 48 7.48 35.15 -33.76
N PRO A 49 7.68 34.26 -34.74
CA PRO A 49 8.42 34.56 -35.97
C PRO A 49 7.73 35.62 -36.85
N PHE A 50 7.59 36.82 -36.32
CA PHE A 50 6.96 37.91 -37.04
C PHE A 50 7.76 38.32 -38.27
N LEU A 51 7.06 38.88 -39.25
CA LEU A 51 7.69 39.43 -40.43
C LEU A 51 7.90 40.93 -40.29
N ASP A 52 8.96 41.44 -40.89
CA ASP A 52 9.21 42.88 -40.94
C ASP A 52 8.17 43.52 -41.85
N TYR A 53 7.74 44.73 -41.51
CA TYR A 53 6.62 45.38 -42.20
C TYR A 53 6.74 45.38 -43.73
N LYS A 54 7.97 45.45 -44.23
CA LYS A 54 8.16 45.42 -45.67
C LYS A 54 7.65 44.10 -46.25
N HIS A 55 8.07 42.99 -45.66
CA HIS A 55 7.73 41.66 -46.16
C HIS A 55 6.25 41.35 -45.98
N PHE A 56 5.73 41.73 -44.82
CA PHE A 56 4.31 41.60 -44.51
C PHE A 56 3.47 42.35 -45.55
N ALA A 57 3.69 43.65 -45.64
CA ALA A 57 2.93 44.50 -46.56
C ALA A 57 3.05 44.01 -48.00
N SER A 58 4.27 43.62 -48.39
CA SER A 58 4.50 43.14 -49.74
C SER A 58 3.75 41.82 -50.01
N ARG A 59 3.67 40.96 -49.01
CA ARG A 59 2.92 39.70 -49.15
C ARG A 59 1.42 39.93 -49.22
N ILE A 60 0.94 40.93 -48.49
CA ILE A 60 -0.48 41.28 -48.52
C ILE A 60 -0.89 41.97 -49.83
N PHE A 61 -0.05 42.87 -50.34
CA PHE A 61 -0.38 43.62 -51.55
C PHE A 61 -0.24 42.74 -52.79
N PHE A 62 0.79 41.91 -52.79
CA PHE A 62 1.02 41.00 -53.91
C PHE A 62 1.27 39.56 -53.46
N PRO A 63 0.20 38.85 -53.10
CA PRO A 63 0.32 37.41 -52.83
C PRO A 63 0.27 36.62 -54.13
N GLU A 64 0.49 37.29 -55.25
CA GLU A 64 0.48 36.62 -56.55
C GLU A 64 1.84 36.02 -56.87
N ALA A 65 2.80 36.88 -57.18
CA ALA A 65 4.16 36.43 -57.43
C ALA A 65 4.98 36.63 -56.16
N GLY A 66 4.89 35.65 -55.27
CA GLY A 66 5.46 35.77 -53.93
C GLY A 66 6.92 36.16 -53.89
N THR A 67 7.71 35.55 -54.76
CA THR A 67 9.16 35.76 -54.75
C THR A 67 9.57 37.06 -55.43
N LEU A 68 8.83 37.44 -56.47
CA LEU A 68 9.11 38.67 -57.22
C LEU A 68 8.86 39.93 -56.40
N THR A 69 8.07 39.78 -55.33
CA THR A 69 7.71 40.90 -54.47
C THR A 69 8.91 41.53 -53.77
N ALA A 70 10.05 40.86 -53.82
CA ALA A 70 11.27 41.40 -53.24
C ALA A 70 11.85 42.51 -54.13
N VAL A 71 11.22 42.73 -55.28
CA VAL A 71 11.67 43.76 -56.21
C VAL A 71 11.14 45.13 -55.81
N MET A 72 10.18 45.14 -54.90
CA MET A 72 9.53 46.37 -54.49
C MET A 72 10.11 46.94 -53.21
N ILE A 73 11.05 46.22 -52.62
CA ILE A 73 11.69 46.66 -51.37
C ILE A 73 13.01 47.36 -51.64
N ARG A 74 13.12 48.61 -51.20
CA ARG A 74 14.36 49.36 -51.37
C ARG A 74 15.46 48.80 -50.47
N GLU A 81 18.24 59.90 -55.31
CA GLU A 81 19.31 59.60 -56.25
C GLU A 81 18.74 59.17 -57.61
N GLN A 82 18.25 57.93 -57.68
CA GLN A 82 17.65 57.42 -58.90
C GLN A 82 16.31 58.08 -59.18
N THR A 83 15.63 58.50 -58.11
CA THR A 83 14.35 59.17 -58.21
C THR A 83 14.50 60.50 -58.95
N THR A 84 15.55 61.24 -58.61
CA THR A 84 15.84 62.51 -59.27
C THR A 84 16.25 62.29 -60.72
N VAL A 85 16.77 61.11 -61.01
CA VAL A 85 17.18 60.75 -62.37
C VAL A 85 15.95 60.49 -63.23
N ASP A 86 15.07 59.61 -62.75
CA ASP A 86 13.81 59.33 -63.45
C ASP A 86 12.84 60.47 -63.25
N GLU A 87 12.96 61.50 -64.09
CA GLU A 87 12.07 62.65 -64.04
C GLU A 87 10.65 62.25 -64.40
N LYS A 88 10.52 61.20 -65.20
CA LYS A 88 9.23 60.67 -65.59
C LYS A 88 8.45 60.27 -64.35
N CYS A 89 9.14 59.59 -63.44
CA CYS A 89 8.58 59.15 -62.18
C CYS A 89 8.16 60.34 -61.32
N LEU A 90 8.95 61.41 -61.39
CA LEU A 90 8.65 62.63 -60.64
C LEU A 90 7.36 63.25 -61.16
N ALA A 91 7.23 63.31 -62.48
CA ALA A 91 6.05 63.89 -63.12
C ALA A 91 4.81 63.06 -62.80
N PHE A 92 4.94 61.75 -62.95
CA PHE A 92 3.84 60.84 -62.65
C PHE A 92 3.41 60.97 -61.19
N ALA A 93 4.39 61.05 -60.30
CA ALA A 93 4.14 61.19 -58.87
C ALA A 93 3.39 62.49 -58.56
N GLU A 94 3.90 63.60 -59.08
CA GLU A 94 3.26 64.90 -58.90
C GLU A 94 1.87 64.90 -59.51
N LEU A 95 1.66 64.01 -60.48
CA LEU A 95 0.37 63.90 -61.15
C LEU A 95 -0.64 63.12 -60.33
N ILE A 96 -0.16 62.09 -59.63
CA ILE A 96 -1.02 61.24 -58.81
C ILE A 96 -1.60 61.99 -57.61
N ARG A 97 -0.86 62.97 -57.11
CA ARG A 97 -1.29 63.77 -55.96
C ARG A 97 -2.57 64.57 -56.25
N ASP A 98 -2.99 64.61 -57.51
CA ASP A 98 -4.22 65.31 -57.89
C ASP A 98 -5.45 64.44 -57.60
N LYS A 99 -6.46 65.05 -56.99
CA LYS A 99 -7.67 64.33 -56.59
C LYS A 99 -8.57 63.98 -57.78
N GLN A 100 -8.89 64.99 -58.58
CA GLN A 100 -9.71 64.81 -59.77
C GLN A 100 -9.07 63.80 -60.72
N PHE A 101 -7.79 64.00 -61.00
CA PHE A 101 -7.07 63.12 -61.92
C PHE A 101 -7.12 61.66 -61.48
N LEU A 102 -6.78 61.42 -60.22
CA LEU A 102 -6.74 60.05 -59.71
C LEU A 102 -8.14 59.46 -59.63
N SER A 103 -9.13 60.33 -59.41
CA SER A 103 -10.53 59.90 -59.40
C SER A 103 -10.92 59.35 -60.78
N CYS A 104 -10.67 60.16 -61.81
CA CYS A 104 -10.92 59.72 -63.18
C CYS A 104 -10.10 58.49 -63.51
N PHE A 105 -8.90 58.42 -62.96
CA PHE A 105 -7.98 57.31 -63.19
C PHE A 105 -8.50 56.02 -62.58
N VAL A 106 -9.25 56.13 -61.48
CA VAL A 106 -9.78 54.96 -60.81
C VAL A 106 -11.11 54.52 -61.43
N HIS A 107 -11.91 55.49 -61.87
CA HIS A 107 -13.22 55.19 -62.43
C HIS A 107 -13.18 54.72 -63.88
N ALA A 108 -12.40 55.41 -64.72
CA ALA A 108 -12.33 55.10 -66.14
C ALA A 108 -11.86 53.68 -66.40
N LEU A 109 -10.93 53.20 -65.57
CA LEU A 109 -10.43 51.84 -65.71
C LEU A 109 -11.54 50.83 -65.43
N GLU A 110 -12.21 51.00 -64.30
CA GLU A 110 -13.32 50.12 -63.91
C GLU A 110 -14.46 50.17 -64.92
N GLU A 111 -14.57 51.30 -65.62
CA GLU A 111 -15.63 51.49 -66.60
C GLU A 111 -15.48 50.53 -67.78
N GLN A 112 -14.24 50.13 -68.08
CA GLN A 112 -13.97 49.29 -69.24
C GLN A 112 -14.00 47.79 -68.91
N LYS A 113 -14.63 47.00 -69.78
CA LYS A 113 -14.83 45.57 -69.56
C LYS A 113 -13.56 44.74 -69.70
N ASN A 114 -12.52 45.35 -70.27
CA ASN A 114 -11.23 44.67 -70.42
C ASN A 114 -10.48 44.65 -69.09
N PHE A 115 -10.99 45.46 -68.15
CA PHE A 115 -10.36 45.61 -66.84
C PHE A 115 -10.91 44.58 -65.86
N SER A 116 -10.15 43.50 -65.66
CA SER A 116 -10.59 42.36 -64.86
C SER A 116 -10.32 42.54 -63.37
N ILE A 117 -10.60 41.51 -62.58
CA ILE A 117 -10.37 41.54 -61.13
C ILE A 117 -8.88 41.65 -60.79
N LYS A 118 -8.08 40.78 -61.40
CA LYS A 118 -6.63 40.80 -61.21
C LYS A 118 -6.05 42.17 -61.53
N ASP A 119 -6.57 42.79 -62.59
CA ASP A 119 -6.18 44.15 -62.94
C ASP A 119 -6.51 45.11 -61.79
N LYS A 120 -7.63 44.85 -61.11
CA LYS A 120 -8.10 45.72 -60.04
C LYS A 120 -7.23 45.61 -58.81
N CYS A 121 -6.93 44.38 -58.41
CA CYS A 121 -6.01 44.12 -57.30
C CYS A 121 -4.65 44.76 -57.59
N THR A 122 -4.10 44.44 -58.77
CA THR A 122 -2.87 45.03 -59.25
C THR A 122 -2.89 46.54 -59.04
N VAL A 123 -3.81 47.23 -59.72
CA VAL A 123 -3.92 48.68 -59.64
C VAL A 123 -3.97 49.18 -58.20
N ALA A 124 -4.81 48.56 -57.39
CA ALA A 124 -4.98 48.96 -56.00
C ALA A 124 -3.66 48.92 -55.24
N SER A 125 -2.92 47.83 -55.44
CA SER A 125 -1.67 47.64 -54.70
C SER A 125 -0.54 48.52 -55.22
N LEU A 126 -0.44 48.65 -56.55
CA LEU A 126 0.57 49.50 -57.16
C LEU A 126 0.34 50.93 -56.73
N LEU A 127 -0.93 51.30 -56.62
CA LEU A 127 -1.31 52.65 -56.22
C LEU A 127 -1.02 52.82 -54.74
N THR A 128 -1.13 51.74 -53.98
CA THR A 128 -0.82 51.78 -52.55
C THR A 128 0.70 51.96 -52.32
N LEU A 129 1.50 51.26 -53.11
CA LEU A 129 2.96 51.36 -53.01
C LEU A 129 3.47 52.72 -53.50
N ALA A 130 2.90 53.22 -54.58
CA ALA A 130 3.21 54.56 -55.07
C ALA A 130 2.85 55.58 -54.01
N LEU A 131 1.62 55.48 -53.51
CA LEU A 131 1.14 56.41 -52.50
C LEU A 131 1.42 55.92 -51.08
N HIS A 132 2.53 55.23 -50.88
CA HIS A 132 2.88 54.75 -49.55
C HIS A 132 3.78 55.74 -48.79
N GLY A 133 4.26 56.75 -49.50
CA GLY A 133 5.01 57.82 -48.87
C GLY A 133 4.09 58.85 -48.27
N ASP A 134 3.02 59.18 -49.01
CA ASP A 134 2.02 60.13 -48.56
C ASP A 134 0.70 59.42 -48.27
N LEU A 135 0.53 58.92 -47.04
CA LEU A 135 -0.65 58.10 -46.70
C LEU A 135 -1.85 58.95 -46.34
N LEU A 136 -1.60 60.24 -46.05
CA LEU A 136 -2.65 61.26 -45.83
C LEU A 136 -3.55 61.29 -47.06
N TYR A 137 -2.96 61.81 -48.13
CA TYR A 137 -3.60 61.81 -49.44
C TYR A 137 -4.22 60.48 -49.82
N LEU A 138 -3.56 59.39 -49.49
CA LEU A 138 -4.08 58.06 -49.79
C LEU A 138 -5.39 57.80 -49.03
N THR A 139 -5.39 58.16 -47.75
CA THR A 139 -6.60 58.10 -46.94
C THR A 139 -7.72 58.94 -47.60
N GLU A 140 -7.43 60.20 -47.92
CA GLU A 140 -8.47 61.09 -48.41
C GLU A 140 -9.01 60.59 -49.78
N ILE A 141 -8.12 60.14 -50.65
CA ILE A 141 -8.51 59.65 -51.97
C ILE A 141 -9.29 58.35 -51.88
N MET A 142 -8.95 57.50 -50.92
CA MET A 142 -9.73 56.30 -50.66
C MET A 142 -11.11 56.69 -50.14
N GLU A 143 -11.19 57.78 -49.39
CA GLU A 143 -12.47 58.28 -48.91
C GLU A 143 -13.37 58.73 -50.05
N ASP A 144 -12.83 59.51 -50.98
CA ASP A 144 -13.64 59.93 -52.11
C ASP A 144 -13.97 58.78 -53.07
N LEU A 145 -13.04 57.84 -53.21
CA LEU A 145 -13.23 56.68 -54.07
C LEU A 145 -14.29 55.74 -53.50
N LEU A 146 -14.40 55.74 -52.18
CA LEU A 146 -15.35 54.87 -51.49
C LEU A 146 -16.72 55.52 -51.43
N GLN A 147 -16.73 56.85 -51.31
CA GLN A 147 -17.99 57.58 -51.27
C GLN A 147 -18.61 57.64 -52.66
N SER A 148 -17.78 57.61 -53.69
CA SER A 148 -18.26 57.59 -55.07
C SER A 148 -18.78 56.20 -55.45
N LEU A 149 -18.25 55.17 -54.80
CA LEU A 149 -18.74 53.80 -54.96
C LEU A 149 -20.03 53.61 -54.17
N MET A 150 -20.48 54.68 -53.51
CA MET A 150 -21.62 54.61 -52.60
C MET A 150 -22.71 55.61 -52.96
N ASP A 151 -22.37 56.89 -52.88
CA ASP A 151 -23.33 57.97 -53.16
C ASP A 151 -23.82 57.94 -54.61
N GLN A 152 -22.87 57.91 -55.54
CA GLN A 152 -23.21 57.93 -56.96
C GLN A 152 -23.07 56.55 -57.60
N SER A 153 -23.12 55.51 -56.76
CA SER A 153 -23.04 54.13 -57.24
C SER A 153 -24.24 53.77 -58.12
N SER A 154 -23.97 53.18 -59.27
CA SER A 154 -25.03 52.76 -60.17
C SER A 154 -25.81 51.59 -59.58
N ASN A 155 -25.12 50.48 -59.37
CA ASN A 155 -25.74 49.29 -58.77
C ASN A 155 -25.60 49.30 -57.26
N ALA A 156 -26.48 50.05 -56.59
CA ALA A 156 -26.33 50.27 -55.15
C ALA A 156 -27.49 49.73 -54.32
N ASN A 157 -27.31 48.52 -53.80
CA ASN A 157 -28.17 48.00 -52.76
C ASN A 157 -27.35 47.94 -51.47
N PRO A 158 -27.43 49.01 -50.67
CA PRO A 158 -26.54 49.35 -49.55
C PRO A 158 -26.08 48.18 -48.68
N LYS A 159 -26.95 47.20 -48.47
CA LYS A 159 -26.62 46.05 -47.63
C LYS A 159 -25.85 44.98 -48.40
N LEU A 160 -25.44 45.31 -49.62
CA LEU A 160 -24.75 44.37 -50.49
C LEU A 160 -23.45 45.00 -50.96
N LEU A 161 -23.16 46.18 -50.42
CA LEU A 161 -21.97 46.93 -50.79
C LEU A 161 -20.71 46.23 -50.30
N LEU A 162 -19.59 46.47 -51.00
CA LEU A 162 -18.27 45.92 -50.63
C LEU A 162 -18.14 44.40 -50.76
N ARG A 163 -19.18 43.73 -51.23
CA ARG A 163 -19.20 42.27 -51.32
C ARG A 163 -18.67 41.79 -52.66
N ARG A 164 -19.32 42.24 -53.73
CA ARG A 164 -18.83 42.00 -55.08
C ARG A 164 -17.62 42.88 -55.31
N THR A 165 -16.54 42.30 -55.82
CA THR A 165 -15.33 43.06 -56.10
C THR A 165 -15.43 43.68 -57.47
N GLU A 166 -16.18 44.77 -57.56
CA GLU A 166 -16.44 45.41 -58.84
C GLU A 166 -15.67 46.72 -58.93
N SER A 167 -14.86 47.00 -57.92
CA SER A 167 -14.12 48.26 -57.87
C SER A 167 -12.66 48.06 -57.49
N ILE A 168 -11.86 49.12 -57.65
CA ILE A 168 -10.48 49.13 -57.19
C ILE A 168 -10.45 49.46 -55.70
N VAL A 169 -11.29 50.42 -55.32
CA VAL A 169 -11.39 50.90 -53.94
C VAL A 169 -11.44 49.79 -52.88
N GLU A 170 -12.01 48.64 -53.20
CA GLU A 170 -12.18 47.59 -52.21
C GLU A 170 -10.85 46.95 -51.80
N LYS A 171 -10.10 46.50 -52.80
CA LYS A 171 -8.81 45.91 -52.52
C LYS A 171 -7.90 46.96 -51.91
N LEU A 172 -8.06 48.20 -52.38
CA LEU A 172 -7.37 49.35 -51.80
C LEU A 172 -7.65 49.39 -50.30
N LEU A 173 -8.91 49.18 -49.94
CA LEU A 173 -9.36 49.22 -48.56
C LEU A 173 -8.71 48.12 -47.73
N THR A 174 -8.53 46.96 -48.35
CA THR A 174 -7.80 45.89 -47.68
C THR A 174 -6.36 46.31 -47.40
N ASN A 175 -5.73 46.88 -48.42
CA ASN A 175 -4.36 47.37 -48.30
C ASN A 175 -4.22 48.37 -47.16
N TRP A 176 -5.15 49.34 -47.12
CA TRP A 176 -5.11 50.41 -46.13
C TRP A 176 -5.37 49.90 -44.72
N MET A 177 -6.32 48.98 -44.61
CA MET A 177 -6.56 48.31 -43.34
C MET A 177 -5.28 47.65 -42.85
N SER A 178 -4.58 46.99 -43.77
CA SER A 178 -3.33 46.29 -43.46
C SER A 178 -2.24 47.24 -42.99
N ILE A 179 -2.01 48.29 -43.78
CA ILE A 179 -1.07 49.35 -43.46
C ILE A 179 -1.28 49.92 -42.08
N CYS A 180 -2.53 50.29 -41.79
CA CYS A 180 -2.83 50.98 -40.54
C CYS A 180 -2.92 50.04 -39.33
N LEU A 181 -3.30 48.79 -39.56
CA LEU A 181 -3.52 47.83 -38.48
C LEU A 181 -2.34 46.91 -38.21
N TYR A 182 -1.27 47.02 -39.00
CA TYR A 182 -0.08 46.20 -38.76
C TYR A 182 0.36 46.28 -37.31
N GLY A 183 0.47 47.49 -36.80
CA GLY A 183 0.88 47.72 -35.43
C GLY A 183 0.02 46.93 -34.46
N PHE A 184 -1.29 46.95 -34.69
CA PHE A 184 -2.24 46.28 -33.82
C PHE A 184 -2.11 44.77 -33.91
N LEU A 185 -1.70 44.28 -35.08
CA LEU A 185 -1.46 42.85 -35.28
C LEU A 185 -0.27 42.39 -34.46
N ARG A 186 0.87 43.05 -34.67
CA ARG A 186 2.10 42.71 -33.95
C ARG A 186 1.95 42.92 -32.43
N GLU A 187 1.00 43.76 -32.04
CA GLU A 187 0.81 44.12 -30.64
C GLU A 187 -0.16 43.22 -29.87
N SER A 188 -1.34 42.96 -30.44
CA SER A 188 -2.41 42.34 -29.67
C SER A 188 -3.06 41.13 -30.31
N VAL A 189 -2.79 40.90 -31.58
CA VAL A 189 -3.49 39.84 -32.29
C VAL A 189 -2.55 38.75 -32.80
N GLY A 190 -1.27 39.08 -32.94
CA GLY A 190 -0.30 38.16 -33.49
C GLY A 190 -0.09 36.91 -32.66
N GLN A 191 0.14 37.11 -31.36
CA GLN A 191 0.37 35.98 -30.46
C GLN A 191 -0.74 34.92 -30.47
N PRO A 192 -2.01 35.32 -30.26
CA PRO A 192 -3.04 34.27 -30.28
C PRO A 192 -3.21 33.61 -31.65
N LEU A 193 -2.93 34.33 -32.74
CA LEU A 193 -3.04 33.76 -34.08
C LEU A 193 -1.95 32.70 -34.31
N PHE A 194 -0.73 33.02 -33.92
CA PHE A 194 0.35 32.06 -34.05
C PHE A 194 0.12 30.88 -33.11
N LEU A 195 -0.44 31.18 -31.95
CA LEU A 195 -0.75 30.16 -30.96
C LEU A 195 -1.84 29.22 -31.47
N LEU A 196 -2.78 29.74 -32.26
CA LEU A 196 -3.83 28.91 -32.84
C LEU A 196 -3.32 28.07 -34.00
N VAL A 197 -2.55 28.68 -34.89
CA VAL A 197 -1.95 27.95 -36.01
C VAL A 197 -1.09 26.81 -35.47
N SER A 198 -0.30 27.11 -34.43
CA SER A 198 0.53 26.10 -33.81
C SER A 198 -0.32 25.05 -33.14
N ALA A 199 -1.42 25.49 -32.52
CA ALA A 199 -2.30 24.58 -31.79
C ALA A 199 -2.90 23.56 -32.74
N LEU A 200 -3.46 24.03 -33.85
CA LEU A 200 -4.05 23.17 -34.85
C LEU A 200 -3.02 22.22 -35.42
N THR A 201 -1.88 22.77 -35.83
CA THR A 201 -0.80 21.98 -36.40
C THR A 201 -0.38 20.84 -35.49
N GLN A 202 -0.20 21.16 -34.22
CA GLN A 202 0.22 20.19 -33.23
C GLN A 202 -0.87 19.15 -33.03
N GLN A 203 -2.11 19.62 -32.99
CA GLN A 203 -3.26 18.77 -32.72
C GLN A 203 -3.48 17.73 -33.82
N ILE A 204 -3.30 18.14 -35.08
CA ILE A 204 -3.53 17.23 -36.19
C ILE A 204 -2.44 16.16 -36.26
N SER A 205 -1.27 16.50 -35.73
CA SER A 205 -0.13 15.58 -35.73
C SER A 205 -0.23 14.52 -34.63
N LYS A 206 -1.29 14.60 -33.82
CA LYS A 206 -1.54 13.61 -32.78
C LYS A 206 -2.10 12.35 -33.40
N GLY A 207 -3.01 12.52 -34.35
CA GLY A 207 -3.65 11.40 -35.01
C GLY A 207 -3.15 11.19 -36.42
N PRO A 208 -3.47 10.03 -37.00
CA PRO A 208 -3.01 9.65 -38.34
C PRO A 208 -3.38 10.65 -39.42
N VAL A 209 -2.49 10.78 -40.40
CA VAL A 209 -2.74 11.58 -41.60
C VAL A 209 -2.43 10.70 -42.80
N ASP A 210 -3.26 10.79 -43.83
CA ASP A 210 -3.02 10.02 -45.05
C ASP A 210 -1.95 10.75 -45.89
N SER A 211 -0.84 10.07 -46.14
CA SER A 211 0.32 10.69 -46.81
C SER A 211 0.02 11.13 -48.25
N VAL A 212 -1.02 10.55 -48.84
CA VAL A 212 -1.32 10.75 -50.25
C VAL A 212 -2.49 11.69 -50.49
N THR A 213 -3.39 11.81 -49.52
CA THR A 213 -4.50 12.72 -49.65
C THR A 213 -4.45 13.85 -48.63
N GLU A 214 -3.52 13.74 -47.68
CA GLU A 214 -3.40 14.67 -46.55
C GLU A 214 -4.65 14.72 -45.66
N LYS A 215 -5.61 13.84 -45.92
CA LYS A 215 -6.74 13.68 -45.03
C LYS A 215 -6.23 13.17 -43.68
N ALA A 216 -6.75 13.74 -42.60
CA ALA A 216 -6.33 13.34 -41.27
C ALA A 216 -7.54 12.95 -40.41
N LEU A 217 -7.26 12.24 -39.32
CA LEU A 217 -8.30 11.83 -38.38
C LEU A 217 -8.79 13.02 -37.57
N TYR A 218 -7.88 13.79 -36.97
CA TYR A 218 -8.23 15.03 -36.29
C TYR A 218 -8.29 16.19 -37.29
N THR A 219 -9.42 16.89 -37.32
CA THR A 219 -9.63 17.97 -38.28
C THR A 219 -10.89 18.78 -37.91
N LEU A 220 -11.08 19.94 -38.54
CA LEU A 220 -12.32 20.71 -38.36
C LEU A 220 -13.21 20.66 -39.59
N SER A 221 -12.75 19.99 -40.65
CA SER A 221 -13.49 19.93 -41.89
C SER A 221 -13.92 18.51 -42.24
N GLU A 222 -15.19 18.35 -42.57
CA GLU A 222 -15.75 17.04 -42.94
C GLU A 222 -15.12 16.56 -44.25
N ASP A 223 -14.81 17.51 -45.12
CA ASP A 223 -14.21 17.21 -46.41
C ASP A 223 -12.82 16.64 -46.20
N TRP A 224 -12.13 17.17 -45.19
CA TRP A 224 -10.75 16.79 -44.90
C TRP A 224 -10.65 15.58 -43.98
N LEU A 225 -11.79 15.14 -43.46
CA LEU A 225 -11.83 14.06 -42.49
C LEU A 225 -11.39 12.74 -43.10
N LEU A 226 -10.59 11.99 -42.35
CA LEU A 226 -10.14 10.66 -42.78
C LEU A 226 -11.12 9.61 -42.26
N CYS A 227 -12.25 9.47 -42.93
CA CYS A 227 -13.30 8.56 -42.48
C CYS A 227 -12.94 7.11 -42.75
N GLN A 228 -11.67 6.79 -42.58
CA GLN A 228 -11.16 5.46 -42.84
C GLN A 228 -10.93 4.73 -41.54
N ALA A 229 -11.20 3.44 -41.53
CA ALA A 229 -10.88 2.60 -40.38
C ALA A 229 -9.38 2.39 -40.31
N GLN A 230 -8.77 2.74 -39.18
CA GLN A 230 -7.33 2.59 -39.01
C GLN A 230 -6.91 2.46 -37.55
N ASP A 231 -6.27 1.35 -37.21
CA ASP A 231 -5.78 1.12 -35.86
C ASP A 231 -4.36 1.66 -35.68
N PHE A 232 -4.22 2.63 -34.78
CA PHE A 232 -2.92 3.23 -34.53
C PHE A 232 -2.58 3.23 -33.04
N GLU A 233 -1.31 3.45 -32.75
CA GLU A 233 -0.85 3.51 -31.36
C GLU A 233 0.42 4.35 -31.27
N PRO A 234 0.42 5.36 -30.39
CA PRO A 234 1.55 6.27 -30.16
C PRO A 234 2.83 5.53 -29.77
N LEU A 235 3.84 5.62 -30.64
CA LEU A 235 5.13 4.97 -30.41
C LEU A 235 6.18 5.98 -29.95
N LYS A 236 6.80 5.69 -28.80
CA LYS A 236 7.92 6.48 -28.32
C LYS A 236 9.20 5.94 -28.94
N LEU A 237 9.91 6.79 -29.68
CA LEU A 237 11.09 6.37 -30.40
C LEU A 237 12.34 7.12 -29.95
N LYS A 238 13.35 6.35 -29.54
CA LYS A 238 14.64 6.92 -29.16
C LYS A 238 15.46 7.19 -30.42
N VAL A 239 15.76 8.45 -30.66
CA VAL A 239 16.41 8.84 -31.89
C VAL A 239 17.90 9.12 -31.71
N VAL A 240 18.71 8.46 -32.53
CA VAL A 240 20.16 8.56 -32.48
C VAL A 240 20.66 9.27 -33.73
N PHE A 241 21.64 10.16 -33.57
CA PHE A 241 22.21 10.89 -34.69
C PHE A 241 23.65 10.51 -34.98
N ALA A 242 23.94 10.20 -36.24
CA ALA A 242 25.27 9.73 -36.63
C ALA A 242 26.21 10.89 -37.01
N VAL A 243 27.51 10.63 -36.89
CA VAL A 243 28.54 11.61 -37.22
C VAL A 243 29.88 10.92 -37.43
N GLY A 246 32.49 8.12 -40.70
CA GLY A 246 32.55 7.06 -39.71
C GLY A 246 31.35 6.14 -39.76
N GLU A 247 31.17 5.35 -38.71
CA GLU A 247 30.08 4.38 -38.66
C GLU A 247 29.21 4.55 -37.42
N GLU A 248 29.83 4.44 -36.24
CA GLU A 248 29.07 4.42 -34.99
C GLU A 248 29.21 5.70 -34.16
N ILE A 249 28.25 6.61 -34.34
CA ILE A 249 28.14 7.80 -33.49
C ILE A 249 26.67 7.98 -33.09
N SER A 250 26.42 8.17 -31.80
CA SER A 250 25.05 8.18 -31.30
C SER A 250 24.80 9.21 -30.20
N GLU A 251 23.67 9.90 -30.31
CA GLU A 251 23.20 10.77 -29.24
C GLU A 251 21.67 10.68 -29.19
N SER A 252 21.13 10.46 -28.00
CA SER A 252 19.72 10.13 -27.84
C SER A 252 18.76 11.31 -27.96
N LEU A 253 17.55 11.02 -28.41
CA LEU A 253 16.49 12.01 -28.55
C LEU A 253 15.12 11.31 -28.52
N GLU A 254 14.16 11.93 -27.85
CA GLU A 254 12.82 11.35 -27.74
C GLU A 254 11.89 11.93 -28.78
N VAL A 255 11.34 11.07 -29.64
CA VAL A 255 10.38 11.52 -30.65
C VAL A 255 9.17 10.60 -30.71
N ILE A 256 7.98 11.20 -30.69
CA ILE A 256 6.75 10.42 -30.72
C ILE A 256 6.15 10.35 -32.13
N ALA A 257 5.89 9.12 -32.58
CA ALA A 257 5.25 8.92 -33.87
C ALA A 257 4.07 7.96 -33.77
N LEU A 258 3.57 7.51 -34.91
CA LEU A 258 2.45 6.57 -34.94
C LEU A 258 2.84 5.31 -35.70
N THR A 259 2.10 4.23 -35.46
CA THR A 259 2.38 2.95 -36.10
C THR A 259 2.10 3.03 -37.58
N CYS A 260 1.22 3.95 -37.97
CA CYS A 260 0.79 4.09 -39.35
C CYS A 260 1.56 5.18 -40.09
N ASP A 261 2.48 5.85 -39.39
CA ASP A 261 3.25 6.93 -40.02
C ASP A 261 4.19 6.41 -41.10
N THR A 262 4.13 7.02 -42.28
CA THR A 262 5.06 6.65 -43.33
C THR A 262 6.44 7.18 -42.95
N ILE A 263 7.45 6.71 -43.67
CA ILE A 263 8.84 7.03 -43.35
C ILE A 263 9.08 8.53 -43.34
N GLN A 264 8.66 9.19 -44.41
CA GLN A 264 8.83 10.63 -44.50
C GLN A 264 8.16 11.34 -43.34
N GLN A 265 6.93 10.91 -43.01
CA GLN A 265 6.20 11.48 -41.88
C GLN A 265 7.00 11.41 -40.60
N VAL A 266 7.62 10.26 -40.36
CA VAL A 266 8.49 10.09 -39.21
C VAL A 266 9.66 11.07 -39.24
N LYS A 267 10.30 11.16 -40.42
CA LYS A 267 11.42 12.08 -40.60
C LYS A 267 11.02 13.49 -40.24
N GLU A 268 9.87 13.90 -40.75
CA GLU A 268 9.31 15.21 -40.50
C GLU A 268 9.03 15.41 -39.02
N LYS A 269 8.64 14.35 -38.33
CA LYS A 269 8.38 14.47 -36.90
C LYS A 269 9.66 14.67 -36.09
N ILE A 270 10.69 13.89 -36.39
CA ILE A 270 11.96 14.02 -35.67
C ILE A 270 12.64 15.35 -35.99
N LEU A 271 12.40 15.88 -37.19
CA LEU A 271 12.94 17.18 -37.56
C LEU A 271 12.19 18.30 -36.87
N GLN A 272 10.86 18.16 -36.81
CA GLN A 272 10.02 19.11 -36.07
C GLN A 272 10.51 19.19 -34.63
N THR A 273 10.67 18.02 -34.00
CA THR A 273 11.13 17.93 -32.63
C THR A 273 12.51 18.57 -32.47
N PHE A 274 13.42 18.19 -33.34
CA PHE A 274 14.79 18.69 -33.28
C PHE A 274 14.80 20.21 -33.33
N GLN A 275 14.06 20.78 -34.26
CA GLN A 275 13.97 22.23 -34.35
C GLN A 275 13.32 22.81 -33.10
N ARG A 276 12.37 22.05 -32.53
CA ARG A 276 11.67 22.46 -31.32
C ARG A 276 12.54 22.30 -30.06
N LYS A 277 13.75 21.78 -30.23
CA LYS A 277 14.66 21.65 -29.08
C LYS A 277 15.98 22.41 -29.26
N PHE A 278 16.34 22.70 -30.51
CA PHE A 278 17.64 23.30 -30.80
C PHE A 278 17.52 24.60 -31.60
N GLY A 279 16.30 24.92 -32.05
CA GLY A 279 16.06 26.15 -32.77
C GLY A 279 16.81 26.26 -34.09
N PHE A 280 17.30 25.13 -34.57
CA PHE A 280 18.01 25.08 -35.84
C PHE A 280 17.65 23.80 -36.56
N ARG A 281 17.25 23.94 -37.82
CA ARG A 281 16.91 22.78 -38.64
C ARG A 281 18.15 21.92 -38.83
N TYR A 282 18.01 20.62 -38.56
CA TYR A 282 19.10 19.68 -38.74
C TYR A 282 19.44 19.55 -40.23
N THR A 283 18.47 19.87 -41.07
CA THR A 283 18.66 19.84 -42.51
C THR A 283 17.72 20.81 -43.20
N GLN A 284 18.21 21.50 -44.23
CA GLN A 284 17.39 22.39 -45.02
C GLN A 284 16.34 21.58 -45.78
N GLN A 285 16.81 20.61 -46.57
CA GLN A 285 15.92 19.72 -47.29
C GLN A 285 15.72 18.41 -46.52
N ILE A 286 14.49 17.94 -46.46
CA ILE A 286 14.14 16.75 -45.68
C ILE A 286 14.58 15.49 -46.41
N ARG A 287 14.79 15.59 -47.72
CA ARG A 287 15.19 14.45 -48.54
C ARG A 287 16.58 13.92 -48.20
N ASP A 288 17.41 14.79 -47.61
CA ASP A 288 18.80 14.44 -47.34
C ASP A 288 18.94 13.41 -46.23
N ILE A 289 17.99 13.41 -45.31
CA ILE A 289 18.00 12.49 -44.17
C ILE A 289 17.47 11.10 -44.53
N GLU A 290 18.15 10.06 -44.07
CA GLU A 290 17.60 8.72 -44.15
C GLU A 290 17.51 8.09 -42.76
N ILE A 291 16.59 7.15 -42.59
CA ILE A 291 16.27 6.63 -41.27
C ILE A 291 16.55 5.14 -41.11
N GLU A 292 17.36 4.79 -40.12
CA GLU A 292 17.74 3.41 -39.87
C GLU A 292 17.03 2.80 -38.67
N TYR A 293 16.87 1.48 -38.69
CA TYR A 293 16.13 0.76 -37.65
C TYR A 293 16.93 -0.40 -37.07
N GLU A 294 16.76 -0.65 -35.77
CA GLU A 294 17.47 -1.75 -35.09
C GLU A 294 16.55 -2.94 -34.79
N LYS A 295 16.90 -4.11 -35.32
CA LYS A 295 16.11 -5.31 -35.10
C LYS A 295 16.93 -6.41 -34.43
N GLU A 296 18.16 -6.60 -34.90
CA GLU A 296 19.03 -7.63 -34.35
C GLU A 296 20.32 -7.03 -33.79
N GLY A 297 20.22 -5.80 -33.30
CA GLY A 297 21.39 -5.09 -32.79
C GLY A 297 22.09 -4.35 -33.91
N LYS A 298 21.69 -4.64 -35.14
CA LYS A 298 22.27 -3.99 -36.32
C LYS A 298 21.28 -3.00 -36.91
N PHE A 299 21.80 -1.95 -37.53
CA PHE A 299 20.95 -0.92 -38.12
C PHE A 299 20.76 -1.11 -39.62
N VAL A 300 19.52 -1.32 -40.02
CA VAL A 300 19.17 -1.40 -41.43
C VAL A 300 18.31 -0.20 -41.82
N MET A 301 18.76 0.53 -42.83
CA MET A 301 18.03 1.67 -43.34
C MET A 301 16.67 1.24 -43.89
N LEU A 302 15.62 1.92 -43.46
CA LEU A 302 14.28 1.67 -43.99
C LEU A 302 13.93 2.67 -45.09
N GLN A 303 13.40 2.15 -46.19
CA GLN A 303 13.03 2.98 -47.32
C GLN A 303 11.52 3.11 -47.46
N GLU A 304 11.10 4.17 -48.13
CA GLU A 304 9.69 4.52 -48.20
C GLU A 304 8.84 3.46 -48.87
N VAL A 305 9.43 2.72 -49.80
CA VAL A 305 8.76 1.62 -50.47
C VAL A 305 9.78 0.57 -50.90
N ASP A 306 9.55 -0.69 -50.54
CA ASP A 306 10.49 -1.76 -50.91
C ASP A 306 9.85 -2.89 -51.73
N ASP A 307 10.60 -3.97 -51.92
CA ASP A 307 10.10 -5.13 -52.65
C ASP A 307 9.01 -5.86 -51.88
N THR A 308 8.94 -5.60 -50.58
CA THR A 308 7.91 -6.19 -49.73
C THR A 308 6.80 -5.18 -49.47
N SER A 309 6.16 -4.72 -50.53
CA SER A 309 5.07 -3.77 -50.43
C SER A 309 3.89 -4.23 -51.29
N GLU A 310 2.75 -4.46 -50.65
CA GLU A 310 1.56 -4.94 -51.35
C GLU A 310 1.14 -3.97 -52.46
N ILE A 311 0.46 -4.51 -53.47
CA ILE A 311 0.01 -3.71 -54.60
C ILE A 311 -1.46 -3.98 -54.92
N ARG A 312 -2.27 -2.93 -54.90
CA ARG A 312 -3.68 -3.05 -55.19
C ARG A 312 -4.00 -2.64 -56.62
N GLY A 313 -3.93 -3.59 -57.54
CA GLY A 313 -4.17 -3.33 -58.94
C GLY A 313 -2.91 -2.91 -59.66
N HIS A 314 -2.59 -1.61 -59.58
CA HIS A 314 -1.40 -1.08 -60.23
C HIS A 314 -0.75 -0.01 -59.38
N VAL A 315 -1.14 0.05 -58.11
CA VAL A 315 -0.62 1.07 -57.18
C VAL A 315 0.03 0.41 -55.97
N THR A 316 1.22 0.88 -55.61
CA THR A 316 1.96 0.29 -54.50
C THR A 316 1.67 1.03 -53.18
N MET A 317 1.70 0.30 -52.06
CA MET A 317 1.41 0.87 -50.76
C MET A 317 2.66 1.34 -50.02
N LEU A 318 2.59 2.54 -49.44
CA LEU A 318 3.72 3.10 -48.70
C LEU A 318 4.05 2.31 -47.44
N ASN A 319 5.34 2.20 -47.15
CA ASN A 319 5.80 1.50 -45.97
C ASN A 319 5.69 2.37 -44.73
N THR A 320 5.01 1.85 -43.71
CA THR A 320 4.85 2.57 -42.46
C THR A 320 5.82 2.02 -41.43
N LEU A 321 5.50 2.25 -40.16
CA LEU A 321 6.30 1.71 -39.07
C LEU A 321 5.77 0.35 -38.63
N LYS A 322 4.46 0.16 -38.70
CA LYS A 322 3.86 -1.14 -38.40
C LYS A 322 4.21 -2.12 -39.50
N HIS A 323 4.51 -1.57 -40.68
CA HIS A 323 4.98 -2.35 -41.81
C HIS A 323 6.32 -2.96 -41.47
N TYR A 324 7.13 -2.22 -40.72
CA TYR A 324 8.46 -2.68 -40.32
C TYR A 324 8.44 -3.33 -38.94
N GLN A 325 7.24 -3.48 -38.37
CA GLN A 325 7.06 -4.01 -37.02
C GLN A 325 7.86 -3.23 -35.98
N VAL A 326 7.75 -1.91 -36.02
CA VAL A 326 8.44 -1.05 -35.07
C VAL A 326 7.67 -0.99 -33.76
N GLY A 327 8.37 -1.26 -32.66
CA GLY A 327 7.75 -1.23 -31.35
C GLY A 327 8.15 -0.01 -30.55
N ASP A 328 7.54 0.15 -29.38
CA ASP A 328 7.85 1.27 -28.50
C ASP A 328 9.30 1.22 -28.01
N GLY A 329 9.89 2.38 -27.79
CA GLY A 329 11.25 2.47 -27.29
C GLY A 329 12.28 2.01 -28.30
N ALA A 330 11.86 1.91 -29.56
CA ALA A 330 12.76 1.49 -30.61
C ALA A 330 13.84 2.54 -30.85
N CYS A 331 15.06 2.07 -31.09
CA CYS A 331 16.16 2.96 -31.43
C CYS A 331 16.14 3.19 -32.92
N ILE A 332 16.39 4.43 -33.35
CA ILE A 332 16.31 4.78 -34.76
C ILE A 332 17.39 5.78 -35.17
N LYS A 333 18.13 5.47 -36.21
CA LYS A 333 19.27 6.30 -36.59
C LYS A 333 18.96 7.34 -37.67
N VAL A 334 19.67 8.46 -37.61
CA VAL A 334 19.55 9.53 -38.59
C VAL A 334 20.85 9.71 -39.33
N ILE A 335 20.79 9.62 -40.66
CA ILE A 335 21.97 9.79 -41.49
C ILE A 335 21.75 10.94 -42.46
N THR A 336 22.80 11.67 -42.78
CA THR A 336 22.70 12.75 -43.75
C THR A 336 23.37 12.33 -45.05
N PRO A 337 23.88 13.30 -45.81
CA PRO A 337 24.49 13.01 -47.10
C PRO A 337 26.02 13.00 -47.04
N LYS A 338 26.57 13.40 -45.90
CA LYS A 338 28.01 13.50 -45.74
C LYS A 338 28.54 12.45 -44.77
N ILE A 339 27.66 11.57 -44.31
CA ILE A 339 28.05 10.53 -43.36
C ILE A 339 28.39 9.23 -44.07
N HIS A 340 27.40 8.62 -44.71
CA HIS A 340 27.60 7.37 -45.41
C HIS A 340 26.58 7.21 -46.54
N ALA A 341 26.06 8.34 -47.01
CA ALA A 341 25.04 8.32 -48.07
C ALA A 341 25.67 8.08 -49.45
N PRO A 342 26.94 7.69 -49.46
CA PRO A 342 27.60 7.32 -50.70
C PRO A 342 26.98 6.03 -51.23
N LEU A 343 26.30 5.29 -50.34
CA LEU A 343 25.65 4.05 -50.71
C LEU A 343 24.26 3.93 -50.09
N LYS A 344 24.02 4.64 -48.99
CA LYS A 344 22.73 4.60 -48.32
C LYS A 344 21.84 5.77 -48.74
N THR A 345 21.65 5.92 -50.06
CA THR A 345 20.78 6.98 -50.58
C THR A 345 19.52 6.40 -51.18
N GLN A 346 18.37 6.93 -50.78
CA GLN A 346 17.10 6.48 -51.31
C GLN A 346 16.46 7.57 -52.15
N ASN A 347 15.61 7.18 -53.09
CA ASN A 347 14.87 8.13 -53.91
C ASN A 347 13.57 8.56 -53.24
N SER A 348 13.44 9.86 -52.98
CA SER A 348 12.23 10.40 -52.35
C SER A 348 10.99 10.13 -53.19
N VAL A 349 10.09 9.32 -52.64
CA VAL A 349 8.88 8.91 -53.35
C VAL A 349 7.98 10.11 -53.69
N LYS A 350 7.85 11.02 -52.74
CA LYS A 350 6.98 12.17 -52.87
C LYS A 350 7.42 13.11 -54.00
N ASP A 351 8.66 12.96 -54.45
CA ASP A 351 9.19 13.79 -55.53
C ASP A 351 8.59 13.43 -56.88
N ASP A 352 8.14 12.20 -57.02
CA ASP A 352 7.56 11.72 -58.27
C ASP A 352 6.40 12.62 -58.69
N LYS A 353 6.29 12.90 -59.99
CA LYS A 353 5.22 13.74 -60.49
C LYS A 353 3.85 13.15 -60.15
N ASN A 354 3.59 11.95 -60.62
CA ASN A 354 2.33 11.27 -60.30
C ASN A 354 2.46 10.34 -59.09
N PHE A 355 2.85 10.91 -57.97
CA PHE A 355 3.01 10.17 -56.73
C PHE A 355 1.66 9.84 -56.12
N SER A 356 0.66 10.66 -56.44
CA SER A 356 -0.69 10.45 -55.93
C SER A 356 -1.45 9.42 -56.76
N ILE A 357 -0.80 8.88 -57.79
CA ILE A 357 -1.43 7.88 -58.64
C ILE A 357 -0.64 6.58 -58.57
N LYS A 358 0.64 6.68 -58.22
CA LYS A 358 1.52 5.52 -58.19
C LYS A 358 1.67 4.94 -56.79
N TYR A 359 1.27 5.70 -55.78
CA TYR A 359 1.40 5.26 -54.39
C TYR A 359 0.13 5.51 -53.57
N PHE A 360 0.00 4.81 -52.45
CA PHE A 360 -1.07 5.08 -51.49
C PHE A 360 -0.65 4.73 -50.06
N HIS A 361 -1.38 5.27 -49.09
CA HIS A 361 -1.03 5.12 -47.68
C HIS A 361 -2.17 4.51 -46.86
N LEU A 362 -3.21 5.29 -46.60
CA LEU A 362 -4.34 4.81 -45.79
C LEU A 362 -5.67 4.86 -46.54
N VAL A 363 -5.60 5.13 -47.85
CA VAL A 363 -6.79 5.27 -48.68
C VAL A 363 -6.56 4.69 -50.07
N ASP A 364 -7.53 3.95 -50.60
CA ASP A 364 -7.48 3.50 -51.99
C ASP A 364 -8.88 3.25 -52.55
N PRO A 365 -9.17 3.88 -53.69
CA PRO A 365 -10.48 3.74 -54.33
C PRO A 365 -10.39 2.89 -55.59
N PRO A 375 -17.59 -8.08 -45.59
CA PRO A 375 -18.67 -7.14 -45.81
C PRO A 375 -18.79 -6.15 -44.66
N GLU A 376 -18.26 -6.53 -43.50
CA GLU A 376 -18.33 -5.70 -42.31
C GLU A 376 -17.65 -4.35 -42.54
N LYS A 377 -16.47 -4.39 -43.13
CA LYS A 377 -15.68 -3.19 -43.39
C LYS A 377 -16.28 -2.32 -44.48
N LYS A 378 -17.09 -2.92 -45.34
CA LYS A 378 -17.77 -2.18 -46.41
C LYS A 378 -18.73 -1.15 -45.82
N ALA A 379 -19.26 -1.47 -44.64
CA ALA A 379 -20.14 -0.57 -43.92
C ALA A 379 -19.40 0.17 -42.81
N LEU A 380 -18.09 -0.05 -42.74
CA LEU A 380 -17.25 0.64 -41.76
C LEU A 380 -16.65 1.93 -42.33
N LYS A 381 -17.03 2.27 -43.56
CA LYS A 381 -16.54 3.48 -44.19
C LYS A 381 -17.52 4.64 -44.03
N ILE A 382 -18.55 4.42 -43.22
CA ILE A 382 -19.58 5.43 -42.96
C ILE A 382 -18.99 6.72 -42.43
N LYS A 383 -19.19 7.80 -43.18
CA LYS A 383 -18.52 9.07 -42.90
C LYS A 383 -18.94 9.68 -41.58
N GLU A 384 -20.24 9.65 -41.30
CA GLU A 384 -20.79 10.29 -40.11
C GLU A 384 -20.22 9.72 -38.80
N MET A 385 -19.82 8.45 -38.85
CA MET A 385 -19.30 7.75 -37.67
C MET A 385 -17.98 8.34 -37.18
N TYR A 386 -17.49 9.33 -37.89
CA TYR A 386 -16.21 9.94 -37.57
C TYR A 386 -16.40 11.41 -37.26
N LEU A 387 -17.62 11.90 -37.45
CA LEU A 387 -17.92 13.31 -37.23
C LEU A 387 -17.58 13.76 -35.81
N ILE A 388 -17.68 12.84 -34.85
CA ILE A 388 -17.33 13.12 -33.47
C ILE A 388 -15.88 13.62 -33.33
N LYS A 389 -15.00 13.17 -34.23
CA LYS A 389 -13.62 13.63 -34.27
C LYS A 389 -13.55 15.13 -34.54
N LEU A 390 -14.40 15.59 -35.45
CA LEU A 390 -14.52 17.02 -35.72
C LEU A 390 -14.86 17.74 -34.43
N LEU A 391 -15.68 17.11 -33.61
CA LEU A 391 -16.07 17.70 -32.34
C LEU A 391 -14.84 17.71 -31.44
N SER A 392 -14.14 16.58 -31.40
CA SER A 392 -13.03 16.40 -30.49
C SER A 392 -11.97 17.47 -30.74
N THR A 393 -11.58 17.59 -32.01
CA THR A 393 -10.62 18.61 -32.42
C THR A 393 -11.16 20.01 -32.13
N LYS A 394 -12.46 20.20 -32.35
CA LYS A 394 -13.09 21.47 -32.11
C LYS A 394 -12.98 21.79 -30.63
N VAL A 395 -12.98 20.74 -29.82
CA VAL A 395 -12.87 20.89 -28.38
C VAL A 395 -11.43 21.18 -28.02
N ALA A 396 -10.51 20.58 -28.78
CA ALA A 396 -9.09 20.65 -28.44
C ALA A 396 -8.54 22.06 -28.57
N VAL A 397 -8.92 22.74 -29.66
CA VAL A 397 -8.32 24.03 -29.98
C VAL A 397 -9.29 25.17 -29.78
N HIS A 398 -10.31 24.97 -28.96
CA HIS A 398 -11.32 26.00 -28.77
C HIS A 398 -10.83 27.15 -27.90
N SER A 399 -9.92 26.87 -26.97
CA SER A 399 -9.36 27.93 -26.13
C SER A 399 -8.60 28.97 -26.95
N PHE A 400 -7.84 28.49 -27.93
CA PHE A 400 -7.07 29.38 -28.80
C PHE A 400 -7.96 30.16 -29.75
N VAL A 401 -9.01 29.50 -30.24
CA VAL A 401 -9.99 30.14 -31.11
C VAL A 401 -10.68 31.28 -30.37
N GLU A 402 -11.08 31.02 -29.13
CA GLU A 402 -11.75 32.05 -28.36
C GLU A 402 -10.79 33.16 -28.03
N ASN A 403 -9.55 32.80 -27.74
CA ASN A 403 -8.52 33.78 -27.40
C ASN A 403 -8.30 34.74 -28.56
N LEU A 404 -8.08 34.18 -29.75
CA LEU A 404 -7.90 34.97 -30.97
C LEU A 404 -9.12 35.86 -31.24
N PHE A 405 -10.31 35.26 -31.18
CA PHE A 405 -11.55 36.00 -31.46
C PHE A 405 -11.72 37.19 -30.52
N LYS A 406 -11.55 36.95 -29.23
CA LYS A 406 -11.71 38.00 -28.22
C LYS A 406 -10.65 39.08 -28.39
N SER A 407 -9.44 38.66 -28.79
CA SER A 407 -8.34 39.60 -28.98
C SER A 407 -8.46 40.37 -30.29
N ILE A 408 -9.36 39.93 -31.16
CA ILE A 408 -9.64 40.67 -32.40
C ILE A 408 -10.63 41.80 -32.14
N TRP A 409 -11.77 41.46 -31.53
CA TRP A 409 -12.80 42.45 -31.25
C TRP A 409 -12.80 42.92 -29.79
N GLY A 410 -11.61 43.05 -29.23
CA GLY A 410 -11.44 43.57 -27.88
C GLY A 410 -10.74 44.90 -27.91
N LEU A 411 -10.85 45.65 -26.83
CA LEU A 411 -10.24 46.98 -26.75
C LEU A 411 -9.33 47.11 -25.54
N PRO A 412 -8.00 47.06 -25.76
CA PRO A 412 -7.02 47.31 -24.70
C PRO A 412 -7.06 48.77 -24.26
N ASN A 413 -6.99 49.00 -22.95
CA ASN A 413 -7.08 50.34 -22.38
C ASN A 413 -8.37 51.08 -22.74
N ASN A 414 -9.43 50.31 -22.97
CA ASN A 414 -10.76 50.83 -23.25
C ASN A 414 -10.89 51.68 -24.52
N LYS A 415 -9.83 51.72 -25.32
CA LYS A 415 -9.85 52.46 -26.57
C LYS A 415 -9.65 51.51 -27.74
N ALA A 416 -10.10 51.94 -28.93
CA ALA A 416 -10.00 51.12 -30.14
C ALA A 416 -8.87 51.62 -31.02
N PRO A 417 -8.33 50.74 -31.89
CA PRO A 417 -7.33 51.16 -32.86
C PRO A 417 -7.79 52.40 -33.62
N LEU A 418 -6.86 53.29 -33.94
CA LEU A 418 -7.18 54.56 -34.57
C LEU A 418 -7.97 54.36 -35.87
N ALA A 419 -7.46 53.48 -36.73
CA ALA A 419 -8.06 53.24 -38.03
C ALA A 419 -9.49 52.68 -37.96
N VAL A 420 -9.73 51.80 -36.99
CA VAL A 420 -11.04 51.20 -36.80
C VAL A 420 -12.09 52.22 -36.37
N LYS A 421 -11.81 52.91 -35.28
CA LYS A 421 -12.67 53.99 -34.80
C LYS A 421 -12.93 54.99 -35.91
N TYR A 422 -11.85 55.58 -36.43
CA TYR A 422 -11.94 56.59 -37.47
C TYR A 422 -12.80 56.14 -38.63
N PHE A 423 -12.53 54.94 -39.14
CA PHE A 423 -13.22 54.42 -40.31
C PHE A 423 -14.70 54.11 -40.05
N PHE A 424 -15.02 53.71 -38.82
CA PHE A 424 -16.41 53.47 -38.48
C PHE A 424 -17.18 54.78 -38.33
N ASP A 425 -16.52 55.82 -37.82
CA ASP A 425 -17.14 57.13 -37.79
C ASP A 425 -17.35 57.62 -39.22
N PHE A 426 -16.42 57.24 -40.10
CA PHE A 426 -16.53 57.57 -41.52
C PHE A 426 -17.75 56.91 -42.15
N LEU A 427 -17.93 55.62 -41.91
CA LEU A 427 -19.11 54.90 -42.37
C LEU A 427 -20.42 55.50 -41.82
N ASP A 428 -20.44 55.79 -40.52
CA ASP A 428 -21.61 56.40 -39.90
C ASP A 428 -21.97 57.71 -40.61
N GLU A 429 -20.97 58.58 -40.75
CA GLU A 429 -21.18 59.86 -41.42
C GLU A 429 -21.60 59.70 -42.89
N GLN A 430 -21.16 58.61 -43.52
CA GLN A 430 -21.56 58.30 -44.88
C GLN A 430 -23.05 57.93 -44.94
N ALA A 431 -23.48 57.09 -44.00
CA ALA A 431 -24.89 56.75 -43.88
C ALA A 431 -25.72 58.01 -43.61
N GLU A 432 -25.11 58.96 -42.90
CA GLU A 432 -25.77 60.24 -42.67
C GLU A 432 -25.83 61.07 -43.95
N ARG A 433 -24.86 60.86 -44.83
CA ARG A 433 -24.77 61.61 -46.09
C ARG A 433 -25.71 61.06 -47.16
N LYS A 434 -26.33 59.92 -46.90
CA LYS A 434 -27.20 59.28 -47.89
C LYS A 434 -28.63 59.08 -47.40
N LYS A 435 -28.93 59.60 -46.21
CA LYS A 435 -30.25 59.47 -45.60
C LYS A 435 -30.66 58.00 -45.48
N ILE A 436 -30.00 57.28 -44.56
CA ILE A 436 -30.32 55.88 -44.32
C ILE A 436 -30.82 55.71 -42.90
N THR A 437 -32.02 55.17 -42.77
CA THR A 437 -32.66 55.02 -41.47
C THR A 437 -32.72 53.57 -41.01
N ASP A 438 -31.79 52.76 -41.51
CA ASP A 438 -31.73 51.34 -41.16
C ASP A 438 -30.36 50.97 -40.63
N PRO A 439 -30.24 50.78 -39.30
CA PRO A 439 -28.99 50.40 -38.62
C PRO A 439 -28.37 49.12 -39.19
N ASP A 440 -29.19 48.27 -39.80
CA ASP A 440 -28.70 47.04 -40.41
C ASP A 440 -27.70 47.33 -41.53
N VAL A 441 -27.92 48.42 -42.25
CA VAL A 441 -27.02 48.85 -43.31
C VAL A 441 -25.66 49.22 -42.75
N LEU A 442 -25.67 49.99 -41.67
CA LEU A 442 -24.42 50.38 -41.01
C LEU A 442 -23.68 49.14 -40.53
N HIS A 443 -24.41 48.22 -39.90
CA HIS A 443 -23.81 46.98 -39.41
C HIS A 443 -23.18 46.21 -40.57
N ILE A 444 -23.95 46.01 -41.63
CA ILE A 444 -23.49 45.32 -42.84
C ILE A 444 -22.22 45.94 -43.41
N TRP A 445 -22.20 47.26 -43.54
CA TRP A 445 -21.02 47.94 -44.04
C TRP A 445 -19.83 47.68 -43.14
N LYS A 446 -20.04 47.81 -41.83
CA LYS A 446 -18.99 47.58 -40.85
C LYS A 446 -18.41 46.16 -40.96
N THR A 447 -19.27 45.17 -41.19
CA THR A 447 -18.83 43.79 -41.23
C THR A 447 -18.33 43.35 -42.61
N ASN A 448 -18.61 44.15 -43.63
CA ASN A 448 -18.14 43.86 -44.99
C ASN A 448 -16.82 44.55 -45.27
N SER A 449 -16.56 45.62 -44.53
CA SER A 449 -15.36 46.43 -44.75
C SER A 449 -14.16 45.92 -43.94
N LEU A 450 -14.37 45.71 -42.64
CA LEU A 450 -13.25 45.35 -41.78
C LEU A 450 -13.04 43.84 -41.61
N PRO A 451 -14.00 43.10 -40.99
CA PRO A 451 -13.65 41.69 -40.80
C PRO A 451 -13.55 40.89 -42.12
N LEU A 452 -14.53 41.00 -43.01
CA LEU A 452 -14.51 40.28 -44.28
C LEU A 452 -13.25 40.60 -45.08
N ARG A 453 -13.03 41.89 -45.32
CA ARG A 453 -11.97 42.32 -46.23
C ARG A 453 -10.60 42.44 -45.57
N PHE A 454 -10.56 42.34 -44.25
CA PHE A 454 -9.27 42.33 -43.57
C PHE A 454 -9.05 41.13 -42.67
N TRP A 455 -9.81 41.03 -41.58
CA TRP A 455 -9.54 40.01 -40.57
C TRP A 455 -9.59 38.58 -41.10
N VAL A 456 -10.49 38.32 -42.03
CA VAL A 456 -10.57 37.01 -42.65
C VAL A 456 -9.29 36.74 -43.45
N ASN A 457 -8.79 37.77 -44.10
CA ASN A 457 -7.58 37.67 -44.92
C ASN A 457 -6.33 37.32 -44.12
N ILE A 458 -6.28 37.76 -42.87
CA ILE A 458 -5.16 37.42 -42.00
C ILE A 458 -5.43 36.05 -41.40
N LEU A 459 -6.72 35.80 -41.16
CA LEU A 459 -7.14 34.52 -40.62
C LEU A 459 -6.86 33.40 -41.62
N LYS A 460 -7.03 33.69 -42.91
CA LYS A 460 -6.91 32.65 -43.91
C LYS A 460 -5.52 32.59 -44.51
N ASN A 461 -4.68 33.58 -44.18
CA ASN A 461 -3.31 33.64 -44.68
C ASN A 461 -2.31 34.00 -43.59
N PRO A 462 -2.17 33.15 -42.56
CA PRO A 462 -1.29 33.48 -41.42
C PRO A 462 0.17 33.60 -41.84
N ASP A 463 0.49 33.16 -43.04
CA ASP A 463 1.84 33.27 -43.56
C ASP A 463 2.17 34.71 -43.93
N PHE A 464 1.13 35.53 -44.10
CA PHE A 464 1.33 36.95 -44.36
C PHE A 464 1.96 37.59 -43.14
N VAL A 465 1.63 37.06 -41.97
CA VAL A 465 2.08 37.70 -40.75
C VAL A 465 3.32 37.03 -40.17
N PHE A 466 3.55 35.77 -40.55
CA PHE A 466 4.68 35.06 -39.96
C PHE A 466 5.69 34.56 -40.99
N SER A 467 6.89 34.26 -40.51
CA SER A 467 7.93 33.74 -41.36
C SER A 467 8.09 32.24 -41.17
N ASP A 468 8.69 31.58 -42.15
CA ASP A 468 8.89 30.13 -42.14
C ASP A 468 7.62 29.37 -41.81
N MET A 469 6.51 29.89 -42.33
CA MET A 469 5.20 29.29 -42.15
C MET A 469 4.81 28.59 -43.44
N GLU A 470 4.92 27.26 -43.46
CA GLU A 470 4.45 26.49 -44.60
C GLU A 470 3.00 26.09 -44.38
N LYS A 471 2.10 26.65 -45.18
CA LYS A 471 0.68 26.37 -45.02
C LYS A 471 0.25 25.21 -45.92
N SER A 472 -0.46 24.26 -45.34
CA SER A 472 -0.97 23.10 -46.08
C SER A 472 -2.42 23.36 -46.47
N PRO A 473 -2.92 22.64 -47.49
CA PRO A 473 -4.33 22.81 -47.86
C PRO A 473 -5.27 22.35 -46.74
N HIS A 474 -4.82 21.42 -45.92
CA HIS A 474 -5.62 20.92 -44.81
C HIS A 474 -5.83 22.01 -43.77
N LEU A 475 -4.71 22.51 -43.24
CA LEU A 475 -4.72 23.65 -42.35
C LEU A 475 -5.48 24.83 -42.98
N ASP A 476 -5.45 24.90 -44.31
CA ASP A 476 -6.23 25.90 -45.01
C ASP A 476 -7.70 25.62 -44.78
N GLY A 477 -8.08 24.34 -44.77
CA GLY A 477 -9.46 23.96 -44.56
C GLY A 477 -9.93 24.24 -43.14
N CYS A 478 -9.08 23.93 -42.18
CA CYS A 478 -9.40 24.19 -40.78
C CYS A 478 -9.57 25.68 -40.55
N LEU A 479 -8.61 26.47 -41.04
CA LEU A 479 -8.70 27.92 -40.95
C LEU A 479 -9.93 28.47 -41.69
N SER A 480 -10.31 27.80 -42.78
CA SER A 480 -11.52 28.14 -43.50
C SER A 480 -12.71 28.01 -42.56
N VAL A 481 -12.78 26.87 -41.87
CA VAL A 481 -13.86 26.60 -40.92
C VAL A 481 -13.95 27.66 -39.82
N ILE A 482 -12.82 27.89 -39.16
CA ILE A 482 -12.77 28.91 -38.11
C ILE A 482 -13.10 30.32 -38.64
N ALA A 483 -12.73 30.58 -39.89
CA ALA A 483 -13.01 31.86 -40.50
C ALA A 483 -14.50 32.05 -40.69
N GLN A 484 -15.15 31.00 -41.21
CA GLN A 484 -16.58 31.05 -41.42
C GLN A 484 -17.29 31.26 -40.08
N ALA A 485 -16.83 30.52 -39.07
CA ALA A 485 -17.35 30.68 -37.71
C ALA A 485 -17.22 32.12 -37.24
N PHE A 486 -16.08 32.72 -37.54
CA PHE A 486 -15.82 34.12 -37.24
C PHE A 486 -16.78 35.06 -37.97
N MET A 487 -17.16 34.68 -39.18
CA MET A 487 -18.03 35.51 -40.03
C MET A 487 -19.50 35.44 -39.61
N ASP A 488 -19.93 34.30 -39.07
CA ASP A 488 -21.31 34.14 -38.59
C ASP A 488 -21.61 34.97 -37.34
N SER A 489 -20.56 35.41 -36.65
CA SER A 489 -20.71 36.25 -35.47
C SER A 489 -21.05 37.68 -35.88
N PHE A 490 -20.96 37.96 -37.18
CA PHE A 490 -21.27 39.28 -37.68
C PHE A 490 -22.59 39.27 -38.43
N SER A 491 -23.24 38.10 -38.39
CA SER A 491 -24.52 37.93 -39.03
C SER A 491 -25.56 38.77 -38.29
N LEU A 492 -26.69 39.03 -38.93
CA LEU A 492 -27.76 39.76 -38.27
C LEU A 492 -28.99 38.88 -38.08
N THR A 493 -28.98 37.74 -38.76
CA THR A 493 -30.11 36.82 -38.71
C THR A 493 -29.80 35.57 -37.89
N ASP A 494 -30.68 35.26 -36.95
CA ASP A 494 -30.53 34.07 -36.15
C ASP A 494 -30.85 32.84 -37.01
N THR A 495 -29.80 32.24 -37.56
CA THR A 495 -29.96 31.12 -38.48
C THR A 495 -30.38 29.84 -37.77
N HIS A 496 -31.48 29.26 -38.25
CA HIS A 496 -31.96 27.99 -37.73
C HIS A 496 -31.21 26.83 -38.39
N LEU A 497 -30.21 26.29 -37.68
CA LEU A 497 -29.45 25.15 -38.17
C LEU A 497 -30.16 23.83 -37.87
N ASP A 498 -30.47 23.09 -38.93
CA ASP A 498 -31.15 21.81 -38.82
C ASP A 498 -30.29 20.69 -39.39
N LYS A 499 -30.93 19.66 -39.93
CA LYS A 499 -30.22 18.53 -40.51
C LYS A 499 -29.68 18.89 -41.89
N HIS A 500 -30.13 20.03 -42.40
CA HIS A 500 -29.77 20.47 -43.74
C HIS A 500 -28.58 21.42 -43.75
N SER A 501 -28.13 21.87 -42.58
CA SER A 501 -27.05 22.85 -42.49
C SER A 501 -25.67 22.20 -42.52
N PRO A 502 -24.68 22.88 -43.13
CA PRO A 502 -23.32 22.34 -43.24
C PRO A 502 -22.60 22.22 -41.90
N THR A 503 -21.81 21.15 -41.76
CA THR A 503 -21.16 20.84 -40.49
C THR A 503 -20.28 21.96 -39.95
N ASN A 504 -19.67 22.72 -40.85
CA ASN A 504 -18.77 23.81 -40.48
C ASN A 504 -19.47 24.91 -39.68
N LYS A 505 -20.79 24.98 -39.81
CA LYS A 505 -21.59 25.91 -39.01
C LYS A 505 -22.08 25.21 -37.76
N LEU A 506 -22.36 23.91 -37.88
CA LEU A 506 -22.82 23.09 -36.77
C LEU A 506 -21.81 23.08 -35.63
N LEU A 507 -20.53 22.89 -35.98
CA LEU A 507 -19.45 22.77 -35.01
C LEU A 507 -19.37 23.95 -34.07
N TYR A 508 -19.56 25.14 -34.61
CA TYR A 508 -19.45 26.36 -33.82
C TYR A 508 -20.81 27.03 -33.60
N GLY A 509 -21.87 26.25 -33.75
CA GLY A 509 -23.23 26.77 -33.64
C GLY A 509 -23.61 27.23 -32.25
N LYS A 510 -22.99 26.64 -31.24
CA LYS A 510 -23.29 26.98 -29.86
C LYS A 510 -22.58 28.24 -29.38
N ASP A 511 -21.39 28.49 -29.92
CA ASP A 511 -20.60 29.62 -29.46
C ASP A 511 -20.91 30.89 -30.23
N ILE A 512 -21.69 30.75 -31.29
CA ILE A 512 -22.03 31.89 -32.15
C ILE A 512 -22.75 33.05 -31.45
N PRO A 513 -23.83 32.78 -30.68
CA PRO A 513 -24.56 33.92 -30.11
C PRO A 513 -23.75 34.78 -29.13
N GLN A 514 -22.88 34.17 -28.35
CA GLN A 514 -22.04 34.92 -27.42
C GLN A 514 -21.15 35.88 -28.21
N TYR A 515 -20.58 35.36 -29.29
CA TYR A 515 -19.74 36.12 -30.19
C TYR A 515 -20.53 37.26 -30.82
N LYS A 516 -21.78 36.98 -31.18
CA LYS A 516 -22.69 37.97 -31.77
C LYS A 516 -22.89 39.14 -30.82
N GLN A 517 -23.17 38.80 -29.56
CA GLN A 517 -23.35 39.80 -28.53
C GLN A 517 -22.09 40.65 -28.37
N GLU A 518 -20.95 39.98 -28.32
CA GLU A 518 -19.68 40.68 -28.16
C GLU A 518 -19.43 41.61 -29.35
N VAL A 519 -19.93 41.22 -30.52
CA VAL A 519 -19.79 42.01 -31.73
C VAL A 519 -20.63 43.28 -31.66
N LYS A 520 -21.90 43.13 -31.33
CA LYS A 520 -22.79 44.28 -31.22
C LYS A 520 -22.32 45.25 -30.14
N SER A 521 -21.91 44.69 -29.01
CA SER A 521 -21.33 45.48 -27.92
C SER A 521 -20.05 46.18 -28.39
N TYR A 522 -19.30 45.52 -29.28
CA TYR A 522 -18.06 46.07 -29.81
C TYR A 522 -18.31 47.27 -30.69
N TYR A 523 -19.28 47.15 -31.60
CA TYR A 523 -19.64 48.25 -32.49
C TYR A 523 -20.21 49.41 -31.69
N LYS A 524 -20.97 49.09 -30.65
CA LYS A 524 -21.44 50.13 -29.73
C LYS A 524 -20.27 50.86 -29.11
N LEU A 525 -19.41 50.14 -28.39
CA LEU A 525 -18.23 50.70 -27.74
C LEU A 525 -17.39 51.56 -28.66
N VAL A 526 -17.23 51.11 -29.90
CA VAL A 526 -16.50 51.87 -30.90
C VAL A 526 -17.25 53.17 -31.23
N LYS A 527 -18.57 53.07 -31.35
CA LYS A 527 -19.38 54.23 -31.68
C LYS A 527 -19.36 55.29 -30.57
N ASP A 528 -19.27 54.85 -29.32
CA ASP A 528 -19.38 55.75 -28.18
C ASP A 528 -18.02 56.29 -27.71
N GLN A 529 -16.94 55.76 -28.29
CA GLN A 529 -15.60 56.25 -27.98
C GLN A 529 -15.44 57.68 -28.49
N THR A 530 -14.62 58.47 -27.80
CA THR A 530 -14.39 59.87 -28.17
C THR A 530 -13.90 60.03 -29.60
N SER A 531 -14.43 61.04 -30.29
CA SER A 531 -14.07 61.28 -31.69
C SER A 531 -12.64 61.77 -31.86
N ILE A 532 -12.16 61.74 -33.09
CA ILE A 532 -10.76 61.99 -33.37
C ILE A 532 -10.57 63.11 -34.38
N SER A 533 -10.06 64.24 -33.93
CA SER A 533 -9.72 65.32 -34.84
C SER A 533 -8.59 64.86 -35.75
N SER A 534 -8.39 65.57 -36.87
CA SER A 534 -7.40 65.16 -37.85
C SER A 534 -5.97 65.52 -37.43
N GLN A 535 -5.81 66.01 -36.20
CA GLN A 535 -4.49 66.27 -35.64
C GLN A 535 -3.82 64.94 -35.28
N GLU A 536 -4.57 64.07 -34.63
CA GLU A 536 -4.10 62.73 -34.31
C GLU A 536 -3.84 61.94 -35.59
N LEU A 537 -4.74 62.13 -36.56
CA LEU A 537 -4.55 61.53 -37.88
C LEU A 537 -3.25 62.03 -38.47
N LYS A 538 -3.01 63.34 -38.32
CA LYS A 538 -1.80 63.95 -38.85
C LYS A 538 -0.56 63.28 -38.27
N THR A 539 -0.41 63.38 -36.95
CA THR A 539 0.78 62.82 -36.29
C THR A 539 0.94 61.32 -36.57
N PHE A 540 -0.17 60.58 -36.55
CA PHE A 540 -0.12 59.14 -36.79
C PHE A 540 0.31 58.79 -38.21
N LEU A 541 -0.48 59.22 -39.18
CA LEU A 541 -0.22 58.92 -40.58
C LEU A 541 1.15 59.45 -41.02
N GLN A 542 1.58 60.57 -40.46
CA GLN A 542 2.91 61.09 -40.72
C GLN A 542 3.98 60.19 -40.09
N GLU A 543 3.66 59.62 -38.93
CA GLU A 543 4.59 58.73 -38.25
C GLU A 543 4.78 57.42 -39.04
N GLU A 544 3.68 56.87 -39.53
CA GLU A 544 3.72 55.66 -40.34
C GLU A 544 4.43 55.91 -41.66
N SER A 545 4.07 57.02 -42.31
CA SER A 545 4.68 57.41 -43.57
C SER A 545 6.20 57.58 -43.43
N LYS A 546 6.63 58.29 -42.40
CA LYS A 546 8.05 58.48 -42.14
C LYS A 546 8.72 57.17 -41.74
N LYS A 547 7.94 56.26 -41.17
CA LYS A 547 8.45 54.94 -40.79
C LYS A 547 8.65 54.04 -42.01
N HIS A 548 7.91 54.29 -43.08
CA HIS A 548 7.92 53.39 -44.22
C HIS A 548 8.11 54.07 -45.57
N GLN A 549 8.63 55.30 -45.57
CA GLN A 549 8.86 56.01 -46.82
C GLN A 549 10.03 55.41 -47.59
N ASN A 550 11.06 54.99 -46.85
CA ASN A 550 12.29 54.49 -47.47
C ASN A 550 12.32 52.97 -47.65
N GLU A 551 11.32 52.28 -47.11
CA GLU A 551 11.28 50.82 -47.15
C GLU A 551 10.96 50.25 -48.53
N PHE A 552 9.93 50.79 -49.17
CA PHE A 552 9.60 50.39 -50.53
C PHE A 552 10.16 51.42 -51.49
N ASN A 553 10.08 51.13 -52.80
CA ASN A 553 10.47 52.11 -53.81
C ASN A 553 9.29 52.51 -54.70
N GLU A 554 8.99 53.80 -54.72
CA GLU A 554 7.87 54.32 -55.49
C GLU A 554 8.19 54.28 -56.98
N SER A 555 9.46 54.08 -57.31
CA SER A 555 9.93 54.04 -58.69
C SER A 555 9.31 52.90 -59.48
N ALA A 556 9.49 51.66 -59.01
CA ALA A 556 8.92 50.50 -59.68
C ALA A 556 7.39 50.58 -59.69
N ALA A 557 6.81 51.13 -58.63
CA ALA A 557 5.37 51.29 -58.53
C ALA A 557 4.82 52.16 -59.65
N LEU A 558 5.34 53.39 -59.73
CA LEU A 558 4.91 54.34 -60.75
C LEU A 558 5.21 53.85 -62.15
N ARG A 559 6.37 53.23 -62.33
CA ARG A 559 6.74 52.67 -63.63
C ARG A 559 5.79 51.55 -64.04
N GLU A 560 5.29 50.79 -63.07
CA GLU A 560 4.33 49.71 -63.34
C GLU A 560 2.88 50.19 -63.34
N LEU A 561 2.67 51.48 -63.03
CA LEU A 561 1.36 52.09 -63.15
C LEU A 561 1.21 52.83 -64.48
N TYR A 562 2.34 53.29 -65.03
CA TYR A 562 2.34 53.96 -66.32
C TYR A 562 1.78 53.03 -67.40
N LYS A 563 2.11 51.75 -67.28
CA LYS A 563 1.59 50.73 -68.21
C LYS A 563 0.07 50.77 -68.26
N TYR A 564 -0.54 51.15 -67.14
CA TYR A 564 -1.99 51.26 -67.05
C TYR A 564 -2.49 52.64 -67.48
N MET A 565 -1.66 53.67 -67.30
CA MET A 565 -2.08 55.02 -67.67
C MET A 565 -2.23 55.19 -69.18
N GLN A 566 -1.29 54.63 -69.93
CA GLN A 566 -1.27 54.81 -71.39
C GLN A 566 -2.13 53.79 -72.12
N ARG A 567 -2.52 52.73 -71.41
CA ARG A 567 -3.30 51.65 -72.01
C ARG A 567 -4.77 52.02 -72.12
N TYR A 568 -5.19 52.98 -71.29
CA TYR A 568 -6.56 53.46 -71.31
C TYR A 568 -6.57 54.99 -71.28
N PHE A 569 -5.70 55.60 -72.06
CA PHE A 569 -5.49 57.05 -72.01
C PHE A 569 -6.71 57.86 -72.42
N THR A 570 -7.33 57.48 -73.53
CA THR A 570 -8.46 58.23 -74.08
C THR A 570 -9.66 58.30 -73.13
N GLU A 571 -9.90 57.22 -72.41
CA GLU A 571 -11.03 57.14 -71.49
C GLU A 571 -10.81 58.03 -70.27
N ILE A 572 -9.58 58.05 -69.77
CA ILE A 572 -9.24 58.89 -68.63
C ILE A 572 -9.29 60.36 -69.02
N PHE A 573 -8.75 60.65 -70.20
CA PHE A 573 -8.74 61.99 -70.74
C PHE A 573 -10.19 62.48 -70.90
N GLN A 574 -11.05 61.60 -71.40
CA GLN A 574 -12.46 61.94 -71.58
C GLN A 574 -13.16 62.20 -70.25
N LYS A 575 -12.96 61.28 -69.30
CA LYS A 575 -13.58 61.39 -67.99
C LYS A 575 -13.12 62.65 -67.25
N LEU A 576 -11.90 63.09 -67.55
CA LEU A 576 -11.36 64.29 -66.92
C LEU A 576 -11.86 65.54 -67.64
N GLU A 577 -12.06 65.44 -68.94
CA GLU A 577 -12.55 66.56 -69.74
C GLU A 577 -14.03 66.83 -69.46
N GLN A 578 -14.75 65.79 -69.07
CA GLN A 578 -16.16 65.93 -68.75
C GLN A 578 -16.36 66.56 -67.38
N THR A 579 -15.28 66.65 -66.61
CA THR A 579 -15.34 67.18 -65.25
C THR A 579 -14.58 68.50 -65.14
N ASP A 580 -14.56 69.26 -66.22
CA ASP A 580 -13.87 70.56 -66.28
C ASP A 580 -12.41 70.47 -65.83
N ALA A 581 -11.53 70.07 -66.74
CA ALA A 581 -10.12 69.95 -66.43
C ALA A 581 -9.30 71.16 -66.89
N PRO A 582 -8.40 71.64 -66.02
CA PRO A 582 -7.49 72.73 -66.38
C PRO A 582 -6.52 72.32 -67.50
N SER A 583 -5.84 73.28 -68.10
CA SER A 583 -4.87 72.97 -69.13
C SER A 583 -3.64 72.32 -68.52
N ASN A 584 -3.38 72.67 -67.26
CA ASN A 584 -2.19 72.20 -66.55
C ASN A 584 -2.14 70.68 -66.44
N LEU A 585 -3.23 70.08 -66.00
CA LEU A 585 -3.31 68.63 -65.82
C LEU A 585 -3.04 67.86 -67.11
N LYS A 586 -3.72 68.25 -68.17
CA LYS A 586 -3.58 67.59 -69.46
C LYS A 586 -2.18 67.80 -70.05
N GLU A 587 -1.65 69.01 -69.90
CA GLU A 587 -0.30 69.30 -70.34
C GLU A 587 0.70 68.41 -69.58
N ASN A 588 0.40 68.16 -68.31
CA ASN A 588 1.22 67.26 -67.49
C ASN A 588 1.08 65.81 -67.94
N MET A 589 -0.11 65.44 -68.41
CA MET A 589 -0.37 64.11 -68.93
C MET A 589 0.49 63.85 -70.16
N HIS A 590 0.37 64.73 -71.14
CA HIS A 590 1.16 64.61 -72.35
C HIS A 590 2.65 64.75 -72.06
N ARG A 591 2.98 65.48 -71.00
CA ARG A 591 4.37 65.57 -70.57
C ARG A 591 4.87 64.23 -70.07
N VAL A 592 4.05 63.54 -69.28
CA VAL A 592 4.38 62.21 -68.79
C VAL A 592 4.59 61.25 -69.95
N LYS A 593 3.68 61.29 -70.92
CA LYS A 593 3.82 60.48 -72.12
C LYS A 593 5.13 60.77 -72.84
N GLU A 594 5.46 62.06 -73.01
CA GLU A 594 6.66 62.47 -73.72
C GLU A 594 7.94 62.08 -72.98
N LEU A 595 7.88 62.09 -71.66
CA LEU A 595 9.02 61.76 -70.83
C LEU A 595 9.28 60.26 -70.85
N PHE A 596 8.21 59.48 -70.75
CA PHE A 596 8.34 58.03 -70.82
C PHE A 596 8.75 57.58 -72.22
N ASP A 597 8.35 58.34 -73.23
CA ASP A 597 8.70 58.02 -74.61
C ASP A 597 10.12 58.46 -74.93
N ASN A 598 10.38 59.75 -74.81
CA ASN A 598 11.70 60.31 -75.07
C ASN A 598 12.53 60.34 -73.79
N GLN B 5 41.08 -59.38 40.75
CA GLN B 5 41.47 -57.97 40.74
C GLN B 5 41.03 -57.28 39.46
N LYS B 6 41.28 -57.92 38.33
CA LYS B 6 40.91 -57.36 37.03
C LYS B 6 39.39 -57.30 36.86
N GLN B 7 38.70 -58.19 37.56
CA GLN B 7 37.24 -58.24 37.52
C GLN B 7 36.62 -56.95 38.02
N MET B 8 37.21 -56.39 39.08
CA MET B 8 36.75 -55.11 39.63
C MET B 8 36.95 -53.98 38.62
N SER B 9 38.07 -54.04 37.91
CA SER B 9 38.37 -53.05 36.88
C SER B 9 37.34 -53.11 35.76
N LYS B 10 37.03 -54.32 35.31
CA LYS B 10 36.03 -54.52 34.26
C LYS B 10 34.66 -54.03 34.71
N LYS B 11 34.27 -54.39 35.93
CA LYS B 11 32.99 -53.98 36.48
C LYS B 11 32.87 -52.46 36.55
N MET B 12 33.91 -51.82 37.07
CA MET B 12 33.95 -50.36 37.17
C MET B 12 33.86 -49.73 35.78
N ASN B 13 34.57 -50.32 34.82
CA ASN B 13 34.56 -49.85 33.43
C ASN B 13 33.15 -49.86 32.84
N ASP B 14 32.49 -51.02 32.90
CA ASP B 14 31.12 -51.14 32.39
C ASP B 14 30.17 -50.18 33.09
N GLN B 15 30.26 -50.15 34.42
CA GLN B 15 29.37 -49.33 35.23
C GLN B 15 29.47 -47.85 34.87
N LEU B 16 30.69 -47.34 34.83
CA LEU B 16 30.93 -45.94 34.49
C LEU B 16 30.63 -45.68 33.01
N GLU B 17 30.67 -46.71 32.19
CA GLU B 17 30.30 -46.57 30.78
C GLU B 17 28.80 -46.31 30.67
N LEU B 18 28.01 -47.12 31.36
CA LEU B 18 26.56 -46.92 31.41
C LEU B 18 26.22 -45.57 32.02
N MET B 19 26.93 -45.22 33.10
CA MET B 19 26.76 -43.94 33.76
C MET B 19 27.00 -42.77 32.82
N GLU B 20 28.13 -42.80 32.12
CA GLU B 20 28.49 -41.76 31.18
C GLU B 20 27.45 -41.65 30.07
N SER B 21 27.12 -42.77 29.46
CA SER B 21 26.15 -42.79 28.36
C SER B 21 24.83 -42.18 28.82
N ASN B 22 24.42 -42.51 30.04
CA ASN B 22 23.24 -41.92 30.65
C ASN B 22 23.35 -40.40 30.72
N ILE B 23 24.43 -39.92 31.32
CA ILE B 23 24.64 -38.48 31.47
C ILE B 23 24.56 -37.76 30.13
N ARG B 24 25.23 -38.31 29.12
CA ARG B 24 25.19 -37.73 27.80
C ARG B 24 23.77 -37.67 27.26
N ARG B 25 23.06 -38.79 27.37
CA ARG B 25 21.69 -38.88 26.87
C ARG B 25 20.78 -37.84 27.52
N ASP B 26 20.97 -37.65 28.82
CA ASP B 26 20.13 -36.74 29.59
C ASP B 26 20.46 -35.27 29.31
N ILE B 27 21.75 -34.91 29.37
CA ILE B 27 22.18 -33.55 29.10
C ILE B 27 21.75 -33.13 27.69
N ARG B 28 21.98 -34.03 26.74
CA ARG B 28 21.50 -33.84 25.38
C ARG B 28 19.99 -33.64 25.37
N GLN B 29 19.27 -34.45 26.15
CA GLN B 29 17.82 -34.33 26.21
C GLN B 29 17.37 -32.96 26.70
N GLY B 30 18.09 -32.42 27.69
CA GLY B 30 17.80 -31.10 28.20
C GLY B 30 18.01 -30.04 27.13
N PHE B 31 19.13 -30.17 26.41
CA PHE B 31 19.44 -29.28 25.29
C PHE B 31 18.32 -29.27 24.25
N VAL B 32 17.96 -30.47 23.79
CA VAL B 32 16.85 -30.65 22.86
C VAL B 32 15.58 -29.99 23.36
N ASP B 33 15.19 -30.28 24.60
CA ASP B 33 13.98 -29.71 25.15
C ASP B 33 14.00 -28.18 25.17
N LEU B 34 15.15 -27.60 25.54
CA LEU B 34 15.28 -26.14 25.61
C LEU B 34 15.05 -25.49 24.24
N GLN B 35 15.39 -26.21 23.19
CA GLN B 35 15.34 -25.67 21.84
C GLN B 35 14.02 -25.95 21.13
N THR B 36 13.11 -26.63 21.81
CA THR B 36 11.85 -27.03 21.19
C THR B 36 10.63 -26.58 21.96
N GLU B 37 10.85 -25.95 23.11
CA GLU B 37 9.76 -25.45 23.95
C GLU B 37 8.96 -24.39 23.20
N LYS B 38 7.98 -24.85 22.43
CA LYS B 38 7.12 -23.94 21.68
C LYS B 38 6.13 -23.25 22.62
N SER B 39 5.51 -22.17 22.14
CA SER B 39 4.56 -21.42 22.96
C SER B 39 3.14 -21.97 22.82
N ASP B 40 2.70 -22.71 23.84
CA ASP B 40 1.35 -23.27 23.86
C ASP B 40 0.61 -22.82 25.11
N LEU B 41 0.96 -21.64 25.60
CA LEU B 41 0.36 -21.09 26.82
C LEU B 41 -0.94 -20.37 26.53
N ILE B 42 -1.69 -20.08 27.58
CA ILE B 42 -2.98 -19.37 27.54
C ILE B 42 -3.88 -19.77 26.38
N VAL B 45 -8.35 -17.26 29.09
CA VAL B 45 -8.49 -16.33 30.20
C VAL B 45 -9.73 -15.43 30.06
N GLY B 46 -9.66 -14.48 29.12
CA GLY B 46 -10.79 -13.60 28.86
C GLY B 46 -11.11 -12.64 30.00
N ALA B 47 -12.16 -12.94 30.75
CA ALA B 47 -12.60 -12.09 31.86
C ALA B 47 -11.72 -12.29 33.10
N ILE B 48 -10.95 -11.25 33.45
CA ILE B 48 -10.01 -11.33 34.57
C ILE B 48 -10.71 -11.18 35.92
N PRO B 49 -10.65 -12.23 36.76
CA PRO B 49 -11.38 -12.29 38.03
C PRO B 49 -10.88 -11.33 39.11
N PHE B 50 -10.96 -10.02 38.84
CA PHE B 50 -10.52 -9.00 39.78
C PHE B 50 -11.30 -9.03 41.09
N LEU B 51 -10.61 -8.69 42.18
CA LEU B 51 -11.26 -8.48 43.47
C LEU B 51 -11.76 -7.05 43.59
N ASP B 52 -13.00 -6.88 44.05
CA ASP B 52 -13.58 -5.55 44.24
C ASP B 52 -12.81 -4.77 45.30
N TYR B 53 -12.91 -3.45 45.25
CA TYR B 53 -12.05 -2.58 46.06
C TYR B 53 -12.01 -2.89 47.55
N LYS B 54 -13.17 -3.12 48.15
CA LYS B 54 -13.25 -3.45 49.57
C LYS B 54 -12.43 -4.70 49.91
N HIS B 55 -12.47 -5.69 49.01
CA HIS B 55 -11.78 -6.94 49.24
C HIS B 55 -10.27 -6.78 49.08
N PHE B 56 -9.87 -6.00 48.08
CA PHE B 56 -8.46 -5.72 47.79
C PHE B 56 -7.83 -4.95 48.94
N ALA B 57 -8.48 -3.86 49.32
CA ALA B 57 -8.02 -3.02 50.41
C ALA B 57 -7.94 -3.82 51.70
N SER B 58 -9.00 -4.59 52.00
CA SER B 58 -9.00 -5.42 53.22
C SER B 58 -7.86 -6.44 53.23
N ARG B 59 -7.68 -7.13 52.11
CA ARG B 59 -6.62 -8.14 51.97
C ARG B 59 -5.23 -7.54 52.17
N ILE B 60 -5.06 -6.29 51.72
CA ILE B 60 -3.78 -5.63 51.90
C ILE B 60 -3.57 -5.14 53.35
N PHE B 61 -4.61 -4.55 53.93
CA PHE B 61 -4.51 -3.95 55.25
C PHE B 61 -4.36 -4.99 56.36
N PHE B 62 -5.05 -6.11 56.22
CA PHE B 62 -4.97 -7.18 57.22
C PHE B 62 -4.77 -8.55 56.57
N PRO B 63 -3.52 -8.91 56.27
CA PRO B 63 -3.26 -10.21 55.65
C PRO B 63 -3.39 -11.36 56.67
N GLU B 64 -3.19 -11.06 57.95
CA GLU B 64 -3.26 -12.07 58.99
C GLU B 64 -4.68 -12.57 59.22
N ALA B 65 -5.60 -11.64 59.48
CA ALA B 65 -7.00 -11.99 59.63
C ALA B 65 -7.65 -12.09 58.26
N GLY B 66 -7.26 -13.10 57.49
CA GLY B 66 -7.70 -13.24 56.12
C GLY B 66 -9.20 -13.17 55.92
N THR B 67 -9.92 -14.10 56.54
CA THR B 67 -11.36 -14.15 56.37
C THR B 67 -12.07 -13.12 57.24
N LEU B 68 -11.48 -12.78 58.38
CA LEU B 68 -12.07 -11.83 59.32
C LEU B 68 -12.10 -10.40 58.76
N THR B 69 -11.33 -10.16 57.72
CA THR B 69 -11.28 -8.85 57.07
C THR B 69 -12.66 -8.39 56.62
N ALA B 70 -13.53 -9.36 56.35
CA ALA B 70 -14.87 -9.09 55.83
C ALA B 70 -15.72 -8.38 56.86
N VAL B 71 -15.20 -8.25 58.08
CA VAL B 71 -15.93 -7.55 59.13
C VAL B 71 -15.77 -6.06 58.99
N MET B 72 -14.87 -5.65 58.10
CA MET B 72 -14.55 -4.25 57.91
C MET B 72 -15.26 -3.67 56.69
N ILE B 73 -16.17 -4.43 56.12
CA ILE B 73 -16.92 -3.98 54.95
C ILE B 73 -18.42 -3.94 55.24
N GLU B 81 -26.72 5.46 60.95
CA GLU B 81 -27.62 5.17 62.06
C GLU B 81 -26.84 4.70 63.28
N GLN B 82 -25.86 3.84 63.05
CA GLN B 82 -24.99 3.36 64.13
C GLN B 82 -23.82 4.33 64.32
N THR B 83 -23.56 5.14 63.29
CA THR B 83 -22.54 6.17 63.37
C THR B 83 -22.97 7.27 64.33
N THR B 84 -24.27 7.55 64.36
CA THR B 84 -24.81 8.58 65.24
C THR B 84 -25.05 8.02 66.65
N VAL B 85 -25.29 6.72 66.74
CA VAL B 85 -25.54 6.06 68.02
C VAL B 85 -24.24 5.81 68.77
N ASP B 86 -23.13 5.90 68.06
CA ASP B 86 -21.81 5.71 68.66
C ASP B 86 -21.13 7.04 68.92
N GLU B 87 -21.38 7.60 70.10
CA GLU B 87 -20.82 8.89 70.48
C GLU B 87 -19.30 8.84 70.61
N LYS B 88 -18.80 7.73 71.15
CA LYS B 88 -17.36 7.53 71.32
C LYS B 88 -16.64 7.66 69.97
N CYS B 89 -17.30 7.18 68.92
CA CYS B 89 -16.76 7.27 67.57
C CYS B 89 -16.76 8.70 67.07
N LEU B 90 -17.75 9.48 67.47
CA LEU B 90 -17.82 10.89 67.09
C LEU B 90 -16.70 11.67 67.76
N ALA B 91 -16.45 11.35 69.03
CA ALA B 91 -15.40 12.01 69.78
C ALA B 91 -14.02 11.64 69.25
N PHE B 92 -13.84 10.37 68.92
CA PHE B 92 -12.56 9.89 68.40
C PHE B 92 -12.31 10.45 67.01
N ALA B 93 -13.34 10.46 66.18
CA ALA B 93 -13.24 11.05 64.84
C ALA B 93 -12.99 12.55 64.91
N GLU B 94 -13.47 13.17 65.99
CA GLU B 94 -13.23 14.59 66.21
C GLU B 94 -11.88 14.79 66.94
N LEU B 95 -11.23 13.68 67.30
CA LEU B 95 -9.98 13.69 67.98
C LEU B 95 -8.82 13.51 66.97
N ILE B 96 -8.95 12.58 66.03
CA ILE B 96 -7.88 12.24 65.08
C ILE B 96 -7.48 13.41 64.18
N ARG B 97 -8.46 14.16 63.67
CA ARG B 97 -8.19 15.22 62.71
C ARG B 97 -7.17 16.27 63.16
N ASP B 98 -6.90 16.30 64.46
CA ASP B 98 -5.87 17.17 65.02
C ASP B 98 -4.49 16.56 64.77
N LYS B 99 -3.64 17.30 64.08
CA LYS B 99 -2.31 16.82 63.68
C LYS B 99 -1.39 16.57 64.87
N GLN B 100 -1.36 17.52 65.80
CA GLN B 100 -0.52 17.39 66.99
C GLN B 100 -0.86 16.13 67.77
N PHE B 101 -2.15 15.96 68.05
CA PHE B 101 -2.67 14.80 68.79
C PHE B 101 -2.21 13.48 68.20
N LEU B 102 -2.55 13.27 66.93
CA LEU B 102 -2.26 12.04 66.23
C LEU B 102 -0.75 11.81 66.10
N SER B 103 -0.02 12.89 65.87
CA SER B 103 1.44 12.81 65.77
C SER B 103 2.03 12.31 67.08
N CYS B 104 1.62 12.94 68.19
CA CYS B 104 2.06 12.51 69.51
C CYS B 104 1.73 11.03 69.70
N PHE B 105 0.52 10.65 69.30
CA PHE B 105 0.06 9.28 69.39
C PHE B 105 1.03 8.31 68.71
N VAL B 106 1.12 8.42 67.38
CA VAL B 106 1.95 7.52 66.59
C VAL B 106 3.43 7.53 67.02
N HIS B 107 3.98 8.73 67.20
CA HIS B 107 5.38 8.87 67.59
C HIS B 107 5.67 8.19 68.92
N ALA B 108 4.91 8.55 69.96
CA ALA B 108 5.10 7.96 71.28
C ALA B 108 4.91 6.44 71.23
N LEU B 109 3.94 5.99 70.44
CA LEU B 109 3.71 4.56 70.26
C LEU B 109 4.91 3.87 69.64
N GLU B 110 5.61 4.57 68.76
CA GLU B 110 6.84 4.04 68.16
C GLU B 110 7.98 4.06 69.17
N GLU B 111 7.97 5.04 70.07
CA GLU B 111 9.02 5.19 71.08
C GLU B 111 9.02 4.02 72.07
N GLN B 112 7.90 3.32 72.16
CA GLN B 112 7.76 2.20 73.09
C GLN B 112 8.72 1.06 72.74
N LYS B 113 9.06 0.26 73.74
CA LYS B 113 9.96 -0.88 73.54
C LYS B 113 9.19 -2.19 73.62
N ASN B 114 7.89 -2.09 73.86
CA ASN B 114 7.03 -3.26 73.91
C ASN B 114 6.09 -3.25 72.71
N PHE B 115 6.20 -2.20 71.91
CA PHE B 115 5.41 -2.05 70.69
C PHE B 115 6.10 -2.78 69.55
N SER B 116 5.57 -3.94 69.18
CA SER B 116 6.19 -4.78 68.16
C SER B 116 5.97 -4.25 66.74
N ILE B 117 6.38 -5.03 65.74
CA ILE B 117 6.16 -4.68 64.34
C ILE B 117 4.71 -4.96 63.95
N LYS B 118 4.18 -6.08 64.41
CA LYS B 118 2.79 -6.43 64.17
C LYS B 118 1.88 -5.34 64.71
N ASP B 119 2.29 -4.72 65.81
CA ASP B 119 1.55 -3.60 66.39
C ASP B 119 1.55 -2.38 65.47
N LYS B 120 2.71 -2.09 64.89
CA LYS B 120 2.87 -0.95 63.98
C LYS B 120 1.98 -1.16 62.75
N CYS B 121 2.02 -2.36 62.19
CA CYS B 121 1.20 -2.69 61.05
C CYS B 121 -0.27 -2.56 61.42
N THR B 122 -0.65 -3.17 62.55
CA THR B 122 -2.03 -3.16 63.02
C THR B 122 -2.58 -1.75 63.14
N VAL B 123 -1.88 -0.89 63.88
CA VAL B 123 -2.32 0.48 64.06
C VAL B 123 -2.29 1.27 62.75
N ALA B 124 -1.38 0.90 61.84
CA ALA B 124 -1.30 1.55 60.54
C ALA B 124 -2.52 1.28 59.69
N SER B 125 -2.89 0.01 59.61
CA SER B 125 -4.05 -0.40 58.84
C SER B 125 -5.34 0.09 59.50
N LEU B 126 -5.36 0.05 60.83
CA LEU B 126 -6.51 0.54 61.58
C LEU B 126 -6.73 2.01 61.26
N LEU B 127 -5.66 2.79 61.36
CA LEU B 127 -5.74 4.21 61.11
C LEU B 127 -6.13 4.49 59.66
N THR B 128 -5.58 3.70 58.74
CA THR B 128 -5.90 3.84 57.32
C THR B 128 -7.40 3.61 57.09
N LEU B 129 -7.93 2.58 57.74
CA LEU B 129 -9.30 2.16 57.55
C LEU B 129 -10.26 3.13 58.22
N ALA B 130 -9.79 3.79 59.27
CA ALA B 130 -10.62 4.70 60.07
C ALA B 130 -10.74 6.07 59.43
N LEU B 131 -9.72 6.44 58.66
CA LEU B 131 -9.66 7.76 58.05
C LEU B 131 -9.83 7.66 56.53
N HIS B 132 -10.40 6.56 56.07
CA HIS B 132 -10.58 6.32 54.64
C HIS B 132 -11.67 7.21 54.05
N GLY B 133 -12.34 7.97 54.90
CA GLY B 133 -13.37 8.88 54.45
C GLY B 133 -12.81 10.25 54.13
N ASP B 134 -11.53 10.43 54.37
CA ASP B 134 -10.85 11.71 54.11
C ASP B 134 -9.38 11.49 53.81
N LEU B 135 -9.08 11.22 52.53
CA LEU B 135 -7.73 10.86 52.11
C LEU B 135 -6.78 12.06 51.98
N LEU B 136 -7.35 13.26 51.92
CA LEU B 136 -6.55 14.48 51.91
C LEU B 136 -5.81 14.62 53.24
N TYR B 137 -6.58 14.52 54.33
CA TYR B 137 -6.03 14.59 55.68
C TYR B 137 -5.06 13.44 55.96
N LEU B 138 -5.33 12.28 55.38
CA LEU B 138 -4.45 11.12 55.53
C LEU B 138 -3.11 11.35 54.82
N THR B 139 -3.17 11.92 53.62
CA THR B 139 -1.97 12.23 52.86
C THR B 139 -1.15 13.32 53.56
N GLU B 140 -1.85 14.27 54.19
CA GLU B 140 -1.18 15.31 54.94
C GLU B 140 -0.48 14.76 56.18
N ILE B 141 -1.19 13.94 56.95
CA ILE B 141 -0.62 13.41 58.20
C ILE B 141 0.53 12.45 57.90
N MET B 142 0.44 11.77 56.77
CA MET B 142 1.52 10.90 56.32
C MET B 142 2.70 11.73 55.83
N GLU B 143 2.41 12.89 55.23
CA GLU B 143 3.47 13.82 54.83
C GLU B 143 4.26 14.27 56.04
N ASP B 144 3.55 14.75 57.05
CA ASP B 144 4.17 15.25 58.27
C ASP B 144 4.93 14.13 58.98
N LEU B 145 4.35 12.93 58.98
CA LEU B 145 4.96 11.79 59.67
C LEU B 145 6.22 11.31 58.94
N LEU B 146 6.24 11.47 57.62
CA LEU B 146 7.39 11.06 56.83
C LEU B 146 8.54 12.07 56.93
N GLN B 147 8.18 13.35 56.80
CA GLN B 147 9.17 14.42 56.94
C GLN B 147 9.76 14.38 58.35
N SER B 148 8.93 14.07 59.33
CA SER B 148 9.41 13.90 60.69
C SER B 148 10.20 12.60 60.84
N LEU B 149 9.95 11.65 59.94
CA LEU B 149 10.71 10.41 59.96
C LEU B 149 12.10 10.58 59.34
N MET B 150 12.30 11.65 58.58
CA MET B 150 13.62 11.88 57.99
C MET B 150 14.42 13.03 58.62
N ASP B 151 13.80 14.21 58.72
CA ASP B 151 14.51 15.40 59.16
C ASP B 151 14.91 15.38 60.64
N GLN B 152 14.25 14.53 61.42
CA GLN B 152 14.45 14.57 62.87
C GLN B 152 14.73 13.21 63.51
N SER B 153 14.43 12.13 62.80
CA SER B 153 14.62 10.78 63.35
C SER B 153 16.08 10.49 63.63
N SER B 154 16.34 9.87 64.77
CA SER B 154 17.70 9.57 65.20
C SER B 154 18.39 8.61 64.25
N ASN B 155 17.68 7.56 63.85
CA ASN B 155 18.23 6.56 62.94
C ASN B 155 17.93 6.88 61.47
N ALA B 156 18.30 8.09 61.06
CA ALA B 156 18.02 8.54 59.70
C ALA B 156 19.29 8.59 58.84
N ASN B 157 19.67 7.43 58.33
CA ASN B 157 20.75 7.34 57.36
C ASN B 157 20.18 7.33 55.95
N PRO B 158 20.58 8.30 55.11
CA PRO B 158 20.03 8.62 53.79
C PRO B 158 19.61 7.44 52.92
N LYS B 159 20.57 6.62 52.49
CA LYS B 159 20.26 5.53 51.57
C LYS B 159 19.79 4.24 52.26
N LEU B 160 19.42 4.37 53.53
CA LEU B 160 19.02 3.20 54.32
C LEU B 160 17.61 3.44 54.86
N LEU B 161 17.14 4.67 54.69
CA LEU B 161 15.85 5.11 55.20
C LEU B 161 14.69 4.33 54.58
N LEU B 162 13.67 4.08 55.38
CA LEU B 162 12.41 3.46 54.93
C LEU B 162 12.58 1.98 54.57
N ARG B 163 13.57 1.34 55.20
CA ARG B 163 13.93 -0.02 54.86
C ARG B 163 13.79 -0.92 56.08
N ARG B 164 14.21 -0.41 57.23
CA ARG B 164 13.99 -1.11 58.49
C ARG B 164 12.61 -0.75 58.99
N THR B 165 11.70 -1.71 58.99
CA THR B 165 10.34 -1.44 59.44
C THR B 165 10.33 -1.11 60.93
N GLU B 166 10.50 0.16 61.24
CA GLU B 166 10.48 0.61 62.62
C GLU B 166 9.62 1.86 62.73
N SER B 167 8.60 1.94 61.88
CA SER B 167 7.70 3.09 61.86
C SER B 167 6.33 2.73 61.31
N ILE B 168 5.29 3.31 61.87
CA ILE B 168 3.93 3.13 61.39
C ILE B 168 3.81 3.68 59.98
N VAL B 169 4.54 4.75 59.72
CA VAL B 169 4.45 5.47 58.46
C VAL B 169 4.75 4.59 57.26
N GLU B 170 5.54 3.54 57.46
CA GLU B 170 5.92 2.69 56.34
C GLU B 170 4.74 1.86 55.86
N LYS B 171 4.12 1.10 56.76
CA LYS B 171 2.96 0.31 56.41
C LYS B 171 1.83 1.26 55.99
N LEU B 172 1.81 2.43 56.63
CA LEU B 172 0.91 3.50 56.20
C LEU B 172 1.16 3.82 54.73
N LEU B 173 2.42 3.75 54.32
CA LEU B 173 2.80 4.07 52.95
C LEU B 173 2.37 2.98 51.98
N THR B 174 2.49 1.72 52.40
CA THR B 174 2.01 0.60 51.59
C THR B 174 0.50 0.75 51.37
N ASN B 175 -0.19 1.09 52.45
CA ASN B 175 -1.63 1.28 52.42
C ASN B 175 -2.06 2.43 51.52
N TRP B 176 -1.40 3.57 51.67
CA TRP B 176 -1.73 4.76 50.90
C TRP B 176 -1.45 4.52 49.42
N MET B 177 -0.28 3.96 49.13
CA MET B 177 0.06 3.55 47.78
C MET B 177 -1.03 2.68 47.19
N SER B 178 -1.38 1.60 47.89
CA SER B 178 -2.39 0.67 47.40
C SER B 178 -3.76 1.32 47.21
N ILE B 179 -4.06 2.32 48.02
CA ILE B 179 -5.32 3.04 47.87
C ILE B 179 -5.33 3.89 46.62
N CYS B 180 -4.32 4.74 46.50
CA CYS B 180 -4.26 5.72 45.42
C CYS B 180 -3.88 5.12 44.07
N LEU B 181 -3.41 3.88 44.06
CA LEU B 181 -2.95 3.27 42.82
C LEU B 181 -3.85 2.15 42.32
N TYR B 182 -4.91 1.84 43.07
CA TYR B 182 -5.77 0.70 42.75
C TYR B 182 -6.34 0.78 41.34
N GLY B 183 -6.75 1.98 40.93
CA GLY B 183 -7.27 2.20 39.60
C GLY B 183 -6.24 1.83 38.54
N PHE B 184 -5.00 2.26 38.75
CA PHE B 184 -3.93 1.99 37.81
C PHE B 184 -3.57 0.51 37.79
N LEU B 185 -3.71 -0.14 38.93
CA LEU B 185 -3.44 -1.57 39.04
C LEU B 185 -4.47 -2.38 38.26
N ARG B 186 -5.75 -2.07 38.47
CA ARG B 186 -6.82 -2.79 37.77
C ARG B 186 -6.84 -2.48 36.28
N GLU B 187 -6.53 -1.24 35.92
CA GLU B 187 -6.60 -0.79 34.54
C GLU B 187 -5.54 -1.40 33.63
N SER B 188 -4.27 -1.10 33.90
CA SER B 188 -3.20 -1.48 32.98
C SER B 188 -2.30 -2.60 33.49
N VAL B 189 -2.17 -2.71 34.80
CA VAL B 189 -1.22 -3.68 35.36
C VAL B 189 -1.90 -4.99 35.76
N GLY B 190 -3.23 -5.01 35.73
CA GLY B 190 -3.98 -6.17 36.15
C GLY B 190 -3.82 -7.36 35.20
N GLN B 191 -4.20 -7.14 33.95
CA GLN B 191 -4.13 -8.18 32.93
C GLN B 191 -2.75 -8.86 32.83
N PRO B 192 -1.66 -8.09 32.78
CA PRO B 192 -0.37 -8.80 32.69
C PRO B 192 -0.03 -9.58 33.96
N LEU B 193 -0.51 -9.12 35.11
CA LEU B 193 -0.23 -9.82 36.36
C LEU B 193 -0.96 -11.15 36.35
N PHE B 194 -2.25 -11.09 36.04
CA PHE B 194 -3.03 -12.32 35.97
C PHE B 194 -2.48 -13.27 34.92
N LEU B 195 -2.14 -12.73 33.76
CA LEU B 195 -1.59 -13.53 32.69
C LEU B 195 -0.25 -14.15 33.05
N LEU B 196 0.52 -13.46 33.89
CA LEU B 196 1.79 -14.01 34.32
C LEU B 196 1.55 -15.18 35.25
N VAL B 197 0.72 -14.95 36.27
CA VAL B 197 0.38 -15.98 37.23
C VAL B 197 -0.15 -17.23 36.53
N SER B 198 -1.04 -17.00 35.57
CA SER B 198 -1.67 -18.06 34.81
C SER B 198 -0.69 -18.78 33.86
N ALA B 199 0.24 -18.02 33.29
CA ALA B 199 1.25 -18.58 32.38
C ALA B 199 2.20 -19.50 33.12
N LEU B 200 2.69 -19.01 34.26
CA LEU B 200 3.53 -19.81 35.14
C LEU B 200 2.80 -21.06 35.63
N THR B 201 1.54 -20.88 36.04
CA THR B 201 0.73 -21.99 36.52
C THR B 201 0.58 -23.05 35.43
N GLN B 202 0.32 -22.59 34.22
CA GLN B 202 0.10 -23.48 33.09
C GLN B 202 1.37 -24.22 32.73
N GLN B 203 2.50 -23.53 32.84
CA GLN B 203 3.78 -24.09 32.43
C GLN B 203 4.28 -25.14 33.42
N ILE B 204 4.24 -24.84 34.72
CA ILE B 204 4.66 -25.82 35.72
C ILE B 204 3.78 -27.07 35.67
N SER B 205 2.53 -26.90 35.24
CA SER B 205 1.59 -28.01 35.21
C SER B 205 1.71 -28.81 33.92
N LYS B 206 2.75 -28.51 33.14
CA LYS B 206 3.04 -29.26 31.92
C LYS B 206 3.92 -30.46 32.24
N GLY B 207 5.02 -30.21 32.93
CA GLY B 207 5.91 -31.26 33.36
C GLY B 207 5.63 -31.70 34.77
N PRO B 208 6.22 -32.83 35.20
CA PRO B 208 6.04 -33.51 36.48
C PRO B 208 6.11 -32.65 37.73
N VAL B 209 5.20 -32.92 38.66
CA VAL B 209 5.22 -32.33 40.00
C VAL B 209 5.07 -33.41 41.06
N ASP B 210 6.02 -33.48 41.96
CA ASP B 210 5.95 -34.43 43.06
C ASP B 210 4.79 -34.08 43.98
N SER B 211 3.84 -35.00 44.10
CA SER B 211 2.63 -34.75 44.88
C SER B 211 2.91 -34.33 46.32
N VAL B 212 3.91 -34.98 46.93
CA VAL B 212 4.23 -34.78 48.35
C VAL B 212 5.05 -33.54 48.65
N THR B 213 6.09 -33.30 47.84
CA THR B 213 7.01 -32.17 48.08
C THR B 213 6.67 -30.94 47.25
N GLU B 214 5.76 -31.12 46.27
CA GLU B 214 5.39 -30.07 45.31
C GLU B 214 6.53 -29.53 44.46
N LYS B 215 7.69 -30.18 44.48
CA LYS B 215 8.78 -29.79 43.60
C LYS B 215 8.38 -30.12 42.16
N ALA B 216 8.83 -29.31 41.20
CA ALA B 216 8.53 -29.58 39.81
C ALA B 216 9.76 -29.61 38.90
N LEU B 217 9.59 -30.13 37.69
CA LEU B 217 10.66 -30.17 36.70
C LEU B 217 10.90 -28.77 36.13
N TYR B 218 9.85 -28.18 35.59
CA TYR B 218 9.91 -26.83 35.08
C TYR B 218 9.62 -25.85 36.21
N THR B 219 10.60 -25.05 36.59
CA THR B 219 10.39 -24.03 37.62
C THR B 219 11.38 -22.89 37.44
N LEU B 220 11.31 -21.91 38.34
CA LEU B 220 12.17 -20.74 38.28
C LEU B 220 13.13 -20.68 39.46
N SER B 221 12.97 -21.62 40.40
CA SER B 221 13.78 -21.65 41.60
C SER B 221 14.57 -22.96 41.73
N GLU B 222 15.84 -22.82 42.13
CA GLU B 222 16.73 -23.95 42.37
C GLU B 222 16.24 -24.77 43.57
N ASP B 223 15.54 -24.10 44.48
CA ASP B 223 15.07 -24.73 45.70
C ASP B 223 13.84 -25.61 45.44
N TRP B 224 13.08 -25.24 44.42
CA TRP B 224 11.87 -25.97 44.07
C TRP B 224 12.08 -26.95 42.92
N LEU B 225 13.33 -27.19 42.56
CA LEU B 225 13.62 -27.99 41.38
C LEU B 225 13.62 -29.50 41.67
N LEU B 226 12.77 -30.23 40.94
CA LEU B 226 12.70 -31.69 41.03
C LEU B 226 13.89 -32.34 40.30
N CYS B 227 15.04 -32.32 40.97
CA CYS B 227 16.27 -32.87 40.41
C CYS B 227 16.28 -34.40 40.49
N GLN B 228 15.16 -34.99 40.08
CA GLN B 228 14.96 -36.43 40.10
C GLN B 228 14.71 -36.90 38.68
N ALA B 229 15.43 -37.93 38.26
CA ALA B 229 15.20 -38.52 36.95
C ALA B 229 13.80 -39.13 36.89
N GLN B 230 12.95 -38.56 36.04
CA GLN B 230 11.57 -39.06 35.92
C GLN B 230 11.17 -39.28 34.46
N ASP B 231 11.09 -40.54 34.05
CA ASP B 231 10.62 -40.87 32.72
C ASP B 231 9.12 -40.65 32.62
N PHE B 232 8.72 -39.69 31.81
CA PHE B 232 7.29 -39.43 31.61
C PHE B 232 6.93 -39.27 30.14
N GLU B 233 5.64 -39.07 29.89
CA GLU B 233 5.12 -38.89 28.55
C GLU B 233 3.71 -38.32 28.62
N PRO B 234 3.39 -37.37 27.73
CA PRO B 234 2.06 -36.76 27.64
C PRO B 234 1.01 -37.70 27.05
N LEU B 235 0.07 -38.13 27.88
CA LEU B 235 -1.05 -38.95 27.48
C LEU B 235 -2.26 -38.09 27.14
N LYS B 236 -2.99 -38.48 26.11
CA LYS B 236 -4.25 -37.85 25.76
C LYS B 236 -5.40 -38.71 26.23
N LEU B 237 -6.08 -38.26 27.27
CA LEU B 237 -7.16 -39.04 27.88
C LEU B 237 -8.52 -38.68 27.27
N LYS B 238 -9.27 -39.72 26.90
CA LYS B 238 -10.63 -39.53 26.44
C LYS B 238 -11.58 -39.63 27.63
N VAL B 239 -11.70 -38.52 28.36
CA VAL B 239 -12.49 -38.48 29.58
C VAL B 239 -14.00 -38.54 29.32
N VAL B 240 -14.64 -39.50 29.99
CA VAL B 240 -16.08 -39.71 29.89
C VAL B 240 -16.76 -39.35 31.22
N PHE B 241 -17.90 -38.68 31.14
CA PHE B 241 -18.64 -38.30 32.34
C PHE B 241 -19.91 -39.13 32.51
N ALA B 242 -20.39 -39.21 33.74
CA ALA B 242 -21.62 -39.94 34.04
C ALA B 242 -22.75 -38.99 34.40
N VAL B 243 -23.97 -39.36 34.03
CA VAL B 243 -25.15 -38.55 34.33
C VAL B 243 -26.35 -39.42 34.58
N GLU B 247 -26.55 -45.86 35.29
CA GLU B 247 -25.27 -46.55 35.46
C GLU B 247 -24.32 -46.27 34.29
N GLU B 248 -24.86 -46.28 33.08
CA GLU B 248 -24.05 -46.08 31.88
C GLU B 248 -24.37 -44.80 31.13
N ILE B 249 -23.54 -43.78 31.30
CA ILE B 249 -23.69 -42.51 30.60
C ILE B 249 -22.33 -42.08 30.05
N SER B 250 -22.32 -41.42 28.89
CA SER B 250 -21.06 -41.07 28.26
C SER B 250 -21.07 -39.80 27.41
N GLU B 251 -20.17 -38.87 27.74
CA GLU B 251 -19.85 -37.75 26.87
C GLU B 251 -18.34 -37.60 26.85
N SER B 252 -17.77 -37.14 25.74
CA SER B 252 -16.31 -37.12 25.59
C SER B 252 -15.65 -35.76 25.87
N LEU B 253 -14.41 -35.82 26.35
CA LEU B 253 -13.60 -34.63 26.61
C LEU B 253 -12.11 -34.98 26.69
N GLU B 254 -11.32 -34.41 25.78
CA GLU B 254 -9.87 -34.65 25.76
C GLU B 254 -9.17 -33.96 26.91
N VAL B 255 -8.33 -34.70 27.63
CA VAL B 255 -7.59 -34.14 28.77
C VAL B 255 -6.16 -34.64 28.74
N ILE B 256 -5.20 -33.73 28.64
CA ILE B 256 -3.79 -34.13 28.53
C ILE B 256 -3.12 -34.20 29.91
N ALA B 257 -2.65 -35.40 30.26
CA ALA B 257 -2.00 -35.59 31.56
C ALA B 257 -0.67 -36.32 31.38
N LEU B 258 0.05 -36.57 32.46
CA LEU B 258 1.34 -37.27 32.36
C LEU B 258 1.28 -38.68 32.95
N THR B 259 2.18 -39.54 32.49
CA THR B 259 2.26 -40.92 32.96
C THR B 259 2.76 -41.00 34.39
N CYS B 260 3.14 -39.86 34.95
CA CYS B 260 3.69 -39.80 36.29
C CYS B 260 2.72 -39.13 37.25
N ASP B 261 1.63 -38.60 36.71
CA ASP B 261 0.62 -37.90 37.50
C ASP B 261 -0.06 -38.83 38.49
N THR B 262 -0.14 -38.40 39.74
CA THR B 262 -0.92 -39.14 40.73
C THR B 262 -2.37 -39.04 40.31
N ILE B 263 -3.20 -39.93 40.86
CA ILE B 263 -4.62 -39.94 40.56
C ILE B 263 -5.24 -38.58 40.87
N GLN B 264 -4.88 -37.99 42.01
CA GLN B 264 -5.44 -36.69 42.37
C GLN B 264 -5.08 -35.61 41.33
N GLN B 265 -3.83 -35.61 40.88
CA GLN B 265 -3.37 -34.66 39.85
C GLN B 265 -4.07 -34.84 38.50
N VAL B 266 -4.29 -36.09 38.11
CA VAL B 266 -5.10 -36.34 36.93
C VAL B 266 -6.49 -35.77 37.14
N LYS B 267 -7.05 -35.97 38.32
CA LYS B 267 -8.38 -35.45 38.64
C LYS B 267 -8.42 -33.92 38.54
N GLU B 268 -7.36 -33.28 39.01
CA GLU B 268 -7.23 -31.83 38.95
C GLU B 268 -7.16 -31.37 37.50
N LYS B 269 -6.38 -32.07 36.69
CA LYS B 269 -6.22 -31.70 35.29
C LYS B 269 -7.54 -31.85 34.52
N ILE B 270 -8.26 -32.92 34.82
CA ILE B 270 -9.59 -33.14 34.26
C ILE B 270 -10.52 -32.01 34.65
N LEU B 271 -10.48 -31.61 35.91
CA LEU B 271 -11.36 -30.54 36.37
C LEU B 271 -11.05 -29.20 35.73
N GLN B 272 -9.76 -28.83 35.72
CA GLN B 272 -9.32 -27.58 35.13
C GLN B 272 -9.71 -27.52 33.66
N THR B 273 -9.43 -28.61 32.95
CA THR B 273 -9.88 -28.73 31.56
C THR B 273 -11.37 -28.46 31.47
N PHE B 274 -12.13 -29.09 32.36
CA PHE B 274 -13.59 -28.98 32.33
C PHE B 274 -14.06 -27.54 32.48
N GLN B 275 -13.65 -26.89 33.56
CA GLN B 275 -14.11 -25.53 33.81
C GLN B 275 -13.42 -24.56 32.87
N ARG B 276 -12.51 -25.06 32.05
CA ARG B 276 -11.92 -24.26 30.98
C ARG B 276 -12.75 -24.39 29.70
N LYS B 277 -13.46 -25.50 29.55
CA LYS B 277 -14.32 -25.69 28.38
C LYS B 277 -15.77 -25.31 28.64
N PHE B 278 -16.23 -25.50 29.88
CA PHE B 278 -17.64 -25.26 30.21
C PHE B 278 -17.88 -24.03 31.09
N GLY B 279 -16.81 -23.47 31.64
CA GLY B 279 -16.90 -22.20 32.35
C GLY B 279 -17.44 -22.31 33.76
N PHE B 280 -17.66 -23.53 34.23
CA PHE B 280 -18.08 -23.75 35.61
C PHE B 280 -17.41 -25.00 36.16
N ARG B 281 -16.94 -24.91 37.40
CA ARG B 281 -16.32 -26.05 38.06
C ARG B 281 -17.32 -27.19 38.19
N TYR B 282 -16.96 -28.35 37.65
CA TYR B 282 -17.82 -29.53 37.70
C TYR B 282 -18.15 -29.91 39.14
N THR B 283 -17.23 -29.60 40.04
CA THR B 283 -17.45 -29.80 41.46
C THR B 283 -16.64 -28.79 42.26
N GLN B 284 -17.19 -28.37 43.40
CA GLN B 284 -16.50 -27.41 44.25
C GLN B 284 -15.51 -28.12 45.19
N GLN B 285 -15.42 -29.44 45.07
CA GLN B 285 -14.49 -30.21 45.88
C GLN B 285 -13.92 -31.39 45.10
N ILE B 286 -12.63 -31.60 45.25
CA ILE B 286 -11.93 -32.68 44.53
C ILE B 286 -12.21 -34.01 45.20
N ARG B 287 -12.67 -33.94 46.45
CA ARG B 287 -12.88 -35.14 47.24
C ARG B 287 -14.08 -35.95 46.74
N ASP B 288 -15.05 -35.26 46.16
CA ASP B 288 -16.31 -35.88 45.76
C ASP B 288 -16.24 -36.59 44.42
N ILE B 289 -15.06 -36.70 43.84
CA ILE B 289 -14.90 -37.33 42.54
C ILE B 289 -14.02 -38.57 42.61
N GLU B 290 -14.43 -39.63 41.93
CA GLU B 290 -13.59 -40.79 41.75
C GLU B 290 -13.46 -41.12 40.27
N ILE B 291 -12.30 -41.65 39.88
CA ILE B 291 -11.98 -41.83 38.46
C ILE B 291 -11.76 -43.30 38.08
N GLU B 292 -12.41 -43.74 37.00
CA GLU B 292 -12.32 -45.14 36.58
C GLU B 292 -11.57 -45.35 35.27
N TYR B 293 -10.83 -46.46 35.21
CA TYR B 293 -10.05 -46.83 34.04
C TYR B 293 -10.76 -47.94 33.27
N GLU B 294 -10.53 -48.00 31.97
CA GLU B 294 -11.10 -49.04 31.13
C GLU B 294 -10.03 -49.98 30.58
N LYS B 295 -9.79 -51.06 31.30
CA LYS B 295 -8.81 -52.06 30.89
C LYS B 295 -9.32 -52.87 29.71
N GLU B 296 -10.25 -53.79 29.97
CA GLU B 296 -10.78 -54.64 28.92
C GLU B 296 -12.30 -54.61 28.88
N GLY B 297 -12.86 -53.49 28.44
CA GLY B 297 -14.30 -53.35 28.33
C GLY B 297 -14.93 -52.91 29.63
N LYS B 298 -14.58 -53.57 30.72
CA LYS B 298 -15.09 -53.23 32.04
C LYS B 298 -14.40 -51.97 32.56
N PHE B 299 -15.00 -51.33 33.55
CA PHE B 299 -14.42 -50.13 34.15
C PHE B 299 -14.01 -50.38 35.60
N VAL B 300 -12.70 -50.49 35.82
CA VAL B 300 -12.17 -50.66 37.16
C VAL B 300 -11.66 -49.32 37.69
N MET B 301 -12.18 -48.91 38.84
CA MET B 301 -11.77 -47.65 39.46
C MET B 301 -10.33 -47.70 39.92
N LEU B 302 -9.56 -46.68 39.53
CA LEU B 302 -8.20 -46.55 40.02
C LEU B 302 -8.18 -45.76 41.32
N GLN B 303 -7.60 -46.38 42.34
CA GLN B 303 -7.52 -45.76 43.65
C GLN B 303 -6.12 -45.19 43.86
N GLU B 304 -6.02 -44.21 44.75
CA GLU B 304 -4.77 -43.51 45.01
C GLU B 304 -3.69 -44.45 45.53
N VAL B 305 -4.05 -45.32 46.48
CA VAL B 305 -3.13 -46.31 47.00
C VAL B 305 -3.81 -47.67 47.05
N ASP B 306 -3.25 -48.65 46.34
CA ASP B 306 -3.85 -49.99 46.29
C ASP B 306 -2.91 -51.09 46.76
N ASP B 307 -3.39 -52.33 46.73
CA ASP B 307 -2.67 -53.46 47.28
C ASP B 307 -1.29 -53.67 46.66
N THR B 308 -1.17 -53.33 45.37
CA THR B 308 0.08 -53.54 44.66
C THR B 308 0.90 -52.25 44.54
N SER B 309 1.32 -51.70 45.67
CA SER B 309 2.12 -50.48 45.69
C SER B 309 3.38 -50.63 46.54
N GLU B 310 4.51 -50.21 45.98
CA GLU B 310 5.80 -50.36 46.65
C GLU B 310 5.81 -49.63 47.98
N ILE B 311 6.60 -50.13 48.93
CA ILE B 311 6.70 -49.50 50.24
C ILE B 311 8.11 -49.61 50.80
N ARG B 312 8.74 -48.46 51.02
CA ARG B 312 10.13 -48.44 51.45
C ARG B 312 10.32 -47.91 52.87
N GLY B 313 10.81 -48.76 53.76
CA GLY B 313 11.04 -48.38 55.14
C GLY B 313 9.77 -48.34 55.96
N HIS B 314 9.03 -47.23 55.86
CA HIS B 314 7.74 -47.09 56.52
C HIS B 314 6.88 -46.08 55.78
N VAL B 315 7.03 -46.05 54.45
CA VAL B 315 6.29 -45.13 53.60
C VAL B 315 5.66 -45.90 52.42
N THR B 316 4.48 -45.45 51.97
CA THR B 316 3.80 -46.11 50.86
C THR B 316 3.81 -45.22 49.60
N MET B 317 4.03 -45.84 48.44
CA MET B 317 4.08 -45.09 47.17
C MET B 317 2.71 -44.85 46.55
N LEU B 318 2.45 -43.60 46.18
CA LEU B 318 1.21 -43.22 45.50
C LEU B 318 1.15 -43.84 44.11
N ASN B 319 -0.06 -44.06 43.62
CA ASN B 319 -0.24 -44.71 42.31
C ASN B 319 -0.33 -43.72 41.17
N THR B 320 0.67 -43.77 40.29
CA THR B 320 0.72 -42.88 39.14
C THR B 320 -0.16 -43.45 38.04
N LEU B 321 -0.06 -42.89 36.84
CA LEU B 321 -0.82 -43.39 35.70
C LEU B 321 -0.19 -44.64 35.10
N LYS B 322 1.13 -44.64 34.97
CA LYS B 322 1.84 -45.80 34.45
C LYS B 322 1.71 -47.00 35.40
N HIS B 323 1.52 -46.71 36.68
CA HIS B 323 1.28 -47.72 37.71
C HIS B 323 0.09 -48.59 37.33
N TYR B 324 -0.97 -47.96 36.81
CA TYR B 324 -2.14 -48.67 36.33
C TYR B 324 -2.03 -49.00 34.84
N GLN B 325 -0.82 -48.87 34.31
CA GLN B 325 -0.51 -49.15 32.91
C GLN B 325 -1.37 -48.36 31.93
N VAL B 326 -1.51 -47.06 32.18
CA VAL B 326 -2.33 -46.20 31.32
C VAL B 326 -1.53 -45.65 30.14
N GLY B 327 -2.09 -45.78 28.95
CA GLY B 327 -1.42 -45.34 27.74
C GLY B 327 -2.19 -44.27 26.98
N ASP B 328 -1.58 -43.77 25.91
CA ASP B 328 -2.16 -42.69 25.12
C ASP B 328 -3.45 -43.11 24.44
N GLY B 329 -4.49 -42.29 24.59
CA GLY B 329 -5.79 -42.56 23.99
C GLY B 329 -6.72 -43.30 24.92
N ALA B 330 -6.27 -43.52 26.15
CA ALA B 330 -7.06 -44.25 27.14
C ALA B 330 -8.36 -43.52 27.49
N CYS B 331 -9.40 -44.30 27.77
CA CYS B 331 -10.69 -43.74 28.17
C CYS B 331 -10.82 -43.75 29.69
N ILE B 332 -11.44 -42.70 30.23
CA ILE B 332 -11.52 -42.52 31.67
C ILE B 332 -12.90 -42.01 32.10
N LYS B 333 -13.49 -42.67 33.09
CA LYS B 333 -14.81 -42.30 33.56
C LYS B 333 -14.73 -41.43 34.81
N VAL B 334 -15.66 -40.49 34.94
CA VAL B 334 -15.71 -39.61 36.10
C VAL B 334 -17.01 -39.80 36.88
N ILE B 335 -16.89 -39.98 38.19
CA ILE B 335 -18.04 -40.21 39.04
C ILE B 335 -18.12 -39.14 40.13
N THR B 336 -19.34 -38.77 40.49
CA THR B 336 -19.55 -37.84 41.60
C THR B 336 -20.07 -38.62 42.80
N PRO B 337 -20.64 -37.91 43.77
CA PRO B 337 -21.20 -38.54 44.96
C PRO B 337 -22.71 -38.72 44.88
N LYS B 338 -23.33 -37.99 43.96
CA LYS B 338 -24.77 -38.06 43.76
C LYS B 338 -25.13 -39.10 42.70
N ILE B 339 -24.12 -39.83 42.23
CA ILE B 339 -24.32 -40.81 41.17
C ILE B 339 -24.33 -42.24 41.71
N HIS B 340 -23.17 -42.71 42.14
CA HIS B 340 -23.05 -44.08 42.63
C HIS B 340 -21.94 -44.23 43.67
N ALA B 341 -21.54 -43.12 44.27
CA ALA B 341 -20.47 -43.14 45.26
C ALA B 341 -20.96 -43.53 46.64
N PRO B 342 -22.03 -44.32 46.68
CA PRO B 342 -22.51 -44.88 47.93
C PRO B 342 -21.50 -45.91 48.42
N LEU B 343 -20.94 -46.67 47.47
CA LEU B 343 -19.98 -47.72 47.79
C LEU B 343 -18.67 -47.49 47.04
N LYS B 344 -18.76 -46.73 45.94
CA LYS B 344 -17.56 -46.38 45.17
C LYS B 344 -16.90 -45.11 45.69
N THR B 345 -16.74 -45.03 47.01
CA THR B 345 -16.09 -43.88 47.63
C THR B 345 -14.70 -44.28 48.11
N GLN B 346 -13.69 -43.53 47.69
CA GLN B 346 -12.34 -43.76 48.17
C GLN B 346 -11.96 -42.61 49.10
N ASN B 347 -11.08 -42.89 50.06
CA ASN B 347 -10.60 -41.86 50.97
C ASN B 347 -9.41 -41.12 50.35
N SER B 348 -9.57 -39.83 50.11
CA SER B 348 -8.52 -39.01 49.53
C SER B 348 -7.32 -38.93 50.46
N VAL B 349 -6.18 -39.44 49.99
CA VAL B 349 -4.99 -39.59 50.81
C VAL B 349 -4.46 -38.24 51.32
N LYS B 350 -4.74 -37.18 50.56
CA LYS B 350 -4.38 -35.82 50.97
C LYS B 350 -5.08 -35.38 52.25
N ASP B 351 -6.26 -35.96 52.52
CA ASP B 351 -7.02 -35.62 53.73
C ASP B 351 -6.28 -36.03 54.99
N ASP B 352 -5.39 -37.00 54.87
CA ASP B 352 -4.59 -37.50 55.99
C ASP B 352 -3.77 -36.36 56.59
N LYS B 353 -3.46 -36.48 57.87
CA LYS B 353 -2.71 -35.43 58.56
C LYS B 353 -1.22 -35.72 58.48
N ASN B 354 -0.88 -36.99 58.39
CA ASN B 354 0.50 -37.44 58.27
C ASN B 354 0.83 -37.92 56.86
N PHE B 355 0.26 -37.24 55.87
CA PHE B 355 0.42 -37.63 54.47
C PHE B 355 1.86 -37.46 53.99
N SER B 356 2.51 -36.41 54.47
CA SER B 356 3.87 -36.10 54.05
C SER B 356 4.90 -37.05 54.65
N ILE B 357 4.47 -37.87 55.60
CA ILE B 357 5.38 -38.81 56.24
C ILE B 357 5.00 -40.25 55.89
N LYS B 358 3.77 -40.44 55.44
CA LYS B 358 3.26 -41.77 55.16
C LYS B 358 3.30 -42.13 53.67
N TYR B 359 3.27 -41.13 52.80
CA TYR B 359 3.22 -41.37 51.36
C TYR B 359 4.29 -40.59 50.58
N PHE B 360 4.76 -41.18 49.48
CA PHE B 360 5.68 -40.49 48.57
C PHE B 360 5.24 -40.67 47.12
N HIS B 361 5.74 -39.81 46.24
CA HIS B 361 5.39 -39.87 44.82
C HIS B 361 6.63 -39.97 43.95
N LEU B 362 7.37 -38.86 43.84
CA LEU B 362 8.54 -38.79 42.97
C LEU B 362 9.84 -38.55 43.71
N VAL B 363 9.77 -38.45 45.04
CA VAL B 363 10.97 -38.26 45.85
C VAL B 363 10.95 -39.16 47.08
N ASP B 364 12.03 -39.90 47.32
CA ASP B 364 12.13 -40.73 48.51
C ASP B 364 13.51 -40.66 49.17
N PRO B 375 25.52 -47.21 41.11
CA PRO B 375 26.04 -45.86 41.03
C PRO B 375 25.57 -45.15 39.77
N GLU B 376 24.94 -45.91 38.87
CA GLU B 376 24.45 -45.36 37.61
C GLU B 376 23.37 -44.32 37.86
N LYS B 377 22.43 -44.64 38.75
CA LYS B 377 21.34 -43.71 39.06
C LYS B 377 21.71 -42.81 40.23
N LYS B 378 22.80 -43.13 40.91
CA LYS B 378 23.28 -42.32 42.03
C LYS B 378 24.00 -41.07 41.52
N ALA B 379 24.20 -41.01 40.22
CA ALA B 379 24.83 -39.84 39.59
C ALA B 379 23.87 -39.20 38.59
N LEU B 380 22.64 -39.70 38.54
CA LEU B 380 21.61 -39.12 37.68
C LEU B 380 20.78 -38.13 38.48
N LYS B 381 20.99 -38.10 39.79
CA LYS B 381 20.24 -37.21 40.66
C LYS B 381 20.99 -35.90 40.89
N ILE B 382 22.02 -35.67 40.08
CA ILE B 382 22.82 -34.45 40.17
C ILE B 382 22.01 -33.21 39.82
N LYS B 383 21.83 -32.34 40.81
CA LYS B 383 20.96 -31.17 40.70
C LYS B 383 21.25 -30.27 39.51
N GLU B 384 22.53 -29.96 39.31
CA GLU B 384 22.98 -28.98 38.32
C GLU B 384 22.57 -29.34 36.89
N MET B 385 22.55 -30.65 36.62
CA MET B 385 22.08 -31.20 35.35
C MET B 385 20.65 -30.77 35.01
N TYR B 386 19.98 -30.10 35.95
CA TYR B 386 18.60 -29.67 35.78
C TYR B 386 18.43 -28.15 35.82
N LEU B 387 19.52 -27.41 36.06
CA LEU B 387 19.43 -25.96 36.04
C LEU B 387 18.94 -25.46 34.69
N ILE B 388 19.21 -26.24 33.65
CA ILE B 388 18.77 -25.90 32.30
C ILE B 388 17.25 -25.81 32.23
N LYS B 389 16.56 -26.61 33.04
CA LYS B 389 15.10 -26.55 33.13
C LYS B 389 14.69 -25.17 33.61
N LEU B 390 15.42 -24.64 34.60
CA LEU B 390 15.16 -23.29 35.12
C LEU B 390 15.27 -22.26 34.02
N LEU B 391 16.03 -22.58 32.98
CA LEU B 391 16.15 -21.68 31.85
C LEU B 391 14.89 -21.80 31.00
N SER B 392 14.53 -23.04 30.66
CA SER B 392 13.46 -23.29 29.70
C SER B 392 12.19 -22.57 30.15
N THR B 393 11.80 -22.82 31.41
CA THR B 393 10.69 -22.13 32.07
C THR B 393 10.82 -20.61 32.01
N LYS B 394 12.01 -20.12 32.36
CA LYS B 394 12.32 -18.69 32.27
C LYS B 394 12.04 -18.14 30.88
N VAL B 395 12.24 -18.97 29.86
CA VAL B 395 11.97 -18.55 28.50
C VAL B 395 10.47 -18.63 28.23
N ALA B 396 9.87 -19.71 28.73
CA ALA B 396 8.47 -20.00 28.45
C ALA B 396 7.55 -18.84 28.81
N VAL B 397 7.88 -18.15 29.91
CA VAL B 397 7.01 -17.09 30.42
C VAL B 397 7.66 -15.72 30.33
N HIS B 398 8.74 -15.60 29.58
CA HIS B 398 9.48 -14.34 29.55
C HIS B 398 8.72 -13.20 28.88
N SER B 399 7.86 -13.53 27.93
CA SER B 399 7.01 -12.52 27.30
C SER B 399 6.04 -11.90 28.31
N PHE B 400 5.53 -12.73 29.22
CA PHE B 400 4.56 -12.27 30.22
C PHE B 400 5.21 -11.38 31.28
N VAL B 401 6.44 -11.73 31.65
CA VAL B 401 7.22 -10.94 32.60
C VAL B 401 7.65 -9.62 31.98
N GLU B 402 8.08 -9.69 30.72
CA GLU B 402 8.40 -8.50 29.95
C GLU B 402 7.21 -7.56 29.97
N ASN B 403 6.06 -8.09 29.56
CA ASN B 403 4.82 -7.32 29.52
C ASN B 403 4.46 -6.71 30.88
N LEU B 404 4.50 -7.52 31.93
CA LEU B 404 4.14 -7.06 33.27
C LEU B 404 5.03 -5.91 33.71
N PHE B 405 6.34 -6.11 33.63
CA PHE B 405 7.28 -5.06 34.03
C PHE B 405 7.06 -3.77 33.24
N LYS B 406 6.85 -3.94 31.92
CA LYS B 406 6.55 -2.83 31.03
C LYS B 406 5.35 -2.05 31.55
N SER B 407 4.31 -2.77 31.95
CA SER B 407 3.12 -2.16 32.53
C SER B 407 3.47 -1.44 33.82
N ILE B 408 4.45 -1.96 34.54
CA ILE B 408 4.84 -1.40 35.82
C ILE B 408 5.54 -0.04 35.69
N TRP B 409 6.54 0.06 34.81
CA TRP B 409 7.22 1.35 34.64
C TRP B 409 6.92 2.07 33.33
N GLY B 410 5.83 1.69 32.67
CA GLY B 410 5.42 2.36 31.45
C GLY B 410 4.62 3.61 31.79
N LEU B 411 4.51 4.52 30.83
CA LEU B 411 3.74 5.74 31.05
C LEU B 411 2.64 5.93 29.99
N PRO B 412 1.41 5.53 30.33
CA PRO B 412 0.24 5.70 29.46
C PRO B 412 0.01 7.16 29.11
N ASN B 413 -0.16 7.46 27.83
CA ASN B 413 -0.32 8.82 27.34
C ASN B 413 0.86 9.72 27.73
N ASN B 414 2.05 9.11 27.80
CA ASN B 414 3.29 9.81 28.13
C ASN B 414 3.27 10.51 29.49
N LYS B 415 2.33 10.13 30.35
CA LYS B 415 2.20 10.73 31.67
C LYS B 415 2.24 9.67 32.77
N ALA B 416 2.38 10.12 34.01
CA ALA B 416 2.48 9.21 35.15
C ALA B 416 1.22 9.29 36.02
N PRO B 417 0.92 8.19 36.75
CA PRO B 417 -0.19 8.20 37.71
C PRO B 417 -0.04 9.36 38.69
N LEU B 418 -1.16 9.95 39.08
CA LEU B 418 -1.17 11.16 39.92
C LEU B 418 -0.38 10.96 41.22
N ALA B 419 -0.62 9.84 41.88
CA ALA B 419 0.04 9.52 43.14
C ALA B 419 1.56 9.41 42.99
N VAL B 420 2.01 8.85 41.87
CA VAL B 420 3.43 8.69 41.58
C VAL B 420 4.12 10.04 41.42
N LYS B 421 3.57 10.87 40.54
CA LYS B 421 4.08 12.22 40.32
C LYS B 421 4.12 12.98 41.63
N TYR B 422 2.99 12.95 42.34
CA TYR B 422 2.87 13.65 43.61
C TYR B 422 3.94 13.22 44.61
N PHE B 423 4.10 11.91 44.77
CA PHE B 423 5.01 11.38 45.78
C PHE B 423 6.49 11.54 45.42
N PHE B 424 6.80 11.46 44.13
CA PHE B 424 8.19 11.65 43.71
C PHE B 424 8.61 13.11 43.77
N ASP B 425 7.70 14.00 43.37
CA ASP B 425 7.93 15.42 43.53
C ASP B 425 8.08 15.72 45.03
N PHE B 426 7.28 15.01 45.83
CA PHE B 426 7.35 15.18 47.28
C PHE B 426 8.72 14.78 47.83
N LEU B 427 9.22 13.64 47.36
CA LEU B 427 10.53 13.16 47.76
C LEU B 427 11.63 14.14 47.32
N ASP B 428 11.45 14.72 46.14
CA ASP B 428 12.38 15.71 45.62
C ASP B 428 12.45 16.94 46.53
N GLU B 429 11.27 17.48 46.86
CA GLU B 429 11.20 18.63 47.77
C GLU B 429 11.81 18.29 49.13
N GLN B 430 11.56 17.07 49.60
CA GLN B 430 12.10 16.61 50.87
C GLN B 430 13.63 16.51 50.86
N ALA B 431 14.18 16.11 49.72
CA ALA B 431 15.63 16.06 49.56
C ALA B 431 16.19 17.47 49.50
N GLU B 432 15.44 18.38 48.88
CA GLU B 432 15.84 19.78 48.83
C GLU B 432 15.70 20.44 50.20
N ARG B 433 14.98 19.77 51.10
CA ARG B 433 14.80 20.30 52.45
C ARG B 433 15.99 19.94 53.36
N LYS B 434 16.66 18.84 53.04
CA LYS B 434 17.70 18.31 53.91
C LYS B 434 19.11 18.73 53.51
N LYS B 435 19.20 19.56 52.47
CA LYS B 435 20.48 19.96 51.90
C LYS B 435 21.28 18.74 51.45
N ILE B 436 20.66 17.93 50.59
CA ILE B 436 21.30 16.74 50.06
C ILE B 436 21.46 16.84 48.54
N THR B 437 22.71 16.86 48.08
CA THR B 437 22.99 17.02 46.65
C THR B 437 23.39 15.71 45.99
N ASP B 438 22.86 14.61 46.52
CA ASP B 438 23.16 13.28 45.99
C ASP B 438 21.93 12.71 45.29
N PRO B 439 22.04 12.45 43.98
CA PRO B 439 20.97 11.85 43.18
C PRO B 439 20.65 10.43 43.66
N ASP B 440 21.68 9.75 44.13
CA ASP B 440 21.56 8.39 44.65
C ASP B 440 20.55 8.31 45.79
N VAL B 441 20.53 9.31 46.66
CA VAL B 441 19.62 9.31 47.79
C VAL B 441 18.16 9.41 47.33
N LEU B 442 17.91 10.24 46.33
CA LEU B 442 16.57 10.37 45.78
C LEU B 442 16.13 9.10 45.07
N HIS B 443 17.02 8.52 44.27
CA HIS B 443 16.76 7.24 43.61
C HIS B 443 16.41 6.17 44.65
N ILE B 444 17.24 6.08 45.69
CA ILE B 444 17.05 5.17 46.81
C ILE B 444 15.69 5.34 47.46
N TRP B 445 15.32 6.59 47.71
CA TRP B 445 14.02 6.88 48.32
C TRP B 445 12.88 6.40 47.42
N LYS B 446 12.99 6.67 46.13
CA LYS B 446 11.93 6.29 45.19
C LYS B 446 11.75 4.77 45.09
N THR B 447 12.86 4.05 44.96
CA THR B 447 12.82 2.60 44.85
C THR B 447 12.40 1.92 46.15
N ASN B 448 12.80 2.50 47.28
CA ASN B 448 12.35 2.00 48.58
C ASN B 448 10.87 2.30 48.81
N SER B 449 10.37 3.33 48.14
CA SER B 449 8.98 3.74 48.31
C SER B 449 8.03 2.95 47.43
N LEU B 450 8.04 3.23 46.12
CA LEU B 450 7.00 2.68 45.25
C LEU B 450 7.15 1.21 44.87
N PRO B 451 8.31 0.79 44.34
CA PRO B 451 8.30 -0.64 44.01
C PRO B 451 8.42 -1.55 45.22
N LEU B 452 9.36 -1.29 46.11
CA LEU B 452 9.62 -2.20 47.23
C LEU B 452 8.42 -2.35 48.16
N ARG B 453 7.94 -1.24 48.70
CA ARG B 453 6.85 -1.27 49.67
C ARG B 453 5.46 -1.33 49.05
N PHE B 454 5.38 -1.31 47.71
CA PHE B 454 4.10 -1.52 47.04
C PHE B 454 4.15 -2.60 45.95
N TRP B 455 4.88 -2.34 44.88
CA TRP B 455 4.87 -3.23 43.72
C TRP B 455 5.34 -4.65 44.03
N VAL B 456 6.25 -4.77 44.99
CA VAL B 456 6.70 -6.08 45.43
C VAL B 456 5.57 -6.82 46.12
N ASN B 457 4.74 -6.09 46.88
CA ASN B 457 3.60 -6.70 47.54
C ASN B 457 2.61 -7.28 46.54
N ILE B 458 2.21 -6.46 45.57
CA ILE B 458 1.27 -6.89 44.55
C ILE B 458 1.89 -8.00 43.68
N LEU B 459 3.21 -7.99 43.56
CA LEU B 459 3.91 -9.00 42.80
C LEU B 459 3.94 -10.35 43.51
N LYS B 460 4.15 -10.33 44.83
CA LYS B 460 4.28 -11.55 45.59
C LYS B 460 2.94 -12.02 46.16
N ASN B 461 2.00 -11.08 46.29
CA ASN B 461 0.66 -11.43 46.78
C ASN B 461 -0.44 -11.08 45.78
N PRO B 462 -0.46 -11.79 44.62
CA PRO B 462 -1.46 -11.51 43.58
C PRO B 462 -2.86 -11.96 43.96
N ASP B 463 -3.00 -12.74 45.02
CA ASP B 463 -4.34 -13.09 45.51
C ASP B 463 -5.00 -11.94 46.25
N PHE B 464 -4.31 -10.81 46.32
CA PHE B 464 -4.92 -9.61 46.88
C PHE B 464 -5.71 -8.92 45.80
N VAL B 465 -5.32 -9.17 44.55
CA VAL B 465 -5.95 -8.53 43.41
C VAL B 465 -7.09 -9.37 42.83
N PHE B 466 -6.93 -10.69 42.88
CA PHE B 466 -7.89 -11.57 42.20
C PHE B 466 -8.67 -12.46 43.16
N SER B 467 -9.80 -12.99 42.69
CA SER B 467 -10.60 -13.90 43.49
C SER B 467 -10.35 -15.34 43.08
N ASP B 468 -10.86 -16.27 43.87
CA ASP B 468 -10.75 -17.70 43.60
C ASP B 468 -9.32 -18.12 43.22
N MET B 469 -8.35 -17.50 43.89
CA MET B 469 -6.94 -17.74 43.59
C MET B 469 -6.17 -18.14 44.85
N GLU B 470 -6.12 -19.44 45.12
CA GLU B 470 -5.40 -19.92 46.29
C GLU B 470 -3.92 -20.02 45.96
N LYS B 471 -3.09 -19.54 46.87
CA LYS B 471 -1.66 -19.44 46.62
C LYS B 471 -0.90 -20.67 47.09
N SER B 472 -0.19 -21.31 46.15
CA SER B 472 0.68 -22.44 46.46
C SER B 472 2.06 -21.89 46.77
N PRO B 473 2.80 -22.58 47.66
CA PRO B 473 4.13 -22.09 48.07
C PRO B 473 5.17 -22.09 46.93
N HIS B 474 5.05 -23.02 46.00
CA HIS B 474 5.97 -23.08 44.88
C HIS B 474 5.83 -21.83 44.02
N LEU B 475 4.59 -21.53 43.65
CA LEU B 475 4.29 -20.36 42.83
C LEU B 475 4.70 -19.10 43.61
N ASP B 476 4.71 -19.20 44.92
CA ASP B 476 5.20 -18.12 45.77
C ASP B 476 6.69 -17.96 45.51
N GLY B 477 7.40 -19.09 45.41
CA GLY B 477 8.81 -19.05 45.11
C GLY B 477 9.11 -18.43 43.75
N CYS B 478 8.35 -18.86 42.73
CA CYS B 478 8.50 -18.33 41.37
C CYS B 478 8.31 -16.81 41.35
N LEU B 479 7.28 -16.37 42.05
CA LEU B 479 7.02 -14.95 42.19
C LEU B 479 8.11 -14.23 42.97
N SER B 480 8.77 -14.94 43.88
CA SER B 480 9.91 -14.37 44.58
C SER B 480 11.07 -14.11 43.61
N VAL B 481 11.35 -15.09 42.75
CA VAL B 481 12.39 -14.97 41.73
C VAL B 481 12.16 -13.74 40.85
N ILE B 482 10.99 -13.73 40.22
CA ILE B 482 10.60 -12.63 39.34
C ILE B 482 10.54 -11.25 40.03
N ALA B 483 9.98 -11.20 41.23
CA ALA B 483 9.93 -9.93 41.93
C ALA B 483 11.36 -9.47 42.25
N GLN B 484 12.21 -10.43 42.57
CA GLN B 484 13.58 -10.15 42.97
C GLN B 484 14.28 -9.48 41.83
N ALA B 485 14.25 -10.11 40.65
CA ALA B 485 14.78 -9.48 39.42
C ALA B 485 14.21 -8.08 39.22
N PHE B 486 12.88 -7.99 39.23
CA PHE B 486 12.20 -6.70 39.18
C PHE B 486 12.82 -5.62 40.06
N MET B 487 13.18 -5.96 41.30
CA MET B 487 13.73 -4.95 42.17
C MET B 487 15.24 -4.82 41.96
N ASP B 488 15.80 -5.76 41.21
CA ASP B 488 17.20 -5.66 40.80
C ASP B 488 17.29 -4.67 39.62
N SER B 489 16.15 -4.47 38.96
CA SER B 489 16.03 -3.49 37.90
C SER B 489 16.16 -2.08 38.48
N PHE B 490 16.14 -1.98 39.81
CA PHE B 490 16.25 -0.67 40.46
C PHE B 490 17.56 -0.43 41.17
N SER B 491 18.55 -1.28 40.89
CA SER B 491 19.83 -1.21 41.57
C SER B 491 20.66 -0.07 41.02
N LEU B 492 21.57 0.44 41.85
CA LEU B 492 22.48 1.47 41.41
C LEU B 492 23.80 0.85 40.98
N THR B 493 24.36 0.02 41.85
CA THR B 493 25.64 -0.61 41.58
C THR B 493 25.53 -1.67 40.48
N ASP B 494 26.54 -1.73 39.62
CA ASP B 494 26.61 -2.76 38.59
C ASP B 494 27.28 -4.01 39.16
N THR B 495 26.47 -4.92 39.68
CA THR B 495 26.98 -6.13 40.32
C THR B 495 27.56 -7.11 39.30
N HIS B 496 28.87 -7.32 39.38
CA HIS B 496 29.52 -8.33 38.56
C HIS B 496 29.10 -9.71 39.04
N LEU B 497 28.33 -10.41 38.21
CA LEU B 497 27.86 -11.76 38.53
C LEU B 497 28.88 -12.83 38.16
N ASP B 498 29.23 -13.66 39.14
CA ASP B 498 30.21 -14.72 38.93
C ASP B 498 29.59 -16.10 39.18
N LYS B 499 30.40 -17.03 39.67
CA LYS B 499 29.93 -18.39 39.94
C LYS B 499 29.38 -18.51 41.36
N HIS B 500 29.72 -17.54 42.19
CA HIS B 500 29.29 -17.53 43.58
C HIS B 500 27.96 -16.81 43.77
N SER B 501 27.44 -16.23 42.69
CA SER B 501 26.15 -15.54 42.75
C SER B 501 25.01 -16.53 42.71
N PRO B 502 23.87 -16.21 43.37
CA PRO B 502 22.75 -17.15 43.38
C PRO B 502 22.12 -17.30 42.01
N THR B 503 21.67 -18.52 41.72
CA THR B 503 21.05 -18.90 40.46
C THR B 503 19.93 -17.96 40.01
N ASN B 504 19.26 -17.34 40.96
CA ASN B 504 18.11 -16.48 40.66
C ASN B 504 18.49 -15.18 39.96
N LYS B 505 19.54 -14.52 40.43
CA LYS B 505 20.06 -13.33 39.77
C LYS B 505 20.64 -13.72 38.41
N LEU B 506 21.18 -14.93 38.34
CA LEU B 506 21.73 -15.48 37.10
C LEU B 506 20.68 -15.62 36.02
N LEU B 507 19.50 -16.08 36.42
CA LEU B 507 18.40 -16.33 35.47
C LEU B 507 17.97 -15.10 34.67
N TYR B 508 18.22 -13.92 35.22
CA TYR B 508 17.73 -12.67 34.64
C TYR B 508 18.83 -11.62 34.42
N GLY B 509 20.06 -11.99 34.77
CA GLY B 509 21.20 -11.10 34.65
C GLY B 509 21.40 -10.49 33.26
N LYS B 510 21.02 -11.23 32.23
CA LYS B 510 21.14 -10.75 30.86
C LYS B 510 20.16 -9.60 30.61
N ASP B 511 18.96 -9.71 31.15
CA ASP B 511 17.92 -8.72 30.93
C ASP B 511 18.02 -7.53 31.88
N ILE B 512 18.69 -7.74 33.01
CA ILE B 512 18.82 -6.68 34.02
C ILE B 512 19.32 -5.31 33.51
N PRO B 513 20.40 -5.28 32.70
CA PRO B 513 20.92 -3.99 32.23
C PRO B 513 19.90 -3.14 31.46
N GLN B 514 19.14 -3.74 30.54
CA GLN B 514 18.14 -2.99 29.80
C GLN B 514 17.02 -2.50 30.72
N TYR B 515 16.78 -3.26 31.78
CA TYR B 515 15.74 -2.94 32.75
C TYR B 515 16.10 -1.69 33.53
N LYS B 516 17.38 -1.54 33.86
CA LYS B 516 17.86 -0.40 34.64
C LYS B 516 17.66 0.93 33.91
N GLN B 517 17.76 0.90 32.59
CA GLN B 517 17.67 2.13 31.80
C GLN B 517 16.26 2.68 31.79
N GLU B 518 15.27 1.81 31.58
CA GLU B 518 13.88 2.22 31.54
C GLU B 518 13.43 2.74 32.90
N VAL B 519 14.10 2.28 33.96
CA VAL B 519 13.80 2.73 35.31
C VAL B 519 14.29 4.16 35.54
N LYS B 520 15.52 4.44 35.16
CA LYS B 520 16.09 5.78 35.32
C LYS B 520 15.24 6.78 34.54
N SER B 521 14.78 6.37 33.36
CA SER B 521 13.94 7.20 32.51
C SER B 521 12.63 7.52 33.23
N TYR B 522 12.01 6.47 33.74
CA TYR B 522 10.74 6.56 34.46
C TYR B 522 10.81 7.59 35.58
N TYR B 523 11.85 7.51 36.40
CA TYR B 523 12.03 8.48 37.48
C TYR B 523 12.29 9.87 36.92
N LYS B 524 13.08 9.96 35.84
CA LYS B 524 13.30 11.23 35.16
C LYS B 524 12.01 11.78 34.55
N LEU B 525 11.34 10.95 33.76
CA LEU B 525 10.10 11.31 33.08
C LEU B 525 9.00 11.80 34.02
N VAL B 526 9.05 11.39 35.28
CA VAL B 526 8.09 11.86 36.27
C VAL B 526 8.44 13.27 36.73
N LYS B 527 9.71 13.48 37.06
CA LYS B 527 10.18 14.81 37.47
C LYS B 527 10.13 15.81 36.32
N ASP B 528 10.21 15.30 35.09
CA ASP B 528 10.12 16.15 33.91
C ASP B 528 8.70 16.24 33.37
N GLN B 529 7.73 15.95 34.23
CA GLN B 529 6.32 16.07 33.88
C GLN B 529 5.74 17.32 34.54
N THR B 530 4.72 17.91 33.92
CA THR B 530 4.14 19.17 34.40
C THR B 530 3.67 19.08 35.86
N SER B 531 3.82 20.18 36.59
CA SER B 531 3.50 20.22 38.01
C SER B 531 2.01 20.02 38.27
N ILE B 532 1.70 19.01 39.08
CA ILE B 532 0.33 18.75 39.47
C ILE B 532 -0.11 19.73 40.53
N SER B 533 -1.12 20.53 40.20
CA SER B 533 -1.61 21.56 41.11
C SER B 533 -2.27 20.95 42.34
N SER B 534 -2.43 21.76 43.38
CA SER B 534 -3.07 21.31 44.61
C SER B 534 -4.56 21.07 44.41
N GLN B 535 -5.16 21.76 43.44
CA GLN B 535 -6.58 21.60 43.12
C GLN B 535 -6.84 20.23 42.51
N GLU B 536 -5.86 19.72 41.77
CA GLU B 536 -5.95 18.40 41.19
C GLU B 536 -5.97 17.36 42.31
N LEU B 537 -5.05 17.51 43.25
CA LEU B 537 -5.00 16.64 44.42
C LEU B 537 -6.31 16.71 45.18
N LYS B 538 -6.85 17.92 45.25
CA LYS B 538 -8.11 18.18 45.94
C LYS B 538 -9.25 17.36 45.33
N THR B 539 -9.54 17.64 44.06
CA THR B 539 -10.62 16.95 43.36
C THR B 539 -10.43 15.43 43.31
N PHE B 540 -9.17 15.02 43.18
CA PHE B 540 -8.84 13.60 43.11
C PHE B 540 -9.13 12.88 44.42
N LEU B 541 -8.48 13.33 45.50
CA LEU B 541 -8.66 12.71 46.81
C LEU B 541 -10.10 12.83 47.30
N GLN B 542 -10.76 13.92 46.95
CA GLN B 542 -12.18 14.09 47.23
C GLN B 542 -12.98 13.01 46.49
N GLU B 543 -12.58 12.75 45.25
CA GLU B 543 -13.27 11.76 44.42
C GLU B 543 -13.13 10.37 45.00
N GLU B 544 -11.91 9.99 45.37
CA GLU B 544 -11.70 8.68 46.00
C GLU B 544 -12.50 8.59 47.29
N SER B 545 -12.21 9.51 48.22
CA SER B 545 -12.93 9.57 49.48
C SER B 545 -14.45 9.38 49.35
N LYS B 546 -15.08 10.21 48.53
CA LYS B 546 -16.53 10.20 48.37
C LYS B 546 -16.99 8.94 47.64
N LYS B 547 -16.22 8.47 46.68
CA LYS B 547 -16.56 7.25 46.00
C LYS B 547 -16.46 6.03 46.95
N HIS B 548 -15.73 6.16 48.06
CA HIS B 548 -15.63 5.07 49.03
C HIS B 548 -15.80 5.64 50.46
N GLN B 549 -17.01 6.14 50.74
CA GLN B 549 -17.30 6.77 52.02
C GLN B 549 -18.10 5.89 52.99
N ASN B 550 -19.04 5.11 52.49
CA ASN B 550 -19.87 4.25 53.37
C ASN B 550 -19.47 2.78 53.23
N GLU B 551 -18.30 2.56 52.67
CA GLU B 551 -17.83 1.20 52.40
C GLU B 551 -17.42 0.48 53.68
N PHE B 552 -16.47 1.07 54.40
CA PHE B 552 -15.91 0.44 55.58
C PHE B 552 -16.51 1.03 56.85
N ASN B 553 -16.53 0.23 57.91
CA ASN B 553 -17.06 0.68 59.18
C ASN B 553 -16.00 1.25 60.12
N GLU B 554 -16.26 2.44 60.64
CA GLU B 554 -15.32 3.10 61.54
C GLU B 554 -15.53 2.69 63.00
N SER B 555 -16.55 1.86 63.23
CA SER B 555 -16.82 1.35 64.58
C SER B 555 -15.64 0.50 65.07
N ALA B 556 -15.41 -0.61 64.39
CA ALA B 556 -14.33 -1.55 64.74
C ALA B 556 -12.97 -0.87 64.64
N ALA B 557 -12.82 0.00 63.64
CA ALA B 557 -11.58 0.74 63.42
C ALA B 557 -11.22 1.63 64.61
N LEU B 558 -12.12 2.55 64.93
CA LEU B 558 -11.88 3.51 66.00
C LEU B 558 -11.85 2.83 67.37
N ARG B 559 -12.61 1.73 67.50
CA ARG B 559 -12.63 0.99 68.75
C ARG B 559 -11.30 0.29 69.00
N GLU B 560 -10.86 -0.50 68.03
CA GLU B 560 -9.57 -1.17 68.12
C GLU B 560 -8.42 -0.18 68.15
N LEU B 561 -8.67 1.04 67.68
CA LEU B 561 -7.68 2.11 67.81
C LEU B 561 -7.67 2.64 69.24
N TYR B 562 -8.84 2.64 69.87
CA TYR B 562 -8.95 3.04 71.27
C TYR B 562 -8.23 2.03 72.14
N LYS B 563 -8.26 0.77 71.71
CA LYS B 563 -7.57 -0.31 72.43
C LYS B 563 -6.10 0.03 72.69
N TYR B 564 -5.47 0.67 71.71
CA TYR B 564 -4.10 1.14 71.87
C TYR B 564 -4.07 2.52 72.51
N MET B 565 -5.12 3.30 72.27
CA MET B 565 -5.22 4.65 72.80
C MET B 565 -5.16 4.71 74.33
N GLN B 566 -5.88 3.82 74.99
CA GLN B 566 -5.92 3.82 76.46
C GLN B 566 -4.76 3.04 77.07
N ARG B 567 -3.98 2.36 76.24
CA ARG B 567 -2.87 1.55 76.71
C ARG B 567 -1.55 2.32 76.76
N TYR B 568 -1.62 3.60 76.41
CA TYR B 568 -0.43 4.45 76.41
C TYR B 568 -0.78 5.91 76.70
N PHE B 569 -1.77 6.11 77.57
CA PHE B 569 -2.29 7.44 77.86
C PHE B 569 -1.23 8.40 78.42
N THR B 570 -0.44 7.93 79.37
CA THR B 570 0.53 8.77 80.05
C THR B 570 1.61 9.31 79.10
N GLU B 571 2.02 8.48 78.15
CA GLU B 571 3.06 8.84 77.20
C GLU B 571 2.58 9.90 76.21
N ILE B 572 1.34 9.76 75.75
CA ILE B 572 0.76 10.72 74.82
C ILE B 572 0.43 12.03 75.55
N PHE B 573 0.02 11.92 76.81
CA PHE B 573 -0.25 13.10 77.62
C PHE B 573 1.05 13.82 77.92
N GLN B 574 2.14 13.06 77.96
CA GLN B 574 3.48 13.61 78.17
C GLN B 574 3.95 14.32 76.92
N LYS B 575 3.70 13.70 75.77
CA LYS B 575 4.07 14.27 74.48
C LYS B 575 3.29 15.56 74.23
N LEU B 576 2.04 15.59 74.67
CA LEU B 576 1.22 16.79 74.54
C LEU B 576 1.70 17.87 75.51
N GLU B 577 1.98 17.47 76.74
CA GLU B 577 2.46 18.40 77.76
C GLU B 577 3.82 18.96 77.40
N GLN B 578 4.51 18.30 76.47
CA GLN B 578 5.82 18.73 76.02
C GLN B 578 5.76 19.54 74.73
N THR B 579 4.69 19.34 73.96
CA THR B 579 4.56 20.00 72.67
C THR B 579 3.51 21.10 72.67
N ASP B 580 3.35 21.76 73.81
CA ASP B 580 2.41 22.87 73.96
C ASP B 580 1.00 22.51 73.50
N ALA B 581 0.28 21.78 74.34
CA ALA B 581 -1.06 21.33 73.98
C ALA B 581 -2.15 22.12 74.71
N PRO B 582 -3.19 22.53 73.96
CA PRO B 582 -4.36 23.19 74.52
C PRO B 582 -5.15 22.27 75.44
N SER B 583 -6.13 22.81 76.17
CA SER B 583 -6.92 22.03 77.11
C SER B 583 -7.91 21.10 76.42
N ASN B 584 -8.28 21.45 75.19
CA ASN B 584 -9.30 20.70 74.44
C ASN B 584 -8.91 19.24 74.19
N LEU B 585 -7.66 19.02 73.79
CA LEU B 585 -7.19 17.68 73.46
C LEU B 585 -7.19 16.76 74.67
N LYS B 586 -6.60 17.22 75.77
CA LYS B 586 -6.53 16.44 77.00
C LYS B 586 -7.92 16.19 77.58
N GLU B 587 -8.74 17.24 77.59
CA GLU B 587 -10.12 17.14 78.06
C GLU B 587 -10.89 16.09 77.25
N ASN B 588 -10.71 16.10 75.93
CA ASN B 588 -11.36 15.11 75.07
C ASN B 588 -10.85 13.70 75.34
N MET B 589 -9.54 13.58 75.53
CA MET B 589 -8.91 12.30 75.82
C MET B 589 -9.48 11.68 77.09
N HIS B 590 -9.55 12.47 78.15
CA HIS B 590 -10.08 11.97 79.43
C HIS B 590 -11.59 11.78 79.41
N ARG B 591 -12.29 12.61 78.64
CA ARG B 591 -13.74 12.47 78.50
C ARG B 591 -14.09 11.17 77.79
N VAL B 592 -13.27 10.81 76.80
CA VAL B 592 -13.45 9.56 76.09
C VAL B 592 -13.07 8.38 76.99
N LYS B 593 -11.95 8.54 77.70
CA LYS B 593 -11.48 7.52 78.63
C LYS B 593 -12.50 7.22 79.72
N GLU B 594 -13.29 8.22 80.08
CA GLU B 594 -14.34 8.05 81.08
C GLU B 594 -15.65 7.62 80.41
N LEU B 595 -15.75 7.87 79.11
CA LEU B 595 -16.93 7.48 78.34
C LEU B 595 -16.95 5.96 78.16
N PHE B 596 -15.82 5.42 77.73
CA PHE B 596 -15.68 3.97 77.60
C PHE B 596 -15.75 3.31 78.98
N ASP B 597 -14.82 3.70 79.85
CA ASP B 597 -14.77 3.15 81.20
C ASP B 597 -15.71 3.90 82.14
N LYS C 10 38.58 -48.45 48.25
CA LYS C 10 37.95 -47.22 48.69
C LYS C 10 38.45 -46.03 47.89
N LYS C 11 39.32 -46.29 46.93
CA LYS C 11 39.86 -45.24 46.07
C LYS C 11 38.84 -44.84 45.00
N MET C 12 37.97 -45.79 44.66
CA MET C 12 36.89 -45.53 43.71
C MET C 12 35.93 -44.50 44.30
N ASN C 13 35.79 -44.50 45.62
CA ASN C 13 34.94 -43.53 46.31
C ASN C 13 35.43 -42.10 46.09
N ASP C 14 36.72 -41.88 46.34
CA ASP C 14 37.31 -40.56 46.17
C ASP C 14 37.39 -40.17 44.70
N GLN C 15 37.62 -41.16 43.84
CA GLN C 15 37.69 -40.92 42.40
C GLN C 15 36.34 -40.48 41.85
N LEU C 16 35.29 -41.16 42.27
CA LEU C 16 33.93 -40.83 41.83
C LEU C 16 33.43 -39.54 42.46
N GLU C 17 33.85 -39.29 43.69
CA GLU C 17 33.57 -38.01 44.35
C GLU C 17 34.18 -36.87 43.55
N LEU C 18 35.43 -37.06 43.12
CA LEU C 18 36.12 -36.03 42.33
C LEU C 18 35.50 -35.86 40.96
N MET C 19 35.07 -36.97 40.36
CA MET C 19 34.37 -36.94 39.07
C MET C 19 33.09 -36.13 39.18
N GLU C 20 32.32 -36.40 40.23
CA GLU C 20 31.09 -35.67 40.47
C GLU C 20 31.38 -34.19 40.66
N SER C 21 32.39 -33.89 41.46
CA SER C 21 32.76 -32.51 41.76
C SER C 21 33.06 -31.75 40.48
N ASN C 22 33.92 -32.32 39.66
CA ASN C 22 34.27 -31.73 38.38
C ASN C 22 33.04 -31.55 37.49
N ILE C 23 32.21 -32.58 37.38
CA ILE C 23 30.99 -32.51 36.57
C ILE C 23 30.09 -31.35 36.98
N ARG C 24 29.74 -31.31 38.25
CA ARG C 24 28.88 -30.25 38.77
C ARG C 24 29.47 -28.88 38.52
N ARG C 25 30.72 -28.71 38.94
CA ARG C 25 31.42 -27.45 38.74
C ARG C 25 31.35 -26.98 37.29
N ASP C 26 31.65 -27.89 36.37
CA ASP C 26 31.71 -27.55 34.95
C ASP C 26 30.33 -27.19 34.39
N ILE C 27 29.31 -27.97 34.74
CA ILE C 27 27.94 -27.70 34.29
C ILE C 27 27.46 -26.34 34.78
N ARG C 28 27.52 -26.14 36.09
CA ARG C 28 27.18 -24.86 36.67
C ARG C 28 27.93 -23.72 36.00
N GLN C 29 29.22 -23.93 35.71
CA GLN C 29 30.01 -22.93 35.00
C GLN C 29 29.44 -22.66 33.61
N GLY C 30 28.90 -23.70 33.00
CA GLY C 30 28.30 -23.57 31.68
C GLY C 30 27.12 -22.63 31.76
N PHE C 31 26.27 -22.88 32.74
CA PHE C 31 25.11 -22.02 32.98
C PHE C 31 25.49 -20.57 33.27
N VAL C 32 26.43 -20.38 34.20
CA VAL C 32 26.93 -19.06 34.56
C VAL C 32 27.46 -18.29 33.35
N ASP C 33 28.32 -18.93 32.56
CA ASP C 33 28.90 -18.27 31.39
C ASP C 33 27.86 -18.01 30.30
N LEU C 34 26.84 -18.86 30.24
CA LEU C 34 25.72 -18.62 29.33
C LEU C 34 24.96 -17.38 29.78
N GLN C 35 24.85 -17.19 31.09
CA GLN C 35 24.14 -16.02 31.61
C GLN C 35 25.04 -14.78 31.62
N THR C 36 26.25 -14.93 32.15
CA THR C 36 27.14 -13.78 32.33
C THR C 36 27.93 -13.42 31.07
N GLU C 37 27.36 -13.74 29.91
CA GLU C 37 28.00 -13.44 28.64
C GLU C 37 27.71 -12.00 28.20
N LYS C 38 28.65 -11.10 28.46
CA LYS C 38 28.50 -9.71 28.06
C LYS C 38 28.97 -9.53 26.62
N SER C 39 28.13 -8.93 25.79
CA SER C 39 28.45 -8.72 24.38
C SER C 39 29.45 -7.58 24.22
N ASP C 40 30.48 -7.83 23.40
CA ASP C 40 31.54 -6.85 23.19
C ASP C 40 32.28 -7.08 21.88
N LEU C 41 31.54 -7.53 20.86
CA LEU C 41 32.14 -7.88 19.58
C LEU C 41 32.29 -6.67 18.65
N ILE C 42 32.54 -6.95 17.37
CA ILE C 42 32.77 -5.93 16.35
C ILE C 42 33.94 -5.02 16.69
N VAL C 45 34.51 -1.19 12.54
CA VAL C 45 35.55 -1.83 11.74
C VAL C 45 36.12 -0.87 10.69
N GLY C 46 35.50 0.30 10.56
CA GLY C 46 35.94 1.28 9.58
C GLY C 46 35.28 1.05 8.23
N ALA C 47 36.08 0.64 7.25
CA ALA C 47 35.55 0.31 5.92
C ALA C 47 35.85 -1.14 5.57
N ILE C 48 34.94 -1.77 4.84
CA ILE C 48 35.10 -3.17 4.46
C ILE C 48 35.96 -3.32 3.21
N PRO C 49 37.06 -4.08 3.31
CA PRO C 49 37.94 -4.34 2.18
C PRO C 49 37.28 -5.22 1.13
N PHE C 50 36.41 -4.64 0.30
CA PHE C 50 35.77 -5.38 -0.78
C PHE C 50 36.77 -5.68 -1.88
N LEU C 51 36.59 -6.82 -2.56
CA LEU C 51 37.39 -7.16 -3.73
C LEU C 51 36.94 -6.31 -4.91
N ASP C 52 37.87 -6.00 -5.80
CA ASP C 52 37.53 -5.39 -7.08
C ASP C 52 36.74 -6.39 -7.89
N TYR C 53 35.73 -5.92 -8.63
CA TYR C 53 34.83 -6.80 -9.37
C TYR C 53 35.53 -7.85 -10.22
N LYS C 54 36.67 -7.50 -10.80
CA LYS C 54 37.45 -8.43 -11.61
C LYS C 54 37.84 -9.65 -10.78
N HIS C 55 38.49 -9.41 -9.65
CA HIS C 55 38.94 -10.50 -8.78
C HIS C 55 37.75 -11.26 -8.20
N PHE C 56 36.64 -10.54 -8.00
CA PHE C 56 35.43 -11.13 -7.47
C PHE C 56 34.84 -12.17 -8.42
N ALA C 57 34.58 -11.73 -9.65
CA ALA C 57 34.03 -12.63 -10.65
C ALA C 57 35.02 -13.73 -10.97
N SER C 58 36.32 -13.41 -10.92
CA SER C 58 37.34 -14.40 -11.26
C SER C 58 37.46 -15.49 -10.19
N ARG C 59 37.23 -15.12 -8.94
CA ARG C 59 37.22 -16.09 -7.85
C ARG C 59 35.90 -16.86 -7.82
N ILE C 60 34.86 -16.29 -8.42
CA ILE C 60 33.59 -17.02 -8.52
C ILE C 60 33.58 -18.04 -9.67
N PHE C 61 34.05 -17.62 -10.83
CA PHE C 61 33.99 -18.45 -12.04
C PHE C 61 34.94 -19.65 -11.95
N PHE C 62 36.13 -19.41 -11.42
CA PHE C 62 37.12 -20.47 -11.24
C PHE C 62 37.70 -20.48 -9.83
N PRO C 63 36.92 -20.96 -8.85
CA PRO C 63 37.42 -20.95 -7.46
C PRO C 63 38.52 -21.99 -7.23
N GLU C 64 38.60 -23.00 -8.08
CA GLU C 64 39.60 -24.05 -7.93
C GLU C 64 40.99 -23.58 -8.37
N ALA C 65 41.01 -22.46 -9.08
CA ALA C 65 42.25 -21.82 -9.47
C ALA C 65 42.55 -20.68 -8.49
N GLY C 66 43.25 -21.02 -7.42
CA GLY C 66 43.47 -20.11 -6.30
C GLY C 66 44.02 -18.74 -6.64
N THR C 67 44.95 -18.69 -7.59
CA THR C 67 45.63 -17.44 -7.93
C THR C 67 45.75 -17.25 -9.44
N LEU C 68 45.66 -18.35 -10.18
CA LEU C 68 45.77 -18.32 -11.63
C LEU C 68 44.67 -17.51 -12.30
N THR C 69 43.59 -17.24 -11.56
CA THR C 69 42.46 -16.51 -12.12
C THR C 69 42.82 -15.09 -12.52
N ALA C 70 43.90 -14.58 -11.94
CA ALA C 70 44.41 -13.25 -12.29
C ALA C 70 44.89 -13.20 -13.75
N VAL C 71 44.99 -14.38 -14.37
CA VAL C 71 45.38 -14.45 -15.79
C VAL C 71 44.19 -14.13 -16.68
N MET C 72 42.99 -14.09 -16.07
CA MET C 72 41.77 -13.79 -16.80
C MET C 72 41.41 -12.32 -16.72
N ILE C 73 42.24 -11.54 -16.03
CA ILE C 73 41.96 -10.12 -15.84
C ILE C 73 42.95 -9.23 -16.58
N ARG C 74 42.45 -8.52 -17.58
CA ARG C 74 43.27 -7.59 -18.36
C ARG C 74 43.60 -6.35 -17.53
N ASP C 86 43.20 -12.21 -32.30
CA ASP C 86 43.90 -13.18 -33.13
C ASP C 86 42.99 -13.75 -34.21
N GLU C 87 43.50 -14.69 -34.98
CA GLU C 87 42.75 -15.28 -36.09
C GLU C 87 41.61 -16.15 -35.59
N LYS C 88 41.92 -17.09 -34.70
CA LYS C 88 40.91 -18.02 -34.18
C LYS C 88 39.89 -17.31 -33.29
N CYS C 89 40.33 -16.25 -32.61
CA CYS C 89 39.51 -15.54 -31.64
C CYS C 89 38.20 -15.02 -32.23
N LEU C 90 38.30 -14.10 -33.19
CA LEU C 90 37.12 -13.46 -33.77
C LEU C 90 36.23 -14.47 -34.47
N ALA C 91 36.85 -15.52 -35.02
CA ALA C 91 36.11 -16.56 -35.72
C ALA C 91 35.24 -17.37 -34.76
N PHE C 92 35.86 -17.84 -33.68
CA PHE C 92 35.13 -18.64 -32.70
C PHE C 92 34.10 -17.78 -31.97
N ALA C 93 34.41 -16.50 -31.78
CA ALA C 93 33.46 -15.56 -31.21
C ALA C 93 32.27 -15.39 -32.15
N GLU C 94 32.55 -15.38 -33.45
CA GLU C 94 31.51 -15.29 -34.46
C GLU C 94 30.61 -16.52 -34.40
N LEU C 95 31.21 -17.68 -34.15
CA LEU C 95 30.43 -18.89 -33.97
C LEU C 95 29.53 -18.75 -32.74
N ILE C 96 30.14 -18.38 -31.63
CA ILE C 96 29.46 -18.24 -30.35
C ILE C 96 28.25 -17.31 -30.41
N ARG C 97 28.41 -16.19 -31.11
CA ARG C 97 27.32 -15.22 -31.25
C ARG C 97 26.06 -15.80 -31.87
N ASP C 98 26.23 -16.76 -32.77
CA ASP C 98 25.09 -17.43 -33.39
C ASP C 98 24.33 -18.25 -32.37
N LYS C 99 23.05 -17.92 -32.18
CA LYS C 99 22.22 -18.56 -31.16
C LYS C 99 22.10 -20.07 -31.34
N GLN C 100 21.83 -20.50 -32.57
CA GLN C 100 21.68 -21.92 -32.88
C GLN C 100 22.94 -22.71 -32.55
N PHE C 101 24.08 -22.22 -33.04
CA PHE C 101 25.36 -22.89 -32.84
C PHE C 101 25.65 -23.13 -31.36
N LEU C 102 25.48 -22.09 -30.55
CA LEU C 102 25.75 -22.19 -29.12
C LEU C 102 24.72 -23.08 -28.44
N SER C 103 23.49 -23.03 -28.92
CA SER C 103 22.42 -23.87 -28.41
C SER C 103 22.76 -25.35 -28.60
N CYS C 104 23.34 -25.68 -29.75
CA CYS C 104 23.76 -27.06 -30.02
C CYS C 104 25.08 -27.41 -29.36
N PHE C 105 25.90 -26.40 -29.10
CA PHE C 105 27.21 -26.61 -28.50
C PHE C 105 27.09 -26.93 -27.02
N VAL C 106 26.24 -26.17 -26.33
CA VAL C 106 26.04 -26.37 -24.90
C VAL C 106 25.26 -27.66 -24.63
N HIS C 107 24.55 -28.12 -25.66
CA HIS C 107 23.68 -29.29 -25.51
C HIS C 107 24.35 -30.61 -25.91
N ALA C 108 25.15 -30.58 -26.97
CA ALA C 108 25.81 -31.78 -27.46
C ALA C 108 26.75 -32.35 -26.42
N LEU C 109 27.39 -31.47 -25.66
CA LEU C 109 28.37 -31.89 -24.66
C LEU C 109 27.69 -32.53 -23.46
N GLU C 110 26.47 -32.07 -23.16
CA GLU C 110 25.71 -32.61 -22.04
C GLU C 110 25.28 -34.05 -22.32
N GLU C 111 25.15 -34.38 -23.60
CA GLU C 111 24.71 -35.71 -24.00
C GLU C 111 25.82 -36.72 -23.84
N GLN C 112 27.04 -36.25 -23.65
CA GLN C 112 28.18 -37.15 -23.55
C GLN C 112 28.45 -37.60 -22.10
N LYS C 113 28.64 -38.90 -21.94
CA LYS C 113 28.87 -39.52 -20.64
C LYS C 113 30.23 -39.15 -20.04
N ASN C 114 31.19 -38.84 -20.90
CA ASN C 114 32.53 -38.44 -20.45
C ASN C 114 32.53 -37.03 -19.86
N PHE C 115 31.57 -36.23 -20.29
CA PHE C 115 31.45 -34.84 -19.83
C PHE C 115 31.13 -34.79 -18.34
N SER C 116 32.14 -34.51 -17.52
CA SER C 116 31.98 -34.49 -16.07
C SER C 116 31.38 -33.19 -15.54
N ILE C 117 31.27 -33.07 -14.22
CA ILE C 117 30.71 -31.89 -13.57
C ILE C 117 31.64 -30.69 -13.67
N LYS C 118 32.90 -30.91 -13.33
CA LYS C 118 33.94 -29.89 -13.43
C LYS C 118 33.97 -29.32 -14.83
N ASP C 119 33.74 -30.19 -15.83
CA ASP C 119 33.60 -29.76 -17.21
C ASP C 119 32.51 -28.70 -17.31
N LYS C 120 31.33 -29.02 -16.79
CA LYS C 120 30.17 -28.11 -16.86
C LYS C 120 30.48 -26.77 -16.21
N CYS C 121 31.20 -26.83 -15.09
CA CYS C 121 31.61 -25.62 -14.41
C CYS C 121 32.54 -24.78 -15.27
N THR C 122 33.54 -25.44 -15.84
CA THR C 122 34.51 -24.77 -16.72
C THR C 122 33.80 -24.11 -17.90
N VAL C 123 33.19 -24.91 -18.77
CA VAL C 123 32.51 -24.37 -19.95
C VAL C 123 31.53 -23.25 -19.58
N ALA C 124 30.86 -23.38 -18.43
CA ALA C 124 29.99 -22.30 -17.95
C ALA C 124 30.78 -21.02 -17.75
N SER C 125 31.88 -21.11 -17.01
CA SER C 125 32.67 -19.93 -16.68
C SER C 125 33.38 -19.32 -17.89
N LEU C 126 33.83 -20.17 -18.81
CA LEU C 126 34.48 -19.72 -20.03
C LEU C 126 33.48 -18.99 -20.91
N LEU C 127 32.31 -19.59 -21.09
CA LEU C 127 31.27 -18.99 -21.91
C LEU C 127 30.85 -17.66 -21.31
N THR C 128 30.79 -17.62 -19.99
CA THR C 128 30.46 -16.41 -19.26
C THR C 128 31.50 -15.33 -19.54
N LEU C 129 32.76 -15.67 -19.34
CA LEU C 129 33.86 -14.72 -19.43
C LEU C 129 33.98 -14.15 -20.84
N ALA C 130 33.83 -15.01 -21.83
CA ALA C 130 33.89 -14.61 -23.22
C ALA C 130 32.71 -13.72 -23.60
N LEU C 131 31.51 -14.13 -23.21
CA LEU C 131 30.31 -13.38 -23.57
C LEU C 131 30.01 -12.21 -22.63
N HIS C 132 30.95 -11.91 -21.72
CA HIS C 132 30.74 -10.83 -20.76
C HIS C 132 30.72 -9.47 -21.44
N GLY C 133 31.23 -9.41 -22.67
CA GLY C 133 31.21 -8.19 -23.45
C GLY C 133 29.79 -7.69 -23.71
N ASP C 134 28.87 -8.62 -23.93
CA ASP C 134 27.48 -8.26 -24.14
C ASP C 134 26.54 -9.18 -23.34
N LEU C 135 26.14 -8.70 -22.18
CA LEU C 135 25.31 -9.47 -21.25
C LEU C 135 23.89 -9.60 -21.78
N LEU C 136 23.56 -8.78 -22.78
CA LEU C 136 22.24 -8.79 -23.38
C LEU C 136 22.02 -10.07 -24.18
N TYR C 137 23.11 -10.61 -24.73
CA TYR C 137 23.04 -11.88 -25.45
C TYR C 137 23.18 -13.04 -24.48
N LEU C 138 24.04 -12.87 -23.48
CA LEU C 138 24.25 -13.90 -22.47
C LEU C 138 22.93 -14.23 -21.78
N THR C 139 22.18 -13.19 -21.45
CA THR C 139 20.88 -13.36 -20.80
C THR C 139 19.92 -14.09 -21.70
N GLU C 140 19.94 -13.76 -22.99
CA GLU C 140 19.06 -14.38 -23.97
C GLU C 140 19.33 -15.88 -24.11
N ILE C 141 20.60 -16.24 -24.30
CA ILE C 141 20.97 -17.63 -24.47
C ILE C 141 20.81 -18.41 -23.16
N MET C 142 20.87 -17.71 -22.04
CA MET C 142 20.63 -18.34 -20.75
C MET C 142 19.15 -18.68 -20.58
N GLU C 143 18.29 -17.72 -20.93
CA GLU C 143 16.86 -17.95 -20.92
C GLU C 143 16.49 -19.08 -21.87
N ASP C 144 17.16 -19.13 -23.02
CA ASP C 144 16.99 -20.22 -23.97
C ASP C 144 17.31 -21.55 -23.29
N LEU C 145 18.54 -21.68 -22.81
CA LEU C 145 19.03 -22.91 -22.20
C LEU C 145 18.16 -23.38 -21.03
N LEU C 146 17.65 -22.42 -20.25
CA LEU C 146 16.89 -22.73 -19.04
C LEU C 146 15.47 -23.15 -19.38
N GLN C 147 14.86 -22.39 -20.28
CA GLN C 147 13.52 -22.70 -20.76
C GLN C 147 13.53 -24.07 -21.41
N SER C 148 14.60 -24.39 -22.11
CA SER C 148 14.72 -25.72 -22.71
C SER C 148 15.05 -26.76 -21.64
N LEU C 149 15.64 -26.29 -20.54
CA LEU C 149 15.96 -27.18 -19.42
C LEU C 149 14.70 -27.63 -18.71
N MET C 150 13.66 -26.81 -18.77
CA MET C 150 12.40 -27.17 -18.10
C MET C 150 11.31 -27.69 -19.05
N ASP C 151 10.99 -26.92 -20.08
CA ASP C 151 9.82 -27.18 -20.94
C ASP C 151 9.88 -28.47 -21.76
N GLN C 152 11.06 -29.07 -21.89
CA GLN C 152 11.20 -30.26 -22.73
C GLN C 152 12.25 -31.25 -22.25
N SER C 153 12.42 -31.35 -20.93
CA SER C 153 13.40 -32.28 -20.37
C SER C 153 12.71 -33.53 -19.80
N SER C 154 13.19 -34.70 -20.24
CA SER C 154 12.63 -35.97 -19.78
C SER C 154 12.97 -36.22 -18.33
N ASN C 155 14.21 -35.91 -17.95
CA ASN C 155 14.63 -36.02 -16.56
C ASN C 155 14.27 -34.75 -15.80
N ALA C 156 12.98 -34.43 -15.75
CA ALA C 156 12.53 -33.21 -15.10
C ALA C 156 11.27 -33.39 -14.27
N ASN C 157 11.44 -33.36 -12.95
CA ASN C 157 10.31 -33.25 -12.02
C ASN C 157 10.29 -31.83 -11.48
N PRO C 158 9.19 -31.10 -11.73
CA PRO C 158 9.07 -29.66 -11.45
C PRO C 158 9.60 -29.23 -10.09
N LYS C 159 9.39 -30.05 -9.07
CA LYS C 159 9.80 -29.70 -7.73
C LYS C 159 11.32 -29.85 -7.53
N LEU C 160 11.97 -30.57 -8.44
CA LEU C 160 13.40 -30.82 -8.33
C LEU C 160 14.19 -30.22 -9.48
N LEU C 161 14.12 -28.90 -9.63
CA LEU C 161 14.81 -28.23 -10.72
C LEU C 161 16.03 -27.46 -10.22
N LEU C 162 17.04 -27.33 -11.08
CA LEU C 162 18.28 -26.64 -10.74
C LEU C 162 18.90 -27.21 -9.48
N ARG C 163 18.72 -28.51 -9.29
CA ARG C 163 19.21 -29.16 -8.09
C ARG C 163 20.38 -30.06 -8.41
N ARG C 164 20.10 -31.18 -9.08
CA ARG C 164 21.15 -32.05 -9.54
C ARG C 164 21.95 -31.31 -10.61
N THR C 165 23.25 -31.14 -10.38
CA THR C 165 24.09 -30.41 -11.32
C THR C 165 24.26 -31.22 -12.61
N GLU C 166 23.26 -31.15 -13.47
CA GLU C 166 23.19 -31.99 -14.66
C GLU C 166 23.29 -31.17 -15.93
N SER C 167 23.50 -29.86 -15.79
CA SER C 167 23.56 -28.98 -16.95
C SER C 167 24.46 -27.77 -16.72
N ILE C 168 24.91 -27.17 -17.82
CA ILE C 168 25.73 -25.98 -17.80
C ILE C 168 24.90 -24.77 -17.34
N VAL C 169 23.61 -24.82 -17.63
CA VAL C 169 22.69 -23.71 -17.37
C VAL C 169 22.67 -23.29 -15.91
N GLU C 170 22.92 -24.24 -15.01
CA GLU C 170 22.84 -23.99 -13.58
C GLU C 170 24.04 -23.18 -13.08
N LYS C 171 25.24 -23.65 -13.42
CA LYS C 171 26.46 -22.94 -13.06
C LYS C 171 26.49 -21.58 -13.75
N LEU C 172 26.04 -21.57 -15.00
CA LEU C 172 25.92 -20.34 -15.77
C LEU C 172 24.96 -19.36 -15.07
N LEU C 173 23.91 -19.90 -14.49
CA LEU C 173 22.95 -19.10 -13.72
C LEU C 173 23.63 -18.51 -12.48
N THR C 174 24.40 -19.33 -11.78
CA THR C 174 25.20 -18.85 -10.64
C THR C 174 26.08 -17.68 -11.09
N ASN C 175 26.68 -17.82 -12.27
CA ASN C 175 27.51 -16.77 -12.85
C ASN C 175 26.75 -15.46 -13.12
N TRP C 176 25.65 -15.56 -13.86
CA TRP C 176 24.83 -14.41 -14.21
C TRP C 176 24.36 -13.68 -12.95
N MET C 177 23.90 -14.46 -11.99
CA MET C 177 23.48 -13.93 -10.70
C MET C 177 24.63 -13.18 -10.03
N SER C 178 25.82 -13.78 -10.09
CA SER C 178 27.00 -13.18 -9.49
C SER C 178 27.40 -11.89 -10.19
N ILE C 179 27.01 -11.76 -11.46
CA ILE C 179 27.32 -10.57 -12.23
C ILE C 179 26.35 -9.43 -11.93
N CYS C 180 25.06 -9.71 -12.02
CA CYS C 180 24.04 -8.67 -11.95
C CYS C 180 23.68 -8.22 -10.54
N LEU C 181 24.20 -8.91 -9.53
CA LEU C 181 23.85 -8.62 -8.14
C LEU C 181 24.98 -8.03 -7.33
N TYR C 182 26.07 -7.66 -8.01
CA TYR C 182 27.25 -7.16 -7.32
C TYR C 182 27.03 -5.78 -6.68
N GLY C 183 26.26 -4.93 -7.33
CA GLY C 183 25.97 -3.61 -6.82
C GLY C 183 25.21 -3.69 -5.50
N PHE C 184 24.14 -4.48 -5.51
CA PHE C 184 23.34 -4.70 -4.32
C PHE C 184 24.16 -5.41 -3.25
N LEU C 185 25.11 -6.23 -3.69
CA LEU C 185 25.97 -6.96 -2.77
C LEU C 185 26.87 -5.99 -2.01
N ARG C 186 27.52 -5.08 -2.74
CA ARG C 186 28.46 -4.16 -2.14
C ARG C 186 27.75 -2.99 -1.46
N GLU C 187 26.46 -2.85 -1.69
CA GLU C 187 25.71 -1.74 -1.11
C GLU C 187 25.00 -2.09 0.21
N SER C 188 24.50 -3.31 0.31
CA SER C 188 23.64 -3.68 1.44
C SER C 188 24.01 -4.99 2.14
N VAL C 189 24.54 -5.96 1.39
CA VAL C 189 24.78 -7.27 1.95
C VAL C 189 26.22 -7.47 2.41
N GLY C 190 27.17 -6.85 1.71
CA GLY C 190 28.59 -7.04 1.97
C GLY C 190 29.01 -6.65 3.37
N GLN C 191 28.60 -5.45 3.79
CA GLN C 191 29.00 -4.95 5.09
C GLN C 191 28.52 -5.80 6.27
N PRO C 192 27.21 -6.14 6.33
CA PRO C 192 26.80 -7.02 7.42
C PRO C 192 27.46 -8.40 7.35
N LEU C 193 27.80 -8.86 6.15
CA LEU C 193 28.49 -10.13 5.98
C LEU C 193 29.88 -10.06 6.59
N PHE C 194 30.59 -8.97 6.29
CA PHE C 194 31.91 -8.76 6.83
C PHE C 194 31.85 -8.65 8.35
N LEU C 195 30.83 -7.94 8.83
CA LEU C 195 30.61 -7.80 10.26
C LEU C 195 30.33 -9.13 10.92
N LEU C 196 29.64 -10.00 10.21
CA LEU C 196 29.32 -11.33 10.73
C LEU C 196 30.56 -12.20 10.82
N VAL C 197 31.33 -12.24 9.74
CA VAL C 197 32.56 -13.03 9.71
C VAL C 197 33.54 -12.54 10.78
N SER C 198 33.62 -11.23 10.92
CA SER C 198 34.50 -10.62 11.90
C SER C 198 34.05 -10.98 13.31
N ALA C 199 32.75 -10.86 13.54
CA ALA C 199 32.17 -11.15 14.85
C ALA C 199 32.46 -12.59 15.23
N LEU C 200 32.16 -13.51 14.31
CA LEU C 200 32.40 -14.93 14.52
C LEU C 200 33.86 -15.21 14.85
N THR C 201 34.76 -14.64 14.06
CA THR C 201 36.19 -14.84 14.30
C THR C 201 36.59 -14.37 15.69
N GLN C 202 36.16 -13.15 16.04
CA GLN C 202 36.47 -12.58 17.34
C GLN C 202 35.97 -13.44 18.49
N GLN C 203 34.69 -13.80 18.42
CA GLN C 203 34.04 -14.65 19.40
C GLN C 203 34.75 -16.00 19.58
N ILE C 204 35.13 -16.64 18.46
CA ILE C 204 35.86 -17.91 18.55
C ILE C 204 37.22 -17.68 19.20
N SER C 205 37.80 -16.51 18.93
CA SER C 205 39.13 -16.18 19.43
C SER C 205 39.11 -15.96 20.95
N LYS C 206 37.96 -15.54 21.46
CA LYS C 206 37.78 -15.27 22.90
C LYS C 206 38.04 -16.48 23.81
N GLY C 207 37.51 -17.64 23.44
CA GLY C 207 37.73 -18.84 24.20
C GLY C 207 38.96 -19.59 23.73
N PRO C 208 39.33 -20.67 24.44
CA PRO C 208 40.47 -21.53 24.09
C PRO C 208 40.33 -22.15 22.71
N VAL C 209 41.46 -22.44 22.08
CA VAL C 209 41.49 -23.14 20.81
C VAL C 209 42.63 -24.14 20.81
N ASP C 210 42.31 -25.40 20.52
CA ASP C 210 43.36 -26.40 20.36
C ASP C 210 44.24 -25.99 19.18
N SER C 211 45.51 -25.72 19.46
CA SER C 211 46.45 -25.33 18.42
C SER C 211 46.56 -26.35 17.31
N VAL C 212 46.32 -27.62 17.64
CA VAL C 212 46.55 -28.71 16.69
C VAL C 212 45.35 -29.10 15.83
N THR C 213 44.14 -29.01 16.40
CA THR C 213 42.94 -29.40 15.68
C THR C 213 42.06 -28.20 15.35
N GLU C 214 42.44 -27.03 15.86
CA GLU C 214 41.66 -25.81 15.71
C GLU C 214 40.22 -25.96 16.20
N LYS C 215 40.04 -26.84 17.19
CA LYS C 215 38.76 -26.95 17.88
C LYS C 215 38.67 -25.86 18.94
N ALA C 216 37.50 -25.27 19.10
CA ALA C 216 37.35 -24.18 20.06
C ALA C 216 36.17 -24.37 21.00
N LEU C 217 36.26 -23.73 22.16
CA LEU C 217 35.25 -23.82 23.21
C LEU C 217 33.98 -23.10 22.77
N TYR C 218 34.16 -21.97 22.11
CA TYR C 218 33.05 -21.19 21.56
C TYR C 218 32.93 -21.46 20.06
N THR C 219 31.92 -22.19 19.66
CA THR C 219 31.74 -22.49 18.24
C THR C 219 30.26 -22.51 17.88
N LEU C 220 29.99 -22.93 16.65
CA LEU C 220 28.62 -23.05 16.18
C LEU C 220 28.37 -24.42 15.58
N SER C 221 29.39 -25.28 15.61
CA SER C 221 29.26 -26.63 15.08
C SER C 221 29.70 -27.64 16.11
N GLU C 222 28.92 -28.71 16.25
CA GLU C 222 29.16 -29.75 17.23
C GLU C 222 30.49 -30.46 16.96
N ASP C 223 30.81 -30.62 15.68
CA ASP C 223 32.01 -31.33 15.26
C ASP C 223 33.29 -30.64 15.70
N TRP C 224 33.29 -29.31 15.61
CA TRP C 224 34.47 -28.53 15.95
C TRP C 224 34.52 -28.20 17.44
N LEU C 225 33.51 -28.61 18.17
CA LEU C 225 33.44 -28.30 19.59
C LEU C 225 34.55 -29.04 20.35
N LEU C 226 35.27 -28.29 21.17
CA LEU C 226 36.33 -28.84 22.01
C LEU C 226 35.74 -29.38 23.31
N CYS C 227 35.49 -30.69 23.34
CA CYS C 227 34.80 -31.30 24.46
C CYS C 227 35.77 -31.76 25.55
N GLN C 228 36.64 -30.85 25.97
CA GLN C 228 37.63 -31.15 26.99
C GLN C 228 37.52 -30.18 28.15
N ALA C 229 37.57 -30.71 29.37
CA ALA C 229 37.51 -29.88 30.56
C ALA C 229 38.80 -29.11 30.70
N GLN C 230 38.71 -27.79 30.60
CA GLN C 230 39.88 -26.93 30.67
C GLN C 230 39.86 -26.04 31.91
N ASP C 231 41.01 -25.43 32.19
CA ASP C 231 41.13 -24.48 33.29
C ASP C 231 41.97 -23.30 32.79
N PHE C 232 41.36 -22.13 32.71
CA PHE C 232 42.08 -20.97 32.20
C PHE C 232 41.57 -19.65 32.75
N GLU C 233 42.31 -18.60 32.42
CA GLU C 233 41.95 -17.25 32.82
C GLU C 233 42.47 -16.25 31.80
N PRO C 234 41.68 -15.21 31.50
CA PRO C 234 42.09 -14.12 30.62
C PRO C 234 43.19 -13.26 31.24
N LEU C 235 44.28 -13.09 30.51
CA LEU C 235 45.41 -12.29 30.97
C LEU C 235 45.51 -11.00 30.18
N LYS C 236 45.84 -9.93 30.90
CA LYS C 236 46.09 -8.64 30.30
C LYS C 236 47.59 -8.41 30.20
N LEU C 237 48.19 -8.89 29.11
CA LEU C 237 49.64 -8.83 28.95
C LEU C 237 50.13 -7.42 28.63
N LYS C 238 51.16 -7.00 29.35
CA LYS C 238 51.82 -5.73 29.07
C LYS C 238 52.95 -5.97 28.08
N VAL C 239 52.68 -5.72 26.81
CA VAL C 239 53.61 -6.06 25.73
C VAL C 239 54.60 -4.94 25.42
N VAL C 240 55.85 -5.32 25.23
CA VAL C 240 56.93 -4.41 24.89
C VAL C 240 57.46 -4.73 23.50
N PHE C 241 57.63 -3.71 22.67
CA PHE C 241 58.15 -3.89 21.32
C PHE C 241 59.58 -3.40 21.16
N ALA C 242 60.46 -4.30 20.73
CA ALA C 242 61.87 -3.98 20.55
C ALA C 242 62.14 -3.41 19.16
N VAL C 243 63.11 -2.50 19.09
CA VAL C 243 63.47 -1.84 17.84
C VAL C 243 64.82 -1.13 17.98
N GLU C 247 70.37 -2.84 21.27
CA GLU C 247 69.25 -2.21 20.59
C GLU C 247 67.95 -2.52 21.29
N GLU C 248 67.63 -1.74 22.32
CA GLU C 248 66.44 -1.99 23.13
C GLU C 248 65.41 -0.86 23.06
N ILE C 249 64.25 -1.15 22.47
CA ILE C 249 63.14 -0.22 22.47
C ILE C 249 62.00 -0.77 23.31
N SER C 250 61.14 0.12 23.83
CA SER C 250 60.09 -0.30 24.75
C SER C 250 58.89 0.63 24.77
N GLU C 251 57.78 0.17 24.19
CA GLU C 251 56.52 0.87 24.32
C GLU C 251 55.49 -0.10 24.90
N SER C 252 54.58 0.41 25.70
CA SER C 252 53.58 -0.42 26.36
C SER C 252 52.36 -0.66 25.48
N LEU C 253 51.96 -1.93 25.38
CA LEU C 253 50.77 -2.27 24.62
C LEU C 253 50.00 -3.41 25.28
N GLU C 254 48.79 -3.12 25.72
CA GLU C 254 47.95 -4.12 26.38
C GLU C 254 47.40 -5.10 25.36
N VAL C 255 47.73 -6.38 25.53
CA VAL C 255 47.24 -7.43 24.65
C VAL C 255 46.61 -8.54 25.47
N ILE C 256 45.36 -8.86 25.17
CA ILE C 256 44.62 -9.85 25.95
C ILE C 256 44.79 -11.29 25.43
N ALA C 257 45.27 -12.19 26.29
CA ALA C 257 45.49 -13.57 25.90
C ALA C 257 45.23 -14.58 27.01
N LEU C 258 44.78 -15.77 26.64
CA LEU C 258 44.47 -16.84 27.58
C LEU C 258 45.70 -17.59 28.06
N THR C 259 45.63 -18.07 29.30
CA THR C 259 46.72 -18.80 29.93
C THR C 259 47.05 -20.12 29.24
N CYS C 260 46.11 -20.61 28.42
CA CYS C 260 46.27 -21.87 27.73
C CYS C 260 46.76 -21.66 26.29
N ASP C 261 46.87 -20.39 25.89
CA ASP C 261 47.30 -20.05 24.55
C ASP C 261 48.76 -20.41 24.32
N THR C 262 49.03 -21.10 23.22
CA THR C 262 50.40 -21.42 22.86
C THR C 262 51.14 -20.15 22.54
N ILE C 263 52.46 -20.22 22.52
CA ILE C 263 53.29 -19.07 22.23
C ILE C 263 52.93 -18.50 20.86
N GLN C 264 52.69 -19.40 19.90
CA GLN C 264 52.29 -18.96 18.57
C GLN C 264 50.95 -18.23 18.59
N GLN C 265 49.99 -18.74 19.38
CA GLN C 265 48.68 -18.13 19.53
C GLN C 265 48.77 -16.77 20.21
N VAL C 266 49.65 -16.66 21.20
CA VAL C 266 49.87 -15.40 21.91
C VAL C 266 50.44 -14.38 20.94
N LYS C 267 51.43 -14.83 20.16
CA LYS C 267 51.97 -14.02 19.09
C LYS C 267 50.86 -13.51 18.19
N GLU C 268 50.04 -14.43 17.69
CA GLU C 268 48.95 -14.08 16.78
C GLU C 268 48.03 -13.02 17.37
N LYS C 269 47.72 -13.15 18.65
CA LYS C 269 46.86 -12.15 19.29
C LYS C 269 47.56 -10.80 19.38
N ILE C 270 48.86 -10.82 19.68
CA ILE C 270 49.67 -9.60 19.72
C ILE C 270 49.63 -8.91 18.37
N LEU C 271 49.84 -9.69 17.32
CA LEU C 271 49.86 -9.15 15.97
C LEU C 271 48.51 -8.57 15.60
N GLN C 272 47.44 -9.32 15.88
CA GLN C 272 46.09 -8.86 15.59
C GLN C 272 45.82 -7.53 16.28
N THR C 273 46.21 -7.43 17.55
CA THR C 273 46.03 -6.21 18.34
C THR C 273 46.81 -5.04 17.75
N PHE C 274 48.04 -5.30 17.33
CA PHE C 274 48.86 -4.26 16.72
C PHE C 274 48.18 -3.74 15.45
N GLN C 275 47.93 -4.66 14.52
CA GLN C 275 47.30 -4.34 13.24
C GLN C 275 45.96 -3.64 13.43
N ARG C 276 45.30 -3.92 14.55
CA ARG C 276 43.98 -3.38 14.82
C ARG C 276 44.05 -1.98 15.41
N LYS C 277 45.09 -1.72 16.21
CA LYS C 277 45.26 -0.41 16.85
C LYS C 277 46.07 0.55 15.99
N PHE C 278 47.21 0.07 15.47
CA PHE C 278 48.11 0.91 14.67
C PHE C 278 47.65 1.05 13.22
N GLY C 279 46.91 0.05 12.73
CA GLY C 279 46.40 0.07 11.38
C GLY C 279 47.27 -0.67 10.39
N PHE C 280 48.58 -0.73 10.67
CA PHE C 280 49.53 -1.43 9.81
C PHE C 280 50.12 -2.63 10.53
N ARG C 281 50.22 -3.75 9.84
CA ARG C 281 50.78 -4.97 10.41
C ARG C 281 52.22 -4.74 10.85
N TYR C 282 52.57 -5.20 12.04
CA TYR C 282 53.93 -5.07 12.54
C TYR C 282 54.86 -5.97 11.74
N THR C 283 54.28 -6.99 11.12
CA THR C 283 55.04 -7.90 10.27
C THR C 283 54.10 -8.70 9.38
N GLN C 284 54.61 -9.15 8.24
CA GLN C 284 53.83 -10.01 7.35
C GLN C 284 54.36 -11.43 7.46
N GLN C 285 55.52 -11.54 8.11
CA GLN C 285 56.12 -12.83 8.43
C GLN C 285 55.98 -13.08 9.93
N ILE C 286 54.94 -13.81 10.31
CA ILE C 286 54.67 -14.09 11.71
C ILE C 286 55.77 -14.97 12.32
N ARG C 287 56.31 -15.85 11.50
CA ARG C 287 57.37 -16.77 11.92
C ARG C 287 58.68 -16.05 12.24
N ASP C 288 58.76 -14.78 11.86
CA ASP C 288 59.97 -14.00 12.08
C ASP C 288 59.93 -13.23 13.40
N ILE C 289 59.13 -13.71 14.35
CA ILE C 289 58.98 -13.04 15.63
C ILE C 289 59.23 -13.97 16.81
N GLU C 290 59.94 -13.47 17.81
CA GLU C 290 60.16 -14.21 19.04
C GLU C 290 59.65 -13.45 20.27
N ILE C 291 59.23 -14.18 21.29
CA ILE C 291 58.63 -13.58 22.49
C ILE C 291 59.41 -13.89 23.77
N GLU C 292 59.77 -12.84 24.50
CA GLU C 292 60.53 -12.99 25.73
C GLU C 292 59.72 -12.61 26.97
N TYR C 293 59.85 -13.42 28.01
CA TYR C 293 59.13 -13.19 29.26
C TYR C 293 60.04 -12.51 30.28
N GLU C 294 59.48 -11.57 31.04
CA GLU C 294 60.24 -10.88 32.08
C GLU C 294 60.11 -11.60 33.42
N LYS C 295 61.05 -12.51 33.68
CA LYS C 295 61.04 -13.29 34.91
C LYS C 295 61.29 -12.40 36.14
N GLU C 296 62.48 -11.83 36.23
CA GLU C 296 62.83 -10.94 37.33
C GLU C 296 63.84 -9.90 36.88
N GLY C 297 63.54 -9.21 35.78
CA GLY C 297 64.44 -8.23 35.23
C GLY C 297 65.06 -8.71 33.93
N LYS C 298 65.68 -9.88 33.97
CA LYS C 298 66.25 -10.49 32.78
C LYS C 298 65.17 -11.14 31.91
N PHE C 299 65.16 -10.82 30.63
CA PHE C 299 64.14 -11.34 29.72
C PHE C 299 64.46 -12.72 29.17
N VAL C 300 63.92 -13.74 29.82
CA VAL C 300 64.11 -15.12 29.37
C VAL C 300 63.11 -15.45 28.27
N MET C 301 63.61 -15.80 27.08
CA MET C 301 62.74 -16.12 25.95
C MET C 301 61.94 -17.40 26.20
N LEU C 302 60.62 -17.30 26.04
CA LEU C 302 59.77 -18.47 26.12
C LEU C 302 59.56 -19.10 24.74
N GLN C 303 59.72 -20.41 24.67
CA GLN C 303 59.70 -21.12 23.40
C GLN C 303 58.53 -22.10 23.30
N GLU C 304 58.27 -22.58 22.10
CA GLU C 304 57.18 -23.51 21.84
C GLU C 304 57.34 -24.84 22.58
N VAL C 305 58.55 -25.39 22.56
CA VAL C 305 58.84 -26.62 23.29
C VAL C 305 60.17 -26.50 23.99
N ASP C 306 60.22 -26.80 25.28
CA ASP C 306 61.47 -26.74 26.02
C ASP C 306 61.96 -28.12 26.40
N ASP C 307 63.07 -28.16 27.13
CA ASP C 307 63.66 -29.42 27.58
C ASP C 307 62.79 -30.12 28.63
N THR C 308 61.70 -29.47 29.02
CA THR C 308 60.81 -30.02 30.04
C THR C 308 59.34 -29.93 29.63
N SER C 309 59.04 -30.31 28.40
CA SER C 309 57.66 -30.34 27.92
C SER C 309 57.08 -31.74 28.10
N GLU C 310 55.86 -31.79 28.63
CA GLU C 310 55.23 -33.07 28.98
C GLU C 310 55.08 -33.97 27.76
N ILE C 311 55.46 -35.23 27.90
CA ILE C 311 55.39 -36.18 26.79
C ILE C 311 54.54 -37.40 27.11
N ARG C 312 53.48 -37.61 26.35
CA ARG C 312 52.61 -38.77 26.53
C ARG C 312 52.72 -39.74 25.35
N GLY C 313 53.81 -40.50 25.32
CA GLY C 313 54.05 -41.44 24.24
C GLY C 313 55.02 -40.90 23.21
N HIS C 314 54.68 -41.08 21.93
CA HIS C 314 55.51 -40.56 20.84
C HIS C 314 55.06 -39.14 20.46
N VAL C 315 54.47 -38.42 21.40
CA VAL C 315 53.94 -37.08 21.12
C VAL C 315 54.16 -36.10 22.28
N THR C 316 54.75 -34.95 21.98
CA THR C 316 55.08 -33.94 22.98
C THR C 316 54.01 -32.86 23.07
N MET C 317 53.97 -32.13 24.17
CA MET C 317 53.03 -31.03 24.30
C MET C 317 53.70 -29.69 24.06
N LEU C 318 52.94 -28.75 23.51
CA LEU C 318 53.44 -27.40 23.29
C LEU C 318 53.41 -26.63 24.59
N ASN C 319 54.42 -25.79 24.82
CA ASN C 319 54.39 -24.86 25.93
C ASN C 319 53.27 -23.85 25.73
N THR C 320 52.63 -23.48 26.83
CA THR C 320 51.60 -22.44 26.83
C THR C 320 52.06 -21.36 27.81
N LEU C 321 51.26 -20.31 27.96
CA LEU C 321 51.61 -19.24 28.89
C LEU C 321 51.65 -19.72 30.33
N LYS C 322 50.69 -20.57 30.69
CA LYS C 322 50.64 -21.15 32.01
C LYS C 322 51.92 -21.93 32.30
N HIS C 323 52.41 -22.64 31.28
CA HIS C 323 53.64 -23.44 31.38
C HIS C 323 54.82 -22.63 31.92
N TYR C 324 55.03 -21.43 31.38
CA TYR C 324 56.10 -20.57 31.86
C TYR C 324 55.64 -19.69 33.02
N GLN C 325 54.52 -20.08 33.62
CA GLN C 325 53.95 -19.38 34.76
C GLN C 325 53.77 -17.89 34.52
N VAL C 326 53.32 -17.54 33.32
CA VAL C 326 53.07 -16.15 32.96
C VAL C 326 51.92 -15.59 33.79
N GLY C 327 52.25 -14.65 34.68
CA GLY C 327 51.26 -14.06 35.55
C GLY C 327 50.33 -13.10 34.83
N ASP C 328 49.56 -12.35 35.60
CA ASP C 328 48.67 -11.34 35.04
C ASP C 328 49.41 -10.00 35.00
N GLY C 329 49.34 -9.32 33.85
CA GLY C 329 50.06 -8.08 33.67
C GLY C 329 51.54 -8.30 33.48
N ALA C 330 51.90 -9.51 33.03
CA ALA C 330 53.28 -9.89 32.85
C ALA C 330 53.92 -9.18 31.66
N CYS C 331 55.09 -8.60 31.87
CA CYS C 331 55.81 -7.91 30.80
C CYS C 331 56.25 -8.90 29.73
N ILE C 332 56.02 -8.54 28.48
CA ILE C 332 56.31 -9.43 27.36
C ILE C 332 56.96 -8.68 26.20
N LYS C 333 58.16 -9.10 25.82
CA LYS C 333 58.92 -8.43 24.77
C LYS C 333 58.83 -9.15 23.43
N VAL C 334 58.89 -8.39 22.34
CA VAL C 334 58.81 -8.94 21.00
C VAL C 334 60.11 -8.74 20.22
N ILE C 335 60.50 -9.74 19.46
CA ILE C 335 61.76 -9.71 18.70
C ILE C 335 61.50 -9.93 17.21
N THR C 336 62.29 -9.27 16.37
CA THR C 336 62.19 -9.44 14.92
C THR C 336 63.54 -9.93 14.38
N PRO C 337 63.62 -10.12 13.06
CA PRO C 337 64.82 -10.66 12.43
C PRO C 337 65.94 -9.63 12.30
N LYS C 338 65.57 -8.36 12.41
CA LYS C 338 66.54 -7.27 12.26
C LYS C 338 67.13 -6.84 13.60
N ILE C 339 66.57 -7.37 14.69
CA ILE C 339 67.02 -7.00 16.04
C ILE C 339 68.17 -7.87 16.53
N HIS C 340 67.83 -9.05 17.06
CA HIS C 340 68.82 -9.97 17.59
C HIS C 340 68.50 -11.41 17.23
N ALA C 341 67.76 -11.60 16.14
CA ALA C 341 67.39 -12.94 15.67
C ALA C 341 68.53 -13.57 14.89
N PRO C 342 69.70 -12.92 14.89
CA PRO C 342 70.88 -13.48 14.28
C PRO C 342 71.36 -14.65 15.14
N LEU C 343 70.90 -14.67 16.38
CA LEU C 343 71.27 -15.72 17.32
C LEU C 343 70.03 -16.29 18.03
N LYS C 344 69.15 -15.41 18.49
CA LYS C 344 67.95 -15.84 19.22
C LYS C 344 66.77 -16.13 18.29
N THR C 345 66.91 -17.19 17.49
CA THR C 345 65.87 -17.58 16.55
C THR C 345 65.33 -18.96 16.88
N GLN C 346 64.07 -19.01 17.33
CA GLN C 346 63.40 -20.28 17.59
C GLN C 346 62.79 -20.79 16.29
N ASN C 347 62.75 -22.12 16.14
CA ASN C 347 62.20 -22.75 14.94
C ASN C 347 60.69 -22.96 15.09
N SER C 348 59.95 -22.71 14.01
CA SER C 348 58.50 -22.84 14.03
C SER C 348 58.06 -24.31 13.99
N VAL C 349 57.27 -24.70 14.98
CA VAL C 349 56.84 -26.08 15.13
C VAL C 349 55.83 -26.50 14.06
N LYS C 350 54.93 -25.58 13.72
CA LYS C 350 53.86 -25.89 12.77
C LYS C 350 54.35 -26.05 11.34
N ASP C 351 55.64 -25.87 11.12
CA ASP C 351 56.21 -26.06 9.79
C ASP C 351 56.42 -27.52 9.47
N ASP C 352 56.57 -28.33 10.51
CA ASP C 352 56.88 -29.74 10.35
C ASP C 352 55.85 -30.46 9.48
N LYS C 353 56.33 -31.38 8.66
CA LYS C 353 55.43 -32.17 7.82
C LYS C 353 54.53 -33.01 8.72
N ASN C 354 55.14 -33.62 9.73
CA ASN C 354 54.40 -34.45 10.67
C ASN C 354 54.23 -33.77 12.01
N PHE C 355 53.49 -32.66 12.00
CA PHE C 355 53.30 -31.84 13.20
C PHE C 355 52.19 -32.37 14.08
N SER C 356 51.03 -32.63 13.48
CA SER C 356 49.88 -33.12 14.23
C SER C 356 50.18 -34.50 14.79
N ILE C 357 51.14 -35.18 14.18
CA ILE C 357 51.49 -36.54 14.57
C ILE C 357 52.61 -36.56 15.61
N LYS C 358 53.11 -35.37 15.96
CA LYS C 358 54.24 -35.28 16.88
C LYS C 358 53.94 -34.39 18.09
N TYR C 359 52.93 -33.53 17.96
CA TYR C 359 52.61 -32.59 19.02
C TYR C 359 51.15 -32.64 19.45
N PHE C 360 50.88 -32.19 20.68
CA PHE C 360 49.52 -32.01 21.15
C PHE C 360 49.39 -30.76 22.02
N HIS C 361 48.17 -30.26 22.14
CA HIS C 361 47.92 -29.04 22.92
C HIS C 361 46.83 -29.29 23.96
N LEU C 362 45.62 -29.56 23.48
CA LEU C 362 44.47 -29.76 24.35
C LEU C 362 43.68 -31.03 24.01
N VAL C 363 44.28 -31.92 23.23
CA VAL C 363 43.62 -33.16 22.81
C VAL C 363 44.62 -34.31 22.63
N ASP C 364 44.35 -35.44 23.28
CA ASP C 364 45.03 -36.72 22.99
C ASP C 364 44.42 -37.90 23.74
N PRO C 365 44.03 -38.94 23.00
CA PRO C 365 43.37 -40.11 23.61
C PRO C 365 44.34 -40.97 24.41
N LYS C 378 38.90 -41.05 33.52
CA LYS C 378 38.94 -40.79 32.09
C LYS C 378 37.54 -40.61 31.53
N ALA C 379 36.59 -40.32 32.40
CA ALA C 379 35.19 -40.16 32.00
C ALA C 379 34.90 -38.75 31.52
N LEU C 380 35.95 -38.05 31.08
CA LEU C 380 35.79 -36.69 30.55
C LEU C 380 35.28 -36.74 29.11
N LYS C 381 34.94 -37.94 28.65
CA LYS C 381 34.50 -38.14 27.28
C LYS C 381 33.10 -37.57 27.00
N ILE C 382 32.45 -37.05 28.03
CA ILE C 382 31.13 -36.45 27.90
C ILE C 382 31.19 -35.17 27.05
N LYS C 383 30.74 -35.29 25.80
CA LYS C 383 30.78 -34.20 24.84
C LYS C 383 29.60 -33.24 25.03
N GLU C 384 28.45 -33.81 25.36
CA GLU C 384 27.19 -33.06 25.45
C GLU C 384 27.18 -31.87 26.41
N MET C 385 27.95 -31.95 27.49
CA MET C 385 27.94 -30.88 28.50
C MET C 385 28.59 -29.58 28.01
N TYR C 386 28.89 -29.53 26.72
CA TYR C 386 29.48 -28.35 26.11
C TYR C 386 28.57 -27.80 25.01
N LEU C 387 27.43 -28.46 24.80
CA LEU C 387 26.45 -28.01 23.82
C LEU C 387 25.94 -26.64 24.23
N ILE C 388 26.02 -26.38 25.53
CA ILE C 388 25.71 -25.08 26.09
C ILE C 388 26.48 -23.99 25.37
N LYS C 389 27.77 -24.23 25.14
CA LYS C 389 28.62 -23.29 24.43
C LYS C 389 28.07 -22.94 23.05
N LEU C 390 27.51 -23.92 22.35
CA LEU C 390 26.95 -23.68 21.03
C LEU C 390 25.90 -22.58 21.11
N LEU C 391 25.14 -22.57 22.21
CA LEU C 391 24.18 -21.49 22.44
C LEU C 391 24.92 -20.23 22.79
N SER C 392 25.81 -20.35 23.77
CA SER C 392 26.55 -19.22 24.32
C SER C 392 27.13 -18.37 23.20
N THR C 393 27.63 -19.04 22.17
CA THR C 393 28.14 -18.39 20.97
C THR C 393 27.01 -17.87 20.08
N LYS C 394 26.10 -18.76 19.71
CA LYS C 394 24.98 -18.43 18.82
C LYS C 394 24.26 -17.16 19.24
N VAL C 395 24.02 -17.01 20.54
CA VAL C 395 23.31 -15.85 21.08
C VAL C 395 24.08 -14.56 20.81
N ALA C 396 25.39 -14.60 21.04
CA ALA C 396 26.20 -13.40 20.93
C ALA C 396 26.42 -13.00 19.48
N VAL C 397 26.25 -13.95 18.58
CA VAL C 397 26.54 -13.75 17.18
C VAL C 397 25.25 -13.73 16.36
N HIS C 398 24.12 -13.68 17.06
CA HIS C 398 22.82 -13.81 16.41
C HIS C 398 22.35 -12.52 15.76
N SER C 399 22.76 -11.38 16.30
CA SER C 399 22.34 -10.09 15.80
C SER C 399 22.90 -9.86 14.40
N PHE C 400 24.17 -10.22 14.24
CA PHE C 400 24.87 -10.11 12.96
C PHE C 400 24.23 -11.00 11.90
N VAL C 401 23.83 -12.19 12.31
CA VAL C 401 23.12 -13.12 11.44
C VAL C 401 21.77 -12.56 11.01
N GLU C 402 21.06 -11.94 11.97
CA GLU C 402 19.80 -11.26 11.65
C GLU C 402 20.04 -10.18 10.61
N ASN C 403 21.11 -9.40 10.82
CA ASN C 403 21.48 -8.34 9.89
C ASN C 403 21.76 -8.84 8.49
N LEU C 404 22.57 -9.88 8.38
CA LEU C 404 22.91 -10.46 7.08
C LEU C 404 21.66 -11.00 6.38
N PHE C 405 20.91 -11.82 7.10
CA PHE C 405 19.68 -12.42 6.58
C PHE C 405 18.72 -11.37 6.05
N LYS C 406 18.47 -10.34 6.85
CA LYS C 406 17.50 -9.33 6.46
C LYS C 406 18.07 -8.30 5.49
N SER C 407 19.40 -8.35 5.30
CA SER C 407 20.01 -7.57 4.23
C SER C 407 19.77 -8.29 2.92
N ILE C 408 19.85 -9.62 2.95
CA ILE C 408 19.61 -10.40 1.75
C ILE C 408 18.19 -10.23 1.22
N TRP C 409 17.20 -10.68 1.99
CA TRP C 409 15.81 -10.48 1.61
C TRP C 409 15.28 -9.13 2.06
N GLY C 410 16.14 -8.12 2.05
CA GLY C 410 15.75 -6.77 2.40
C GLY C 410 15.52 -5.89 1.18
N LEU C 411 14.96 -4.70 1.41
CA LEU C 411 14.61 -3.80 0.32
C LEU C 411 15.15 -2.39 0.53
N PRO C 412 16.12 -1.97 -0.28
CA PRO C 412 16.64 -0.60 -0.27
C PRO C 412 15.61 0.39 -0.81
N ASN C 413 15.10 1.26 0.06
CA ASN C 413 14.10 2.26 -0.31
C ASN C 413 12.87 1.63 -0.96
N ASN C 414 12.37 0.56 -0.34
CA ASN C 414 11.21 -0.18 -0.84
C ASN C 414 11.40 -0.64 -2.29
N LYS C 415 12.63 -1.02 -2.62
CA LYS C 415 12.95 -1.47 -3.95
C LYS C 415 13.72 -2.78 -3.92
N ALA C 416 13.83 -3.44 -5.06
CA ALA C 416 14.52 -4.72 -5.16
C ALA C 416 15.56 -4.68 -6.28
N PRO C 417 16.55 -5.58 -6.22
CA PRO C 417 17.53 -5.67 -7.32
C PRO C 417 16.84 -6.00 -8.64
N LEU C 418 17.30 -5.35 -9.71
CA LEU C 418 16.71 -5.53 -11.03
C LEU C 418 16.82 -6.99 -11.50
N ALA C 419 17.96 -7.60 -11.17
CA ALA C 419 18.22 -8.97 -11.56
C ALA C 419 17.20 -9.92 -10.96
N VAL C 420 17.03 -9.83 -9.64
CA VAL C 420 16.13 -10.70 -8.91
C VAL C 420 14.69 -10.55 -9.38
N LYS C 421 14.22 -9.31 -9.47
CA LYS C 421 12.86 -9.03 -9.93
C LYS C 421 12.63 -9.55 -11.34
N TYR C 422 13.57 -9.25 -12.24
CA TYR C 422 13.45 -9.70 -13.62
C TYR C 422 13.45 -11.22 -13.74
N PHE C 423 14.30 -11.87 -12.95
CA PHE C 423 14.46 -13.32 -13.05
C PHE C 423 13.28 -14.06 -12.44
N PHE C 424 12.75 -13.52 -11.34
CA PHE C 424 11.57 -14.10 -10.72
C PHE C 424 10.32 -13.86 -11.56
N ASP C 425 10.27 -12.72 -12.24
CA ASP C 425 9.20 -12.46 -13.19
C ASP C 425 9.30 -13.41 -14.37
N PHE C 426 10.54 -13.70 -14.77
CA PHE C 426 10.81 -14.67 -15.83
C PHE C 426 10.30 -16.05 -15.42
N LEU C 427 10.53 -16.40 -14.16
CA LEU C 427 10.05 -17.67 -13.62
C LEU C 427 8.52 -17.70 -13.57
N ASP C 428 7.92 -16.55 -13.27
CA ASP C 428 6.46 -16.44 -13.24
C ASP C 428 5.89 -16.65 -14.63
N GLU C 429 6.57 -16.09 -15.64
CA GLU C 429 6.14 -16.23 -17.02
C GLU C 429 6.34 -17.65 -17.53
N GLN C 430 7.36 -18.33 -17.00
CA GLN C 430 7.65 -19.70 -17.39
C GLN C 430 6.71 -20.70 -16.70
N ALA C 431 6.01 -20.22 -15.68
CA ALA C 431 5.03 -21.04 -14.98
C ALA C 431 3.71 -21.04 -15.73
N GLU C 432 3.55 -20.05 -16.60
CA GLU C 432 2.32 -19.91 -17.39
C GLU C 432 2.44 -20.62 -18.73
N ARG C 433 3.61 -21.20 -19.00
CA ARG C 433 3.84 -21.90 -20.26
C ARG C 433 4.00 -23.40 -20.05
N LYS C 434 3.99 -23.84 -18.80
CA LYS C 434 4.18 -25.25 -18.49
C LYS C 434 2.92 -25.91 -17.95
N LYS C 435 1.85 -25.12 -17.81
CA LYS C 435 0.56 -25.60 -17.31
C LYS C 435 0.69 -26.30 -15.96
N ILE C 436 1.19 -25.57 -14.96
CA ILE C 436 1.31 -26.08 -13.60
C ILE C 436 0.79 -25.04 -12.61
N THR C 437 -0.34 -25.34 -11.97
CA THR C 437 -1.03 -24.37 -11.13
C THR C 437 -0.65 -24.45 -9.65
N ASP C 438 0.56 -24.90 -9.36
CA ASP C 438 1.01 -25.02 -7.97
C ASP C 438 2.06 -23.97 -7.63
N PRO C 439 1.70 -23.00 -6.79
CA PRO C 439 2.60 -21.93 -6.32
C PRO C 439 3.83 -22.50 -5.61
N ASP C 440 3.71 -23.72 -5.11
CA ASP C 440 4.81 -24.39 -4.45
C ASP C 440 5.98 -24.65 -5.38
N VAL C 441 5.70 -25.16 -6.58
CA VAL C 441 6.75 -25.42 -7.57
C VAL C 441 7.53 -24.15 -7.89
N LEU C 442 6.79 -23.05 -8.06
CA LEU C 442 7.40 -21.75 -8.30
C LEU C 442 8.26 -21.31 -7.12
N HIS C 443 7.79 -21.57 -5.90
CA HIS C 443 8.57 -21.27 -4.71
C HIS C 443 9.88 -22.05 -4.69
N ILE C 444 9.80 -23.36 -4.91
CA ILE C 444 10.95 -24.23 -4.95
C ILE C 444 11.95 -23.80 -6.03
N TRP C 445 11.44 -23.38 -7.18
CA TRP C 445 12.30 -22.85 -8.23
C TRP C 445 13.01 -21.60 -7.76
N LYS C 446 12.26 -20.69 -7.15
CA LYS C 446 12.84 -19.45 -6.66
C LYS C 446 13.87 -19.67 -5.55
N THR C 447 13.75 -20.78 -4.82
CA THR C 447 14.67 -21.06 -3.72
C THR C 447 15.85 -21.89 -4.18
N ASN C 448 15.68 -22.61 -5.28
CA ASN C 448 16.77 -23.40 -5.85
C ASN C 448 17.66 -22.57 -6.78
N SER C 449 17.07 -21.53 -7.37
CA SER C 449 17.78 -20.72 -8.36
C SER C 449 18.61 -19.58 -7.74
N LEU C 450 18.05 -18.91 -6.74
CA LEU C 450 18.70 -17.72 -6.20
C LEU C 450 19.43 -17.94 -4.87
N PRO C 451 18.70 -18.31 -3.80
CA PRO C 451 19.47 -18.36 -2.56
C PRO C 451 20.40 -19.57 -2.50
N LEU C 452 19.94 -20.71 -3.00
CA LEU C 452 20.75 -21.92 -2.99
C LEU C 452 22.02 -21.74 -3.81
N ARG C 453 21.86 -21.32 -5.06
CA ARG C 453 22.97 -21.31 -6.01
C ARG C 453 23.81 -20.04 -5.99
N PHE C 454 23.24 -18.96 -5.46
CA PHE C 454 23.97 -17.70 -5.36
C PHE C 454 24.25 -17.28 -3.93
N TRP C 455 23.22 -17.25 -3.09
CA TRP C 455 23.37 -16.71 -1.73
C TRP C 455 24.13 -17.61 -0.77
N VAL C 456 23.92 -18.92 -0.89
CA VAL C 456 24.70 -19.89 -0.14
C VAL C 456 26.16 -19.80 -0.58
N ASN C 457 26.38 -19.51 -1.86
CA ASN C 457 27.74 -19.34 -2.37
C ASN C 457 28.48 -18.18 -1.73
N ILE C 458 27.90 -16.99 -1.83
CA ILE C 458 28.55 -15.78 -1.31
C ILE C 458 28.69 -15.90 0.20
N LEU C 459 27.68 -16.47 0.84
CA LEU C 459 27.71 -16.66 2.30
C LEU C 459 28.80 -17.64 2.76
N LYS C 460 28.85 -18.80 2.11
CA LYS C 460 29.76 -19.87 2.52
C LYS C 460 31.16 -19.59 2.03
N ASN C 461 31.26 -18.78 0.98
CA ASN C 461 32.53 -18.34 0.45
C ASN C 461 32.67 -16.84 0.63
N PRO C 462 33.05 -16.39 1.83
CA PRO C 462 33.19 -14.95 2.07
C PRO C 462 34.51 -14.45 1.51
N ASP C 463 35.38 -15.38 1.12
CA ASP C 463 36.67 -15.05 0.53
C ASP C 463 36.53 -14.72 -0.95
N PHE C 464 35.28 -14.73 -1.43
CA PHE C 464 34.98 -14.32 -2.79
C PHE C 464 34.72 -12.83 -2.84
N VAL C 465 34.37 -12.25 -1.70
CA VAL C 465 33.98 -10.85 -1.65
C VAL C 465 35.08 -9.96 -1.09
N PHE C 466 35.88 -10.49 -0.18
CA PHE C 466 36.85 -9.67 0.56
C PHE C 466 38.30 -10.10 0.37
N SER C 467 39.21 -9.15 0.56
CA SER C 467 40.64 -9.42 0.47
C SER C 467 41.22 -9.60 1.86
N ASP C 468 42.46 -10.08 1.94
CA ASP C 468 43.12 -10.35 3.22
C ASP C 468 42.25 -11.25 4.11
N MET C 469 41.53 -12.17 3.49
CA MET C 469 40.64 -13.06 4.21
C MET C 469 40.98 -14.53 3.94
N GLU C 470 41.88 -15.06 4.75
CA GLU C 470 42.29 -16.46 4.62
C GLU C 470 41.33 -17.33 5.44
N LYS C 471 40.37 -17.94 4.77
CA LYS C 471 39.31 -18.67 5.46
C LYS C 471 39.81 -19.95 6.12
N SER C 472 39.48 -20.09 7.41
CA SER C 472 39.84 -21.27 8.18
C SER C 472 38.78 -22.33 7.96
N PRO C 473 39.13 -23.60 8.22
CA PRO C 473 38.09 -24.63 8.06
C PRO C 473 36.98 -24.52 9.12
N HIS C 474 37.34 -24.16 10.35
CA HIS C 474 36.35 -24.03 11.42
C HIS C 474 35.30 -22.99 11.08
N LEU C 475 35.75 -21.77 10.78
CA LEU C 475 34.84 -20.71 10.38
C LEU C 475 33.99 -21.12 9.18
N ASP C 476 34.47 -22.08 8.41
CA ASP C 476 33.68 -22.64 7.31
C ASP C 476 32.60 -23.58 7.84
N GLY C 477 32.91 -24.30 8.91
CA GLY C 477 31.92 -25.13 9.57
C GLY C 477 30.80 -24.28 10.15
N CYS C 478 31.20 -23.16 10.75
CA CYS C 478 30.25 -22.21 11.33
C CYS C 478 29.39 -21.58 10.24
N LEU C 479 30.06 -21.06 9.22
CA LEU C 479 29.35 -20.50 8.08
C LEU C 479 28.40 -21.52 7.48
N SER C 480 28.79 -22.80 7.47
CA SER C 480 27.92 -23.82 6.91
C SER C 480 26.69 -23.99 7.79
N VAL C 481 26.86 -23.95 9.11
CA VAL C 481 25.71 -23.97 10.01
C VAL C 481 24.73 -22.81 9.72
N ILE C 482 25.28 -21.60 9.59
CA ILE C 482 24.49 -20.41 9.31
C ILE C 482 23.81 -20.44 7.93
N ALA C 483 24.50 -20.99 6.94
CA ALA C 483 23.99 -21.12 5.59
C ALA C 483 22.87 -22.12 5.56
N GLN C 484 23.03 -23.18 6.35
CA GLN C 484 22.02 -24.22 6.48
C GLN C 484 20.75 -23.62 7.08
N ALA C 485 20.90 -22.87 8.16
CA ALA C 485 19.79 -22.11 8.73
C ALA C 485 19.09 -21.30 7.63
N PHE C 486 19.86 -20.41 7.01
CA PHE C 486 19.41 -19.59 5.89
C PHE C 486 18.55 -20.36 4.89
N MET C 487 19.02 -21.54 4.48
CA MET C 487 18.31 -22.32 3.48
C MET C 487 17.07 -22.95 4.06
N ASP C 488 17.10 -23.21 5.36
CA ASP C 488 15.96 -23.81 6.03
C ASP C 488 14.83 -22.81 6.15
N SER C 489 15.18 -21.53 6.11
CA SER C 489 14.16 -20.47 6.04
C SER C 489 13.30 -20.53 4.77
N PHE C 490 13.82 -21.14 3.72
CA PHE C 490 13.07 -21.21 2.46
C PHE C 490 12.22 -22.48 2.39
N SER C 491 12.32 -23.30 3.43
CA SER C 491 11.66 -24.60 3.47
C SER C 491 10.13 -24.46 3.46
N LEU C 492 9.47 -25.35 2.72
CA LEU C 492 8.02 -25.31 2.63
C LEU C 492 7.34 -26.32 3.54
N THR C 493 8.14 -27.20 4.16
CA THR C 493 7.61 -28.19 5.07
C THR C 493 8.11 -27.92 6.49
N ASP C 494 7.18 -27.72 7.41
CA ASP C 494 7.52 -27.43 8.80
C ASP C 494 7.85 -28.70 9.58
N THR C 495 9.13 -29.04 9.62
CA THR C 495 9.60 -30.23 10.31
C THR C 495 9.59 -30.05 11.82
N HIS C 496 8.90 -30.95 12.51
CA HIS C 496 8.90 -30.96 13.97
C HIS C 496 10.26 -31.47 14.45
N LEU C 497 11.07 -30.56 15.01
CA LEU C 497 12.40 -30.94 15.47
C LEU C 497 12.35 -31.70 16.78
N ASP C 498 12.95 -32.88 16.79
CA ASP C 498 13.01 -33.69 18.01
C ASP C 498 14.46 -33.92 18.44
N LYS C 499 14.70 -35.05 19.10
CA LYS C 499 16.04 -35.36 19.59
C LYS C 499 16.90 -36.01 18.50
N HIS C 500 16.23 -36.53 17.47
CA HIS C 500 16.91 -37.14 16.34
C HIS C 500 17.14 -36.13 15.21
N SER C 501 17.05 -34.85 15.55
CA SER C 501 17.36 -33.79 14.61
C SER C 501 18.77 -33.29 14.87
N PRO C 502 19.44 -32.80 13.82
CA PRO C 502 20.83 -32.33 13.97
C PRO C 502 20.94 -31.06 14.81
N THR C 503 21.93 -31.04 15.70
CA THR C 503 22.21 -29.90 16.57
C THR C 503 22.31 -28.58 15.81
N ASN C 504 22.78 -28.65 14.57
CA ASN C 504 22.89 -27.46 13.74
C ASN C 504 21.52 -26.89 13.37
N LYS C 505 20.49 -27.72 13.43
CA LYS C 505 19.12 -27.29 13.19
C LYS C 505 18.45 -26.92 14.50
N LEU C 506 18.87 -27.59 15.56
CA LEU C 506 18.41 -27.31 16.91
C LEU C 506 18.85 -25.93 17.39
N LEU C 507 19.99 -25.45 16.92
CA LEU C 507 20.50 -24.15 17.36
C LEU C 507 19.66 -23.00 16.82
N TYR C 508 19.27 -23.10 15.55
CA TYR C 508 18.49 -22.04 14.90
C TYR C 508 17.08 -22.51 14.62
N GLY C 509 16.59 -23.42 15.46
CA GLY C 509 15.28 -23.99 15.27
C GLY C 509 14.17 -23.00 15.52
N LYS C 510 14.24 -22.29 16.62
CA LYS C 510 13.17 -21.38 17.02
C LYS C 510 13.09 -20.15 16.12
N ASP C 511 14.22 -19.72 15.58
CA ASP C 511 14.25 -18.52 14.76
C ASP C 511 13.69 -18.76 13.36
N ILE C 512 13.77 -20.01 12.91
CA ILE C 512 13.31 -20.39 11.57
C ILE C 512 11.86 -20.02 11.20
N PRO C 513 10.86 -20.38 12.04
CA PRO C 513 9.48 -20.16 11.61
C PRO C 513 9.13 -18.69 11.37
N GLN C 514 9.87 -17.79 12.00
CA GLN C 514 9.69 -16.37 11.77
C GLN C 514 10.24 -15.98 10.40
N TYR C 515 11.47 -16.40 10.12
CA TYR C 515 12.14 -16.12 8.86
C TYR C 515 11.30 -16.60 7.68
N LYS C 516 10.74 -17.80 7.81
CA LYS C 516 9.91 -18.42 6.78
C LYS C 516 8.84 -17.47 6.25
N GLN C 517 8.21 -16.75 7.18
CA GLN C 517 7.19 -15.76 6.84
C GLN C 517 7.79 -14.65 5.98
N GLU C 518 8.94 -14.12 6.39
CA GLU C 518 9.61 -13.05 5.66
C GLU C 518 10.05 -13.51 4.28
N VAL C 519 10.42 -14.78 4.17
CA VAL C 519 10.80 -15.36 2.89
C VAL C 519 9.60 -15.39 1.96
N LYS C 520 8.49 -15.89 2.48
CA LYS C 520 7.24 -15.97 1.72
C LYS C 520 6.65 -14.58 1.55
N SER C 521 7.03 -13.67 2.44
CA SER C 521 6.71 -12.25 2.28
C SER C 521 7.55 -11.62 1.18
N TYR C 522 8.83 -11.97 1.15
CA TYR C 522 9.75 -11.45 0.15
C TYR C 522 9.32 -11.90 -1.24
N TYR C 523 9.09 -13.20 -1.38
CA TYR C 523 8.66 -13.79 -2.65
C TYR C 523 7.33 -13.19 -3.13
N LYS C 524 6.47 -12.84 -2.19
CA LYS C 524 5.19 -12.20 -2.52
C LYS C 524 5.40 -10.77 -2.98
N LEU C 525 6.29 -10.06 -2.28
CA LEU C 525 6.60 -8.67 -2.62
C LEU C 525 7.33 -8.52 -3.94
N VAL C 526 8.05 -9.56 -4.35
CA VAL C 526 8.74 -9.55 -5.63
C VAL C 526 7.74 -9.69 -6.78
N LYS C 527 6.82 -10.65 -6.65
CA LYS C 527 5.78 -10.82 -7.63
C LYS C 527 4.92 -9.57 -7.70
N ASP C 528 4.70 -8.96 -6.54
CA ASP C 528 3.87 -7.77 -6.44
C ASP C 528 4.60 -6.52 -6.93
N GLN C 529 5.92 -6.62 -7.06
CA GLN C 529 6.72 -5.50 -7.55
C GLN C 529 6.43 -5.21 -9.02
N THR C 530 6.59 -3.96 -9.42
CA THR C 530 6.34 -3.53 -10.80
C THR C 530 7.17 -4.30 -11.81
N SER C 531 6.58 -4.61 -12.96
CA SER C 531 7.24 -5.38 -14.00
C SER C 531 8.52 -4.69 -14.50
N ILE C 532 9.41 -5.45 -15.13
CA ILE C 532 10.64 -4.91 -15.66
C ILE C 532 10.48 -4.37 -17.08
N SER C 533 10.67 -3.05 -17.21
CA SER C 533 10.59 -2.40 -18.51
C SER C 533 11.74 -2.84 -19.42
N SER C 534 11.44 -3.09 -20.69
CA SER C 534 12.44 -3.50 -21.66
C SER C 534 13.51 -2.42 -21.83
N GLN C 535 13.08 -1.17 -21.75
CA GLN C 535 13.97 -0.01 -21.87
C GLN C 535 15.00 -0.01 -20.75
N GLU C 536 14.54 -0.05 -19.51
CA GLU C 536 15.43 -0.06 -18.36
C GLU C 536 16.28 -1.33 -18.31
N LEU C 537 15.74 -2.42 -18.87
CA LEU C 537 16.44 -3.69 -18.92
C LEU C 537 17.65 -3.60 -19.84
N LYS C 538 17.39 -3.24 -21.10
CA LYS C 538 18.45 -3.10 -22.08
C LYS C 538 19.44 -2.01 -21.70
N THR C 539 18.94 -0.94 -21.08
CA THR C 539 19.78 0.15 -20.62
C THR C 539 20.72 -0.32 -19.51
N PHE C 540 20.20 -1.08 -18.56
CA PHE C 540 21.02 -1.62 -17.48
C PHE C 540 22.06 -2.60 -18.01
N LEU C 541 21.63 -3.50 -18.88
CA LEU C 541 22.54 -4.51 -19.43
C LEU C 541 23.65 -3.89 -20.27
N GLN C 542 23.30 -2.87 -21.06
CA GLN C 542 24.31 -2.15 -21.84
C GLN C 542 25.24 -1.33 -20.93
N GLU C 543 24.68 -0.79 -19.86
CA GLU C 543 25.45 -0.01 -18.91
C GLU C 543 26.51 -0.88 -18.24
N GLU C 544 26.11 -2.09 -17.86
CA GLU C 544 27.04 -3.02 -17.22
C GLU C 544 28.02 -3.63 -18.23
N SER C 545 27.59 -3.74 -19.48
CA SER C 545 28.46 -4.23 -20.55
C SER C 545 29.58 -3.25 -20.84
N LYS C 546 29.22 -1.98 -20.99
CA LYS C 546 30.20 -0.94 -21.33
C LYS C 546 31.12 -0.60 -20.16
N LYS C 547 30.68 -0.91 -18.94
CA LYS C 547 31.46 -0.61 -17.76
C LYS C 547 32.37 -1.78 -17.38
N HIS C 548 32.26 -2.87 -18.13
CA HIS C 548 33.02 -4.08 -17.82
C HIS C 548 33.56 -4.77 -19.08
N GLN C 549 33.54 -4.05 -20.20
CA GLN C 549 33.96 -4.62 -21.48
C GLN C 549 35.46 -4.88 -21.54
N ASN C 550 36.26 -3.95 -21.04
CA ASN C 550 37.72 -4.06 -21.12
C ASN C 550 38.34 -4.58 -19.83
N GLU C 551 37.65 -5.51 -19.17
CA GLU C 551 38.16 -6.08 -17.92
C GLU C 551 38.69 -7.51 -18.14
N PHE C 552 38.01 -8.25 -19.00
CA PHE C 552 38.32 -9.67 -19.19
C PHE C 552 38.72 -9.97 -20.63
N ASN C 553 39.76 -10.78 -20.80
CA ASN C 553 40.24 -11.15 -22.12
C ASN C 553 39.45 -12.31 -22.72
N GLU C 554 38.67 -12.02 -23.76
CA GLU C 554 37.87 -13.06 -24.40
C GLU C 554 38.76 -14.12 -25.03
N SER C 555 40.00 -13.73 -25.34
CA SER C 555 40.95 -14.58 -26.06
C SER C 555 41.21 -15.94 -25.42
N ALA C 556 41.82 -15.94 -24.24
CA ALA C 556 42.18 -17.18 -23.56
C ALA C 556 40.95 -18.01 -23.26
N ALA C 557 39.83 -17.33 -23.06
CA ALA C 557 38.55 -17.99 -22.80
C ALA C 557 38.10 -18.79 -24.02
N LEU C 558 38.15 -18.16 -25.19
CA LEU C 558 37.77 -18.82 -26.44
C LEU C 558 38.75 -19.94 -26.79
N ARG C 559 40.02 -19.71 -26.48
CA ARG C 559 41.06 -20.72 -26.68
C ARG C 559 40.78 -21.96 -25.85
N GLU C 560 40.43 -21.75 -24.58
CA GLU C 560 40.08 -22.87 -23.71
C GLU C 560 38.79 -23.54 -24.16
N LEU C 561 37.85 -22.75 -24.67
CA LEU C 561 36.59 -23.28 -25.15
C LEU C 561 36.81 -24.18 -26.36
N TYR C 562 37.76 -23.81 -27.20
CA TYR C 562 38.12 -24.60 -28.37
C TYR C 562 38.52 -26.01 -27.98
N LYS C 563 39.07 -26.16 -26.77
CA LYS C 563 39.50 -27.45 -26.28
C LYS C 563 38.33 -28.40 -26.12
N TYR C 564 37.18 -27.85 -25.71
CA TYR C 564 35.96 -28.64 -25.62
C TYR C 564 35.27 -28.71 -26.97
N MET C 565 35.55 -27.74 -27.83
CA MET C 565 34.99 -27.74 -29.18
C MET C 565 35.51 -28.93 -30.00
N GLN C 566 36.82 -29.10 -30.03
CA GLN C 566 37.43 -30.12 -30.86
C GLN C 566 37.43 -31.50 -30.21
N ARG C 567 37.08 -31.56 -28.94
CA ARG C 567 37.00 -32.83 -28.22
C ARG C 567 35.78 -33.64 -28.66
N TYR C 568 34.71 -32.93 -28.99
CA TYR C 568 33.45 -33.58 -29.35
C TYR C 568 32.87 -33.02 -30.64
N PHE C 569 33.73 -32.79 -31.63
CA PHE C 569 33.31 -32.20 -32.90
C PHE C 569 32.26 -33.04 -33.62
N THR C 570 32.47 -34.36 -33.62
CA THR C 570 31.60 -35.29 -34.33
C THR C 570 30.23 -35.45 -33.68
N GLU C 571 30.07 -34.91 -32.47
CA GLU C 571 28.79 -34.96 -31.76
C GLU C 571 28.04 -33.64 -31.93
N ILE C 572 28.77 -32.53 -31.82
CA ILE C 572 28.21 -31.20 -32.02
C ILE C 572 27.75 -31.02 -33.46
N PHE C 573 28.53 -31.55 -34.40
CA PHE C 573 28.16 -31.50 -35.81
C PHE C 573 26.90 -32.33 -36.07
N GLN C 574 26.78 -33.45 -35.35
CA GLN C 574 25.62 -34.31 -35.49
C GLN C 574 24.36 -33.64 -34.96
N LYS C 575 24.46 -33.03 -33.78
CA LYS C 575 23.34 -32.32 -33.19
C LYS C 575 22.94 -31.13 -34.05
N LEU C 576 23.94 -30.40 -34.53
CA LEU C 576 23.72 -29.23 -35.36
C LEU C 576 23.02 -29.61 -36.66
N GLU C 577 23.49 -30.70 -37.28
CA GLU C 577 22.88 -31.19 -38.51
C GLU C 577 21.46 -31.69 -38.24
N GLN C 578 21.24 -32.22 -37.04
CA GLN C 578 19.91 -32.68 -36.66
C GLN C 578 19.00 -31.50 -36.35
N THR C 579 19.60 -30.33 -36.16
CA THR C 579 18.84 -29.12 -35.82
C THR C 579 18.68 -28.18 -37.00
N ASP C 580 18.73 -28.74 -38.22
CA ASP C 580 18.56 -27.97 -39.45
C ASP C 580 19.50 -26.78 -39.55
N ALA C 581 20.78 -27.05 -39.82
CA ALA C 581 21.80 -26.02 -39.81
C ALA C 581 22.12 -25.51 -41.21
N PRO C 582 22.04 -24.18 -41.40
CA PRO C 582 22.46 -23.54 -42.64
C PRO C 582 23.95 -23.81 -42.92
N SER C 583 24.36 -23.63 -44.18
CA SER C 583 25.72 -23.90 -44.59
C SER C 583 26.73 -23.01 -43.87
N ASN C 584 26.30 -21.82 -43.48
CA ASN C 584 27.17 -20.85 -42.83
C ASN C 584 27.70 -21.35 -41.49
N LEU C 585 26.90 -22.14 -40.79
CA LEU C 585 27.29 -22.67 -39.48
C LEU C 585 28.47 -23.62 -39.61
N LYS C 586 28.30 -24.67 -40.40
CA LYS C 586 29.35 -25.66 -40.61
C LYS C 586 30.55 -25.02 -41.30
N GLU C 587 30.29 -24.05 -42.16
CA GLU C 587 31.36 -23.31 -42.83
C GLU C 587 32.24 -22.59 -41.83
N ASN C 588 31.62 -21.80 -40.94
CA ASN C 588 32.35 -21.12 -39.88
C ASN C 588 33.04 -22.11 -38.96
N MET C 589 32.42 -23.25 -38.76
CA MET C 589 32.96 -24.28 -37.87
C MET C 589 34.28 -24.81 -38.42
N HIS C 590 34.25 -25.25 -39.68
CA HIS C 590 35.46 -25.75 -40.34
C HIS C 590 36.47 -24.63 -40.50
N ARG C 591 35.98 -23.40 -40.63
CA ARG C 591 36.84 -22.22 -40.73
C ARG C 591 37.66 -22.07 -39.46
N VAL C 592 36.99 -22.25 -38.32
CA VAL C 592 37.65 -22.17 -37.01
C VAL C 592 38.62 -23.34 -36.79
N LYS C 593 38.15 -24.54 -37.13
CA LYS C 593 38.98 -25.75 -36.99
C LYS C 593 40.24 -25.62 -37.85
N GLU C 594 40.12 -24.96 -38.99
CA GLU C 594 41.28 -24.67 -39.82
C GLU C 594 42.16 -23.64 -39.13
N LEU C 595 41.58 -22.48 -38.82
CA LEU C 595 42.32 -21.38 -38.22
C LEU C 595 43.08 -21.75 -36.96
N PHE C 596 42.67 -22.84 -36.31
CA PHE C 596 43.31 -23.27 -35.08
C PHE C 596 44.18 -24.51 -35.24
N ASP C 597 44.04 -25.22 -36.36
CA ASP C 597 44.84 -26.40 -36.61
C ASP C 597 45.62 -26.30 -37.91
N LYS D 10 -29.01 -12.31 -52.04
CA LYS D 10 -29.14 -11.07 -52.81
C LYS D 10 -30.12 -10.09 -52.16
N LYS D 11 -30.69 -10.50 -51.02
CA LYS D 11 -31.63 -9.65 -50.30
C LYS D 11 -30.98 -8.99 -49.09
N MET D 12 -29.65 -8.97 -49.08
CA MET D 12 -28.91 -8.34 -48.01
C MET D 12 -28.50 -6.92 -48.38
N ASN D 13 -28.41 -6.65 -49.68
CA ASN D 13 -27.98 -5.35 -50.17
C ASN D 13 -28.98 -4.24 -49.84
N ASP D 14 -30.26 -4.55 -49.98
CA ASP D 14 -31.32 -3.60 -49.68
C ASP D 14 -31.47 -3.42 -48.17
N GLN D 15 -31.44 -4.54 -47.45
CA GLN D 15 -31.55 -4.52 -45.99
C GLN D 15 -30.43 -3.68 -45.39
N LEU D 16 -29.22 -3.89 -45.89
CA LEU D 16 -28.06 -3.12 -45.43
C LEU D 16 -28.09 -1.69 -45.96
N GLU D 17 -28.76 -1.47 -47.09
CA GLU D 17 -28.92 -0.13 -47.62
C GLU D 17 -29.74 0.69 -46.63
N LEU D 18 -30.95 0.22 -46.33
CA LEU D 18 -31.80 0.89 -45.36
C LEU D 18 -31.14 0.96 -43.99
N MET D 19 -30.43 -0.10 -43.63
CA MET D 19 -29.74 -0.18 -42.34
C MET D 19 -28.74 0.95 -42.19
N GLU D 20 -27.72 0.95 -43.05
CA GLU D 20 -26.68 1.98 -43.01
C GLU D 20 -27.27 3.38 -43.22
N SER D 21 -28.37 3.46 -43.98
CA SER D 21 -29.04 4.74 -44.19
C SER D 21 -29.54 5.30 -42.87
N ASN D 22 -30.34 4.51 -42.18
CA ASN D 22 -30.88 4.89 -40.88
C ASN D 22 -29.75 5.17 -39.88
N ILE D 23 -28.68 4.39 -39.97
CA ILE D 23 -27.53 4.57 -39.08
C ILE D 23 -26.94 5.95 -39.28
N ARG D 24 -26.55 6.25 -40.52
CA ARG D 24 -26.01 7.55 -40.88
C ARG D 24 -26.91 8.65 -40.37
N ARG D 25 -28.20 8.55 -40.71
CA ARG D 25 -29.17 9.56 -40.32
C ARG D 25 -29.20 9.78 -38.82
N ASP D 26 -29.05 8.68 -38.07
CA ASP D 26 -29.15 8.73 -36.62
C ASP D 26 -27.92 9.32 -35.94
N ILE D 27 -26.74 8.92 -36.40
CA ILE D 27 -25.51 9.46 -35.85
C ILE D 27 -25.39 10.95 -36.17
N ARG D 28 -25.70 11.29 -37.43
CA ARG D 28 -25.72 12.68 -37.83
C ARG D 28 -26.73 13.46 -37.00
N GLN D 29 -27.88 12.86 -36.72
CA GLN D 29 -28.91 13.52 -35.91
C GLN D 29 -28.50 13.71 -34.45
N GLY D 30 -27.69 12.78 -33.94
CA GLY D 30 -27.16 12.89 -32.60
C GLY D 30 -26.18 14.06 -32.54
N PHE D 31 -25.34 14.16 -33.57
CA PHE D 31 -24.38 15.27 -33.64
C PHE D 31 -25.10 16.61 -33.76
N VAL D 32 -26.13 16.66 -34.61
CA VAL D 32 -26.93 17.86 -34.81
C VAL D 32 -27.63 18.29 -33.53
N ASP D 33 -28.29 17.34 -32.87
CA ASP D 33 -28.96 17.66 -31.62
C ASP D 33 -27.96 18.13 -30.57
N LEU D 34 -26.80 17.50 -30.53
CA LEU D 34 -25.79 17.88 -29.56
C LEU D 34 -25.26 19.30 -29.84
N GLN D 35 -25.27 19.68 -31.11
CA GLN D 35 -24.82 21.02 -31.48
C GLN D 35 -25.93 22.06 -31.43
N THR D 36 -27.17 21.63 -31.64
CA THR D 36 -28.30 22.55 -31.67
C THR D 36 -29.08 22.59 -30.36
N GLU D 37 -28.45 22.13 -29.28
CA GLU D 37 -29.10 22.08 -27.98
C GLU D 37 -29.10 23.46 -27.32
N LYS D 38 -30.25 24.14 -27.37
CA LYS D 38 -30.40 25.43 -26.72
C LYS D 38 -30.95 25.27 -25.30
N SER D 39 -30.37 26.02 -24.36
CA SER D 39 -30.77 25.93 -22.95
C SER D 39 -32.07 26.68 -22.67
N ASP D 40 -33.05 25.95 -22.15
CA ASP D 40 -34.35 26.54 -21.81
C ASP D 40 -34.95 25.91 -20.55
N LEU D 41 -34.08 25.50 -19.63
CA LEU D 41 -34.51 24.88 -18.39
C LEU D 41 -35.04 25.91 -17.39
N ILE D 42 -35.99 25.48 -16.57
CA ILE D 42 -36.64 26.36 -15.59
C ILE D 42 -37.25 27.60 -16.25
N VAL D 45 -38.44 29.91 -10.60
CA VAL D 45 -38.82 28.91 -9.60
C VAL D 45 -39.59 29.56 -8.46
N GLY D 46 -39.13 30.72 -8.03
CA GLY D 46 -39.77 31.45 -6.94
C GLY D 46 -39.26 30.99 -5.58
N ALA D 47 -40.19 30.52 -4.75
CA ALA D 47 -39.85 30.04 -3.41
C ALA D 47 -39.58 28.54 -3.42
N ILE D 48 -38.62 28.12 -2.60
CA ILE D 48 -38.22 26.72 -2.55
C ILE D 48 -38.90 25.99 -1.39
N PRO D 49 -39.78 25.03 -1.71
CA PRO D 49 -40.49 24.26 -0.68
C PRO D 49 -39.56 23.34 0.11
N PHE D 50 -38.88 23.90 1.11
CA PHE D 50 -38.06 23.12 2.02
C PHE D 50 -38.95 22.36 3.00
N LEU D 51 -38.36 21.41 3.70
CA LEU D 51 -39.04 20.70 4.78
C LEU D 51 -38.79 21.38 6.11
N ASP D 52 -39.80 21.39 6.98
CA ASP D 52 -39.64 21.88 8.34
C ASP D 52 -38.61 21.00 9.04
N TYR D 53 -37.82 21.60 9.93
CA TYR D 53 -36.71 20.92 10.60
C TYR D 53 -37.10 19.56 11.20
N LYS D 54 -38.33 19.46 11.68
CA LYS D 54 -38.82 18.23 12.28
C LYS D 54 -38.85 17.08 11.28
N HIS D 55 -39.64 17.24 10.21
CA HIS D 55 -39.78 16.20 9.20
C HIS D 55 -38.44 15.88 8.55
N PHE D 56 -37.60 16.90 8.43
CA PHE D 56 -36.24 16.76 7.94
C PHE D 56 -35.49 15.76 8.80
N ALA D 57 -35.32 16.12 10.07
CA ALA D 57 -34.60 15.29 11.03
C ALA D 57 -35.18 13.88 11.07
N SER D 58 -36.51 13.76 11.04
CA SER D 58 -37.15 12.46 11.19
C SER D 58 -36.97 11.57 9.97
N ARG D 59 -37.13 12.13 8.77
CA ARG D 59 -36.95 11.36 7.56
C ARG D 59 -35.47 11.04 7.31
N ILE D 60 -34.60 11.77 8.00
CA ILE D 60 -33.18 11.41 7.96
C ILE D 60 -32.85 10.30 8.96
N PHE D 61 -33.38 10.42 10.18
CA PHE D 61 -33.04 9.49 11.25
C PHE D 61 -33.65 8.11 11.00
N PHE D 62 -34.84 8.10 10.41
CA PHE D 62 -35.50 6.85 10.06
C PHE D 62 -36.06 6.91 8.66
N PRO D 63 -35.22 6.66 7.65
CA PRO D 63 -35.67 6.63 6.26
C PRO D 63 -36.53 5.40 5.96
N GLU D 64 -36.42 4.38 6.81
CA GLU D 64 -37.21 3.16 6.67
C GLU D 64 -38.71 3.42 6.86
N ALA D 65 -39.13 3.63 8.10
CA ALA D 65 -40.51 3.96 8.39
C ALA D 65 -40.87 5.31 7.79
N GLY D 66 -41.44 5.29 6.59
CA GLY D 66 -41.71 6.51 5.84
C GLY D 66 -42.62 7.52 6.53
N THR D 67 -43.90 7.19 6.63
CA THR D 67 -44.86 8.08 7.24
C THR D 67 -44.72 8.10 8.75
N LEU D 68 -44.40 6.93 9.31
CA LEU D 68 -44.37 6.74 10.76
C LEU D 68 -43.45 7.67 11.53
N THR D 69 -42.50 8.28 10.84
CA THR D 69 -41.55 9.21 11.45
C THR D 69 -42.24 10.37 12.16
N ALA D 70 -43.44 10.72 11.68
CA ALA D 70 -44.20 11.82 12.27
C ALA D 70 -44.66 11.50 13.69
N VAL D 71 -44.51 10.25 14.11
CA VAL D 71 -44.84 9.87 15.48
C VAL D 71 -43.74 10.30 16.44
N MET D 72 -42.60 10.70 15.88
CA MET D 72 -41.49 11.20 16.68
C MET D 72 -41.50 12.74 16.68
N ILE D 73 -42.55 13.31 16.13
CA ILE D 73 -42.73 14.76 16.12
C ILE D 73 -43.84 15.18 17.07
N ARG D 74 -43.47 15.89 18.13
CA ARG D 74 -44.43 16.34 19.13
C ARG D 74 -44.96 17.73 18.80
N ASP D 75 -45.15 18.01 17.52
CA ASP D 75 -45.65 19.32 17.08
C ASP D 75 -47.17 19.34 17.01
N ILE D 76 -47.82 18.53 17.82
CA ILE D 76 -49.27 18.53 17.90
C ILE D 76 -49.72 19.36 19.10
N THR D 83 -45.13 14.17 29.59
CA THR D 83 -43.83 13.53 29.83
C THR D 83 -43.50 13.50 31.31
N THR D 84 -44.26 14.26 32.11
CA THR D 84 -44.05 14.28 33.55
C THR D 84 -44.69 13.08 34.23
N VAL D 85 -45.70 12.50 33.57
CA VAL D 85 -46.41 11.36 34.12
C VAL D 85 -45.63 10.05 33.96
N ASP D 86 -44.96 9.91 32.81
CA ASP D 86 -44.15 8.73 32.53
C ASP D 86 -42.94 8.65 33.45
N GLU D 87 -43.01 7.75 34.44
CA GLU D 87 -41.97 7.63 35.45
C GLU D 87 -40.75 6.84 34.98
N LYS D 88 -40.85 6.24 33.79
CA LYS D 88 -39.77 5.41 33.27
C LYS D 88 -38.82 6.19 32.37
N CYS D 89 -39.34 7.26 31.76
CA CYS D 89 -38.56 8.08 30.85
C CYS D 89 -37.42 8.80 31.54
N LEU D 90 -37.76 9.56 32.58
CA LEU D 90 -36.80 10.40 33.28
C LEU D 90 -35.66 9.60 33.90
N ALA D 91 -35.97 8.37 34.31
CA ALA D 91 -34.99 7.50 34.93
C ALA D 91 -33.95 7.03 33.91
N PHE D 92 -34.44 6.55 32.78
CA PHE D 92 -33.56 6.07 31.71
C PHE D 92 -32.76 7.24 31.12
N ALA D 93 -33.38 8.40 31.03
CA ALA D 93 -32.71 9.61 30.57
C ALA D 93 -31.60 10.00 31.54
N GLU D 94 -31.88 9.82 32.83
CA GLU D 94 -30.89 10.07 33.87
C GLU D 94 -29.73 9.10 33.72
N LEU D 95 -30.05 7.87 33.33
CA LEU D 95 -29.02 6.87 33.06
C LEU D 95 -28.13 7.32 31.91
N ILE D 96 -28.75 7.70 30.80
CA ILE D 96 -28.03 8.15 29.61
C ILE D 96 -27.17 9.38 29.91
N ARG D 97 -27.64 10.20 30.85
CA ARG D 97 -26.94 11.43 31.22
C ARG D 97 -25.49 11.21 31.69
N ASP D 98 -25.22 10.04 32.25
CA ASP D 98 -23.86 9.70 32.68
C ASP D 98 -23.04 9.19 31.49
N LYS D 99 -21.80 9.67 31.38
CA LYS D 99 -20.95 9.34 30.26
C LYS D 99 -20.50 7.87 30.27
N GLN D 100 -20.17 7.37 31.45
CA GLN D 100 -19.69 5.99 31.60
C GLN D 100 -20.74 4.98 31.14
N PHE D 101 -21.95 5.10 31.70
CA PHE D 101 -23.06 4.21 31.36
C PHE D 101 -23.33 4.18 29.87
N LEU D 102 -23.39 5.35 29.25
CA LEU D 102 -23.69 5.46 27.84
C LEU D 102 -22.57 4.89 26.97
N SER D 103 -21.33 5.16 27.36
CA SER D 103 -20.16 4.65 26.64
C SER D 103 -20.16 3.12 26.64
N CYS D 104 -20.26 2.55 27.84
CA CYS D 104 -20.30 1.10 28.00
C CYS D 104 -21.54 0.51 27.32
N PHE D 105 -22.61 1.30 27.23
CA PHE D 105 -23.84 0.88 26.57
C PHE D 105 -23.60 0.68 25.08
N VAL D 106 -23.24 1.77 24.40
CA VAL D 106 -22.96 1.73 22.96
C VAL D 106 -21.91 0.68 22.62
N HIS D 107 -20.83 0.65 23.41
CA HIS D 107 -19.75 -0.29 23.19
C HIS D 107 -20.19 -1.74 23.32
N ALA D 108 -20.85 -2.07 24.43
CA ALA D 108 -21.31 -3.44 24.66
C ALA D 108 -22.29 -3.88 23.59
N LEU D 109 -23.19 -2.98 23.20
CA LEU D 109 -24.15 -3.30 22.15
C LEU D 109 -23.47 -3.54 20.82
N GLU D 110 -22.40 -2.79 20.56
CA GLU D 110 -21.65 -2.93 19.31
C GLU D 110 -20.91 -4.26 19.19
N GLU D 111 -20.57 -4.85 20.33
CA GLU D 111 -19.76 -6.06 20.36
C GLU D 111 -20.57 -7.35 20.20
N GLN D 112 -21.75 -7.24 19.58
CA GLN D 112 -22.65 -8.39 19.46
C GLN D 112 -22.80 -8.84 18.01
N LYS D 113 -22.81 -10.16 17.80
CA LYS D 113 -22.95 -10.71 16.45
C LYS D 113 -24.39 -10.61 15.94
N ASN D 114 -25.35 -10.76 16.85
CA ASN D 114 -26.76 -10.61 16.51
C ASN D 114 -27.11 -9.17 16.13
N PHE D 115 -26.39 -8.22 16.71
CA PHE D 115 -26.60 -6.80 16.43
C PHE D 115 -26.44 -6.51 14.95
N SER D 116 -27.56 -6.49 14.22
CA SER D 116 -27.55 -6.28 12.78
C SER D 116 -27.13 -4.87 12.38
N ILE D 117 -27.07 -4.63 11.07
CA ILE D 117 -26.69 -3.32 10.55
C ILE D 117 -27.77 -2.28 10.85
N LYS D 118 -29.03 -2.65 10.59
CA LYS D 118 -30.15 -1.75 10.79
C LYS D 118 -30.32 -1.34 12.25
N ASP D 119 -29.95 -2.25 13.17
CA ASP D 119 -30.04 -1.98 14.59
C ASP D 119 -29.15 -0.81 15.03
N LYS D 120 -28.04 -0.62 14.32
CA LYS D 120 -27.11 0.46 14.64
C LYS D 120 -27.69 1.82 14.26
N CYS D 121 -28.30 1.89 13.08
CA CYS D 121 -29.02 3.07 12.65
C CYS D 121 -30.18 3.36 13.58
N THR D 122 -30.87 2.30 13.98
CA THR D 122 -31.99 2.40 14.92
C THR D 122 -31.52 3.06 16.22
N VAL D 123 -30.60 2.41 16.92
CA VAL D 123 -30.12 2.92 18.21
C VAL D 123 -29.50 4.32 18.09
N ALA D 124 -28.82 4.58 16.98
CA ALA D 124 -28.22 5.89 16.76
C ALA D 124 -29.28 6.97 16.66
N SER D 125 -30.27 6.73 15.80
CA SER D 125 -31.35 7.68 15.60
C SER D 125 -32.16 7.89 16.88
N LEU D 126 -32.42 6.81 17.61
CA LEU D 126 -33.16 6.90 18.86
C LEU D 126 -32.40 7.72 19.88
N LEU D 127 -31.08 7.51 19.91
CA LEU D 127 -30.23 8.20 20.87
C LEU D 127 -30.15 9.70 20.57
N THR D 128 -29.97 10.04 19.29
CA THR D 128 -29.92 11.43 18.87
C THR D 128 -31.25 12.13 19.13
N LEU D 129 -32.33 11.43 18.81
CA LEU D 129 -33.68 11.94 19.02
C LEU D 129 -33.96 12.20 20.49
N ALA D 130 -33.47 11.30 21.33
CA ALA D 130 -33.62 11.45 22.78
C ALA D 130 -32.81 12.65 23.29
N LEU D 131 -31.53 12.70 22.91
CA LEU D 131 -30.64 13.76 23.42
C LEU D 131 -30.60 14.98 22.52
N HIS D 132 -31.66 15.20 21.75
CA HIS D 132 -31.73 16.37 20.88
C HIS D 132 -31.91 17.65 21.70
N GLY D 133 -32.35 17.50 22.94
CA GLY D 133 -32.56 18.64 23.81
C GLY D 133 -31.29 19.17 24.43
N ASP D 134 -30.31 18.28 24.60
CA ASP D 134 -29.04 18.67 25.21
C ASP D 134 -27.89 18.37 24.25
N LEU D 135 -27.63 19.31 23.34
CA LEU D 135 -26.64 19.12 22.29
C LEU D 135 -25.20 19.16 22.79
N LEU D 136 -25.01 19.71 23.99
CA LEU D 136 -23.68 19.79 24.58
C LEU D 136 -23.20 18.39 24.94
N TYR D 137 -24.02 17.67 25.68
CA TYR D 137 -23.72 16.30 26.07
C TYR D 137 -23.61 15.38 24.88
N LEU D 138 -24.49 15.56 23.90
CA LEU D 138 -24.47 14.77 22.68
C LEU D 138 -23.15 14.97 21.94
N THR D 139 -22.75 16.23 21.78
CA THR D 139 -21.51 16.56 21.09
C THR D 139 -20.30 15.96 21.81
N GLU D 140 -20.26 16.14 23.12
CA GLU D 140 -19.16 15.63 23.93
C GLU D 140 -19.03 14.10 23.82
N ILE D 141 -20.15 13.41 24.05
CA ILE D 141 -20.15 11.96 24.07
C ILE D 141 -19.88 11.39 22.67
N MET D 142 -20.25 12.15 21.64
CA MET D 142 -19.98 11.74 20.28
C MET D 142 -18.49 11.89 19.97
N GLU D 143 -17.89 12.95 20.50
CA GLU D 143 -16.45 13.14 20.38
C GLU D 143 -15.72 11.97 21.01
N ASP D 144 -16.07 11.68 22.26
CA ASP D 144 -15.42 10.59 23.01
C ASP D 144 -15.58 9.25 22.30
N LEU D 145 -16.81 8.94 21.89
CA LEU D 145 -17.09 7.66 21.26
C LEU D 145 -16.39 7.51 19.90
N LEU D 146 -16.33 8.61 19.16
CA LEU D 146 -15.69 8.60 17.84
C LEU D 146 -14.18 8.47 17.95
N GLN D 147 -13.61 9.11 18.97
CA GLN D 147 -12.18 8.97 19.25
C GLN D 147 -11.90 7.53 19.68
N SER D 148 -12.84 6.95 20.41
CA SER D 148 -12.73 5.54 20.79
C SER D 148 -12.69 4.67 19.55
N LEU D 149 -13.56 4.97 18.59
CA LEU D 149 -13.57 4.28 17.31
C LEU D 149 -12.28 4.51 16.54
N MET D 150 -11.64 5.65 16.81
CA MET D 150 -10.50 6.10 16.02
C MET D 150 -9.16 5.53 16.50
N ASP D 151 -8.77 5.90 17.71
CA ASP D 151 -7.43 5.61 18.21
C ASP D 151 -7.28 4.22 18.82
N GLN D 152 -8.38 3.63 19.25
CA GLN D 152 -8.32 2.32 19.91
C GLN D 152 -8.86 1.19 19.04
N SER D 153 -9.10 1.48 17.77
CA SER D 153 -9.59 0.47 16.84
C SER D 153 -8.51 -0.56 16.52
N SER D 154 -8.69 -1.78 17.03
CA SER D 154 -7.70 -2.83 16.83
C SER D 154 -7.77 -3.41 15.43
N ASN D 155 -8.97 -3.51 14.87
CA ASN D 155 -9.15 -4.03 13.52
C ASN D 155 -9.61 -2.96 12.54
N ALA D 156 -8.80 -1.92 12.39
CA ALA D 156 -9.13 -0.83 11.48
C ALA D 156 -7.89 -0.11 10.95
N ASN D 157 -7.97 0.32 9.70
CA ASN D 157 -6.91 1.12 9.08
C ASN D 157 -7.32 2.58 9.07
N PRO D 158 -6.44 3.47 9.54
CA PRO D 158 -6.73 4.90 9.72
C PRO D 158 -7.25 5.58 8.44
N LYS D 159 -6.95 4.99 7.30
CA LYS D 159 -7.39 5.53 6.02
C LYS D 159 -8.73 4.94 5.58
N LEU D 160 -9.17 3.89 6.28
CA LEU D 160 -10.46 3.27 5.98
C LEU D 160 -11.46 3.59 7.09
N LEU D 161 -11.12 4.58 7.92
CA LEU D 161 -11.96 4.98 9.04
C LEU D 161 -13.28 5.58 8.55
N LEU D 162 -14.36 5.32 9.28
CA LEU D 162 -15.69 5.83 8.95
C LEU D 162 -16.23 5.31 7.62
N ARG D 163 -15.59 4.30 7.06
CA ARG D 163 -16.02 3.75 5.78
C ARG D 163 -16.96 2.58 5.99
N ARG D 164 -16.49 1.57 6.71
CA ARG D 164 -17.30 0.41 7.03
C ARG D 164 -18.26 0.72 8.18
N THR D 165 -19.56 0.55 7.93
CA THR D 165 -20.56 0.91 8.92
C THR D 165 -20.59 -0.11 10.06
N GLU D 166 -19.65 0.04 10.99
CA GLU D 166 -19.50 -0.93 12.08
C GLU D 166 -19.52 -0.22 13.44
N SER D 167 -20.23 0.89 13.50
CA SER D 167 -20.37 1.62 14.76
C SER D 167 -21.55 2.58 14.74
N ILE D 168 -22.15 2.75 15.92
CA ILE D 168 -23.26 3.66 16.13
C ILE D 168 -22.81 5.10 15.85
N VAL D 169 -21.55 5.38 16.19
CA VAL D 169 -20.97 6.71 16.08
C VAL D 169 -21.06 7.29 14.67
N GLU D 170 -21.17 6.42 13.67
CA GLU D 170 -21.20 6.86 12.28
C GLU D 170 -22.57 7.38 11.85
N LYS D 171 -23.59 6.56 12.06
CA LYS D 171 -24.95 6.99 11.79
C LYS D 171 -25.27 8.19 12.66
N LEU D 172 -24.81 8.14 13.91
CA LEU D 172 -24.99 9.22 14.86
C LEU D 172 -24.30 10.48 14.32
N LEU D 173 -23.16 10.28 13.68
CA LEU D 173 -22.42 11.38 13.06
C LEU D 173 -23.23 11.99 11.93
N THR D 174 -23.87 11.14 11.12
CA THR D 174 -24.74 11.62 10.05
C THR D 174 -25.87 12.49 10.61
N ASN D 175 -26.51 11.99 11.66
CA ASN D 175 -27.57 12.71 12.34
C ASN D 175 -27.11 14.09 12.82
N TRP D 176 -25.99 14.10 13.53
CA TRP D 176 -25.41 15.33 14.06
C TRP D 176 -25.04 16.32 12.95
N MET D 177 -24.51 15.78 11.86
CA MET D 177 -24.19 16.56 10.68
C MET D 177 -25.44 17.27 10.20
N SER D 178 -26.54 16.53 10.09
CA SER D 178 -27.81 17.09 9.66
C SER D 178 -28.26 18.21 10.60
N ILE D 179 -28.27 17.90 11.89
CA ILE D 179 -28.66 18.83 12.94
C ILE D 179 -27.94 20.17 12.81
N CYS D 180 -26.62 20.10 12.62
CA CYS D 180 -25.79 21.30 12.66
C CYS D 180 -25.63 22.02 11.33
N LEU D 181 -25.89 21.31 10.24
CA LEU D 181 -25.68 21.87 8.91
C LEU D 181 -26.99 22.25 8.20
N TYR D 182 -28.11 21.90 8.82
CA TYR D 182 -29.43 22.21 8.28
C TYR D 182 -29.56 23.70 7.91
N GLY D 183 -29.12 24.56 8.83
CA GLY D 183 -29.19 25.99 8.62
C GLY D 183 -28.46 26.41 7.36
N PHE D 184 -27.31 25.79 7.12
CA PHE D 184 -26.53 26.04 5.92
C PHE D 184 -27.26 25.51 4.69
N LEU D 185 -27.99 24.41 4.88
CA LEU D 185 -28.75 23.80 3.79
C LEU D 185 -29.81 24.76 3.28
N ARG D 186 -30.60 25.31 4.19
CA ARG D 186 -31.61 26.29 3.80
C ARG D 186 -30.94 27.60 3.37
N GLU D 187 -29.71 27.80 3.83
CA GLU D 187 -28.98 29.03 3.50
C GLU D 187 -28.53 29.10 2.05
N SER D 188 -27.66 28.19 1.62
CA SER D 188 -27.04 28.34 0.30
C SER D 188 -26.95 27.07 -0.55
N VAL D 189 -27.41 25.94 -0.02
CA VAL D 189 -27.28 24.67 -0.73
C VAL D 189 -28.65 24.12 -1.20
N GLY D 190 -29.70 24.45 -0.47
CA GLY D 190 -31.03 23.95 -0.80
C GLY D 190 -31.54 24.41 -2.16
N GLN D 191 -31.55 25.73 -2.36
CA GLN D 191 -32.03 26.30 -3.62
C GLN D 191 -31.33 25.74 -4.87
N PRO D 192 -29.98 25.75 -4.90
CA PRO D 192 -29.37 25.18 -6.09
C PRO D 192 -29.71 23.69 -6.26
N LEU D 193 -29.94 22.99 -5.16
CA LEU D 193 -30.27 21.57 -5.22
C LEU D 193 -31.63 21.37 -5.87
N PHE D 194 -32.60 22.15 -5.41
CA PHE D 194 -33.95 22.09 -5.96
C PHE D 194 -33.93 22.49 -7.44
N LEU D 195 -33.07 23.46 -7.77
CA LEU D 195 -32.92 23.92 -9.14
C LEU D 195 -32.35 22.81 -10.04
N LEU D 196 -31.36 22.09 -9.51
CA LEU D 196 -30.75 21.00 -10.24
C LEU D 196 -31.72 19.83 -10.45
N VAL D 197 -32.54 19.55 -9.43
CA VAL D 197 -33.51 18.47 -9.52
C VAL D 197 -34.65 18.79 -10.49
N SER D 198 -35.17 20.00 -10.39
CA SER D 198 -36.21 20.47 -11.31
C SER D 198 -35.69 20.50 -12.75
N ALA D 199 -34.46 21.00 -12.91
CA ALA D 199 -33.83 21.09 -14.22
C ALA D 199 -33.60 19.70 -14.82
N LEU D 200 -33.19 18.76 -13.97
CA LEU D 200 -32.99 17.37 -14.39
C LEU D 200 -34.29 16.74 -14.85
N THR D 201 -35.31 16.77 -14.00
CA THR D 201 -36.63 16.24 -14.34
C THR D 201 -37.14 16.82 -15.66
N GLN D 202 -37.08 18.14 -15.75
CA GLN D 202 -37.54 18.87 -16.94
C GLN D 202 -36.81 18.40 -18.19
N GLN D 203 -35.49 18.39 -18.10
CA GLN D 203 -34.63 17.95 -19.19
C GLN D 203 -34.97 16.53 -19.65
N ILE D 204 -35.05 15.60 -18.70
CA ILE D 204 -35.37 14.22 -19.03
C ILE D 204 -36.72 14.18 -19.75
N SER D 205 -37.70 14.88 -19.20
CA SER D 205 -39.05 14.93 -19.75
C SER D 205 -39.16 15.64 -21.10
N LYS D 206 -38.10 16.34 -21.51
CA LYS D 206 -38.06 17.01 -22.81
C LYS D 206 -38.06 16.01 -23.96
N GLY D 207 -37.41 14.87 -23.74
CA GLY D 207 -37.34 13.82 -24.75
C GLY D 207 -38.10 12.59 -24.30
N PRO D 208 -38.52 11.75 -25.25
CA PRO D 208 -39.41 10.60 -25.06
C PRO D 208 -39.04 9.70 -23.89
N VAL D 209 -40.07 9.21 -23.19
CA VAL D 209 -39.89 8.30 -22.07
C VAL D 209 -40.77 7.08 -22.27
N ASP D 210 -40.19 5.90 -22.10
CA ASP D 210 -40.98 4.68 -22.17
C ASP D 210 -41.79 4.53 -20.89
N SER D 211 -43.10 4.34 -21.04
CA SER D 211 -44.00 4.28 -19.90
C SER D 211 -43.79 3.03 -19.05
N VAL D 212 -43.16 2.02 -19.64
CA VAL D 212 -42.97 0.73 -18.97
C VAL D 212 -41.65 0.63 -18.24
N THR D 213 -40.59 1.17 -18.85
CA THR D 213 -39.25 1.06 -18.27
C THR D 213 -38.75 2.38 -17.67
N GLU D 214 -39.43 3.47 -17.99
CA GLU D 214 -39.00 4.82 -17.61
C GLU D 214 -37.63 5.17 -18.17
N LYS D 215 -37.21 4.45 -19.21
CA LYS D 215 -35.98 4.76 -19.94
C LYS D 215 -36.22 5.90 -20.91
N ALA D 216 -35.61 7.05 -20.66
CA ALA D 216 -35.79 8.17 -21.56
C ALA D 216 -34.59 8.33 -22.48
N LEU D 217 -34.78 9.08 -23.57
CA LEU D 217 -33.70 9.35 -24.50
C LEU D 217 -32.64 10.19 -23.79
N TYR D 218 -33.08 11.25 -23.12
CA TYR D 218 -32.18 12.14 -22.39
C TYR D 218 -32.00 11.70 -20.95
N THR D 219 -30.75 11.60 -20.51
CA THR D 219 -30.46 11.17 -19.16
C THR D 219 -29.00 11.41 -18.78
N LEU D 220 -28.57 10.82 -17.67
CA LEU D 220 -27.17 10.81 -17.29
C LEU D 220 -26.78 9.41 -16.87
N SER D 221 -27.44 8.41 -17.44
CA SER D 221 -27.11 7.05 -17.06
C SER D 221 -27.37 6.09 -18.21
N GLU D 222 -26.33 5.37 -18.58
CA GLU D 222 -26.41 4.40 -19.67
C GLU D 222 -27.50 3.38 -19.38
N ASP D 223 -27.67 3.04 -18.10
CA ASP D 223 -28.69 2.08 -17.68
C ASP D 223 -30.08 2.62 -18.01
N TRP D 224 -30.27 3.90 -17.72
CA TRP D 224 -31.54 4.58 -17.95
C TRP D 224 -31.58 5.23 -19.33
N LEU D 225 -31.17 4.50 -20.35
CA LEU D 225 -31.12 5.06 -21.69
C LEU D 225 -32.05 4.30 -22.64
N LEU D 226 -32.88 5.05 -23.36
CA LEU D 226 -33.72 4.47 -24.41
C LEU D 226 -32.89 4.19 -25.65
N CYS D 227 -32.63 2.90 -25.88
CA CYS D 227 -31.76 2.52 -27.00
C CYS D 227 -32.56 2.09 -28.21
N GLN D 228 -33.41 2.98 -28.70
CA GLN D 228 -34.21 2.72 -29.90
C GLN D 228 -34.48 4.02 -30.62
N ALA D 229 -34.38 4.00 -31.95
CA ALA D 229 -34.60 5.20 -32.75
C ALA D 229 -36.09 5.48 -32.95
N GLN D 230 -36.65 6.32 -32.08
CA GLN D 230 -38.06 6.69 -32.16
C GLN D 230 -38.23 8.03 -32.87
N ASP D 231 -38.79 7.99 -34.07
CA ASP D 231 -39.02 9.22 -34.84
C ASP D 231 -40.22 9.97 -34.29
N PHE D 232 -39.95 10.99 -33.47
CA PHE D 232 -41.01 11.78 -32.86
C PHE D 232 -41.00 13.21 -33.37
N GLU D 233 -41.91 14.03 -32.85
CA GLU D 233 -42.00 15.43 -33.26
C GLU D 233 -42.75 16.26 -32.23
N PRO D 234 -42.06 17.28 -31.67
CA PRO D 234 -42.63 18.21 -30.69
C PRO D 234 -43.87 18.93 -31.22
N LEU D 235 -44.94 18.90 -30.43
CA LEU D 235 -46.21 19.50 -30.83
C LEU D 235 -46.74 20.45 -29.79
N LYS D 236 -47.21 21.60 -30.25
CA LYS D 236 -47.89 22.57 -29.39
C LYS D 236 -49.39 22.28 -29.43
N LEU D 237 -49.93 21.77 -28.33
CA LEU D 237 -51.33 21.35 -28.28
C LEU D 237 -52.22 22.37 -27.58
N LYS D 238 -53.30 22.74 -28.26
CA LYS D 238 -54.26 23.68 -27.71
C LYS D 238 -55.24 22.95 -26.80
N VAL D 239 -55.00 23.04 -25.50
CA VAL D 239 -55.79 22.32 -24.50
C VAL D 239 -56.97 23.15 -24.00
N VAL D 240 -58.14 22.50 -23.92
CA VAL D 240 -59.36 23.15 -23.46
C VAL D 240 -59.83 22.53 -22.14
N PHE D 241 -60.43 23.34 -21.28
CA PHE D 241 -60.86 22.87 -19.97
C PHE D 241 -62.36 22.95 -19.72
N ALA D 242 -62.92 21.87 -19.20
CA ALA D 242 -64.34 21.81 -18.90
C ALA D 242 -64.61 22.39 -17.51
N VAL D 243 -65.79 22.96 -17.32
CA VAL D 243 -66.17 23.54 -16.03
C VAL D 243 -67.69 23.57 -15.86
N GLU D 248 -71.71 23.82 -20.99
CA GLU D 248 -70.31 23.40 -20.87
C GLU D 248 -69.40 24.61 -20.63
N ILE D 249 -68.09 24.38 -20.76
CA ILE D 249 -67.13 25.46 -20.54
C ILE D 249 -65.79 25.20 -21.24
N SER D 250 -65.06 26.28 -21.50
CA SER D 250 -63.82 26.21 -22.26
C SER D 250 -62.79 27.23 -21.77
N GLU D 251 -61.52 26.84 -21.83
CA GLU D 251 -60.41 27.70 -21.43
C GLU D 251 -59.14 27.25 -22.15
N SER D 252 -58.56 28.13 -22.95
CA SER D 252 -57.41 27.79 -23.78
C SER D 252 -56.12 27.62 -22.99
N LEU D 253 -55.24 26.78 -23.52
CA LEU D 253 -53.91 26.56 -22.94
C LEU D 253 -53.01 25.93 -23.99
N GLU D 254 -51.71 25.92 -23.75
CA GLU D 254 -50.76 25.33 -24.68
C GLU D 254 -49.82 24.36 -23.98
N VAL D 255 -49.81 23.11 -24.44
CA VAL D 255 -48.97 22.08 -23.84
C VAL D 255 -48.05 21.47 -24.89
N ILE D 256 -46.76 21.39 -24.55
CA ILE D 256 -45.75 20.85 -25.47
C ILE D 256 -45.59 19.35 -25.28
N ALA D 257 -46.20 18.57 -26.16
CA ALA D 257 -46.18 17.11 -26.04
C ALA D 257 -45.51 16.44 -27.23
N LEU D 258 -45.06 15.20 -27.06
CA LEU D 258 -44.41 14.50 -28.17
C LEU D 258 -45.38 13.54 -28.87
N THR D 259 -45.08 13.24 -30.13
CA THR D 259 -45.95 12.38 -30.93
C THR D 259 -45.89 10.94 -30.47
N CYS D 260 -44.88 10.60 -29.67
CA CYS D 260 -44.73 9.24 -29.19
C CYS D 260 -45.24 9.09 -27.75
N ASP D 261 -45.73 10.19 -27.19
CA ASP D 261 -46.23 10.19 -25.82
C ASP D 261 -47.49 9.36 -25.69
N THR D 262 -47.61 8.63 -24.58
CA THR D 262 -48.83 7.90 -24.26
C THR D 262 -49.87 8.89 -23.79
N ILE D 263 -51.11 8.44 -23.70
CA ILE D 263 -52.22 9.28 -23.26
C ILE D 263 -52.00 9.81 -21.85
N GLN D 264 -51.48 8.96 -20.97
CA GLN D 264 -51.21 9.40 -19.60
C GLN D 264 -49.98 10.30 -19.52
N GLN D 265 -49.07 10.15 -20.47
CA GLN D 265 -47.92 11.06 -20.54
C GLN D 265 -48.41 12.45 -20.93
N VAL D 266 -49.24 12.52 -21.96
CA VAL D 266 -49.86 13.78 -22.38
C VAL D 266 -50.62 14.40 -21.22
N LYS D 267 -51.38 13.58 -20.51
CA LYS D 267 -52.10 14.02 -19.32
C LYS D 267 -51.14 14.64 -18.30
N GLU D 268 -50.03 13.96 -18.04
CA GLU D 268 -49.04 14.42 -17.07
C GLU D 268 -48.47 15.77 -17.47
N LYS D 269 -48.28 15.95 -18.77
CA LYS D 269 -47.75 17.21 -19.30
C LYS D 269 -48.77 18.35 -19.17
N ILE D 270 -50.05 18.05 -19.41
CA ILE D 270 -51.09 19.05 -19.24
C ILE D 270 -51.19 19.48 -17.77
N LEU D 271 -51.18 18.49 -16.89
CA LEU D 271 -51.26 18.75 -15.45
C LEU D 271 -50.06 19.54 -14.96
N GLN D 272 -48.88 19.19 -15.45
CA GLN D 272 -47.66 19.90 -15.09
C GLN D 272 -47.74 21.35 -15.56
N THR D 273 -48.12 21.54 -16.82
CA THR D 273 -48.25 22.88 -17.37
C THR D 273 -49.25 23.72 -16.58
N PHE D 274 -50.34 23.09 -16.16
CA PHE D 274 -51.33 23.77 -15.34
C PHE D 274 -50.71 24.20 -14.02
N GLN D 275 -50.16 23.24 -13.29
CA GLN D 275 -49.64 23.49 -11.95
C GLN D 275 -48.45 24.45 -11.94
N ARG D 276 -47.84 24.65 -13.11
CA ARG D 276 -46.72 25.57 -13.24
C ARG D 276 -47.19 26.97 -13.62
N LYS D 277 -48.03 27.07 -14.63
CA LYS D 277 -48.47 28.36 -15.14
C LYS D 277 -49.58 28.99 -14.29
N PHE D 278 -50.10 28.24 -13.32
CA PHE D 278 -51.18 28.74 -12.48
C PHE D 278 -50.82 28.77 -10.99
N GLY D 279 -49.84 27.97 -10.59
CA GLY D 279 -49.36 27.99 -9.22
C GLY D 279 -50.09 27.01 -8.30
N PHE D 280 -51.26 26.55 -8.73
CA PHE D 280 -52.01 25.54 -7.98
C PHE D 280 -52.38 24.38 -8.90
N ARG D 281 -52.33 23.17 -8.37
CA ARG D 281 -52.62 21.98 -9.18
C ARG D 281 -54.08 21.89 -9.60
N TYR D 282 -54.31 21.28 -10.75
CA TYR D 282 -55.66 21.12 -11.28
C TYR D 282 -56.41 20.03 -10.53
N THR D 283 -55.65 19.12 -9.91
CA THR D 283 -56.24 17.99 -9.22
C THR D 283 -55.23 17.33 -8.29
N GLN D 284 -55.67 16.31 -7.56
CA GLN D 284 -54.79 15.56 -6.67
C GLN D 284 -54.61 14.15 -7.22
N GLN D 285 -55.62 13.66 -7.94
CA GLN D 285 -55.58 12.34 -8.56
C GLN D 285 -55.57 12.47 -10.07
N ILE D 286 -54.73 11.66 -10.72
CA ILE D 286 -54.64 11.69 -12.18
C ILE D 286 -55.62 10.72 -12.83
N ARG D 287 -56.02 9.69 -12.08
CA ARG D 287 -56.90 8.66 -12.59
C ARG D 287 -58.29 9.19 -12.95
N ASP D 288 -58.62 10.36 -12.42
CA ASP D 288 -59.96 10.94 -12.57
C ASP D 288 -60.07 12.05 -13.63
N ILE D 289 -59.23 11.97 -14.66
CA ILE D 289 -59.25 12.94 -15.75
C ILE D 289 -59.22 12.24 -17.11
N GLU D 290 -60.00 12.75 -18.07
CA GLU D 290 -60.03 12.16 -19.41
C GLU D 290 -59.74 13.17 -20.52
N ILE D 291 -59.12 12.70 -21.61
CA ILE D 291 -58.70 13.57 -22.71
C ILE D 291 -59.49 13.32 -24.00
N GLU D 292 -60.05 14.39 -24.55
CA GLU D 292 -60.79 14.31 -25.80
C GLU D 292 -60.05 14.98 -26.96
N TYR D 293 -60.18 14.41 -28.15
CA TYR D 293 -59.51 14.92 -29.34
C TYR D 293 -60.52 15.30 -30.43
N GLU D 294 -60.23 16.38 -31.16
CA GLU D 294 -61.17 16.85 -32.19
C GLU D 294 -60.93 16.21 -33.55
N LYS D 295 -61.81 15.30 -33.93
CA LYS D 295 -61.73 14.64 -35.23
C LYS D 295 -62.17 15.59 -36.35
N GLU D 296 -63.49 15.78 -36.46
CA GLU D 296 -64.04 16.68 -37.46
C GLU D 296 -65.26 17.39 -36.92
N GLY D 297 -65.05 18.20 -35.89
CA GLY D 297 -66.13 18.92 -35.23
C GLY D 297 -66.49 18.29 -33.90
N LYS D 298 -66.82 17.01 -33.91
CA LYS D 298 -67.15 16.28 -32.70
C LYS D 298 -65.87 15.89 -31.95
N PHE D 299 -65.98 15.78 -30.62
CA PHE D 299 -64.82 15.40 -29.80
C PHE D 299 -64.88 13.94 -29.37
N VAL D 300 -63.89 13.16 -29.82
CA VAL D 300 -63.79 11.76 -29.45
C VAL D 300 -62.79 11.57 -28.30
N MET D 301 -63.29 11.04 -27.20
CA MET D 301 -62.44 10.75 -26.04
C MET D 301 -61.50 9.59 -26.34
N LEU D 302 -60.20 9.87 -26.29
CA LEU D 302 -59.19 8.84 -26.59
C LEU D 302 -58.78 8.04 -25.35
N GLN D 303 -58.60 6.75 -25.54
CA GLN D 303 -58.28 5.83 -24.45
C GLN D 303 -56.87 5.28 -24.60
N GLU D 304 -56.40 4.60 -23.55
CA GLU D 304 -55.04 4.09 -23.51
C GLU D 304 -54.79 2.98 -24.53
N VAL D 305 -55.71 2.02 -24.60
CA VAL D 305 -55.63 0.94 -25.59
C VAL D 305 -57.02 0.63 -26.14
N ASP D 306 -57.22 0.81 -27.44
CA ASP D 306 -58.49 0.42 -28.05
C ASP D 306 -58.32 -0.82 -28.91
N ASP D 307 -59.31 -1.08 -29.77
CA ASP D 307 -59.33 -2.28 -30.60
C ASP D 307 -58.09 -2.40 -31.47
N THR D 308 -57.99 -1.54 -32.49
CA THR D 308 -56.86 -1.58 -33.41
C THR D 308 -55.56 -1.13 -32.75
N SER D 309 -55.05 -1.96 -31.85
CA SER D 309 -53.77 -1.69 -31.19
C SER D 309 -52.75 -2.76 -31.56
N GLU D 310 -51.52 -2.34 -31.79
CA GLU D 310 -50.46 -3.25 -32.21
C GLU D 310 -50.15 -4.29 -31.14
N ILE D 311 -50.74 -5.47 -31.29
CA ILE D 311 -50.53 -6.56 -30.35
C ILE D 311 -49.52 -7.59 -30.87
N ARG D 312 -48.46 -7.83 -30.10
CA ARG D 312 -47.42 -8.77 -30.49
C ARG D 312 -47.26 -9.91 -29.50
N GLY D 313 -48.14 -10.90 -29.60
CA GLY D 313 -48.12 -12.02 -28.67
C GLY D 313 -48.91 -11.69 -27.42
N HIS D 314 -48.26 -11.78 -26.26
CA HIS D 314 -48.93 -11.52 -24.99
C HIS D 314 -48.74 -10.07 -24.52
N VAL D 315 -48.26 -9.22 -25.42
CA VAL D 315 -48.06 -7.81 -25.09
C VAL D 315 -48.78 -6.92 -26.09
N THR D 316 -49.37 -5.83 -25.59
CA THR D 316 -50.14 -4.92 -26.45
C THR D 316 -49.58 -3.50 -26.38
N MET D 317 -49.63 -2.78 -27.50
CA MET D 317 -49.07 -1.44 -27.56
C MET D 317 -50.05 -0.36 -27.14
N LEU D 318 -49.61 0.47 -26.20
CA LEU D 318 -50.40 1.60 -25.73
C LEU D 318 -50.60 2.64 -26.84
N ASN D 319 -51.69 3.38 -26.76
CA ASN D 319 -51.98 4.40 -27.76
C ASN D 319 -51.13 5.65 -27.58
N THR D 320 -50.43 6.01 -28.64
CA THR D 320 -49.66 7.24 -28.62
C THR D 320 -50.46 8.32 -29.32
N LEU D 321 -49.98 9.56 -29.25
CA LEU D 321 -50.63 10.63 -30.01
C LEU D 321 -50.62 10.30 -31.49
N LYS D 322 -49.44 9.96 -32.00
CA LYS D 322 -49.28 9.50 -33.39
C LYS D 322 -50.26 8.39 -33.83
N HIS D 323 -50.70 7.57 -32.88
CA HIS D 323 -51.68 6.53 -33.15
C HIS D 323 -53.06 7.07 -33.57
N TYR D 324 -53.44 8.23 -33.00
CA TYR D 324 -54.63 8.97 -33.38
C TYR D 324 -54.36 10.10 -34.40
N GLN D 325 -53.15 10.15 -34.96
CA GLN D 325 -52.79 11.16 -35.96
C GLN D 325 -53.04 12.57 -35.46
N VAL D 326 -52.55 12.87 -34.27
CA VAL D 326 -52.70 14.19 -33.68
C VAL D 326 -51.79 15.17 -34.39
N GLY D 327 -52.40 16.10 -35.13
CA GLY D 327 -51.63 17.10 -35.86
C GLY D 327 -51.11 18.19 -34.94
N ASP D 328 -50.19 19.01 -35.45
CA ASP D 328 -49.65 20.11 -34.67
C ASP D 328 -50.68 21.22 -34.54
N GLY D 329 -50.90 21.67 -33.30
CA GLY D 329 -51.88 22.70 -33.04
C GLY D 329 -53.27 22.12 -32.84
N ALA D 330 -53.32 20.82 -32.56
CA ALA D 330 -54.58 20.11 -32.38
C ALA D 330 -55.34 20.59 -31.14
N CYS D 331 -56.64 20.32 -31.11
CA CYS D 331 -57.49 20.72 -30.00
C CYS D 331 -57.69 19.57 -29.01
N ILE D 332 -57.61 19.89 -27.73
CA ILE D 332 -57.67 18.88 -26.67
C ILE D 332 -58.61 19.31 -25.55
N LYS D 333 -59.51 18.41 -25.17
CA LYS D 333 -60.42 18.68 -24.05
C LYS D 333 -60.08 17.86 -22.81
N VAL D 334 -60.44 18.41 -21.65
CA VAL D 334 -60.17 17.76 -20.38
C VAL D 334 -61.45 17.48 -19.61
N ILE D 335 -61.51 16.31 -18.97
CA ILE D 335 -62.71 15.87 -18.25
C ILE D 335 -62.45 15.48 -16.79
N THR D 336 -63.23 16.05 -15.87
CA THR D 336 -63.07 15.73 -14.46
C THR D 336 -64.17 14.75 -14.09
N PRO D 337 -64.06 14.10 -12.92
CA PRO D 337 -65.04 13.11 -12.46
C PRO D 337 -66.39 13.66 -12.01
N LYS D 338 -66.54 14.98 -12.04
CA LYS D 338 -67.77 15.61 -11.60
C LYS D 338 -68.40 16.42 -12.73
N ILE D 339 -67.71 16.48 -13.86
CA ILE D 339 -68.19 17.26 -15.01
C ILE D 339 -69.15 16.44 -15.87
N HIS D 340 -68.61 15.55 -16.69
CA HIS D 340 -69.42 14.71 -17.55
C HIS D 340 -68.94 13.27 -17.47
N ALA D 341 -68.12 12.97 -16.47
CA ALA D 341 -67.56 11.63 -16.31
C ALA D 341 -68.48 10.69 -15.56
N PRO D 342 -69.78 10.84 -15.76
CA PRO D 342 -70.74 9.88 -15.23
C PRO D 342 -70.57 8.57 -15.98
N LEU D 343 -70.52 8.65 -17.30
CA LEU D 343 -70.35 7.46 -18.14
C LEU D 343 -69.09 7.57 -19.00
N LYS D 344 -68.56 8.79 -19.11
CA LYS D 344 -67.36 9.03 -19.91
C LYS D 344 -66.08 8.91 -19.07
N THR D 345 -65.67 7.68 -18.80
CA THR D 345 -64.50 7.43 -17.98
C THR D 345 -63.79 6.14 -18.38
N GLN D 346 -62.48 6.22 -18.54
CA GLN D 346 -61.67 5.05 -18.86
C GLN D 346 -60.94 4.54 -17.62
N ASN D 347 -60.53 3.28 -17.67
CA ASN D 347 -59.84 2.66 -16.55
C ASN D 347 -58.33 2.87 -16.63
N SER D 348 -57.68 2.98 -15.46
CA SER D 348 -56.24 3.24 -15.42
C SER D 348 -55.42 1.97 -15.57
N VAL D 349 -54.65 1.88 -16.65
CA VAL D 349 -53.84 0.71 -16.94
C VAL D 349 -52.60 0.65 -16.04
N LYS D 350 -52.14 1.82 -15.61
CA LYS D 350 -50.97 1.92 -14.76
C LYS D 350 -51.15 1.27 -13.39
N ASP D 351 -52.40 1.04 -13.00
CA ASP D 351 -52.70 0.43 -11.70
C ASP D 351 -52.64 -1.10 -11.75
N ASP D 352 -52.64 -1.64 -12.96
CA ASP D 352 -52.65 -3.09 -13.17
C ASP D 352 -51.53 -3.76 -12.40
N LYS D 353 -51.89 -4.76 -11.59
CA LYS D 353 -50.91 -5.46 -10.76
C LYS D 353 -49.78 -6.05 -11.58
N ASN D 354 -50.06 -6.41 -12.83
CA ASN D 354 -49.03 -6.87 -13.76
C ASN D 354 -49.10 -6.16 -15.10
N PHE D 355 -48.68 -4.89 -15.10
CA PHE D 355 -48.79 -4.02 -16.26
C PHE D 355 -47.62 -4.18 -17.23
N SER D 356 -46.44 -4.41 -16.67
CA SER D 356 -45.24 -4.60 -17.49
C SER D 356 -45.44 -5.76 -18.45
N ILE D 357 -45.88 -6.90 -17.92
CA ILE D 357 -46.10 -8.10 -18.71
C ILE D 357 -47.26 -7.92 -19.70
N LYS D 358 -48.19 -7.02 -19.39
CA LYS D 358 -49.40 -6.91 -20.20
C LYS D 358 -49.29 -5.95 -21.38
N TYR D 359 -48.66 -4.79 -21.17
CA TYR D 359 -48.60 -3.78 -22.21
C TYR D 359 -47.19 -3.26 -22.50
N PHE D 360 -46.99 -2.74 -23.71
CA PHE D 360 -45.70 -2.14 -24.07
C PHE D 360 -45.88 -0.83 -24.83
N HIS D 361 -44.84 -0.02 -24.83
CA HIS D 361 -44.90 1.32 -25.41
C HIS D 361 -43.89 1.52 -26.53
N LEU D 362 -42.62 1.69 -26.16
CA LEU D 362 -41.56 1.89 -27.14
C LEU D 362 -40.72 0.63 -27.31
N VAL D 363 -40.63 -0.17 -26.25
CA VAL D 363 -39.82 -1.38 -26.25
C VAL D 363 -40.70 -2.63 -26.15
N ASP D 364 -40.17 -3.76 -26.61
CA ASP D 364 -40.88 -5.04 -26.48
C ASP D 364 -39.97 -6.11 -25.88
N LYS D 381 -30.25 -1.87 -33.35
CA LYS D 381 -30.22 -2.27 -31.95
C LYS D 381 -28.83 -2.05 -31.35
N ILE D 382 -28.38 -0.79 -31.37
CA ILE D 382 -27.06 -0.45 -30.82
C ILE D 382 -27.15 0.61 -29.73
N LYS D 383 -26.50 0.31 -28.61
CA LYS D 383 -26.57 1.15 -27.42
C LYS D 383 -25.64 2.37 -27.49
N GLU D 384 -24.35 2.13 -27.73
CA GLU D 384 -23.35 3.20 -27.71
C GLU D 384 -23.67 4.38 -28.65
N MET D 385 -24.45 4.09 -29.67
CA MET D 385 -24.90 5.11 -30.61
C MET D 385 -25.66 6.23 -29.89
N TYR D 386 -26.12 5.96 -28.68
CA TYR D 386 -26.85 6.97 -27.93
C TYR D 386 -26.10 7.49 -26.70
N LEU D 387 -24.84 7.10 -26.55
CA LEU D 387 -23.98 7.69 -25.51
C LEU D 387 -23.91 9.20 -25.67
N ILE D 388 -23.97 9.65 -26.92
CA ILE D 388 -24.01 11.08 -27.24
C ILE D 388 -25.13 11.79 -26.49
N LYS D 389 -26.28 11.12 -26.37
CA LYS D 389 -27.40 11.70 -25.63
C LYS D 389 -26.99 11.98 -24.18
N LEU D 390 -26.23 11.06 -23.60
CA LEU D 390 -25.77 11.19 -22.22
C LEU D 390 -24.88 12.42 -22.07
N LEU D 391 -24.30 12.86 -23.17
CA LEU D 391 -23.54 14.09 -23.20
C LEU D 391 -24.48 15.27 -23.24
N SER D 392 -25.45 15.20 -24.15
CA SER D 392 -26.36 16.32 -24.38
C SER D 392 -26.94 16.80 -23.05
N THR D 393 -27.70 15.93 -22.39
CA THR D 393 -28.26 16.23 -21.07
C THR D 393 -27.20 16.71 -20.09
N LYS D 394 -26.03 16.06 -20.10
CA LYS D 394 -24.93 16.40 -19.18
C LYS D 394 -24.51 17.86 -19.33
N VAL D 395 -24.73 18.41 -20.52
CA VAL D 395 -24.41 19.81 -20.77
C VAL D 395 -25.57 20.70 -20.33
N ALA D 396 -26.79 20.24 -20.60
CA ALA D 396 -27.98 21.03 -20.30
C ALA D 396 -28.13 21.27 -18.80
N VAL D 397 -27.70 20.31 -18.01
CA VAL D 397 -27.87 20.37 -16.56
C VAL D 397 -26.56 20.62 -15.84
N HIS D 398 -25.62 21.28 -16.50
CA HIS D 398 -24.28 21.39 -15.96
C HIS D 398 -24.03 22.63 -15.10
N SER D 399 -24.53 23.78 -15.54
CA SER D 399 -24.37 25.02 -14.80
C SER D 399 -24.93 24.87 -13.39
N PHE D 400 -26.08 24.20 -13.29
CA PHE D 400 -26.72 23.92 -12.01
C PHE D 400 -25.86 23.02 -11.12
N VAL D 401 -25.23 22.02 -11.74
CA VAL D 401 -24.30 21.15 -11.02
C VAL D 401 -23.17 21.96 -10.43
N GLU D 402 -22.59 22.85 -11.24
CA GLU D 402 -21.52 23.72 -10.78
C GLU D 402 -21.96 24.64 -9.65
N ASN D 403 -23.18 25.13 -9.73
CA ASN D 403 -23.74 25.96 -8.66
C ASN D 403 -23.83 25.18 -7.35
N LEU D 404 -24.36 23.97 -7.43
CA LEU D 404 -24.50 23.11 -6.26
C LEU D 404 -23.14 22.79 -5.63
N PHE D 405 -22.19 22.39 -6.46
CA PHE D 405 -20.87 22.00 -5.97
C PHE D 405 -20.15 23.18 -5.34
N LYS D 406 -20.10 24.30 -6.07
CA LYS D 406 -19.40 25.49 -5.59
C LYS D 406 -20.06 26.06 -4.34
N SER D 407 -21.37 25.85 -4.22
CA SER D 407 -22.09 26.25 -3.01
C SER D 407 -21.63 25.38 -1.84
N ILE D 408 -21.73 24.06 -2.02
CA ILE D 408 -21.38 23.11 -0.96
C ILE D 408 -20.01 23.36 -0.31
N TRP D 409 -19.00 23.60 -1.12
CA TRP D 409 -17.69 23.98 -0.59
C TRP D 409 -17.40 25.46 -0.78
N GLY D 410 -18.41 26.29 -0.55
CA GLY D 410 -18.27 27.74 -0.64
C GLY D 410 -18.23 28.39 0.73
N LEU D 411 -17.68 29.59 0.80
CA LEU D 411 -17.51 30.29 2.06
C LEU D 411 -18.27 31.62 2.10
N PRO D 412 -19.50 31.60 2.67
CA PRO D 412 -20.32 32.81 2.84
C PRO D 412 -19.63 33.85 3.72
N ASN D 413 -19.45 35.05 3.18
CA ASN D 413 -18.77 36.13 3.89
C ASN D 413 -17.38 35.72 4.37
N ASN D 414 -16.65 35.01 3.51
CA ASN D 414 -15.30 34.54 3.82
C ASN D 414 -15.25 33.75 5.13
N LYS D 415 -16.29 32.96 5.39
CA LYS D 415 -16.38 32.19 6.62
C LYS D 415 -17.01 30.82 6.37
N ALA D 416 -16.37 29.79 6.90
CA ALA D 416 -16.88 28.42 6.79
C ALA D 416 -17.93 28.17 7.87
N PRO D 417 -18.79 27.15 7.67
CA PRO D 417 -19.78 26.78 8.68
C PRO D 417 -19.13 26.47 10.03
N LEU D 418 -19.87 26.72 11.11
CA LEU D 418 -19.37 26.54 12.46
C LEU D 418 -19.07 25.07 12.75
N ALA D 419 -20.03 24.20 12.45
CA ALA D 419 -19.89 22.77 12.69
C ALA D 419 -18.72 22.18 11.90
N VAL D 420 -18.55 22.65 10.67
CA VAL D 420 -17.47 22.19 9.81
C VAL D 420 -16.11 22.51 10.43
N LYS D 421 -15.92 23.77 10.81
CA LYS D 421 -14.68 24.22 11.42
C LYS D 421 -14.40 23.49 12.73
N TYR D 422 -15.42 23.34 13.56
CA TYR D 422 -15.25 22.67 14.84
C TYR D 422 -14.89 21.19 14.68
N PHE D 423 -15.66 20.48 13.86
CA PHE D 423 -15.45 19.06 13.66
C PHE D 423 -14.09 18.79 13.02
N PHE D 424 -13.72 19.64 12.06
CA PHE D 424 -12.42 19.50 11.42
C PHE D 424 -11.30 19.85 12.39
N ASP D 425 -11.58 20.75 13.32
CA ASP D 425 -10.61 21.07 14.38
C ASP D 425 -10.42 19.85 15.25
N PHE D 426 -11.51 19.14 15.49
CA PHE D 426 -11.46 17.89 16.26
C PHE D 426 -10.62 16.86 15.53
N LEU D 427 -10.82 16.74 14.22
CA LEU D 427 -10.06 15.80 13.41
C LEU D 427 -8.57 16.14 13.38
N ASP D 428 -8.27 17.42 13.32
CA ASP D 428 -6.88 17.89 13.32
C ASP D 428 -6.21 17.58 14.65
N GLU D 429 -6.90 17.92 15.74
CA GLU D 429 -6.36 17.69 17.08
C GLU D 429 -6.15 16.20 17.34
N GLN D 430 -7.11 15.38 16.91
CA GLN D 430 -7.01 13.93 17.11
C GLN D 430 -5.91 13.32 16.25
N ALA D 431 -5.75 13.82 15.04
CA ALA D 431 -4.68 13.37 14.16
C ALA D 431 -3.34 13.75 14.75
N GLU D 432 -3.32 14.86 15.48
CA GLU D 432 -2.13 15.31 16.17
C GLU D 432 -1.95 14.53 17.47
N ARG D 433 -2.99 13.78 17.84
CA ARG D 433 -2.98 13.04 19.09
C ARG D 433 -2.76 11.54 18.88
N LYS D 434 -2.50 11.13 17.65
CA LYS D 434 -2.30 9.71 17.36
C LYS D 434 -0.99 9.44 16.61
N LYS D 435 -0.04 10.37 16.74
CA LYS D 435 1.30 10.23 16.15
C LYS D 435 1.28 9.91 14.65
N ILE D 436 0.61 10.75 13.88
CA ILE D 436 0.51 10.55 12.44
C ILE D 436 1.13 11.74 11.69
N THR D 437 1.90 11.43 10.66
CA THR D 437 2.55 12.47 9.87
C THR D 437 2.16 12.36 8.40
N ASP D 438 0.88 12.14 8.14
CA ASP D 438 0.38 11.99 6.78
C ASP D 438 -0.88 12.82 6.55
N PRO D 439 -0.75 13.96 5.86
CA PRO D 439 -1.87 14.84 5.49
C PRO D 439 -2.94 14.10 4.69
N ASP D 440 -2.55 13.03 4.02
CA ASP D 440 -3.50 12.17 3.31
C ASP D 440 -4.54 11.60 4.26
N VAL D 441 -4.12 11.21 5.45
CA VAL D 441 -5.05 10.65 6.45
C VAL D 441 -6.06 11.71 6.88
N LEU D 442 -5.60 12.94 7.03
CA LEU D 442 -6.47 14.07 7.32
C LEU D 442 -7.51 14.25 6.22
N HIS D 443 -7.04 14.38 4.98
CA HIS D 443 -7.94 14.55 3.85
C HIS D 443 -8.96 13.41 3.76
N ILE D 444 -8.49 12.19 3.91
CA ILE D 444 -9.33 10.99 3.81
C ILE D 444 -10.39 10.93 4.92
N TRP D 445 -9.99 11.27 6.14
CA TRP D 445 -10.95 11.36 7.24
C TRP D 445 -12.01 12.41 6.94
N LYS D 446 -11.56 13.55 6.43
CA LYS D 446 -12.49 14.63 6.10
C LYS D 446 -13.44 14.25 4.97
N THR D 447 -12.98 13.41 4.05
CA THR D 447 -13.80 12.99 2.90
C THR D 447 -14.62 11.75 3.20
N ASN D 448 -14.37 11.13 4.35
CA ASN D 448 -15.19 10.00 4.76
C ASN D 448 -16.18 10.39 5.85
N SER D 449 -15.97 11.55 6.44
CA SER D 449 -16.85 12.03 7.50
C SER D 449 -17.90 13.02 7.00
N LEU D 450 -17.47 13.97 6.17
CA LEU D 450 -18.36 15.07 5.80
C LEU D 450 -19.15 14.85 4.49
N PRO D 451 -18.45 14.74 3.35
CA PRO D 451 -19.24 14.67 2.13
C PRO D 451 -19.88 13.30 1.93
N LEU D 452 -19.18 12.24 2.34
CA LEU D 452 -19.70 10.88 2.20
C LEU D 452 -20.89 10.61 3.12
N ARG D 453 -20.73 10.89 4.41
CA ARG D 453 -21.78 10.61 5.39
C ARG D 453 -22.94 11.58 5.29
N PHE D 454 -22.67 12.82 4.90
CA PHE D 454 -23.71 13.84 4.90
C PHE D 454 -24.12 14.29 3.50
N TRP D 455 -23.17 14.81 2.73
CA TRP D 455 -23.49 15.44 1.45
C TRP D 455 -24.03 14.51 0.37
N VAL D 456 -23.66 13.23 0.45
CA VAL D 456 -24.23 12.25 -0.47
C VAL D 456 -25.65 11.92 -0.04
N ASN D 457 -25.85 11.82 1.27
CA ASN D 457 -27.17 11.57 1.83
C ASN D 457 -28.18 12.65 1.42
N ILE D 458 -27.69 13.87 1.25
CA ILE D 458 -28.53 15.00 0.84
C ILE D 458 -28.64 15.11 -0.69
N LEU D 459 -27.53 14.83 -1.39
CA LEU D 459 -27.51 14.88 -2.85
C LEU D 459 -28.37 13.78 -3.49
N LYS D 460 -28.19 12.54 -3.04
CA LYS D 460 -28.95 11.43 -3.58
C LYS D 460 -30.38 11.37 -3.06
N ASN D 461 -30.62 11.96 -1.89
CA ASN D 461 -31.96 11.98 -1.31
C ASN D 461 -32.49 13.41 -1.15
N PRO D 462 -33.09 13.95 -2.22
CA PRO D 462 -33.57 15.33 -2.22
C PRO D 462 -34.86 15.47 -1.42
N ASP D 463 -35.61 14.39 -1.31
CA ASP D 463 -36.89 14.42 -0.60
C ASP D 463 -36.71 14.44 0.91
N PHE D 464 -35.45 14.42 1.35
CA PHE D 464 -35.15 14.56 2.77
C PHE D 464 -35.04 16.05 3.04
N VAL D 465 -35.16 16.83 1.98
CA VAL D 465 -35.00 18.28 2.07
C VAL D 465 -36.28 19.00 1.65
N PHE D 466 -36.93 18.52 0.59
CA PHE D 466 -38.05 19.22 0.01
C PHE D 466 -39.35 18.43 0.11
N SER D 467 -40.44 19.14 0.41
CA SER D 467 -41.76 18.52 0.52
C SER D 467 -42.33 18.16 -0.84
N ASP D 468 -43.31 17.26 -0.83
CA ASP D 468 -44.06 16.86 -2.03
C ASP D 468 -43.19 16.48 -3.23
N MET D 469 -42.00 15.94 -2.96
CA MET D 469 -41.14 15.50 -4.05
C MET D 469 -41.20 13.98 -4.17
N GLU D 470 -42.17 13.51 -4.95
CA GLU D 470 -42.30 12.09 -5.24
C GLU D 470 -41.04 11.60 -5.93
N LYS D 471 -40.32 10.70 -5.28
CA LYS D 471 -39.03 10.25 -5.81
C LYS D 471 -39.13 9.14 -6.84
N SER D 472 -38.61 9.41 -8.04
CA SER D 472 -38.59 8.44 -9.13
C SER D 472 -37.25 7.72 -9.13
N PRO D 473 -37.22 6.46 -9.61
CA PRO D 473 -35.97 5.70 -9.64
C PRO D 473 -34.94 6.25 -10.63
N HIS D 474 -35.41 6.72 -11.78
CA HIS D 474 -34.53 7.30 -12.79
C HIS D 474 -33.75 8.49 -12.23
N LEU D 475 -34.48 9.47 -11.70
CA LEU D 475 -33.87 10.65 -11.09
C LEU D 475 -32.90 10.24 -9.98
N ASP D 476 -33.19 9.12 -9.33
CA ASP D 476 -32.30 8.59 -8.31
C ASP D 476 -30.99 8.11 -8.95
N GLY D 477 -31.11 7.50 -10.13
CA GLY D 477 -29.94 7.07 -10.89
C GLY D 477 -29.08 8.24 -11.33
N CYS D 478 -29.72 9.24 -11.92
CA CYS D 478 -29.02 10.44 -12.35
C CYS D 478 -28.33 11.11 -11.17
N LEU D 479 -29.06 11.26 -10.07
CA LEU D 479 -28.47 11.86 -8.88
C LEU D 479 -27.32 11.01 -8.38
N SER D 480 -27.39 9.70 -8.56
CA SER D 480 -26.28 8.84 -8.17
C SER D 480 -25.05 9.13 -9.03
N VAL D 481 -25.28 9.43 -10.31
CA VAL D 481 -24.19 9.83 -11.21
C VAL D 481 -23.54 11.15 -10.77
N ILE D 482 -24.38 12.13 -10.45
CA ILE D 482 -23.88 13.45 -10.07
C ILE D 482 -23.16 13.41 -8.73
N ALA D 483 -23.73 12.67 -7.77
CA ALA D 483 -23.13 12.48 -6.45
C ALA D 483 -21.80 11.72 -6.58
N GLN D 484 -21.77 10.78 -7.51
CA GLN D 484 -20.56 10.00 -7.77
C GLN D 484 -19.42 10.91 -8.23
N ALA D 485 -19.70 11.70 -9.26
CA ALA D 485 -18.74 12.72 -9.72
C ALA D 485 -18.31 13.62 -8.57
N PHE D 486 -19.31 14.13 -7.85
CA PHE D 486 -19.13 15.00 -6.69
C PHE D 486 -18.06 14.48 -5.75
N MET D 487 -18.17 13.21 -5.36
CA MET D 487 -17.20 12.67 -4.42
C MET D 487 -15.90 12.20 -5.10
N ASP D 488 -15.94 12.05 -6.41
CA ASP D 488 -14.70 11.80 -7.17
C ASP D 488 -13.84 13.06 -7.15
N SER D 489 -14.49 14.20 -6.96
CA SER D 489 -13.79 15.46 -6.80
C SER D 489 -13.06 15.58 -5.46
N PHE D 490 -12.95 14.48 -4.73
CA PHE D 490 -12.29 14.48 -3.43
C PHE D 490 -11.12 13.52 -3.43
N SER D 491 -10.91 12.84 -4.56
CA SER D 491 -9.90 11.80 -4.65
C SER D 491 -8.48 12.36 -4.67
N LEU D 492 -7.56 11.63 -4.05
CA LEU D 492 -6.16 12.02 -4.00
C LEU D 492 -5.38 11.26 -5.05
N THR D 493 -6.06 10.35 -5.74
CA THR D 493 -5.43 9.50 -6.73
C THR D 493 -5.75 9.98 -8.14
N ASP D 494 -4.71 10.36 -8.87
CA ASP D 494 -4.85 10.74 -10.26
C ASP D 494 -5.02 9.48 -11.11
N THR D 495 -6.27 9.16 -11.42
CA THR D 495 -6.58 7.96 -12.19
C THR D 495 -6.99 8.29 -13.62
N HIS D 496 -6.13 7.95 -14.57
CA HIS D 496 -6.41 8.18 -15.98
C HIS D 496 -7.59 7.32 -16.44
N LEU D 497 -8.59 7.97 -17.03
CA LEU D 497 -9.76 7.27 -17.53
C LEU D 497 -9.47 6.64 -18.89
N ASP D 498 -9.89 5.40 -19.05
CA ASP D 498 -9.63 4.64 -20.28
C ASP D 498 -10.92 4.18 -20.93
N LYS D 499 -10.82 3.11 -21.71
CA LYS D 499 -11.98 2.50 -22.35
C LYS D 499 -12.74 1.61 -21.38
N HIS D 500 -12.01 1.05 -20.42
CA HIS D 500 -12.61 0.17 -19.42
C HIS D 500 -13.02 0.95 -18.19
N SER D 501 -13.38 2.21 -18.37
CA SER D 501 -13.87 3.02 -17.27
C SER D 501 -15.38 3.18 -17.37
N PRO D 502 -16.05 3.39 -16.22
CA PRO D 502 -17.50 3.53 -16.27
C PRO D 502 -17.94 4.80 -17.01
N THR D 503 -19.00 4.68 -17.81
CA THR D 503 -19.52 5.80 -18.58
C THR D 503 -19.79 7.02 -17.68
N ASN D 504 -20.22 6.77 -16.45
CA ASN D 504 -20.42 7.84 -15.48
C ASN D 504 -19.13 8.58 -15.16
N LYS D 505 -18.02 7.86 -15.15
CA LYS D 505 -16.72 8.46 -14.87
C LYS D 505 -16.28 9.31 -16.06
N LEU D 506 -16.48 8.79 -17.28
CA LEU D 506 -16.11 9.49 -18.51
C LEU D 506 -16.96 10.74 -18.71
N LEU D 507 -18.19 10.69 -18.20
CA LEU D 507 -19.15 11.78 -18.36
C LEU D 507 -18.79 13.03 -17.58
N TYR D 508 -17.99 12.87 -16.53
CA TYR D 508 -17.61 14.02 -15.71
C TYR D 508 -16.10 14.11 -15.48
N GLY D 509 -15.36 13.24 -16.15
CA GLY D 509 -13.92 13.12 -15.96
C GLY D 509 -13.12 14.35 -16.33
N LYS D 510 -13.53 15.04 -17.38
CA LYS D 510 -12.84 16.26 -17.79
C LYS D 510 -13.07 17.38 -16.79
N ASP D 511 -14.23 17.37 -16.13
CA ASP D 511 -14.59 18.44 -15.22
C ASP D 511 -14.10 18.18 -13.80
N ILE D 512 -13.86 16.91 -13.48
CA ILE D 512 -13.32 16.53 -12.17
C ILE D 512 -12.08 17.31 -11.72
N PRO D 513 -10.98 17.32 -12.52
CA PRO D 513 -9.69 17.78 -11.99
C PRO D 513 -9.65 19.26 -11.62
N GLN D 514 -10.61 20.03 -12.12
CA GLN D 514 -10.75 21.41 -11.68
C GLN D 514 -11.37 21.45 -10.29
N TYR D 515 -12.37 20.59 -10.08
CA TYR D 515 -13.06 20.52 -8.80
C TYR D 515 -12.10 20.07 -7.70
N LYS D 516 -11.24 19.11 -8.04
CA LYS D 516 -10.27 18.56 -7.09
C LYS D 516 -9.43 19.66 -6.45
N GLN D 517 -8.95 20.57 -7.30
CA GLN D 517 -8.09 21.65 -6.85
C GLN D 517 -8.84 22.61 -5.92
N GLU D 518 -10.15 22.75 -6.16
CA GLU D 518 -11.00 23.59 -5.31
C GLU D 518 -11.27 22.91 -3.98
N VAL D 519 -11.54 21.62 -4.05
CA VAL D 519 -11.77 20.81 -2.86
C VAL D 519 -10.52 20.79 -1.98
N LYS D 520 -9.36 20.59 -2.61
CA LYS D 520 -8.09 20.61 -1.90
C LYS D 520 -7.86 21.95 -1.21
N SER D 521 -8.19 23.04 -1.91
CA SER D 521 -8.00 24.39 -1.36
C SER D 521 -9.09 24.74 -0.36
N TYR D 522 -10.26 24.16 -0.52
CA TYR D 522 -11.36 24.35 0.42
C TYR D 522 -10.99 23.80 1.79
N TYR D 523 -10.43 22.61 1.79
CA TYR D 523 -10.01 21.95 3.03
C TYR D 523 -8.99 22.75 3.82
N LYS D 524 -8.03 23.34 3.11
CA LYS D 524 -6.93 24.05 3.76
C LYS D 524 -7.37 25.39 4.35
N LEU D 525 -8.43 25.97 3.79
CA LEU D 525 -8.97 27.22 4.29
C LEU D 525 -9.56 27.07 5.69
N VAL D 526 -10.23 25.93 5.92
CA VAL D 526 -10.79 25.61 7.23
C VAL D 526 -9.66 25.40 8.25
N LYS D 527 -8.58 24.77 7.79
CA LYS D 527 -7.39 24.61 8.60
C LYS D 527 -6.85 25.97 8.99
N ASP D 528 -6.90 26.91 8.06
CA ASP D 528 -6.39 28.26 8.29
C ASP D 528 -7.47 29.19 8.84
N GLN D 529 -8.63 28.64 9.15
CA GLN D 529 -9.70 29.41 9.77
C GLN D 529 -9.44 29.56 11.26
N THR D 530 -9.94 30.64 11.85
CA THR D 530 -9.76 30.92 13.26
C THR D 530 -10.37 29.85 14.16
N SER D 531 -9.70 29.57 15.28
CA SER D 531 -10.18 28.58 16.24
C SER D 531 -11.51 29.03 16.85
N ILE D 532 -12.40 28.07 17.07
CA ILE D 532 -13.74 28.38 17.57
C ILE D 532 -13.78 28.55 19.08
N SER D 533 -14.08 29.76 19.52
CA SER D 533 -14.18 30.05 20.94
C SER D 533 -15.40 29.35 21.54
N SER D 534 -15.24 28.84 22.76
CA SER D 534 -16.31 28.13 23.45
C SER D 534 -17.50 29.05 23.73
N GLN D 535 -17.24 30.35 23.80
CA GLN D 535 -18.29 31.34 24.00
C GLN D 535 -19.27 31.33 22.84
N GLU D 536 -18.75 31.10 21.64
CA GLU D 536 -19.60 31.02 20.45
C GLU D 536 -20.23 29.63 20.36
N LEU D 537 -19.45 28.61 20.76
CA LEU D 537 -19.88 27.22 20.69
C LEU D 537 -21.12 26.96 21.54
N LYS D 538 -21.01 27.25 22.83
CA LYS D 538 -22.09 27.01 23.78
C LYS D 538 -23.37 27.72 23.39
N THR D 539 -23.25 28.92 22.86
CA THR D 539 -24.40 29.70 22.42
C THR D 539 -25.02 29.08 21.17
N PHE D 540 -24.17 28.72 20.21
CA PHE D 540 -24.63 28.10 18.97
C PHE D 540 -25.40 26.82 19.25
N LEU D 541 -24.94 26.04 20.22
CA LEU D 541 -25.63 24.81 20.59
C LEU D 541 -26.92 25.09 21.37
N GLN D 542 -26.84 26.03 22.31
CA GLN D 542 -27.96 26.34 23.19
C GLN D 542 -29.16 26.93 22.45
N GLU D 543 -28.90 27.80 21.48
CA GLU D 543 -29.98 28.44 20.73
C GLU D 543 -30.84 27.41 20.01
N GLU D 544 -30.18 26.49 19.31
CA GLU D 544 -30.88 25.44 18.58
C GLU D 544 -31.51 24.44 19.55
N SER D 545 -30.82 24.14 20.64
CA SER D 545 -31.33 23.21 21.64
C SER D 545 -32.65 23.70 22.23
N LYS D 546 -32.72 25.01 22.49
CA LYS D 546 -33.92 25.62 23.02
C LYS D 546 -34.98 25.81 21.95
N LYS D 547 -34.53 26.06 20.72
CA LYS D 547 -35.44 26.25 19.59
C LYS D 547 -35.96 24.94 19.04
N HIS D 548 -35.59 23.83 19.67
CA HIS D 548 -36.04 22.52 19.24
C HIS D 548 -36.40 21.62 20.43
N GLN D 549 -36.83 22.24 21.53
CA GLN D 549 -37.22 21.49 22.71
C GLN D 549 -38.70 21.12 22.67
N ASN D 550 -39.45 21.76 21.77
CA ASN D 550 -40.87 21.49 21.60
C ASN D 550 -41.14 20.83 20.26
N GLU D 551 -40.08 20.30 19.64
CA GLU D 551 -40.18 19.65 18.34
C GLU D 551 -40.32 18.13 18.48
N PHE D 552 -39.41 17.52 19.24
CA PHE D 552 -39.37 16.07 19.39
C PHE D 552 -39.76 15.62 20.79
N ASN D 553 -40.41 14.47 20.89
CA ASN D 553 -40.77 13.89 22.18
C ASN D 553 -39.78 12.83 22.62
N GLU D 554 -39.22 13.01 23.82
CA GLU D 554 -38.22 12.08 24.33
C GLU D 554 -38.88 10.75 24.73
N SER D 555 -40.19 10.80 24.96
CA SER D 555 -40.94 9.63 25.42
C SER D 555 -40.75 8.40 24.53
N ALA D 556 -41.30 8.47 23.32
CA ALA D 556 -41.24 7.35 22.39
C ALA D 556 -39.80 6.94 22.11
N ALA D 557 -38.91 7.93 22.09
CA ALA D 557 -37.49 7.70 21.82
C ALA D 557 -36.87 6.79 22.87
N LEU D 558 -36.96 7.20 24.13
CA LEU D 558 -36.39 6.41 25.22
C LEU D 558 -37.10 5.06 25.37
N ARG D 559 -38.40 5.07 25.11
CA ARG D 559 -39.21 3.86 25.17
C ARG D 559 -38.78 2.82 24.14
N GLU D 560 -38.35 3.28 22.97
CA GLU D 560 -37.85 2.38 21.93
C GLU D 560 -36.38 2.04 22.15
N LEU D 561 -35.66 2.93 22.82
CA LEU D 561 -34.24 2.74 23.09
C LEU D 561 -34.01 1.69 24.16
N TYR D 562 -34.91 1.64 25.15
CA TYR D 562 -34.80 0.68 26.24
C TYR D 562 -34.78 -0.77 25.76
N LYS D 563 -35.51 -1.04 24.69
CA LYS D 563 -35.69 -2.40 24.18
C LYS D 563 -34.38 -3.10 23.82
N TYR D 564 -33.33 -2.32 23.53
CA TYR D 564 -32.02 -2.88 23.23
C TYR D 564 -31.23 -3.20 24.51
N MET D 565 -31.54 -2.49 25.59
CA MET D 565 -30.94 -2.75 26.89
C MET D 565 -31.40 -4.09 27.46
N GLN D 566 -32.71 -4.32 27.45
CA GLN D 566 -33.28 -5.55 27.98
C GLN D 566 -32.95 -6.75 27.09
N ARG D 567 -32.45 -6.47 25.89
CA ARG D 567 -32.09 -7.52 24.95
C ARG D 567 -30.71 -8.08 25.28
N TYR D 568 -29.76 -7.18 25.48
CA TYR D 568 -28.38 -7.56 25.76
C TYR D 568 -27.91 -7.01 27.11
N PHE D 569 -28.59 -7.40 28.18
CA PHE D 569 -28.28 -6.88 29.51
C PHE D 569 -26.97 -7.43 30.09
N THR D 570 -26.75 -8.72 29.89
CA THR D 570 -25.55 -9.39 30.40
C THR D 570 -24.28 -8.74 29.85
N GLU D 571 -24.33 -8.32 28.59
CA GLU D 571 -23.19 -7.68 27.94
C GLU D 571 -22.90 -6.32 28.55
N ILE D 572 -23.95 -5.51 28.64
CA ILE D 572 -23.83 -4.17 29.22
C ILE D 572 -23.29 -4.23 30.64
N PHE D 573 -23.81 -5.16 31.44
CA PHE D 573 -23.36 -5.29 32.82
C PHE D 573 -21.93 -5.81 32.90
N GLN D 574 -21.59 -6.79 32.06
CA GLN D 574 -20.26 -7.38 32.09
C GLN D 574 -19.19 -6.39 31.63
N LYS D 575 -19.59 -5.43 30.80
CA LYS D 575 -18.67 -4.39 30.36
C LYS D 575 -18.57 -3.27 31.39
N LEU D 576 -19.73 -2.89 31.93
CA LEU D 576 -19.81 -1.77 32.86
C LEU D 576 -19.08 -2.08 34.17
N GLU D 577 -19.22 -3.31 34.63
CA GLU D 577 -18.55 -3.77 35.86
C GLU D 577 -17.04 -3.83 35.65
N GLN D 578 -16.63 -3.97 34.40
CA GLN D 578 -15.20 -4.02 34.07
C GLN D 578 -14.64 -2.61 33.92
N THR D 579 -15.55 -1.66 33.68
CA THR D 579 -15.16 -0.27 33.50
C THR D 579 -15.31 0.52 34.79
N ASP D 580 -15.19 -0.19 35.91
CA ASP D 580 -15.28 0.40 37.25
C ASP D 580 -16.55 1.23 37.45
N ALA D 581 -17.68 0.54 37.64
CA ALA D 581 -18.96 1.21 37.82
C ALA D 581 -19.28 1.36 39.30
N PRO D 582 -19.52 2.61 39.73
CA PRO D 582 -19.95 2.88 41.10
C PRO D 582 -21.28 2.21 41.37
N SER D 583 -21.63 2.07 42.66
CA SER D 583 -22.90 1.47 43.04
C SER D 583 -24.07 2.33 42.57
N ASN D 584 -23.78 3.60 42.29
CA ASN D 584 -24.78 4.54 41.79
C ASN D 584 -25.36 4.08 40.45
N LEU D 585 -24.47 3.75 39.51
CA LEU D 585 -24.88 3.34 38.18
C LEU D 585 -25.73 2.08 38.20
N LYS D 586 -25.32 1.10 39.00
CA LYS D 586 -26.02 -0.18 39.08
C LYS D 586 -27.36 -0.06 39.80
N GLU D 587 -27.38 0.74 40.87
CA GLU D 587 -28.62 0.99 41.60
C GLU D 587 -29.63 1.71 40.72
N ASN D 588 -29.16 2.75 40.01
CA ASN D 588 -30.02 3.49 39.09
C ASN D 588 -30.53 2.60 37.96
N MET D 589 -29.64 1.79 37.40
CA MET D 589 -29.99 0.87 36.32
C MET D 589 -31.06 -0.13 36.75
N HIS D 590 -30.84 -0.78 37.88
CA HIS D 590 -31.78 -1.76 38.39
C HIS D 590 -33.08 -1.11 38.83
N ARG D 591 -33.02 0.17 39.20
CA ARG D 591 -34.21 0.94 39.50
C ARG D 591 -35.01 1.15 38.23
N VAL D 592 -34.31 1.46 37.14
CA VAL D 592 -34.92 1.62 35.83
C VAL D 592 -35.58 0.31 35.38
N LYS D 593 -34.89 -0.79 35.61
CA LYS D 593 -35.44 -2.11 35.28
C LYS D 593 -36.62 -2.46 36.19
N GLU D 594 -36.65 -1.86 37.38
CA GLU D 594 -37.75 -2.06 38.31
C GLU D 594 -38.93 -1.19 37.90
N LEU D 595 -38.66 -0.14 37.12
CA LEU D 595 -39.70 0.78 36.68
C LEU D 595 -40.23 0.42 35.30
N PHE D 596 -39.49 -0.41 34.57
CA PHE D 596 -39.86 -0.78 33.20
C PHE D 596 -40.55 -2.15 33.13
N ASP D 597 -40.39 -2.95 34.16
CA ASP D 597 -41.00 -4.29 34.20
C ASP D 597 -41.90 -4.48 35.41
N MET E 4 -24.39 4.09 -54.81
CA MET E 4 -24.56 5.52 -55.05
C MET E 4 -23.19 6.21 -55.10
N ARG E 5 -22.83 6.71 -56.28
CA ARG E 5 -21.55 7.37 -56.46
C ARG E 5 -21.55 8.79 -55.93
N GLU E 6 -20.38 9.28 -55.52
CA GLU E 6 -20.25 10.63 -54.98
C GLU E 6 -19.82 11.62 -56.05
N TYR E 7 -20.59 12.70 -56.19
CA TYR E 7 -20.25 13.76 -57.13
C TYR E 7 -19.85 15.03 -56.38
N LYS E 8 -18.85 15.74 -56.89
CA LYS E 8 -18.38 16.96 -56.25
C LYS E 8 -18.66 18.19 -57.11
N LEU E 9 -19.78 18.87 -56.83
CA LEU E 9 -20.16 20.06 -57.61
C LEU E 9 -19.74 21.34 -56.91
N VAL E 10 -18.98 22.18 -57.60
CA VAL E 10 -18.45 23.41 -57.01
C VAL E 10 -19.15 24.64 -57.56
N VAL E 11 -19.60 25.52 -56.66
CA VAL E 11 -20.31 26.73 -57.07
C VAL E 11 -19.43 27.98 -57.01
N LEU E 12 -19.00 28.45 -58.17
CA LEU E 12 -18.09 29.60 -58.26
C LEU E 12 -18.84 30.86 -58.64
N GLY E 13 -18.27 32.01 -58.31
CA GLY E 13 -18.84 33.28 -58.71
C GLY E 13 -18.27 34.48 -57.98
N SER E 14 -18.96 35.60 -58.10
CA SER E 14 -18.54 36.84 -57.43
C SER E 14 -19.26 37.02 -56.11
N GLY E 15 -19.18 38.22 -55.55
CA GLY E 15 -19.78 38.51 -54.27
C GLY E 15 -21.27 38.79 -54.36
N GLY E 16 -22.07 37.92 -53.77
CA GLY E 16 -23.51 38.14 -53.66
C GLY E 16 -24.28 37.93 -54.95
N VAL E 17 -23.93 36.88 -55.70
CA VAL E 17 -24.64 36.58 -56.93
C VAL E 17 -25.75 35.55 -56.67
N GLY E 18 -25.67 34.90 -55.52
CA GLY E 18 -26.68 33.93 -55.12
C GLY E 18 -26.19 32.50 -55.13
N LYS E 19 -24.90 32.31 -54.91
CA LYS E 19 -24.33 30.96 -54.86
C LYS E 19 -24.90 30.23 -53.65
N SER E 20 -24.84 30.90 -52.51
CA SER E 20 -25.36 30.36 -51.26
C SER E 20 -26.88 30.25 -51.35
N ALA E 21 -27.51 31.25 -51.93
CA ALA E 21 -28.96 31.25 -52.12
C ALA E 21 -29.41 30.01 -52.89
N LEU E 22 -28.78 29.78 -54.04
CA LEU E 22 -29.08 28.62 -54.87
C LEU E 22 -28.81 27.30 -54.16
N THR E 23 -27.70 27.25 -53.43
CA THR E 23 -27.34 26.02 -52.71
C THR E 23 -28.33 25.69 -51.59
N VAL E 24 -28.72 26.69 -50.80
CA VAL E 24 -29.69 26.50 -49.73
C VAL E 24 -31.06 26.15 -50.29
N GLN E 25 -31.48 26.87 -51.32
CA GLN E 25 -32.75 26.60 -52.00
C GLN E 25 -32.77 25.16 -52.53
N PHE E 26 -31.62 24.69 -53.01
CA PHE E 26 -31.52 23.33 -53.50
C PHE E 26 -31.52 22.31 -52.36
N VAL E 27 -30.98 22.71 -51.21
CA VAL E 27 -30.81 21.81 -50.08
C VAL E 27 -32.01 21.79 -49.14
N GLN E 28 -32.44 22.98 -48.69
CA GLN E 28 -33.52 23.07 -47.72
C GLN E 28 -34.85 23.48 -48.34
N GLY E 29 -34.80 24.04 -49.54
CA GLY E 29 -36.00 24.49 -50.24
C GLY E 29 -36.50 25.84 -49.72
N ILE E 30 -35.69 26.49 -48.90
CA ILE E 30 -36.07 27.75 -48.29
C ILE E 30 -35.24 28.92 -48.80
N PHE E 31 -35.89 30.05 -49.06
CA PHE E 31 -35.18 31.27 -49.42
C PHE E 31 -35.43 32.37 -48.39
N VAL E 32 -34.36 32.83 -47.76
CA VAL E 32 -34.45 33.92 -46.81
C VAL E 32 -33.54 35.08 -47.21
N GLU E 33 -34.16 36.20 -47.58
CA GLU E 33 -33.42 37.40 -47.93
C GLU E 33 -32.60 37.90 -46.74
N LYS E 34 -31.35 37.44 -46.67
CA LYS E 34 -30.43 37.84 -45.61
C LYS E 34 -29.09 38.27 -46.20
N TYR E 35 -28.11 38.57 -45.34
CA TYR E 35 -26.82 39.04 -45.81
C TYR E 35 -25.68 38.45 -44.99
N ASP E 36 -25.23 37.26 -45.40
CA ASP E 36 -24.13 36.59 -44.72
C ASP E 36 -23.08 36.17 -45.73
N PRO E 37 -21.94 36.86 -45.74
CA PRO E 37 -20.84 36.46 -46.63
C PRO E 37 -20.38 35.03 -46.35
N THR E 38 -20.50 34.18 -47.37
CA THR E 38 -19.97 32.83 -47.33
C THR E 38 -18.46 32.89 -47.39
N ILE E 39 -17.80 32.13 -46.51
CA ILE E 39 -16.36 31.98 -46.55
C ILE E 39 -16.01 30.58 -47.05
N GLU E 40 -16.63 29.58 -46.43
CA GLU E 40 -16.49 28.19 -46.86
C GLU E 40 -17.62 27.36 -46.28
N ASP E 41 -18.52 26.91 -47.15
CA ASP E 41 -19.64 26.09 -46.72
C ASP E 41 -19.77 24.84 -47.58
N SER E 42 -19.79 23.68 -46.90
CA SER E 42 -19.83 22.40 -47.58
C SER E 42 -21.17 21.69 -47.37
N TYR E 43 -21.96 21.63 -48.43
CA TYR E 43 -23.25 20.97 -48.42
C TYR E 43 -23.16 19.61 -49.12
N ARG E 44 -24.12 18.75 -48.84
CA ARG E 44 -24.22 17.45 -49.51
C ARG E 44 -25.62 16.87 -49.37
N LYS E 45 -26.10 16.20 -50.41
CA LYS E 45 -27.46 15.68 -50.42
C LYS E 45 -27.64 14.52 -51.38
N GLN E 46 -28.44 13.54 -50.98
CA GLN E 46 -28.75 12.41 -51.83
C GLN E 46 -29.93 12.76 -52.73
N VAL E 47 -29.74 12.61 -54.03
CA VAL E 47 -30.77 12.97 -54.99
C VAL E 47 -30.82 11.98 -56.15
N GLU E 48 -32.03 11.62 -56.58
CA GLU E 48 -32.23 10.71 -57.69
C GLU E 48 -32.08 11.44 -59.02
N VAL E 49 -30.99 11.14 -59.73
CA VAL E 49 -30.74 11.72 -61.05
C VAL E 49 -30.88 10.66 -62.13
N ASP E 50 -31.74 10.95 -63.11
CA ASP E 50 -32.04 10.04 -64.21
C ASP E 50 -32.43 8.66 -63.68
N ALA E 51 -33.43 8.63 -62.82
CA ALA E 51 -33.92 7.40 -62.20
C ALA E 51 -32.81 6.63 -61.48
N GLN E 52 -31.77 7.35 -61.06
CA GLN E 52 -30.65 6.73 -60.37
C GLN E 52 -30.21 7.57 -59.18
N GLN E 53 -30.45 7.06 -57.97
CA GLN E 53 -30.13 7.79 -56.74
C GLN E 53 -28.63 7.95 -56.52
N CYS E 54 -28.13 9.17 -56.71
CA CYS E 54 -26.71 9.47 -56.52
C CYS E 54 -26.49 10.43 -55.36
N MET E 55 -25.26 10.44 -54.84
CA MET E 55 -24.92 11.31 -53.72
C MET E 55 -24.13 12.54 -54.14
N LEU E 56 -24.79 13.69 -54.09
CA LEU E 56 -24.16 14.95 -54.50
C LEU E 56 -23.49 15.66 -53.33
N GLU E 57 -22.49 16.49 -53.65
CA GLU E 57 -21.79 17.29 -52.66
C GLU E 57 -21.47 18.68 -53.20
N ILE E 58 -22.24 19.66 -52.75
CA ILE E 58 -22.16 21.02 -53.28
C ILE E 58 -21.24 21.86 -52.41
N LEU E 59 -20.19 22.40 -53.01
CA LEU E 59 -19.27 23.29 -52.31
C LEU E 59 -19.61 24.75 -52.60
N ASP E 60 -19.93 25.47 -51.54
CA ASP E 60 -20.32 26.87 -51.66
C ASP E 60 -19.15 27.78 -51.35
N THR E 61 -18.51 28.28 -52.40
CA THR E 61 -17.33 29.13 -52.26
C THR E 61 -17.70 30.58 -51.98
N ALA E 62 -16.68 31.42 -51.83
CA ALA E 62 -16.89 32.84 -51.55
C ALA E 62 -16.81 33.63 -52.85
N GLY E 63 -16.91 34.95 -52.73
CA GLY E 63 -16.78 35.83 -53.87
C GLY E 63 -15.39 35.71 -54.46
N THR E 64 -15.20 36.23 -55.67
CA THR E 64 -13.92 36.11 -56.35
C THR E 64 -12.76 36.68 -55.53
N GLU E 65 -12.82 37.98 -55.22
CA GLU E 65 -11.76 38.59 -54.42
C GLU E 65 -12.30 39.33 -53.20
N GLN E 66 -12.68 38.57 -52.19
CA GLN E 66 -13.07 39.14 -50.91
C GLN E 66 -11.93 38.96 -49.93
N PHE E 67 -11.12 37.94 -50.19
CA PHE E 67 -9.87 37.73 -49.47
C PHE E 67 -8.96 36.84 -50.30
N THR E 68 -7.66 36.86 -49.98
CA THR E 68 -6.70 36.01 -50.65
C THR E 68 -7.06 34.55 -50.41
N ALA E 69 -7.50 33.84 -51.44
CA ALA E 69 -8.11 32.54 -51.22
C ALA E 69 -7.58 31.35 -52.02
N MET E 70 -8.03 30.17 -51.63
CA MET E 70 -7.57 28.88 -52.13
C MET E 70 -8.36 28.41 -53.36
N ARG E 71 -8.37 29.21 -54.41
CA ARG E 71 -9.21 28.92 -55.58
C ARG E 71 -8.90 27.57 -56.22
N ASP E 72 -7.61 27.26 -56.34
CA ASP E 72 -7.15 26.15 -57.18
C ASP E 72 -7.44 24.74 -56.63
N LEU E 73 -7.69 24.66 -55.33
CA LEU E 73 -7.86 23.36 -54.67
C LEU E 73 -9.16 22.68 -55.09
N TYR E 74 -10.28 23.37 -54.90
CA TYR E 74 -11.57 22.81 -55.27
C TYR E 74 -11.76 22.76 -56.78
N MET E 75 -10.95 23.53 -57.51
CA MET E 75 -10.94 23.42 -58.96
C MET E 75 -10.25 22.11 -59.34
N LYS E 76 -9.15 21.81 -58.66
CA LYS E 76 -8.41 20.58 -58.91
C LYS E 76 -9.26 19.36 -58.61
N ASN E 77 -9.94 19.37 -57.47
CA ASN E 77 -10.71 18.19 -57.08
C ASN E 77 -12.14 18.16 -57.60
N GLY E 78 -12.67 19.32 -57.96
CA GLY E 78 -14.05 19.43 -58.43
C GLY E 78 -14.34 18.75 -59.74
N GLN E 79 -15.48 18.06 -59.80
CA GLN E 79 -15.86 17.28 -60.98
C GLN E 79 -16.89 18.02 -61.84
N GLY E 80 -17.64 18.92 -61.21
CA GLY E 80 -18.62 19.74 -61.91
C GLY E 80 -18.54 21.17 -61.40
N PHE E 81 -18.91 22.12 -62.25
CA PHE E 81 -18.81 23.52 -61.88
C PHE E 81 -20.04 24.30 -62.34
N ALA E 82 -20.58 25.12 -61.44
CA ALA E 82 -21.72 25.96 -61.77
C ALA E 82 -21.35 27.41 -61.54
N LEU E 83 -20.82 28.06 -62.57
CA LEU E 83 -20.44 29.46 -62.47
C LEU E 83 -21.70 30.31 -62.39
N VAL E 84 -21.74 31.26 -61.45
CA VAL E 84 -22.96 32.05 -61.25
C VAL E 84 -22.71 33.56 -61.38
N TYR E 85 -23.70 34.25 -61.94
CA TYR E 85 -23.65 35.71 -62.05
C TYR E 85 -25.03 36.34 -61.86
N SER E 86 -25.08 37.45 -61.13
CA SER E 86 -26.32 38.20 -60.95
C SER E 86 -26.58 39.04 -62.19
N ILE E 87 -27.80 38.98 -62.71
CA ILE E 87 -28.12 39.69 -63.94
C ILE E 87 -28.39 41.17 -63.67
N THR E 88 -28.21 41.58 -62.42
CA THR E 88 -28.38 42.98 -62.03
C THR E 88 -27.05 43.72 -62.11
N ALA E 89 -25.95 42.96 -62.19
CA ALA E 89 -24.62 43.54 -62.29
C ALA E 89 -23.79 42.94 -63.44
N GLN E 90 -23.50 43.76 -64.45
CA GLN E 90 -22.72 43.32 -65.60
C GLN E 90 -21.32 42.91 -65.18
N SER E 91 -20.76 43.59 -64.18
CA SER E 91 -19.40 43.30 -63.70
C SER E 91 -19.23 41.81 -63.37
N THR E 92 -20.13 41.29 -62.54
CA THR E 92 -20.12 39.88 -62.16
C THR E 92 -20.17 38.96 -63.39
N PHE E 93 -20.89 39.39 -64.43
CA PHE E 93 -20.97 38.63 -65.67
C PHE E 93 -19.66 38.69 -66.44
N ASN E 94 -18.95 39.81 -66.33
CA ASN E 94 -17.64 39.94 -66.94
C ASN E 94 -16.58 39.11 -66.21
N ASP E 95 -16.75 38.94 -64.89
CA ASP E 95 -15.73 38.33 -64.04
C ASP E 95 -15.60 36.82 -64.23
N LEU E 96 -16.49 36.22 -65.00
CA LEU E 96 -16.51 34.76 -65.14
C LEU E 96 -15.46 34.21 -66.11
N GLN E 97 -14.97 35.07 -67.02
CA GLN E 97 -14.06 34.64 -68.07
C GLN E 97 -12.74 34.06 -67.55
N ASP E 98 -12.04 34.83 -66.72
CA ASP E 98 -10.78 34.38 -66.16
C ASP E 98 -10.99 33.16 -65.27
N LEU E 99 -12.19 33.06 -64.69
CA LEU E 99 -12.55 31.93 -63.84
C LEU E 99 -12.61 30.64 -64.64
N ARG E 100 -13.42 30.64 -65.70
CA ARG E 100 -13.50 29.51 -66.62
C ARG E 100 -12.13 29.18 -67.21
N GLU E 101 -11.34 30.23 -67.49
CA GLU E 101 -9.99 30.05 -67.98
C GLU E 101 -9.16 29.25 -66.97
N GLN E 102 -9.26 29.61 -65.70
CA GLN E 102 -8.53 28.90 -64.65
C GLN E 102 -9.02 27.46 -64.50
N ILE E 103 -10.33 27.26 -64.64
CA ILE E 103 -10.90 25.91 -64.63
C ILE E 103 -10.24 25.05 -65.70
N LEU E 104 -10.27 25.53 -66.95
CA LEU E 104 -9.71 24.77 -68.07
C LEU E 104 -8.20 24.57 -67.95
N ARG E 105 -7.50 25.57 -67.42
CA ARG E 105 -6.06 25.48 -67.24
C ARG E 105 -5.70 24.43 -66.21
N VAL E 106 -6.39 24.43 -65.07
CA VAL E 106 -6.11 23.49 -63.99
C VAL E 106 -6.51 22.06 -64.35
N LYS E 107 -7.69 21.90 -64.96
CA LYS E 107 -8.15 20.59 -65.40
C LYS E 107 -7.34 20.09 -66.61
N ASP E 108 -6.65 21.02 -67.27
CA ASP E 108 -5.83 20.72 -68.44
C ASP E 108 -6.60 19.99 -69.53
N THR E 109 -7.84 20.42 -69.76
CA THR E 109 -8.67 19.80 -70.78
C THR E 109 -9.69 20.82 -71.30
N ASP E 110 -10.76 20.32 -71.91
CA ASP E 110 -11.78 21.19 -72.48
C ASP E 110 -13.18 20.60 -72.29
N ASP E 111 -13.24 19.30 -72.03
CA ASP E 111 -14.52 18.62 -71.83
C ASP E 111 -14.85 18.52 -70.35
N VAL E 112 -14.98 19.68 -69.70
CA VAL E 112 -15.26 19.75 -68.28
C VAL E 112 -16.74 20.03 -68.04
N PRO E 113 -17.38 19.24 -67.17
CA PRO E 113 -18.78 19.46 -66.79
C PRO E 113 -18.95 20.85 -66.17
N MET E 114 -19.68 21.72 -66.86
CA MET E 114 -19.77 23.11 -66.45
C MET E 114 -21.08 23.75 -66.91
N ILE E 115 -21.60 24.66 -66.10
CA ILE E 115 -22.84 25.35 -66.44
C ILE E 115 -22.77 26.84 -66.05
N LEU E 116 -23.26 27.69 -66.96
CA LEU E 116 -23.30 29.13 -66.75
C LEU E 116 -24.69 29.54 -66.27
N VAL E 117 -24.76 30.05 -65.05
CA VAL E 117 -26.04 30.37 -64.44
C VAL E 117 -26.21 31.87 -64.15
N GLY E 118 -27.20 32.48 -64.79
CA GLY E 118 -27.54 33.86 -64.54
C GLY E 118 -28.66 33.98 -63.52
N ASN E 119 -28.28 34.01 -62.24
CA ASN E 119 -29.24 34.05 -61.16
C ASN E 119 -30.06 35.35 -61.12
N LYS E 120 -31.09 35.36 -60.29
CA LYS E 120 -31.96 36.52 -60.09
C LYS E 120 -32.68 36.93 -61.37
N CYS E 121 -33.18 35.93 -62.10
CA CYS E 121 -33.93 36.18 -63.33
C CYS E 121 -35.39 36.49 -63.03
N ASP E 122 -35.68 36.80 -61.76
CA ASP E 122 -37.02 37.17 -61.34
C ASP E 122 -37.15 38.69 -61.25
N LEU E 123 -36.01 39.37 -61.39
CA LEU E 123 -35.98 40.83 -61.33
C LEU E 123 -35.77 41.41 -62.74
N GLU E 124 -36.77 41.22 -63.60
CA GLU E 124 -36.69 41.65 -64.99
C GLU E 124 -36.69 43.17 -65.11
N ASP E 125 -37.27 43.83 -64.12
CA ASP E 125 -37.32 45.30 -64.12
C ASP E 125 -35.96 45.88 -63.73
N GLU E 126 -35.09 45.03 -63.19
CA GLU E 126 -33.76 45.47 -62.75
C GLU E 126 -32.66 44.74 -63.50
N ARG E 127 -33.03 44.01 -64.56
CA ARG E 127 -32.06 43.27 -65.35
C ARG E 127 -31.11 44.19 -66.10
N VAL E 128 -29.84 43.81 -66.14
CA VAL E 128 -28.83 44.55 -66.88
C VAL E 128 -28.27 43.67 -67.98
N VAL E 129 -27.86 42.46 -67.59
CA VAL E 129 -27.35 41.48 -68.52
C VAL E 129 -28.49 40.79 -69.26
N GLY E 130 -28.53 40.96 -70.58
CA GLY E 130 -29.52 40.27 -71.38
C GLY E 130 -29.30 38.78 -71.34
N LYS E 131 -30.35 38.03 -71.67
CA LYS E 131 -30.25 36.58 -71.71
C LYS E 131 -29.37 36.15 -72.87
N GLU E 132 -29.45 36.91 -73.97
CA GLU E 132 -28.69 36.63 -75.18
C GLU E 132 -27.19 36.83 -74.97
N GLN E 133 -26.83 37.67 -74.00
CA GLN E 133 -25.43 37.88 -73.68
C GLN E 133 -24.87 36.59 -73.15
N GLY E 134 -25.45 36.12 -72.05
CA GLY E 134 -25.03 34.90 -71.40
C GLY E 134 -25.14 33.69 -72.31
N GLN E 135 -26.17 33.70 -73.17
CA GLN E 135 -26.36 32.62 -74.11
C GLN E 135 -25.24 32.59 -75.13
N ASN E 136 -24.92 33.75 -75.71
CA ASN E 136 -23.83 33.86 -76.67
C ASN E 136 -22.50 33.50 -76.02
N LEU E 137 -22.37 33.81 -74.73
CA LEU E 137 -21.16 33.48 -73.99
C LEU E 137 -21.04 31.99 -73.75
N ALA E 138 -22.16 31.33 -73.50
CA ALA E 138 -22.19 29.89 -73.33
C ALA E 138 -21.86 29.20 -74.66
N ARG E 139 -22.41 29.72 -75.75
CA ARG E 139 -22.10 29.23 -77.08
C ARG E 139 -20.61 29.41 -77.39
N GLN E 140 -20.07 30.53 -76.90
CA GLN E 140 -18.68 30.88 -77.13
C GLN E 140 -17.75 29.99 -76.29
N TRP E 141 -18.31 29.39 -75.24
CA TRP E 141 -17.55 28.47 -74.38
C TRP E 141 -17.84 27.02 -74.75
N ASN E 142 -17.77 26.72 -76.04
CA ASN E 142 -17.95 25.37 -76.55
C ASN E 142 -19.30 24.74 -76.20
N ASN E 143 -20.38 25.31 -76.74
CA ASN E 143 -21.74 24.82 -76.52
C ASN E 143 -22.05 24.56 -75.04
N CYS E 144 -21.61 25.47 -74.19
CA CYS E 144 -21.76 25.30 -72.75
C CYS E 144 -23.21 25.41 -72.31
N ALA E 145 -23.53 24.75 -71.19
CA ALA E 145 -24.88 24.76 -70.64
C ALA E 145 -25.17 26.08 -69.94
N PHE E 146 -26.32 26.68 -70.26
CA PHE E 146 -26.67 27.98 -69.72
C PHE E 146 -28.09 27.95 -69.16
N LEU E 147 -28.29 28.65 -68.05
CA LEU E 147 -29.60 28.75 -67.42
C LEU E 147 -29.78 30.06 -66.65
N GLU E 148 -30.90 30.73 -66.88
CA GLU E 148 -31.29 31.84 -66.03
C GLU E 148 -32.12 31.30 -64.87
N SER E 149 -31.68 31.59 -63.65
CA SER E 149 -32.27 30.97 -62.47
C SER E 149 -32.73 31.98 -61.43
N SER E 150 -33.59 31.52 -60.53
CA SER E 150 -34.11 32.36 -59.45
C SER E 150 -34.38 31.50 -58.22
N ALA E 151 -33.44 31.54 -57.27
CA ALA E 151 -33.57 30.77 -56.05
C ALA E 151 -34.73 31.28 -55.20
N LYS E 152 -35.11 32.54 -55.43
CA LYS E 152 -36.24 33.13 -54.72
C LYS E 152 -37.55 32.59 -55.26
N SER E 153 -37.65 32.51 -56.59
CA SER E 153 -38.87 32.08 -57.24
C SER E 153 -38.79 30.61 -57.67
N LYS E 154 -37.78 29.91 -57.17
CA LYS E 154 -37.58 28.49 -57.43
C LYS E 154 -37.56 28.17 -58.92
N ILE E 155 -36.77 28.91 -59.68
CA ILE E 155 -36.70 28.73 -61.13
C ILE E 155 -35.38 28.11 -61.55
N ASN E 156 -35.46 26.93 -62.16
CA ASN E 156 -34.27 26.21 -62.64
C ASN E 156 -33.19 26.06 -61.58
N VAL E 157 -33.60 25.85 -60.33
CA VAL E 157 -32.66 25.69 -59.21
C VAL E 157 -32.02 24.31 -59.22
N ASN E 158 -32.85 23.29 -59.43
CA ASN E 158 -32.37 21.91 -59.41
C ASN E 158 -31.74 21.48 -60.73
N GLU E 159 -32.25 22.04 -61.82
CA GLU E 159 -31.78 21.71 -63.18
C GLU E 159 -30.29 22.01 -63.37
N ILE E 160 -29.77 22.93 -62.58
CA ILE E 160 -28.34 23.26 -62.59
C ILE E 160 -27.52 22.03 -62.23
N PHE E 161 -27.62 21.64 -60.96
CA PHE E 161 -26.89 20.51 -60.42
C PHE E 161 -27.23 19.23 -61.17
N TYR E 162 -28.50 19.11 -61.56
CA TYR E 162 -28.96 17.97 -62.37
C TYR E 162 -28.14 17.87 -63.65
N ASP E 163 -28.13 18.94 -64.43
CA ASP E 163 -27.44 18.92 -65.71
C ASP E 163 -25.94 18.75 -65.53
N LEU E 164 -25.43 19.22 -64.39
CA LEU E 164 -24.03 18.98 -64.06
C LEU E 164 -23.75 17.49 -63.89
N VAL E 165 -24.63 16.82 -63.14
CA VAL E 165 -24.50 15.37 -62.94
C VAL E 165 -24.63 14.61 -64.26
N ARG E 166 -25.58 15.03 -65.08
CA ARG E 166 -25.79 14.42 -66.39
C ARG E 166 -24.60 14.66 -67.32
N GLN E 167 -23.86 15.74 -67.07
CA GLN E 167 -22.68 16.06 -67.88
C GLN E 167 -21.46 15.26 -67.43
N ILE E 168 -21.34 15.05 -66.12
CA ILE E 168 -20.24 14.27 -65.58
C ILE E 168 -20.24 12.84 -66.15
N ASN E 169 -21.43 12.27 -66.27
CA ASN E 169 -21.58 10.91 -66.78
C ASN E 169 -21.61 10.86 -68.30
N SER E 170 -21.47 12.01 -68.93
CA SER E 170 -21.51 12.11 -70.38
C SER E 170 -20.11 12.02 -70.99
N GLY E 171 -20.04 12.15 -72.31
CA GLY E 171 -18.76 12.08 -73.02
C GLY E 171 -18.40 13.40 -73.67
N ARG F 5 33.01 -46.88 20.99
CA ARG F 5 33.71 -46.70 19.73
C ARG F 5 32.82 -45.96 18.73
N GLU F 6 33.19 -44.72 18.41
CA GLU F 6 32.39 -43.90 17.51
C GLU F 6 32.86 -44.02 16.06
N TYR F 7 31.91 -44.00 15.14
CA TYR F 7 32.20 -44.12 13.72
C TYR F 7 31.76 -42.88 12.95
N LYS F 8 32.69 -42.30 12.18
CA LYS F 8 32.40 -41.15 11.33
C LYS F 8 31.91 -41.61 9.97
N LEU F 9 30.63 -41.42 9.70
CA LEU F 9 30.07 -41.77 8.39
C LEU F 9 29.73 -40.50 7.59
N VAL F 10 29.85 -40.58 6.27
CA VAL F 10 29.57 -39.45 5.39
C VAL F 10 28.75 -39.89 4.18
N VAL F 11 27.76 -39.10 3.80
CA VAL F 11 26.94 -39.42 2.64
C VAL F 11 27.16 -38.46 1.47
N LEU F 12 27.73 -38.97 0.38
CA LEU F 12 28.07 -38.15 -0.78
C LEU F 12 27.22 -38.47 -2.00
N GLY F 13 26.85 -37.44 -2.75
CA GLY F 13 26.09 -37.63 -3.97
C GLY F 13 25.63 -36.34 -4.63
N SER F 14 25.07 -36.47 -5.84
CA SER F 14 24.54 -35.32 -6.57
C SER F 14 23.22 -34.84 -5.96
N GLY F 15 22.60 -33.87 -6.61
CA GLY F 15 21.40 -33.24 -6.07
C GLY F 15 20.17 -34.10 -6.11
N GLY F 16 19.40 -34.08 -5.03
CA GLY F 16 18.10 -34.72 -4.97
C GLY F 16 18.08 -36.23 -5.13
N VAL F 17 19.22 -36.87 -4.90
CA VAL F 17 19.31 -38.32 -4.99
C VAL F 17 18.76 -39.00 -3.74
N GLY F 18 18.36 -38.21 -2.77
CA GLY F 18 17.80 -38.75 -1.54
C GLY F 18 18.85 -39.22 -0.56
N LYS F 19 19.83 -38.36 -0.28
CA LYS F 19 20.82 -38.64 0.76
C LYS F 19 20.21 -38.33 2.12
N SER F 20 19.62 -37.14 2.22
CA SER F 20 18.94 -36.72 3.45
C SER F 20 17.77 -37.65 3.72
N ALA F 21 17.11 -38.07 2.65
CA ALA F 21 16.00 -39.00 2.74
C ALA F 21 16.43 -40.29 3.42
N LEU F 22 17.53 -40.88 2.93
CA LEU F 22 18.09 -42.08 3.54
C LEU F 22 18.45 -41.84 5.00
N THR F 23 19.08 -40.70 5.27
CA THR F 23 19.57 -40.43 6.61
C THR F 23 18.43 -40.28 7.63
N VAL F 24 17.35 -39.61 7.25
CA VAL F 24 16.21 -39.47 8.14
C VAL F 24 15.38 -40.76 8.22
N GLN F 25 15.38 -41.52 7.13
CA GLN F 25 14.71 -42.82 7.14
C GLN F 25 15.39 -43.76 8.11
N PHE F 26 16.70 -43.63 8.25
CA PHE F 26 17.46 -44.48 9.16
C PHE F 26 17.42 -43.98 10.60
N VAL F 27 17.72 -42.70 10.77
CA VAL F 27 17.84 -42.11 12.10
C VAL F 27 16.50 -41.87 12.78
N GLN F 28 15.49 -41.51 12.00
CA GLN F 28 14.18 -41.17 12.56
C GLN F 28 13.13 -42.22 12.23
N GLY F 29 13.32 -42.90 11.11
CA GLY F 29 12.41 -43.96 10.69
C GLY F 29 11.18 -43.41 10.00
N ILE F 30 11.29 -42.19 9.49
CA ILE F 30 10.16 -41.53 8.85
C ILE F 30 10.54 -40.89 7.52
N PHE F 31 9.70 -41.08 6.52
CA PHE F 31 9.93 -40.49 5.20
C PHE F 31 8.88 -39.42 4.91
N VAL F 32 9.30 -38.31 4.33
CA VAL F 32 8.38 -37.21 4.01
C VAL F 32 8.68 -36.65 2.63
N GLU F 33 7.63 -36.49 1.82
CA GLU F 33 7.76 -35.86 0.52
C GLU F 33 8.01 -34.36 0.68
N LYS F 34 9.26 -34.01 1.00
CA LYS F 34 9.67 -32.62 1.14
C LYS F 34 10.78 -32.32 0.15
N TYR F 35 11.00 -31.04 -0.13
CA TYR F 35 12.01 -30.65 -1.10
C TYR F 35 12.93 -29.55 -0.53
N ASP F 36 13.81 -29.94 0.39
CA ASP F 36 14.67 -28.99 1.07
C ASP F 36 16.15 -29.34 0.86
N PRO F 37 16.87 -28.50 0.11
CA PRO F 37 18.30 -28.66 -0.13
C PRO F 37 19.10 -28.72 1.16
N THR F 38 20.03 -29.67 1.22
CA THR F 38 20.90 -29.86 2.36
C THR F 38 22.23 -29.15 2.12
N ILE F 39 22.76 -28.52 3.16
CA ILE F 39 24.05 -27.87 3.08
C ILE F 39 25.03 -28.59 3.99
N GLU F 40 24.65 -28.70 5.26
CA GLU F 40 25.48 -29.36 6.27
C GLU F 40 24.58 -29.88 7.39
N ASP F 41 24.54 -31.20 7.57
CA ASP F 41 23.76 -31.80 8.65
C ASP F 41 24.51 -32.90 9.38
N SER F 42 24.93 -32.58 10.61
CA SER F 42 25.62 -33.53 11.47
C SER F 42 24.62 -34.28 12.34
N TYR F 43 24.23 -35.47 11.88
CA TYR F 43 23.36 -36.36 12.63
C TYR F 43 24.19 -37.25 13.55
N ARG F 44 23.51 -37.87 14.52
CA ARG F 44 24.14 -38.84 15.40
C ARG F 44 23.13 -39.87 15.88
N LYS F 45 23.58 -41.10 16.12
CA LYS F 45 22.71 -42.17 16.56
C LYS F 45 23.50 -43.32 17.17
N GLN F 46 23.05 -43.80 18.32
CA GLN F 46 23.64 -44.99 18.93
C GLN F 46 22.94 -46.23 18.39
N VAL F 47 23.66 -47.02 17.61
CA VAL F 47 23.07 -48.17 16.94
C VAL F 47 23.86 -49.45 17.22
N GLU F 48 23.16 -50.59 17.23
CA GLU F 48 23.80 -51.88 17.53
C GLU F 48 24.13 -52.67 16.26
N VAL F 49 25.40 -53.07 16.14
CA VAL F 49 25.85 -53.87 15.01
C VAL F 49 26.75 -54.99 15.51
N ASP F 50 26.58 -56.19 14.95
CA ASP F 50 27.37 -57.36 15.32
C ASP F 50 27.38 -57.60 16.83
N ALA F 51 26.21 -57.48 17.44
CA ALA F 51 26.05 -57.62 18.89
C ALA F 51 26.97 -56.67 19.67
N GLN F 52 27.05 -55.43 19.20
CA GLN F 52 27.84 -54.42 19.89
C GLN F 52 27.21 -53.03 19.78
N GLN F 53 27.28 -52.25 20.85
CA GLN F 53 26.72 -50.90 20.86
C GLN F 53 27.72 -49.89 20.32
N CYS F 54 27.39 -49.28 19.18
CA CYS F 54 28.28 -48.35 18.50
C CYS F 54 27.68 -46.95 18.39
N MET F 55 28.54 -45.96 18.22
CA MET F 55 28.11 -44.56 18.16
C MET F 55 28.35 -43.93 16.80
N LEU F 56 27.33 -43.95 15.94
CA LEU F 56 27.46 -43.41 14.59
C LEU F 56 27.23 -41.90 14.55
N GLU F 57 28.12 -41.18 13.88
CA GLU F 57 27.87 -39.78 13.56
C GLU F 57 27.84 -39.60 12.04
N ILE F 58 26.67 -39.21 11.54
CA ILE F 58 26.41 -39.25 10.11
C ILE F 58 26.36 -37.84 9.49
N LEU F 59 27.29 -37.56 8.58
CA LEU F 59 27.32 -36.29 7.87
C LEU F 59 26.55 -36.34 6.57
N ASP F 60 25.40 -35.68 6.56
CA ASP F 60 24.58 -35.57 5.36
C ASP F 60 25.07 -34.36 4.57
N THR F 61 25.84 -34.62 3.53
CA THR F 61 26.49 -33.56 2.76
C THR F 61 25.58 -32.95 1.72
N ALA F 62 26.11 -31.99 0.97
CA ALA F 62 25.33 -31.27 -0.02
C ALA F 62 25.44 -31.88 -1.41
N GLY F 63 24.70 -31.32 -2.36
CA GLY F 63 24.80 -31.71 -3.75
C GLY F 63 26.18 -31.36 -4.29
N THR F 64 26.58 -32.00 -5.37
CA THR F 64 27.96 -31.89 -5.85
C THR F 64 28.40 -30.45 -6.11
N GLU F 65 27.84 -29.83 -7.14
CA GLU F 65 28.17 -28.44 -7.43
C GLU F 65 26.95 -27.54 -7.36
N GLN F 66 26.30 -27.50 -6.20
CA GLN F 66 25.26 -26.54 -5.97
C GLN F 66 25.93 -25.25 -5.52
N PHE F 67 27.14 -25.41 -4.99
CA PHE F 67 27.95 -24.32 -4.48
C PHE F 67 29.35 -24.85 -4.14
N THR F 68 30.35 -23.97 -4.13
CA THR F 68 31.72 -24.39 -3.94
C THR F 68 32.01 -24.62 -2.46
N ALA F 69 32.29 -25.87 -2.10
CA ALA F 69 32.30 -26.26 -0.69
C ALA F 69 33.59 -26.91 -0.17
N MET F 70 33.49 -27.50 1.01
CA MET F 70 34.65 -28.07 1.72
C MET F 70 34.83 -29.55 1.39
N ARG F 71 34.75 -29.88 0.10
CA ARG F 71 34.75 -31.26 -0.35
C ARG F 71 35.84 -32.14 0.28
N ASP F 72 37.02 -31.55 0.51
CA ASP F 72 38.19 -32.31 0.95
C ASP F 72 38.22 -32.61 2.45
N LEU F 73 37.69 -31.69 3.25
CA LEU F 73 37.67 -31.83 4.71
C LEU F 73 37.06 -33.16 5.14
N TYR F 74 35.80 -33.37 4.77
CA TYR F 74 35.11 -34.55 5.21
C TYR F 74 35.57 -35.83 4.50
N MET F 75 36.11 -35.67 3.30
CA MET F 75 36.68 -36.82 2.61
C MET F 75 37.93 -37.30 3.33
N LYS F 76 38.67 -36.38 3.93
CA LYS F 76 39.79 -36.77 4.78
C LYS F 76 39.27 -37.40 6.07
N ASN F 77 38.29 -36.74 6.68
CA ASN F 77 37.83 -37.14 8.01
C ASN F 77 36.98 -38.40 8.07
N GLY F 78 36.05 -38.53 7.12
CA GLY F 78 35.11 -39.64 7.13
C GLY F 78 35.78 -41.01 7.05
N GLN F 79 35.46 -41.88 8.00
CA GLN F 79 35.97 -43.24 7.99
C GLN F 79 35.33 -44.03 6.86
N GLY F 80 34.00 -43.98 6.79
CA GLY F 80 33.27 -44.64 5.73
C GLY F 80 32.62 -43.63 4.82
N PHE F 81 32.20 -44.10 3.63
CA PHE F 81 31.55 -43.22 2.67
C PHE F 81 30.42 -43.93 1.95
N ALA F 82 29.27 -43.28 1.88
CA ALA F 82 28.13 -43.82 1.18
C ALA F 82 27.86 -42.99 -0.07
N LEU F 83 28.40 -43.43 -1.20
CA LEU F 83 28.16 -42.73 -2.46
C LEU F 83 26.76 -43.04 -2.95
N VAL F 84 26.02 -42.01 -3.30
CA VAL F 84 24.61 -42.19 -3.64
C VAL F 84 24.25 -41.60 -5.00
N TYR F 85 23.44 -42.33 -5.75
CA TYR F 85 22.88 -41.81 -7.00
C TYR F 85 21.39 -42.15 -7.12
N SER F 86 20.67 -41.37 -7.93
CA SER F 86 19.27 -41.66 -8.20
C SER F 86 19.15 -42.48 -9.48
N ILE F 87 18.06 -43.22 -9.60
CA ILE F 87 17.81 -43.97 -10.83
C ILE F 87 16.65 -43.34 -11.60
N THR F 88 16.33 -42.10 -11.20
CA THR F 88 15.32 -41.30 -11.89
C THR F 88 15.99 -40.38 -12.91
N ALA F 89 17.25 -40.05 -12.66
CA ALA F 89 18.05 -39.25 -13.57
C ALA F 89 19.39 -39.93 -13.85
N GLN F 90 19.75 -40.01 -15.14
CA GLN F 90 20.96 -40.71 -15.56
C GLN F 90 22.27 -40.08 -15.06
N SER F 91 22.37 -38.77 -15.18
CA SER F 91 23.62 -38.05 -14.89
C SER F 91 24.17 -38.35 -13.50
N THR F 92 23.28 -38.41 -12.51
CA THR F 92 23.67 -38.66 -11.12
C THR F 92 24.52 -39.92 -10.96
N PHE F 93 24.36 -40.86 -11.89
CA PHE F 93 25.16 -42.09 -11.88
C PHE F 93 26.55 -41.85 -12.47
N ASN F 94 26.62 -40.95 -13.44
CA ASN F 94 27.90 -40.63 -14.09
C ASN F 94 28.72 -39.63 -13.29
N ASP F 95 28.14 -39.10 -12.22
CA ASP F 95 28.80 -38.07 -11.42
C ASP F 95 29.60 -38.65 -10.27
N LEU F 96 29.61 -39.97 -10.16
CA LEU F 96 30.22 -40.61 -8.99
C LEU F 96 31.68 -40.98 -9.20
N GLN F 97 32.14 -40.95 -10.45
CA GLN F 97 33.54 -41.16 -10.76
C GLN F 97 34.40 -40.11 -10.08
N ASP F 98 34.00 -38.84 -10.23
CA ASP F 98 34.69 -37.72 -9.60
C ASP F 98 34.82 -37.91 -8.10
N LEU F 99 33.72 -38.30 -7.47
CA LEU F 99 33.71 -38.50 -6.03
C LEU F 99 34.64 -39.64 -5.64
N ARG F 100 34.57 -40.75 -6.36
CA ARG F 100 35.47 -41.89 -6.10
C ARG F 100 36.93 -41.47 -6.16
N GLU F 101 37.32 -40.90 -7.29
CA GLU F 101 38.69 -40.44 -7.51
C GLU F 101 39.13 -39.42 -6.45
N GLN F 102 38.21 -38.55 -6.03
CA GLN F 102 38.55 -37.52 -5.06
C GLN F 102 38.75 -38.11 -3.67
N ILE F 103 37.89 -39.06 -3.30
CA ILE F 103 37.98 -39.68 -1.99
C ILE F 103 39.28 -40.46 -1.90
N LEU F 104 39.55 -41.26 -2.92
CA LEU F 104 40.80 -42.03 -2.93
C LEU F 104 42.02 -41.12 -2.91
N ARG F 105 41.99 -40.06 -3.73
CA ARG F 105 43.10 -39.13 -3.83
C ARG F 105 43.38 -38.41 -2.52
N VAL F 106 42.31 -38.05 -1.80
CA VAL F 106 42.45 -37.34 -0.54
C VAL F 106 42.91 -38.29 0.58
N LYS F 107 42.30 -39.45 0.61
CA LYS F 107 42.62 -40.45 1.63
C LYS F 107 44.00 -41.07 1.42
N ASP F 108 44.47 -41.01 0.18
CA ASP F 108 45.76 -41.57 -0.21
C ASP F 108 45.82 -43.08 0.04
N THR F 109 44.71 -43.76 -0.22
CA THR F 109 44.65 -45.21 -0.08
C THR F 109 43.44 -45.77 -0.83
N ASP F 110 43.47 -47.08 -1.08
CA ASP F 110 42.39 -47.75 -1.79
C ASP F 110 41.50 -48.52 -0.81
N ASP F 111 42.00 -48.73 0.39
CA ASP F 111 41.25 -49.45 1.41
C ASP F 111 40.42 -48.49 2.26
N VAL F 112 39.45 -47.86 1.61
CA VAL F 112 38.54 -46.94 2.29
C VAL F 112 37.12 -47.50 2.27
N PRO F 113 36.52 -47.66 3.46
CA PRO F 113 35.14 -48.14 3.62
C PRO F 113 34.18 -47.38 2.69
N MET F 114 33.77 -48.04 1.61
CA MET F 114 32.98 -47.39 0.58
C MET F 114 31.73 -48.21 0.29
N ILE F 115 30.68 -47.54 -0.16
CA ILE F 115 29.48 -48.24 -0.62
C ILE F 115 28.70 -47.42 -1.66
N LEU F 116 28.39 -48.06 -2.78
CA LEU F 116 27.66 -47.42 -3.87
C LEU F 116 26.18 -47.73 -3.80
N VAL F 117 25.35 -46.70 -3.73
CA VAL F 117 23.92 -46.87 -3.51
C VAL F 117 23.05 -46.19 -4.57
N GLY F 118 22.21 -46.98 -5.24
CA GLY F 118 21.26 -46.46 -6.20
C GLY F 118 19.88 -46.32 -5.60
N ASN F 119 19.54 -45.10 -5.18
CA ASN F 119 18.29 -44.86 -4.47
C ASN F 119 17.07 -44.86 -5.38
N LYS F 120 15.90 -44.84 -4.76
CA LYS F 120 14.61 -44.76 -5.46
C LYS F 120 14.33 -45.96 -6.37
N CYS F 121 14.50 -47.16 -5.84
CA CYS F 121 14.24 -48.37 -6.61
C CYS F 121 12.74 -48.68 -6.70
N ASP F 122 11.93 -47.77 -6.18
CA ASP F 122 10.48 -47.93 -6.18
C ASP F 122 9.89 -47.58 -7.54
N LEU F 123 10.36 -46.48 -8.11
CA LEU F 123 9.89 -46.02 -9.42
C LEU F 123 10.52 -46.87 -10.52
N GLU F 124 10.07 -48.12 -10.63
CA GLU F 124 10.64 -49.05 -11.59
C GLU F 124 10.29 -48.63 -13.02
N ASP F 125 9.13 -47.99 -13.18
CA ASP F 125 8.65 -47.59 -14.50
C ASP F 125 9.27 -46.27 -14.95
N GLU F 126 10.13 -45.72 -14.11
CA GLU F 126 10.87 -44.51 -14.46
C GLU F 126 12.37 -44.72 -14.35
N ARG F 127 12.77 -45.99 -14.22
CA ARG F 127 14.18 -46.30 -14.06
C ARG F 127 14.97 -45.96 -15.32
N VAL F 128 16.04 -45.19 -15.15
CA VAL F 128 16.92 -44.85 -16.26
C VAL F 128 18.25 -45.59 -16.11
N VAL F 129 18.72 -45.71 -14.87
CA VAL F 129 19.97 -46.42 -14.58
C VAL F 129 19.67 -47.86 -14.16
N GLY F 130 20.21 -48.81 -14.92
CA GLY F 130 19.99 -50.22 -14.62
C GLY F 130 20.73 -50.67 -13.37
N LYS F 131 20.28 -51.77 -12.79
CA LYS F 131 20.91 -52.31 -11.59
C LYS F 131 22.22 -53.00 -11.94
N GLU F 132 22.22 -53.72 -13.06
CA GLU F 132 23.42 -54.43 -13.52
C GLU F 132 24.56 -53.47 -13.82
N GLN F 133 24.21 -52.29 -14.33
CA GLN F 133 25.18 -51.24 -14.61
C GLN F 133 25.88 -50.78 -13.34
N GLY F 134 25.08 -50.43 -12.34
CA GLY F 134 25.60 -49.99 -11.05
C GLY F 134 26.39 -51.09 -10.36
N GLN F 135 25.97 -52.33 -10.57
CA GLN F 135 26.70 -53.48 -10.04
C GLN F 135 28.07 -53.57 -10.72
N ASN F 136 28.11 -53.28 -12.02
CA ASN F 136 29.37 -53.26 -12.75
C ASN F 136 30.30 -52.17 -12.24
N LEU F 137 29.75 -50.99 -11.98
CA LEU F 137 30.53 -49.91 -11.36
C LEU F 137 31.02 -50.34 -9.98
N ALA F 138 30.20 -51.12 -9.29
CA ALA F 138 30.54 -51.62 -7.96
C ALA F 138 31.71 -52.59 -8.05
N ARG F 139 31.77 -53.36 -9.13
CA ARG F 139 32.82 -54.34 -9.31
C ARG F 139 34.11 -53.69 -9.84
N GLN F 140 33.97 -52.54 -10.49
CA GLN F 140 35.13 -51.79 -10.96
C GLN F 140 35.99 -51.32 -9.79
N TRP F 141 35.34 -51.03 -8.67
CA TRP F 141 36.03 -50.57 -7.47
C TRP F 141 36.48 -51.76 -6.62
N ASN F 142 37.33 -52.61 -7.20
CA ASN F 142 37.83 -53.83 -6.55
C ASN F 142 36.78 -54.59 -5.76
N ASN F 143 35.68 -54.94 -6.43
CA ASN F 143 34.55 -55.60 -5.79
C ASN F 143 34.02 -54.81 -4.60
N CYS F 144 33.61 -53.58 -4.86
CA CYS F 144 33.06 -52.72 -3.82
C CYS F 144 31.62 -53.13 -3.49
N ALA F 145 30.99 -52.39 -2.60
CA ALA F 145 29.65 -52.72 -2.14
C ALA F 145 28.56 -51.98 -2.89
N PHE F 146 27.43 -52.64 -3.09
CA PHE F 146 26.29 -52.05 -3.78
C PHE F 146 24.97 -52.61 -3.27
N LEU F 147 24.07 -51.71 -2.90
CA LEU F 147 22.74 -52.10 -2.46
C LEU F 147 21.72 -51.09 -2.97
N GLU F 148 20.94 -51.49 -3.96
CA GLU F 148 19.90 -50.62 -4.52
C GLU F 148 18.87 -50.34 -3.44
N SER F 149 18.68 -49.07 -3.12
CA SER F 149 17.88 -48.70 -1.96
C SER F 149 16.58 -47.96 -2.30
N SER F 150 15.74 -47.82 -1.27
CA SER F 150 14.54 -46.99 -1.36
C SER F 150 14.17 -46.53 0.03
N ALA F 151 14.49 -45.27 0.33
CA ALA F 151 14.21 -44.69 1.63
C ALA F 151 12.71 -44.59 1.92
N LYS F 152 11.91 -44.71 0.86
CA LYS F 152 10.46 -44.59 0.97
C LYS F 152 9.82 -45.90 1.42
N SER F 153 10.57 -47.00 1.32
CA SER F 153 10.04 -48.31 1.68
C SER F 153 10.96 -49.06 2.63
N LYS F 154 11.95 -48.36 3.16
CA LYS F 154 12.90 -48.92 4.12
C LYS F 154 13.63 -50.14 3.59
N ILE F 155 13.97 -50.11 2.29
CA ILE F 155 14.68 -51.22 1.67
C ILE F 155 16.20 -51.03 1.74
N ASN F 156 16.86 -51.91 2.48
CA ASN F 156 18.30 -51.87 2.68
C ASN F 156 18.83 -50.55 3.27
N VAL F 157 17.93 -49.72 3.77
CA VAL F 157 18.30 -48.41 4.29
C VAL F 157 19.26 -48.51 5.46
N ASN F 158 18.96 -49.38 6.42
CA ASN F 158 19.81 -49.56 7.59
C ASN F 158 21.08 -50.35 7.25
N GLU F 159 20.97 -51.20 6.24
CA GLU F 159 22.09 -52.03 5.80
C GLU F 159 23.23 -51.20 5.23
N ILE F 160 22.92 -49.98 4.80
CA ILE F 160 23.94 -49.07 4.30
C ILE F 160 24.95 -48.77 5.40
N PHE F 161 24.43 -48.24 6.51
CA PHE F 161 25.28 -47.83 7.61
C PHE F 161 25.82 -49.03 8.38
N TYR F 162 25.01 -50.09 8.44
CA TYR F 162 25.43 -51.32 9.10
C TYR F 162 26.63 -51.94 8.39
N ASP F 163 26.52 -52.08 7.08
CA ASP F 163 27.63 -52.61 6.29
C ASP F 163 28.78 -51.61 6.22
N LEU F 164 28.48 -50.34 6.45
CA LEU F 164 29.54 -49.34 6.55
C LEU F 164 30.41 -49.62 7.77
N VAL F 165 29.76 -49.88 8.91
CA VAL F 165 30.49 -50.21 10.13
C VAL F 165 31.22 -51.55 9.98
N ARG F 166 30.52 -52.53 9.41
CA ARG F 166 31.10 -53.86 9.19
C ARG F 166 32.32 -53.79 8.26
N GLN F 167 32.34 -52.79 7.39
CA GLN F 167 33.48 -52.56 6.52
C GLN F 167 34.61 -51.88 7.27
N ILE F 168 34.27 -50.83 8.00
CA ILE F 168 35.24 -50.08 8.79
C ILE F 168 36.01 -50.99 9.74
N ASN F 169 35.29 -51.91 10.38
CA ASN F 169 35.94 -52.92 11.21
C ASN F 169 36.92 -53.77 10.39
N SER F 170 36.37 -54.61 9.51
CA SER F 170 37.19 -55.47 8.66
C SER F 170 37.99 -54.65 7.66
N MET G 4 30.15 -35.04 51.85
CA MET G 4 29.64 -33.69 52.04
C MET G 4 28.11 -33.67 52.05
N ARG G 5 27.54 -33.60 53.25
CA ARG G 5 26.08 -33.59 53.41
C ARG G 5 25.48 -32.23 53.05
N GLU G 6 24.16 -32.14 53.10
CA GLU G 6 23.45 -30.91 52.76
C GLU G 6 22.77 -30.28 53.97
N TYR G 7 23.08 -29.01 54.23
CA TYR G 7 22.49 -28.29 55.35
C TYR G 7 21.77 -27.02 54.91
N LYS G 8 20.56 -26.80 55.43
CA LYS G 8 19.81 -25.58 55.15
C LYS G 8 19.97 -24.54 56.26
N LEU G 9 20.44 -23.36 55.90
CA LEU G 9 20.61 -22.29 56.87
C LEU G 9 19.90 -21.02 56.43
N VAL G 10 19.03 -20.48 57.29
CA VAL G 10 18.23 -19.31 56.96
C VAL G 10 18.67 -18.07 57.73
N VAL G 11 18.96 -16.99 57.02
CA VAL G 11 19.33 -15.73 57.66
C VAL G 11 18.14 -14.79 57.80
N LEU G 12 17.78 -14.47 59.04
CA LEU G 12 16.65 -13.59 59.32
C LEU G 12 17.12 -12.26 59.90
N GLY G 13 16.21 -11.30 59.95
CA GLY G 13 16.51 -10.00 60.53
C GLY G 13 15.75 -8.87 59.87
N SER G 14 15.76 -7.71 60.51
CA SER G 14 15.06 -6.53 59.97
C SER G 14 15.78 -5.94 58.77
N GLY G 15 15.18 -4.92 58.17
CA GLY G 15 15.71 -4.34 56.95
C GLY G 15 16.99 -3.54 57.15
N GLY G 16 18.06 -3.96 56.49
CA GLY G 16 19.31 -3.22 56.51
C GLY G 16 20.23 -3.56 57.66
N VAL G 17 19.95 -4.66 58.34
CA VAL G 17 20.78 -5.07 59.47
C VAL G 17 22.11 -5.65 59.03
N GLY G 18 22.18 -6.08 57.77
CA GLY G 18 23.42 -6.59 57.20
C GLY G 18 23.40 -8.06 56.84
N LYS G 19 22.22 -8.60 56.54
CA LYS G 19 22.09 -10.01 56.18
C LYS G 19 22.83 -10.30 54.87
N SER G 20 22.44 -9.57 53.82
CA SER G 20 23.00 -9.78 52.50
C SER G 20 24.50 -9.50 52.47
N ALA G 21 24.94 -8.46 53.18
CA ALA G 21 26.35 -8.12 53.24
C ALA G 21 27.15 -9.24 53.89
N LEU G 22 26.60 -9.82 54.97
CA LEU G 22 27.24 -10.94 55.64
C LEU G 22 27.33 -12.14 54.71
N THR G 23 26.24 -12.43 54.01
CA THR G 23 26.20 -13.58 53.11
C THR G 23 27.18 -13.44 51.93
N VAL G 24 27.29 -12.24 51.36
CA VAL G 24 28.20 -12.02 50.25
C VAL G 24 29.66 -11.95 50.68
N GLN G 25 29.89 -11.47 51.91
CA GLN G 25 31.24 -11.46 52.47
C GLN G 25 31.67 -12.87 52.80
N PHE G 26 30.70 -13.74 53.10
CA PHE G 26 30.98 -15.12 53.46
C PHE G 26 31.17 -16.03 52.25
N VAL G 27 30.37 -15.81 51.22
CA VAL G 27 30.35 -16.69 50.05
C VAL G 27 31.32 -16.23 48.96
N GLN G 28 31.38 -14.93 48.73
CA GLN G 28 32.27 -14.39 47.72
C GLN G 28 33.54 -13.82 48.35
N GLY G 29 33.36 -12.96 49.35
CA GLY G 29 34.49 -12.37 50.04
C GLY G 29 34.51 -10.86 49.91
N ILE G 30 33.71 -10.33 48.98
CA ILE G 30 33.69 -8.91 48.70
C ILE G 30 32.67 -8.16 49.58
N PHE G 31 33.05 -6.98 50.05
CA PHE G 31 32.15 -6.13 50.81
C PHE G 31 32.00 -4.75 50.16
N VAL G 32 30.83 -4.51 49.58
CA VAL G 32 30.57 -3.24 48.90
C VAL G 32 29.45 -2.47 49.59
N GLU G 33 29.69 -1.20 49.86
CA GLU G 33 28.66 -0.31 50.41
C GLU G 33 27.63 -0.02 49.33
N LYS G 34 26.76 -0.97 49.07
CA LYS G 34 25.70 -0.81 48.08
C LYS G 34 24.33 -0.76 48.75
N TYR G 35 23.30 -0.46 47.97
CA TYR G 35 21.95 -0.36 48.51
C TYR G 35 20.93 -1.02 47.61
N ASP G 36 20.97 -2.35 47.58
CA ASP G 36 20.07 -3.13 46.75
C ASP G 36 19.23 -4.03 47.65
N PRO G 37 17.97 -3.64 47.89
CA PRO G 37 17.06 -4.38 48.78
C PRO G 37 16.87 -5.82 48.32
N THR G 38 16.86 -6.76 49.27
CA THR G 38 16.78 -8.18 48.96
C THR G 38 15.36 -8.68 49.06
N ILE G 39 14.97 -9.56 48.15
CA ILE G 39 13.68 -10.22 48.26
C ILE G 39 13.86 -11.67 48.66
N GLU G 40 14.63 -12.40 47.87
CA GLU G 40 14.87 -13.81 48.12
C GLU G 40 16.12 -14.23 47.35
N ASP G 41 17.13 -14.72 48.07
CA ASP G 41 18.38 -15.11 47.44
C ASP G 41 18.92 -16.43 47.99
N SER G 42 18.98 -17.42 47.11
CA SER G 42 19.42 -18.76 47.50
C SER G 42 20.88 -19.03 47.16
N TYR G 43 21.75 -18.85 48.15
CA TYR G 43 23.18 -19.12 48.00
C TYR G 43 23.50 -20.57 48.36
N ARG G 44 24.62 -21.06 47.83
CA ARG G 44 25.11 -22.40 48.17
C ARG G 44 26.62 -22.47 48.03
N LYS G 45 27.27 -23.03 49.05
CA LYS G 45 28.73 -23.12 49.05
C LYS G 45 29.21 -24.26 49.95
N GLN G 46 30.24 -24.97 49.52
CA GLN G 46 30.82 -26.03 50.32
C GLN G 46 31.97 -25.50 51.17
N VAL G 47 32.08 -25.99 52.40
CA VAL G 47 33.12 -25.52 53.31
C VAL G 47 33.49 -26.59 54.33
N GLU G 48 34.77 -26.67 54.69
CA GLU G 48 35.23 -27.69 55.61
C GLU G 48 35.11 -27.25 57.07
N VAL G 49 34.49 -28.11 57.88
CA VAL G 49 34.32 -27.85 59.31
C VAL G 49 34.76 -29.07 60.11
N ASP G 50 35.70 -28.86 61.03
CA ASP G 50 36.22 -29.93 61.88
C ASP G 50 36.73 -31.09 61.04
N ALA G 51 37.56 -30.78 60.04
CA ALA G 51 38.13 -31.77 59.13
C ALA G 51 37.09 -32.52 58.31
N GLN G 52 35.87 -31.99 58.28
CA GLN G 52 34.79 -32.61 57.51
C GLN G 52 34.05 -31.55 56.71
N GLN G 53 34.18 -31.59 55.39
CA GLN G 53 33.54 -30.58 54.55
C GLN G 53 32.06 -30.86 54.31
N CYS G 54 31.23 -29.86 54.58
CA CYS G 54 29.79 -29.97 54.35
C CYS G 54 29.34 -28.97 53.30
N MET G 55 28.20 -29.24 52.67
CA MET G 55 27.62 -28.32 51.71
C MET G 55 26.51 -27.50 52.35
N LEU G 56 26.69 -26.18 52.32
CA LEU G 56 25.76 -25.26 52.96
C LEU G 56 24.87 -24.56 51.94
N GLU G 57 23.62 -24.36 52.34
CA GLU G 57 22.62 -23.70 51.52
C GLU G 57 22.03 -22.52 52.29
N ILE G 58 22.50 -21.32 51.99
CA ILE G 58 22.14 -20.14 52.75
C ILE G 58 21.00 -19.38 52.08
N LEU G 59 19.88 -19.25 52.77
CA LEU G 59 18.76 -18.45 52.28
C LEU G 59 18.79 -17.06 52.90
N ASP G 60 18.96 -16.06 52.04
CA ASP G 60 19.02 -14.67 52.48
C ASP G 60 17.65 -14.03 52.36
N THR G 61 17.00 -13.85 53.49
CA THR G 61 15.62 -13.35 53.52
C THR G 61 15.57 -11.84 53.39
N ALA G 62 14.34 -11.31 53.33
CA ALA G 62 14.12 -9.87 53.25
C ALA G 62 13.97 -9.28 54.65
N GLY G 63 13.55 -8.01 54.71
CA GLY G 63 13.26 -7.39 55.99
C GLY G 63 12.02 -8.01 56.59
N THR G 64 11.77 -7.73 57.86
CA THR G 64 10.63 -8.32 58.55
C THR G 64 9.31 -7.95 57.88
N GLU G 65 9.02 -6.66 57.81
CA GLU G 65 7.82 -6.20 57.13
C GLU G 65 8.12 -5.15 56.05
N GLN G 66 8.68 -5.60 54.93
CA GLN G 66 8.82 -4.75 53.76
C GLN G 66 7.72 -5.14 52.80
N PHE G 67 7.30 -6.39 52.92
CA PHE G 67 6.12 -6.91 52.24
C PHE G 67 5.59 -8.11 52.99
N THR G 68 4.33 -8.45 52.75
CA THR G 68 3.74 -9.62 53.36
C THR G 68 4.25 -10.86 52.63
N ALA G 69 5.06 -11.66 53.31
CA ALA G 69 5.84 -12.69 52.64
C ALA G 69 5.69 -14.11 53.19
N MET G 70 6.51 -15.00 52.66
CA MET G 70 6.48 -16.42 52.97
C MET G 70 7.28 -16.73 54.23
N ARG G 71 6.96 -16.04 55.32
CA ARG G 71 7.75 -16.13 56.55
C ARG G 71 7.79 -17.55 57.13
N ASP G 72 6.77 -18.36 56.86
CA ASP G 72 6.63 -19.65 57.52
C ASP G 72 7.36 -20.80 56.84
N LEU G 73 7.50 -20.73 55.52
CA LEU G 73 8.01 -21.85 54.73
C LEU G 73 9.44 -22.26 55.08
N TYR G 74 10.35 -21.28 55.09
CA TYR G 74 11.74 -21.59 55.38
C TYR G 74 11.97 -21.93 56.84
N MET G 75 11.06 -21.46 57.69
CA MET G 75 11.11 -21.83 59.10
C MET G 75 10.82 -23.32 59.24
N LYS G 76 9.80 -23.79 58.54
CA LYS G 76 9.42 -25.20 58.57
C LYS G 76 10.49 -26.06 57.92
N ASN G 77 11.05 -25.59 56.81
CA ASN G 77 12.01 -26.40 56.05
C ASN G 77 13.47 -26.19 56.44
N GLY G 78 13.76 -25.08 57.10
CA GLY G 78 15.13 -24.77 57.49
C GLY G 78 15.60 -25.64 58.63
N GLN G 79 16.91 -25.76 58.76
CA GLN G 79 17.51 -26.56 59.82
C GLN G 79 18.26 -25.70 60.82
N GLY G 80 18.71 -24.53 60.36
CA GLY G 80 19.44 -23.60 61.20
C GLY G 80 19.10 -22.16 60.88
N PHE G 81 19.01 -21.33 61.90
CA PHE G 81 18.64 -19.93 61.72
C PHE G 81 19.70 -19.01 62.31
N ALA G 82 19.78 -17.80 61.77
CA ALA G 82 20.72 -16.81 62.28
C ALA G 82 20.07 -15.43 62.34
N LEU G 83 19.53 -15.08 63.50
CA LEU G 83 18.90 -13.78 63.69
C LEU G 83 19.94 -12.66 63.68
N VAL G 84 19.74 -11.68 62.80
CA VAL G 84 20.69 -10.59 62.66
C VAL G 84 20.05 -9.24 62.94
N TYR G 85 20.77 -8.39 63.67
CA TYR G 85 20.33 -7.03 63.93
C TYR G 85 21.51 -6.07 63.79
N SER G 86 21.21 -4.79 63.61
CA SER G 86 22.25 -3.76 63.65
C SER G 86 22.37 -3.22 65.06
N ILE G 87 23.60 -3.11 65.56
CA ILE G 87 23.84 -2.57 66.88
C ILE G 87 23.64 -1.06 66.89
N THR G 88 23.37 -0.51 65.71
CA THR G 88 23.12 0.92 65.55
C THR G 88 21.68 1.28 65.86
N ALA G 89 20.75 0.39 65.51
CA ALA G 89 19.32 0.64 65.73
C ALA G 89 18.72 -0.35 66.75
N GLN G 90 18.04 0.19 67.75
CA GLN G 90 17.49 -0.62 68.82
C GLN G 90 16.28 -1.46 68.38
N SER G 91 15.45 -0.87 67.52
CA SER G 91 14.24 -1.54 67.05
C SER G 91 14.57 -2.89 66.43
N THR G 92 15.64 -2.92 65.64
CA THR G 92 16.10 -4.13 64.99
C THR G 92 16.37 -5.23 66.01
N PHE G 93 16.87 -4.83 67.18
CA PHE G 93 17.14 -5.77 68.27
C PHE G 93 15.85 -6.19 68.95
N ASN G 94 14.97 -5.24 69.20
CA ASN G 94 13.72 -5.52 69.90
C ASN G 94 12.76 -6.39 69.10
N ASP G 95 12.91 -6.40 67.78
CA ASP G 95 12.00 -7.12 66.90
C ASP G 95 12.40 -8.58 66.69
N LEU G 96 13.40 -9.04 67.44
CA LEU G 96 13.92 -10.39 67.28
C LEU G 96 13.16 -11.43 68.09
N GLN G 97 12.52 -11.00 69.18
CA GLN G 97 11.77 -11.91 70.05
C GLN G 97 10.60 -12.56 69.32
N ASP G 98 9.81 -11.73 68.63
CA ASP G 98 8.67 -12.20 67.86
C ASP G 98 9.12 -13.18 66.79
N LEU G 99 10.32 -12.94 66.26
CA LEU G 99 10.91 -13.84 65.29
C LEU G 99 11.25 -15.17 65.92
N ARG G 100 11.82 -15.13 67.13
CA ARG G 100 12.16 -16.34 67.87
C ARG G 100 10.93 -17.20 68.12
N GLU G 101 9.88 -16.58 68.65
CA GLU G 101 8.63 -17.27 68.91
C GLU G 101 8.02 -17.80 67.61
N GLN G 102 8.18 -17.04 66.54
CA GLN G 102 7.68 -17.42 65.24
C GLN G 102 8.42 -18.66 64.72
N ILE G 103 9.70 -18.76 65.09
CA ILE G 103 10.51 -19.91 64.69
C ILE G 103 10.06 -21.14 65.46
N LEU G 104 10.00 -21.00 66.78
CA LEU G 104 9.68 -22.13 67.65
C LEU G 104 8.28 -22.67 67.40
N ARG G 105 7.31 -21.76 67.23
CA ARG G 105 5.92 -22.15 67.03
C ARG G 105 5.71 -23.03 65.80
N VAL G 106 6.53 -22.84 64.78
CA VAL G 106 6.40 -23.61 63.55
C VAL G 106 7.34 -24.83 63.56
N LYS G 107 8.50 -24.68 64.17
CA LYS G 107 9.45 -25.78 64.29
C LYS G 107 8.99 -26.79 65.34
N ASP G 108 8.20 -26.30 66.30
CA ASP G 108 7.61 -27.14 67.34
C ASP G 108 8.67 -27.92 68.13
N THR G 109 9.75 -27.24 68.47
CA THR G 109 10.84 -27.84 69.24
C THR G 109 11.75 -26.78 69.84
N ASP G 110 12.27 -27.06 71.04
CA ASP G 110 13.13 -26.11 71.73
C ASP G 110 14.59 -26.28 71.33
N ASP G 111 14.89 -27.39 70.65
CA ASP G 111 16.25 -27.65 70.20
C ASP G 111 16.43 -27.25 68.74
N VAL G 112 16.67 -25.96 68.51
CA VAL G 112 16.88 -25.46 67.15
C VAL G 112 18.19 -24.68 67.06
N PRO G 113 19.08 -25.08 66.14
CA PRO G 113 20.35 -24.38 65.92
C PRO G 113 20.16 -22.89 65.67
N MET G 114 20.47 -22.09 66.67
CA MET G 114 20.23 -20.66 66.62
C MET G 114 21.49 -19.89 66.96
N ILE G 115 21.61 -18.68 66.44
CA ILE G 115 22.72 -17.80 66.79
C ILE G 115 22.36 -16.32 66.58
N LEU G 116 22.36 -15.56 67.67
CA LEU G 116 22.04 -14.15 67.64
C LEU G 116 23.23 -13.34 67.17
N VAL G 117 23.07 -12.61 66.06
CA VAL G 117 24.18 -11.90 65.44
C VAL G 117 24.00 -10.40 65.41
N GLY G 118 24.79 -9.69 66.20
CA GLY G 118 24.79 -8.24 66.21
C GLY G 118 25.77 -7.69 65.20
N ASN G 119 25.32 -7.59 63.94
CA ASN G 119 26.19 -7.13 62.86
C ASN G 119 26.54 -5.65 62.98
N LYS G 120 27.39 -5.18 62.07
CA LYS G 120 27.86 -3.79 62.07
C LYS G 120 28.56 -3.43 63.37
N CYS G 121 29.43 -4.32 63.85
CA CYS G 121 30.18 -4.07 65.08
C CYS G 121 31.49 -3.34 64.79
N ASP G 122 31.69 -2.97 63.54
CA ASP G 122 32.84 -2.17 63.15
C ASP G 122 32.61 -0.70 63.49
N LEU G 123 31.37 -0.25 63.32
CA LEU G 123 30.98 1.11 63.68
C LEU G 123 30.60 1.18 65.15
N GLU G 124 31.59 1.39 66.01
CA GLU G 124 31.37 1.47 67.45
C GLU G 124 30.95 2.88 67.86
N ASP G 125 30.88 3.77 66.88
CA ASP G 125 30.50 5.16 67.13
C ASP G 125 28.99 5.33 67.08
N GLU G 126 28.30 4.36 66.48
CA GLU G 126 26.86 4.42 66.35
C GLU G 126 26.16 3.29 67.10
N ARG G 127 26.93 2.55 67.90
CA ARG G 127 26.38 1.45 68.69
C ARG G 127 25.40 1.96 69.74
N VAL G 128 24.20 1.37 69.75
CA VAL G 128 23.21 1.69 70.76
C VAL G 128 22.88 0.43 71.57
N VAL G 129 22.71 -0.68 70.88
CA VAL G 129 22.45 -1.95 71.53
C VAL G 129 23.71 -2.49 72.19
N GLY G 130 23.74 -2.45 73.53
CA GLY G 130 24.86 -2.95 74.29
C GLY G 130 25.00 -4.45 74.16
N LYS G 131 26.24 -4.94 74.18
CA LYS G 131 26.51 -6.36 74.07
C LYS G 131 25.94 -7.12 75.26
N GLU G 132 25.83 -6.43 76.39
CA GLU G 132 25.27 -7.02 77.60
C GLU G 132 23.79 -7.37 77.43
N GLN G 133 23.07 -6.51 76.70
CA GLN G 133 21.65 -6.73 76.45
C GLN G 133 21.45 -7.90 75.50
N GLY G 134 22.30 -7.97 74.48
CA GLY G 134 22.25 -9.06 73.51
C GLY G 134 22.58 -10.39 74.17
N GLN G 135 23.59 -10.37 75.04
CA GLN G 135 23.96 -11.57 75.78
C GLN G 135 22.86 -11.94 76.77
N ASN G 136 22.13 -10.93 77.25
CA ASN G 136 20.99 -11.17 78.12
C ASN G 136 19.86 -11.86 77.38
N LEU G 137 19.63 -11.45 76.14
CA LEU G 137 18.61 -12.07 75.30
C LEU G 137 19.03 -13.48 74.86
N ALA G 138 20.35 -13.68 74.74
CA ALA G 138 20.88 -15.00 74.40
C ALA G 138 20.75 -15.97 75.56
N ARG G 139 21.05 -15.49 76.77
CA ARG G 139 20.97 -16.30 77.98
C ARG G 139 19.52 -16.58 78.37
N GLN G 140 18.62 -15.71 77.94
CA GLN G 140 17.20 -15.85 78.22
C GLN G 140 16.56 -16.86 77.27
N TRP G 141 17.28 -17.18 76.20
CA TRP G 141 16.78 -18.14 75.21
C TRP G 141 17.51 -19.48 75.34
N ASN G 142 17.53 -20.01 76.56
CA ASN G 142 18.10 -21.33 76.84
C ASN G 142 19.58 -21.45 76.48
N ASN G 143 20.40 -20.56 77.04
CA ASN G 143 21.86 -20.59 76.85
C ASN G 143 22.27 -20.73 75.39
N CYS G 144 21.74 -19.86 74.54
CA CYS G 144 22.02 -19.92 73.11
C CYS G 144 23.32 -19.24 72.74
N ALA G 145 23.62 -19.21 71.44
CA ALA G 145 24.85 -18.61 70.93
C ALA G 145 24.70 -17.11 70.74
N PHE G 146 25.81 -16.39 70.88
CA PHE G 146 25.80 -14.94 70.74
C PHE G 146 27.16 -14.40 70.31
N LEU G 147 27.21 -13.86 69.10
CA LEU G 147 28.45 -13.30 68.55
C LEU G 147 28.16 -12.02 67.79
N GLU G 148 29.08 -11.06 67.90
CA GLU G 148 28.94 -9.79 67.19
C GLU G 148 29.75 -9.80 65.90
N SER G 149 29.08 -9.63 64.77
CA SER G 149 29.73 -9.72 63.47
C SER G 149 29.98 -8.38 62.80
N SER G 150 30.81 -8.40 61.77
CA SER G 150 31.09 -7.21 60.97
C SER G 150 31.57 -7.61 59.58
N ALA G 151 30.64 -7.66 58.64
CA ALA G 151 30.94 -7.99 57.24
C ALA G 151 31.95 -7.00 56.66
N LYS G 152 31.98 -5.79 57.21
CA LYS G 152 32.92 -4.78 56.77
C LYS G 152 34.33 -5.13 57.22
N SER G 153 34.46 -5.52 58.49
CA SER G 153 35.77 -5.83 59.05
C SER G 153 36.02 -7.32 59.19
N LYS G 154 35.26 -8.12 58.43
CA LYS G 154 35.41 -9.57 58.40
C LYS G 154 35.39 -10.21 59.78
N ILE G 155 34.63 -9.62 60.70
CA ILE G 155 34.54 -10.12 62.07
C ILE G 155 33.44 -11.17 62.24
N ASN G 156 33.84 -12.36 62.65
CA ASN G 156 32.92 -13.48 62.89
C ASN G 156 31.94 -13.76 61.77
N VAL G 157 32.34 -13.43 60.54
CA VAL G 157 31.48 -13.67 59.39
C VAL G 157 31.36 -15.16 59.12
N ASN G 158 32.46 -15.89 59.30
CA ASN G 158 32.51 -17.30 59.00
C ASN G 158 32.22 -18.21 60.20
N GLU G 159 32.10 -17.62 61.39
CA GLU G 159 31.86 -18.39 62.61
C GLU G 159 30.38 -18.68 62.83
N ILE G 160 29.52 -17.90 62.18
CA ILE G 160 28.08 -18.05 62.32
C ILE G 160 27.63 -19.40 61.79
N PHE G 161 27.87 -19.62 60.50
CA PHE G 161 27.43 -20.84 59.83
C PHE G 161 28.22 -22.04 60.33
N TYR G 162 29.47 -21.80 60.69
CA TYR G 162 30.29 -22.83 61.32
C TYR G 162 29.62 -23.34 62.58
N ASP G 163 29.31 -22.42 63.49
CA ASP G 163 28.64 -22.77 64.74
C ASP G 163 27.29 -23.43 64.49
N LEU G 164 26.59 -22.96 63.46
CA LEU G 164 25.32 -23.56 63.07
C LEU G 164 25.47 -25.04 62.74
N VAL G 165 26.30 -25.35 61.75
CA VAL G 165 26.53 -26.73 61.34
C VAL G 165 27.08 -27.59 62.48
N ARG G 166 27.96 -27.01 63.29
CA ARG G 166 28.50 -27.69 64.46
C ARG G 166 27.40 -28.02 65.46
N GLN G 167 26.37 -27.19 65.50
CA GLN G 167 25.25 -27.42 66.41
C GLN G 167 24.14 -28.28 65.79
N ILE G 168 24.24 -28.52 64.48
CA ILE G 168 23.27 -29.35 63.80
C ILE G 168 23.57 -30.84 63.99
N ASN G 169 24.79 -31.24 63.66
CA ASN G 169 25.21 -32.63 63.78
C ASN G 169 25.35 -33.04 65.25
N SER G 170 25.51 -32.04 66.13
CA SER G 170 25.64 -32.31 67.55
C SER G 170 24.36 -32.88 68.13
N GLY G 171 23.23 -32.39 67.64
CA GLY G 171 21.93 -32.84 68.12
C GLY G 171 21.57 -34.23 67.60
N MET H 4 -22.71 -13.08 -28.34
CA MET H 4 -22.56 -12.54 -27.00
C MET H 4 -23.91 -12.38 -26.31
N ARG H 5 -23.89 -12.39 -24.98
CA ARG H 5 -25.11 -12.24 -24.20
C ARG H 5 -24.93 -11.24 -23.06
N GLU H 6 -25.99 -10.50 -22.76
CA GLU H 6 -25.96 -9.48 -21.72
C GLU H 6 -26.06 -10.12 -20.34
N TYR H 7 -25.20 -9.69 -19.41
CA TYR H 7 -25.17 -10.28 -18.08
C TYR H 7 -25.05 -9.24 -16.96
N LYS H 8 -26.19 -8.81 -16.43
CA LYS H 8 -26.21 -7.84 -15.33
C LYS H 8 -25.79 -8.47 -14.01
N LEU H 9 -24.66 -8.03 -13.47
CA LEU H 9 -24.16 -8.52 -12.19
C LEU H 9 -24.04 -7.39 -11.16
N VAL H 10 -24.14 -7.73 -9.88
CA VAL H 10 -24.06 -6.74 -8.80
C VAL H 10 -23.06 -7.16 -7.74
N VAL H 11 -22.22 -6.22 -7.31
CA VAL H 11 -21.23 -6.50 -6.27
C VAL H 11 -21.61 -5.83 -4.96
N LEU H 12 -21.87 -6.64 -3.94
CA LEU H 12 -22.38 -6.14 -2.67
C LEU H 12 -21.44 -6.41 -1.51
N GLY H 13 -21.41 -5.49 -0.55
CA GLY H 13 -20.63 -5.68 0.66
C GLY H 13 -20.60 -4.43 1.52
N SER H 14 -20.01 -4.54 2.70
CA SER H 14 -19.85 -3.41 3.60
C SER H 14 -18.88 -2.38 3.04
N GLY H 15 -18.75 -1.25 3.73
CA GLY H 15 -17.89 -0.16 3.31
C GLY H 15 -16.41 -0.55 3.25
N GLY H 16 -15.85 -0.51 2.05
CA GLY H 16 -14.43 -0.79 1.86
C GLY H 16 -14.04 -2.24 1.98
N VAL H 17 -14.77 -3.12 1.29
CA VAL H 17 -14.48 -4.55 1.35
C VAL H 17 -13.82 -5.05 0.08
N GLY H 18 -13.44 -4.12 -0.80
CA GLY H 18 -12.74 -4.45 -2.02
C GLY H 18 -13.64 -4.77 -3.20
N LYS H 19 -14.79 -4.10 -3.25
CA LYS H 19 -15.72 -4.31 -4.37
C LYS H 19 -15.18 -3.63 -5.62
N SER H 20 -14.96 -2.33 -5.52
CA SER H 20 -14.32 -1.57 -6.59
C SER H 20 -12.99 -2.21 -6.94
N ALA H 21 -12.29 -2.71 -5.93
CA ALA H 21 -10.97 -3.32 -6.14
C ALA H 21 -11.07 -4.53 -7.05
N LEU H 22 -11.93 -5.48 -6.67
CA LEU H 22 -12.14 -6.69 -7.46
C LEU H 22 -12.61 -6.33 -8.86
N THR H 23 -13.51 -5.35 -8.93
CA THR H 23 -14.09 -4.95 -10.21
C THR H 23 -13.04 -4.43 -11.19
N VAL H 24 -12.27 -3.44 -10.74
CA VAL H 24 -11.18 -2.87 -11.55
C VAL H 24 -10.15 -3.93 -11.89
N GLN H 25 -9.81 -4.76 -10.91
CA GLN H 25 -8.87 -5.85 -11.11
C GLN H 25 -9.39 -6.81 -12.20
N PHE H 26 -10.70 -6.92 -12.33
CA PHE H 26 -11.28 -7.82 -13.31
C PHE H 26 -11.39 -7.20 -14.69
N VAL H 27 -11.67 -5.90 -14.75
CA VAL H 27 -11.86 -5.22 -16.03
C VAL H 27 -10.60 -4.50 -16.50
N GLN H 28 -10.03 -3.66 -15.64
CA GLN H 28 -8.85 -2.88 -16.01
C GLN H 28 -7.57 -3.63 -15.68
N GLY H 29 -7.70 -4.80 -15.06
CA GLY H 29 -6.57 -5.66 -14.78
C GLY H 29 -5.61 -5.18 -13.70
N ILE H 30 -5.54 -3.87 -13.50
CA ILE H 30 -4.58 -3.30 -12.57
C ILE H 30 -5.18 -2.99 -11.21
N PHE H 31 -4.36 -3.04 -10.17
CA PHE H 31 -4.79 -2.68 -8.83
C PHE H 31 -3.93 -1.59 -8.22
N VAL H 32 -4.59 -0.66 -7.53
CA VAL H 32 -3.89 0.43 -6.85
C VAL H 32 -4.49 0.66 -5.46
N GLU H 33 -3.64 0.68 -4.45
CA GLU H 33 -4.09 0.99 -3.10
C GLU H 33 -4.55 2.43 -3.02
N LYS H 34 -5.81 2.66 -3.37
CA LYS H 34 -6.38 4.00 -3.32
C LYS H 34 -7.64 4.01 -2.45
N TYR H 35 -7.89 5.14 -1.80
CA TYR H 35 -9.02 5.26 -0.87
C TYR H 35 -10.11 6.18 -1.38
N ASP H 36 -11.01 5.63 -2.20
CA ASP H 36 -12.11 6.40 -2.75
C ASP H 36 -13.43 5.64 -2.60
N PRO H 37 -14.37 6.20 -1.83
CA PRO H 37 -15.67 5.56 -1.62
C PRO H 37 -16.48 5.51 -2.91
N THR H 38 -17.01 4.32 -3.23
CA THR H 38 -17.84 4.13 -4.40
C THR H 38 -19.28 4.54 -4.12
N ILE H 39 -19.95 5.13 -5.09
CA ILE H 39 -21.37 5.42 -4.95
C ILE H 39 -22.20 4.63 -5.95
N GLU H 40 -21.85 4.75 -7.22
CA GLU H 40 -22.60 4.09 -8.29
C GLU H 40 -21.72 3.99 -9.52
N ASP H 41 -21.35 2.76 -9.88
CA ASP H 41 -20.50 2.54 -11.04
C ASP H 41 -20.95 1.34 -11.86
N SER H 42 -21.63 1.60 -12.97
CA SER H 42 -22.07 0.54 -13.89
C SER H 42 -20.97 0.22 -14.89
N TYR H 43 -20.28 -0.88 -14.66
CA TYR H 43 -19.22 -1.31 -15.58
C TYR H 43 -19.78 -2.20 -16.68
N ARG H 44 -18.88 -2.66 -17.55
CA ARG H 44 -19.22 -3.61 -18.60
C ARG H 44 -17.95 -4.11 -19.27
N LYS H 45 -17.96 -5.36 -19.73
CA LYS H 45 -16.78 -5.98 -20.30
C LYS H 45 -17.12 -7.20 -21.14
N GLN H 46 -16.50 -7.31 -22.32
CA GLN H 46 -16.65 -8.50 -23.15
C GLN H 46 -15.77 -9.63 -22.63
N VAL H 47 -16.40 -10.71 -22.20
CA VAL H 47 -15.66 -11.82 -21.59
C VAL H 47 -16.31 -13.16 -21.89
N GLU H 48 -15.50 -14.20 -22.02
CA GLU H 48 -15.98 -15.53 -22.41
C GLU H 48 -16.01 -16.53 -21.26
N VAL H 49 -17.06 -17.33 -21.21
CA VAL H 49 -17.21 -18.38 -20.21
C VAL H 49 -17.69 -19.66 -20.89
N ASP H 50 -17.11 -20.79 -20.49
CA ASP H 50 -17.48 -22.10 -21.05
C ASP H 50 -17.40 -22.14 -22.57
N ALA H 51 -16.29 -21.62 -23.10
CA ALA H 51 -16.08 -21.51 -24.55
C ALA H 51 -17.21 -20.77 -25.24
N GLN H 52 -17.75 -19.76 -24.57
CA GLN H 52 -18.83 -18.96 -25.13
C GLN H 52 -18.71 -17.50 -24.70
N GLN H 53 -18.45 -16.63 -25.66
CA GLN H 53 -18.25 -15.21 -25.37
C GLN H 53 -19.57 -14.49 -25.08
N CYS H 54 -19.57 -13.65 -24.05
CA CYS H 54 -20.74 -12.87 -23.68
C CYS H 54 -20.35 -11.46 -23.21
N MET H 55 -21.38 -10.62 -23.00
CA MET H 55 -21.16 -9.23 -22.62
C MET H 55 -21.60 -8.97 -21.17
N LEU H 56 -20.61 -8.74 -20.30
CA LEU H 56 -20.86 -8.52 -18.88
C LEU H 56 -21.32 -7.09 -18.59
N GLU H 57 -22.02 -6.92 -17.48
CA GLU H 57 -22.53 -5.62 -17.05
C GLU H 57 -22.48 -5.50 -15.53
N ILE H 58 -21.32 -5.07 -15.03
CA ILE H 58 -21.08 -5.01 -13.58
C ILE H 58 -21.64 -3.74 -12.95
N LEU H 59 -22.18 -3.89 -11.75
CA LEU H 59 -22.59 -2.76 -10.94
C LEU H 59 -21.88 -2.81 -9.58
N ASP H 60 -20.88 -1.95 -9.42
CA ASP H 60 -20.17 -1.83 -8.16
C ASP H 60 -20.98 -0.93 -7.27
N THR H 61 -21.42 -1.45 -6.13
CA THR H 61 -22.31 -0.73 -5.25
C THR H 61 -21.53 0.02 -4.17
N ALA H 62 -22.27 0.67 -3.29
CA ALA H 62 -21.67 1.48 -2.24
C ALA H 62 -21.69 0.75 -0.89
N GLY H 63 -21.32 1.46 0.16
CA GLY H 63 -21.38 0.92 1.52
C GLY H 63 -22.81 0.66 1.94
N THR H 64 -23.02 -0.35 2.75
CA THR H 64 -24.36 -0.75 3.15
C THR H 64 -25.08 0.37 3.89
N GLU H 65 -24.31 1.23 4.56
CA GLU H 65 -24.90 2.40 5.19
C GLU H 65 -23.90 3.55 5.27
N GLN H 66 -23.53 4.08 4.11
CA GLN H 66 -22.75 5.30 4.06
C GLN H 66 -23.75 6.41 3.76
N PHE H 67 -24.92 6.01 3.30
CA PHE H 67 -26.01 6.90 2.95
C PHE H 67 -27.23 6.07 2.55
N THR H 68 -28.41 6.65 2.72
CA THR H 68 -29.66 6.00 2.35
C THR H 68 -29.82 5.98 0.84
N ALA H 69 -29.87 4.79 0.25
CA ALA H 69 -29.79 4.70 -1.21
C ALA H 69 -30.80 3.78 -1.90
N MET H 70 -30.55 3.57 -3.19
CA MET H 70 -31.40 2.80 -4.08
C MET H 70 -31.27 1.30 -3.87
N ARG H 71 -31.28 0.87 -2.61
CA ARG H 71 -30.95 -0.51 -2.28
C ARG H 71 -31.86 -1.55 -2.95
N ASP H 72 -33.01 -1.11 -3.47
CA ASP H 72 -34.04 -2.03 -3.96
C ASP H 72 -33.97 -2.29 -5.46
N LEU H 73 -33.73 -1.23 -6.24
CA LEU H 73 -33.74 -1.30 -7.71
C LEU H 73 -32.85 -2.40 -8.29
N TYR H 74 -31.59 -2.41 -7.86
CA TYR H 74 -30.66 -3.36 -8.45
C TYR H 74 -30.84 -4.79 -7.94
N MET H 75 -31.55 -4.95 -6.84
CA MET H 75 -31.87 -6.29 -6.36
C MET H 75 -32.96 -6.91 -7.22
N LYS H 76 -33.93 -6.10 -7.62
CA LYS H 76 -34.98 -6.58 -8.51
C LYS H 76 -34.41 -6.81 -9.90
N ASN H 77 -33.66 -5.83 -10.40
CA ASN H 77 -33.19 -5.89 -11.79
C ASN H 77 -31.94 -6.74 -11.99
N GLY H 78 -31.12 -6.86 -10.95
CA GLY H 78 -29.91 -7.66 -11.03
C GLY H 78 -30.23 -9.13 -11.21
N GLN H 79 -29.30 -9.88 -11.79
CA GLN H 79 -29.49 -11.31 -12.01
C GLN H 79 -28.49 -12.17 -11.24
N GLY H 80 -27.23 -11.71 -11.20
CA GLY H 80 -26.18 -12.40 -10.49
C GLY H 80 -25.65 -11.53 -9.38
N PHE H 81 -25.31 -12.14 -8.24
CA PHE H 81 -24.89 -11.37 -7.09
C PHE H 81 -23.64 -11.92 -6.41
N ALA H 82 -22.65 -11.05 -6.23
CA ALA H 82 -21.44 -11.42 -5.52
C ALA H 82 -21.36 -10.64 -4.22
N LEU H 83 -21.58 -11.34 -3.10
CA LEU H 83 -21.48 -10.71 -1.79
C LEU H 83 -20.03 -10.76 -1.34
N VAL H 84 -19.53 -9.66 -0.79
CA VAL H 84 -18.12 -9.57 -0.41
C VAL H 84 -17.95 -9.05 1.02
N TYR H 85 -17.10 -9.72 1.79
CA TYR H 85 -16.65 -9.19 3.06
C TYR H 85 -15.14 -9.08 3.06
N SER H 86 -14.59 -8.42 4.07
CA SER H 86 -13.15 -8.33 4.22
C SER H 86 -12.71 -9.18 5.41
N ILE H 87 -11.56 -9.84 5.28
CA ILE H 87 -11.04 -10.68 6.34
C ILE H 87 -10.18 -9.86 7.31
N THR H 88 -10.37 -8.54 7.29
CA THR H 88 -9.66 -7.65 8.19
C THR H 88 -10.58 -7.22 9.33
N ALA H 89 -11.85 -7.01 9.01
CA ALA H 89 -12.85 -6.65 9.99
C ALA H 89 -13.92 -7.73 10.06
N GLN H 90 -14.37 -8.05 11.28
CA GLN H 90 -15.36 -9.11 11.46
C GLN H 90 -16.76 -8.65 11.10
N SER H 91 -17.06 -7.38 11.39
CA SER H 91 -18.40 -6.84 11.18
C SER H 91 -18.85 -6.94 9.72
N THR H 92 -17.90 -6.89 8.79
CA THR H 92 -18.20 -7.00 7.38
C THR H 92 -18.75 -8.39 7.08
N PHE H 93 -18.31 -9.35 7.88
CA PHE H 93 -18.85 -10.70 7.76
C PHE H 93 -20.18 -10.80 8.50
N ASN H 94 -20.33 -9.99 9.55
CA ASN H 94 -21.57 -9.97 10.33
C ASN H 94 -22.70 -9.25 9.61
N ASP H 95 -22.36 -8.58 8.52
CA ASP H 95 -23.33 -7.75 7.81
C ASP H 95 -23.73 -8.33 6.46
N LEU H 96 -23.45 -9.62 6.26
CA LEU H 96 -23.76 -10.27 4.99
C LEU H 96 -25.10 -10.99 5.02
N GLN H 97 -25.63 -11.19 6.22
CA GLN H 97 -26.90 -11.89 6.40
C GLN H 97 -28.09 -11.10 5.86
N ASP H 98 -28.21 -9.85 6.31
CA ASP H 98 -29.32 -9.00 5.90
C ASP H 98 -29.31 -8.75 4.39
N LEU H 99 -28.11 -8.76 3.81
CA LEU H 99 -27.97 -8.66 2.36
C LEU H 99 -28.70 -9.81 1.68
N ARG H 100 -28.28 -11.03 2.00
CA ARG H 100 -28.92 -12.25 1.51
C ARG H 100 -30.43 -12.19 1.73
N GLU H 101 -30.83 -11.77 2.92
CA GLU H 101 -32.24 -11.66 3.28
C GLU H 101 -33.00 -10.77 2.30
N GLN H 102 -32.53 -9.54 2.13
CA GLN H 102 -33.21 -8.60 1.24
C GLN H 102 -33.18 -9.07 -0.21
N ILE H 103 -32.10 -9.74 -0.60
CA ILE H 103 -32.01 -10.30 -1.95
C ILE H 103 -33.13 -11.30 -2.19
N LEU H 104 -33.16 -12.35 -1.37
CA LEU H 104 -34.15 -13.42 -1.52
C LEU H 104 -35.58 -12.90 -1.34
N ARG H 105 -35.73 -11.85 -0.54
CA ARG H 105 -37.04 -11.25 -0.32
C ARG H 105 -37.54 -10.47 -1.54
N VAL H 106 -36.72 -9.54 -2.02
CA VAL H 106 -37.10 -8.71 -3.17
C VAL H 106 -37.23 -9.52 -4.45
N LYS H 107 -36.28 -10.43 -4.69
CA LYS H 107 -36.32 -11.28 -5.87
C LYS H 107 -37.43 -12.32 -5.75
N ASP H 108 -37.80 -12.64 -4.53
CA ASP H 108 -38.91 -13.56 -4.23
C ASP H 108 -38.68 -14.96 -4.79
N THR H 109 -37.50 -15.52 -4.54
CA THR H 109 -37.19 -16.89 -4.95
C THR H 109 -35.95 -17.41 -4.23
N ASP H 110 -35.88 -18.73 -4.07
CA ASP H 110 -34.75 -19.35 -3.38
C ASP H 110 -33.60 -19.63 -4.34
N ASP H 111 -33.89 -19.65 -5.64
CA ASP H 111 -32.88 -19.92 -6.65
C ASP H 111 -32.31 -18.63 -7.24
N VAL H 112 -31.52 -17.92 -6.43
CA VAL H 112 -30.87 -16.68 -6.88
C VAL H 112 -29.38 -16.90 -7.03
N PRO H 113 -28.85 -16.73 -8.25
CA PRO H 113 -27.43 -16.89 -8.54
C PRO H 113 -26.60 -15.97 -7.65
N MET H 114 -25.83 -16.57 -6.73
CA MET H 114 -25.08 -15.81 -5.75
C MET H 114 -23.74 -16.45 -5.43
N ILE H 115 -22.79 -15.65 -4.97
CA ILE H 115 -21.49 -16.17 -4.56
C ILE H 115 -20.93 -15.39 -3.36
N LEU H 116 -20.44 -16.13 -2.36
CA LEU H 116 -19.88 -15.53 -1.16
C LEU H 116 -18.36 -15.38 -1.28
N VAL H 117 -17.87 -14.18 -1.05
CA VAL H 117 -16.45 -13.90 -1.25
C VAL H 117 -15.82 -13.17 -0.08
N GLY H 118 -14.76 -13.77 0.47
CA GLY H 118 -13.96 -13.14 1.50
C GLY H 118 -12.71 -12.55 0.87
N ASN H 119 -12.79 -11.27 0.52
CA ASN H 119 -11.72 -10.64 -0.23
C ASN H 119 -10.54 -10.22 0.64
N LYS H 120 -9.47 -9.78 -0.01
CA LYS H 120 -8.24 -9.35 0.64
C LYS H 120 -7.54 -10.50 1.36
N CYS H 121 -7.40 -11.63 0.66
CA CYS H 121 -6.79 -12.82 1.26
C CYS H 121 -5.26 -12.77 1.20
N ASP H 122 -4.72 -11.56 1.17
CA ASP H 122 -3.28 -11.35 1.14
C ASP H 122 -2.76 -10.82 2.47
N LEU H 123 -3.64 -10.83 3.47
CA LEU H 123 -3.29 -10.41 4.82
C LEU H 123 -3.50 -11.55 5.81
N GLU H 124 -2.43 -12.24 6.15
CA GLU H 124 -2.53 -13.42 7.01
C GLU H 124 -2.11 -13.13 8.44
N ASP H 125 -1.94 -11.84 8.75
CA ASP H 125 -1.59 -11.42 10.10
C ASP H 125 -2.73 -10.62 10.73
N GLU H 126 -3.53 -9.98 9.88
CA GLU H 126 -4.68 -9.21 10.32
C GLU H 126 -5.97 -10.01 10.17
N ARG H 127 -5.83 -11.29 9.85
CA ARG H 127 -7.00 -12.15 9.64
C ARG H 127 -7.78 -12.38 10.92
N VAL H 128 -9.07 -12.05 10.89
CA VAL H 128 -9.95 -12.25 12.04
C VAL H 128 -11.10 -13.17 11.68
N VAL H 129 -11.34 -13.34 10.39
CA VAL H 129 -12.38 -14.24 9.90
C VAL H 129 -11.77 -15.44 9.21
N GLY H 130 -12.00 -16.63 9.77
CA GLY H 130 -11.47 -17.85 9.19
C GLY H 130 -12.08 -18.18 7.85
N LYS H 131 -11.35 -18.97 7.05
CA LYS H 131 -11.86 -19.42 5.77
C LYS H 131 -12.97 -20.44 5.98
N GLU H 132 -12.79 -21.28 7.00
CA GLU H 132 -13.77 -22.30 7.35
C GLU H 132 -15.08 -21.69 7.83
N GLN H 133 -14.99 -20.48 8.38
CA GLN H 133 -16.16 -19.73 8.80
C GLN H 133 -16.99 -19.35 7.57
N GLY H 134 -16.32 -18.78 6.57
CA GLY H 134 -16.96 -18.40 5.34
C GLY H 134 -17.50 -19.60 4.57
N GLN H 135 -16.79 -20.72 4.67
CA GLN H 135 -17.24 -21.97 4.05
C GLN H 135 -18.51 -22.47 4.75
N ASN H 136 -18.56 -22.29 6.08
CA ASN H 136 -19.73 -22.68 6.84
C ASN H 136 -20.94 -21.82 6.47
N LEU H 137 -20.70 -20.53 6.30
CA LEU H 137 -21.77 -19.63 5.84
C LEU H 137 -22.19 -19.97 4.41
N ALA H 138 -21.25 -20.48 3.62
CA ALA H 138 -21.52 -20.87 2.25
C ALA H 138 -22.44 -22.08 2.20
N ARG H 139 -22.13 -23.09 3.01
CA ARG H 139 -22.97 -24.28 3.09
C ARG H 139 -24.31 -23.94 3.74
N GLN H 140 -24.32 -22.90 4.56
CA GLN H 140 -25.54 -22.46 5.24
C GLN H 140 -26.58 -21.92 4.25
N TRP H 141 -26.09 -21.32 3.17
CA TRP H 141 -26.96 -20.74 2.15
C TRP H 141 -27.26 -21.73 1.03
N ASN H 142 -27.82 -22.88 1.40
CA ASN H 142 -28.19 -23.92 0.44
C ASN H 142 -27.03 -24.31 -0.47
N ASN H 143 -25.88 -24.59 0.15
CA ASN H 143 -24.67 -24.96 -0.59
C ASN H 143 -24.30 -23.95 -1.67
N CYS H 144 -23.97 -22.73 -1.26
CA CYS H 144 -23.56 -21.69 -2.18
C CYS H 144 -22.05 -21.70 -2.41
N ALA H 145 -21.60 -20.96 -3.41
CA ALA H 145 -20.17 -20.91 -3.76
C ALA H 145 -19.42 -19.95 -2.84
N PHE H 146 -18.21 -20.34 -2.47
CA PHE H 146 -17.37 -19.51 -1.62
C PHE H 146 -15.94 -19.48 -2.12
N LEU H 147 -15.46 -18.28 -2.46
CA LEU H 147 -14.12 -18.10 -2.99
C LEU H 147 -13.40 -16.94 -2.32
N GLU H 148 -12.40 -17.25 -1.50
CA GLU H 148 -11.55 -16.20 -0.93
C GLU H 148 -10.65 -15.60 -2.01
N SER H 149 -10.81 -14.31 -2.25
CA SER H 149 -10.10 -13.66 -3.35
C SER H 149 -9.18 -12.55 -2.88
N SER H 150 -8.48 -11.94 -3.84
CA SER H 150 -7.62 -10.80 -3.57
C SER H 150 -7.34 -10.05 -4.88
N ALA H 151 -7.73 -8.79 -4.91
CA ALA H 151 -7.56 -7.98 -6.11
C ALA H 151 -6.11 -7.54 -6.29
N LYS H 152 -5.33 -7.66 -5.21
CA LYS H 152 -3.94 -7.22 -5.22
C LYS H 152 -3.02 -8.33 -5.71
N SER H 153 -3.56 -9.53 -5.89
CA SER H 153 -2.75 -10.68 -6.28
C SER H 153 -3.40 -11.51 -7.39
N LYS H 154 -4.47 -10.98 -7.97
CA LYS H 154 -5.18 -11.62 -9.07
C LYS H 154 -5.64 -13.05 -8.74
N ILE H 155 -5.98 -13.27 -7.47
CA ILE H 155 -6.41 -14.58 -7.01
C ILE H 155 -7.94 -14.67 -7.02
N ASN H 156 -8.45 -15.70 -7.69
CA ASN H 156 -9.90 -15.97 -7.74
C ASN H 156 -10.76 -14.85 -8.30
N VAL H 157 -10.14 -13.82 -8.86
CA VAL H 157 -10.86 -12.64 -9.32
C VAL H 157 -11.85 -12.95 -10.44
N ASN H 158 -11.35 -13.58 -11.49
CA ASN H 158 -12.18 -13.89 -12.66
C ASN H 158 -13.19 -14.98 -12.33
N GLU H 159 -12.79 -15.90 -11.46
CA GLU H 159 -13.61 -17.03 -11.08
C GLU H 159 -14.95 -16.59 -10.49
N ILE H 160 -14.95 -15.41 -9.86
CA ILE H 160 -16.16 -14.85 -9.28
C ILE H 160 -17.22 -14.65 -10.36
N PHE H 161 -16.92 -13.77 -11.29
CA PHE H 161 -17.85 -13.40 -12.36
C PHE H 161 -18.16 -14.59 -13.26
N TYR H 162 -17.16 -15.44 -13.48
CA TYR H 162 -17.36 -16.64 -14.30
C TYR H 162 -18.33 -17.60 -13.63
N ASP H 163 -18.24 -17.70 -12.31
CA ASP H 163 -19.14 -18.55 -11.54
C ASP H 163 -20.55 -17.97 -11.48
N LEU H 164 -20.64 -16.65 -11.42
CA LEU H 164 -21.93 -15.99 -11.44
C LEU H 164 -22.64 -16.26 -12.76
N VAL H 165 -21.90 -16.09 -13.85
CA VAL H 165 -22.44 -16.37 -15.18
C VAL H 165 -22.84 -17.84 -15.33
N ARG H 166 -21.97 -18.74 -14.85
CA ARG H 166 -22.25 -20.17 -14.90
C ARG H 166 -23.52 -20.53 -14.12
N GLN H 167 -23.70 -19.88 -12.97
CA GLN H 167 -24.86 -20.15 -12.12
C GLN H 167 -26.12 -19.57 -12.75
N ILE H 168 -25.98 -18.47 -13.48
CA ILE H 168 -27.10 -17.90 -14.21
C ILE H 168 -27.51 -18.84 -15.35
N ASN H 169 -26.51 -19.47 -15.96
CA ASN H 169 -26.75 -20.46 -17.02
C ASN H 169 -27.60 -21.63 -16.54
N SER H 170 -27.09 -22.37 -15.56
CA SER H 170 -27.81 -23.52 -15.02
C SER H 170 -28.78 -23.09 -13.93
#